data_6NZ2
#
_entry.id   6NZ2
#
_entity_poly.entity_id   1
_entity_poly.type   'polypeptide(L)'
_entity_poly.pdbx_seq_one_letter_code
;GPHMRDSTECQRIIRRGVNCLMLPKGMQRSSQNRSKWDKTMDLFVWSVEWILCPMQEKGEKKELFKHVSHRIKETDFLVQ
GMGKNVFQKCCEFYRLAGTSSCIEGEDGSETKEERTQILQKSGLKFYTKTFPYNTTHIMDSKKLVELAIHEKCIGELLKN
TTVIEFPTIFVAMTEADLPEGYEVLHQE
;
_entity_poly.pdbx_strand_id   A
#
# COMPACT_ATOMS: atom_id res chain seq x y z
N GLY A 1 -16.13 6.48 18.82
CA GLY A 1 -17.22 5.58 18.40
C GLY A 1 -17.16 5.29 16.91
N PRO A 2 -18.00 4.38 16.39
CA PRO A 2 -18.05 4.05 14.96
C PRO A 2 -18.57 5.22 14.11
N HIS A 3 -18.08 5.32 12.87
CA HIS A 3 -18.43 6.40 11.94
C HIS A 3 -19.87 6.30 11.41
N MET A 4 -20.42 7.44 10.96
CA MET A 4 -21.74 7.50 10.31
C MET A 4 -21.72 6.70 9.00
N ARG A 5 -22.42 5.57 8.99
CA ARG A 5 -22.55 4.63 7.86
C ARG A 5 -23.96 4.02 7.84
N ASP A 6 -24.43 3.67 6.64
CA ASP A 6 -25.65 2.86 6.47
C ASP A 6 -25.33 1.35 6.33
N SER A 7 -26.38 0.53 6.37
CA SER A 7 -26.39 -0.75 5.66
C SER A 7 -26.66 -0.50 4.17
N THR A 8 -26.01 -1.27 3.29
CA THR A 8 -25.86 -1.06 1.83
C THR A 8 -25.51 0.38 1.44
N GLU A 9 -24.64 0.99 2.25
CA GLU A 9 -23.86 2.20 1.97
C GLU A 9 -23.28 2.20 0.55
N CYS A 10 -23.14 3.41 0.01
CA CYS A 10 -23.21 3.65 -1.44
C CYS A 10 -22.43 4.87 -1.94
N GLN A 11 -21.69 5.53 -1.05
CA GLN A 11 -21.11 6.85 -1.30
C GLN A 11 -19.64 6.80 -1.75
N ARG A 12 -19.21 7.79 -2.55
CA ARG A 12 -17.81 8.06 -2.88
C ARG A 12 -17.40 9.45 -2.39
N ILE A 13 -16.41 9.49 -1.51
CA ILE A 13 -15.76 10.73 -1.06
C ILE A 13 -14.38 10.87 -1.69
N ILE A 14 -14.00 12.08 -2.07
CA ILE A 14 -12.69 12.38 -2.64
C ILE A 14 -11.85 13.10 -1.58
N ARG A 15 -10.68 12.54 -1.25
CA ARG A 15 -9.73 13.08 -0.26
C ARG A 15 -8.41 13.41 -0.95
N ARG A 16 -8.11 14.70 -1.13
CA ARG A 16 -6.94 15.25 -1.87
C ARG A 16 -6.59 14.49 -3.16
N GLY A 17 -7.63 14.24 -3.96
CA GLY A 17 -7.58 13.58 -5.27
C GLY A 17 -7.76 12.05 -5.27
N VAL A 18 -7.78 11.38 -4.11
CA VAL A 18 -8.02 9.94 -4.01
C VAL A 18 -9.53 9.68 -3.97
N ASN A 19 -10.08 8.91 -4.92
CA ASN A 19 -11.51 8.53 -4.88
C ASN A 19 -11.68 7.34 -3.91
N CYS A 20 -12.45 7.49 -2.83
CA CYS A 20 -12.62 6.49 -1.78
C CYS A 20 -14.09 6.02 -1.69
N LEU A 21 -14.34 4.76 -2.04
CA LEU A 21 -15.68 4.17 -2.05
C LEU A 21 -16.01 3.63 -0.64
N MET A 22 -17.09 4.11 -0.03
CA MET A 22 -17.41 3.84 1.38
C MET A 22 -18.12 2.50 1.57
N LEU A 23 -17.57 1.62 2.40
CA LEU A 23 -18.20 0.35 2.76
C LEU A 23 -19.24 0.55 3.89
N PRO A 24 -20.26 -0.32 3.99
CA PRO A 24 -21.31 -0.22 5.01
C PRO A 24 -20.82 -0.54 6.42
N LYS A 25 -21.72 -0.28 7.39
CA LYS A 25 -21.45 -0.33 8.83
C LYS A 25 -20.84 -1.65 9.34
N GLY A 26 -21.31 -2.80 8.87
CA GLY A 26 -20.90 -4.11 9.40
C GLY A 26 -19.63 -4.71 8.78
N MET A 27 -19.12 -4.17 7.66
CA MET A 27 -17.93 -4.72 6.98
C MET A 27 -16.69 -4.68 7.87
N GLN A 28 -16.01 -5.82 8.04
CA GLN A 28 -14.74 -5.90 8.76
C GLN A 28 -13.68 -4.98 8.14
N ARG A 29 -13.67 -4.82 6.80
CA ARG A 29 -12.81 -3.86 6.09
C ARG A 29 -13.10 -2.38 6.44
N SER A 30 -14.34 -2.04 6.82
CA SER A 30 -14.67 -0.69 7.32
C SER A 30 -14.41 -0.53 8.83
N SER A 31 -14.51 -1.62 9.60
CA SER A 31 -14.16 -1.69 11.02
C SER A 31 -12.64 -1.58 11.26
N GLN A 32 -11.82 -2.25 10.45
CA GLN A 32 -10.35 -2.26 10.58
C GLN A 32 -9.67 -1.02 9.96
N ASN A 33 -10.40 -0.22 9.18
CA ASN A 33 -9.91 1.05 8.64
C ASN A 33 -9.84 2.13 9.74
N ARG A 34 -8.65 2.68 10.01
CA ARG A 34 -8.39 3.93 10.75
C ARG A 34 -7.74 4.93 9.78
N SER A 35 -8.53 5.83 9.19
CA SER A 35 -8.08 6.89 8.28
C SER A 35 -8.92 8.17 8.49
N LYS A 36 -8.25 9.33 8.56
CA LYS A 36 -8.81 10.62 8.93
C LYS A 36 -7.81 11.75 8.65
N TRP A 37 -8.22 13.00 8.91
CA TRP A 37 -7.27 14.08 9.21
C TRP A 37 -6.70 13.94 10.63
N ASP A 38 -5.42 14.24 10.82
CA ASP A 38 -4.77 14.25 12.15
C ASP A 38 -4.10 15.62 12.43
N LYS A 39 -4.66 16.37 13.36
CA LYS A 39 -4.20 17.70 13.83
C LYS A 39 -2.75 17.70 14.26
N THR A 40 -2.32 16.60 14.87
CA THR A 40 -0.94 16.39 15.36
C THR A 40 0.12 16.48 14.26
N MET A 41 -0.26 16.25 12.99
CA MET A 41 0.60 16.42 11.81
C MET A 41 0.04 17.44 10.80
N ASP A 42 -1.20 17.91 10.98
CA ASP A 42 -1.90 18.85 10.09
C ASP A 42 -2.00 18.31 8.64
N LEU A 43 -2.27 17.00 8.51
CA LEU A 43 -2.36 16.26 7.24
C LEU A 43 -3.33 15.06 7.32
N PHE A 44 -3.68 14.48 6.17
CA PHE A 44 -4.43 13.21 6.09
C PHE A 44 -3.59 11.97 6.36
N VAL A 45 -4.16 10.98 7.07
CA VAL A 45 -3.57 9.64 7.27
C VAL A 45 -4.48 8.49 6.84
N TRP A 46 -3.84 7.39 6.49
CA TRP A 46 -4.44 6.14 6.03
C TRP A 46 -4.11 4.98 6.98
N SER A 47 -4.97 3.97 6.99
CA SER A 47 -4.55 2.58 7.18
C SER A 47 -4.36 1.95 5.81
N VAL A 48 -3.41 1.02 5.65
CA VAL A 48 -3.14 0.35 4.37
C VAL A 48 -2.84 -1.13 4.58
N GLU A 49 -3.21 -1.96 3.61
CA GLU A 49 -3.04 -3.41 3.62
C GLU A 49 -1.79 -3.80 2.82
N TRP A 50 -0.79 -4.44 3.44
CA TRP A 50 0.44 -4.92 2.79
C TRP A 50 0.38 -6.44 2.62
N ILE A 51 0.78 -6.95 1.45
CA ILE A 51 0.95 -8.37 1.18
C ILE A 51 2.36 -8.63 0.66
N LEU A 52 3.15 -9.43 1.37
CA LEU A 52 4.46 -9.96 0.94
C LEU A 52 4.31 -11.30 0.21
N CYS A 53 4.81 -11.42 -1.02
CA CYS A 53 4.59 -12.59 -1.88
C CYS A 53 5.90 -13.38 -2.07
N PRO A 54 6.02 -14.62 -1.55
CA PRO A 54 7.27 -15.40 -1.52
C PRO A 54 7.74 -15.98 -2.87
N MET A 55 9.03 -16.33 -2.96
CA MET A 55 9.62 -16.91 -4.18
C MET A 55 9.27 -18.37 -4.39
N GLN A 56 8.34 -18.59 -5.32
CA GLN A 56 7.93 -19.89 -5.86
C GLN A 56 8.73 -20.36 -7.08
N GLU A 57 8.62 -21.65 -7.34
CA GLU A 57 9.01 -22.28 -8.61
C GLU A 57 7.84 -22.20 -9.62
N LYS A 58 7.84 -23.02 -10.68
CA LYS A 58 6.71 -23.17 -11.62
C LYS A 58 5.77 -24.35 -11.30
N GLY A 59 6.19 -25.27 -10.44
CA GLY A 59 5.33 -26.30 -9.83
C GLY A 59 4.93 -25.98 -8.38
N GLU A 60 5.92 -25.79 -7.50
CA GLU A 60 5.73 -25.46 -6.08
C GLU A 60 5.45 -23.96 -5.86
N LYS A 61 4.19 -23.62 -5.55
CA LYS A 61 3.75 -22.30 -5.05
C LYS A 61 3.80 -22.22 -3.51
N LYS A 62 4.08 -21.02 -2.99
CA LYS A 62 4.24 -20.70 -1.55
C LYS A 62 3.20 -19.67 -1.11
N GLU A 63 3.01 -19.53 0.19
CA GLU A 63 1.88 -18.77 0.77
C GLU A 63 2.23 -17.35 1.25
N LEU A 64 1.31 -16.42 1.07
CA LEU A 64 1.48 -14.98 1.30
C LEU A 64 1.58 -14.65 2.80
N PHE A 65 2.32 -13.59 3.16
CA PHE A 65 2.18 -12.93 4.47
C PHE A 65 1.43 -11.60 4.31
N LYS A 66 0.42 -11.36 5.15
CA LYS A 66 -0.37 -10.11 5.19
C LYS A 66 -0.13 -9.31 6.47
N HIS A 67 -0.09 -7.98 6.36
CA HIS A 67 -0.08 -7.07 7.50
C HIS A 67 -0.81 -5.76 7.17
N VAL A 68 -1.71 -5.30 8.04
CA VAL A 68 -2.31 -3.96 7.95
C VAL A 68 -1.54 -3.01 8.86
N SER A 69 -1.10 -1.88 8.30
CA SER A 69 -0.31 -0.84 8.98
C SER A 69 -1.04 0.51 8.97
N HIS A 70 -0.91 1.27 10.05
CA HIS A 70 -1.85 2.35 10.42
C HIS A 70 -1.22 3.74 10.49
N ARG A 71 -2.07 4.78 10.49
CA ARG A 71 -1.73 6.22 10.59
C ARG A 71 -0.58 6.67 9.68
N ILE A 72 -0.60 6.23 8.42
CA ILE A 72 0.43 6.49 7.40
C ILE A 72 0.09 7.82 6.72
N LYS A 73 1.01 8.78 6.70
CA LYS A 73 0.76 10.13 6.18
C LYS A 73 0.57 10.14 4.66
N GLU A 74 -0.27 11.03 4.15
CA GLU A 74 -0.31 11.36 2.71
C GLU A 74 1.05 11.85 2.14
N THR A 75 1.97 12.27 3.01
CA THR A 75 3.33 12.71 2.67
C THR A 75 4.35 11.57 2.74
N ASP A 76 4.00 10.46 3.39
CA ASP A 76 4.92 9.34 3.64
C ASP A 76 5.27 8.61 2.33
N PHE A 77 6.45 7.99 2.34
CA PHE A 77 6.81 6.98 1.37
C PHE A 77 6.51 5.60 1.95
N LEU A 78 6.27 4.62 1.08
CA LEU A 78 5.89 3.26 1.40
C LEU A 78 6.79 2.68 2.51
N VAL A 79 8.10 2.86 2.43
CA VAL A 79 9.06 2.36 3.44
C VAL A 79 8.90 2.97 4.84
N GLN A 80 8.29 4.16 4.94
CA GLN A 80 7.93 4.85 6.19
C GLN A 80 6.51 4.58 6.69
N GLY A 81 5.67 3.95 5.86
CA GLY A 81 4.34 3.47 6.22
C GLY A 81 4.30 1.99 6.60
N MET A 82 5.19 1.19 6.03
CA MET A 82 5.13 -0.28 6.10
C MET A 82 5.19 -0.86 7.50
N GLY A 83 5.91 -0.21 8.40
CA GLY A 83 6.22 -0.73 9.75
C GLY A 83 7.50 -1.58 9.75
N LYS A 84 8.32 -1.46 10.80
CA LYS A 84 9.56 -2.25 10.94
C LYS A 84 9.30 -3.76 10.84
N ASN A 85 8.13 -4.25 11.30
CA ASN A 85 7.71 -5.63 11.14
C ASN A 85 7.66 -6.05 9.67
N VAL A 86 7.00 -5.29 8.79
CA VAL A 86 6.88 -5.61 7.36
C VAL A 86 8.23 -5.49 6.64
N PHE A 87 9.07 -4.53 7.04
CA PHE A 87 10.43 -4.41 6.56
C PHE A 87 11.30 -5.62 6.96
N GLN A 88 11.20 -6.07 8.21
CA GLN A 88 12.00 -7.20 8.72
C GLN A 88 11.51 -8.52 8.11
N LYS A 89 10.19 -8.68 7.90
CA LYS A 89 9.60 -9.82 7.20
C LYS A 89 9.98 -9.89 5.73
N CYS A 90 10.09 -8.75 5.03
CA CYS A 90 10.62 -8.78 3.65
C CYS A 90 12.09 -9.24 3.65
N CYS A 91 12.90 -8.75 4.61
CA CYS A 91 14.30 -9.15 4.76
C CYS A 91 14.44 -10.67 5.00
N GLU A 92 13.47 -11.31 5.67
CA GLU A 92 13.48 -12.75 5.96
C GLU A 92 12.84 -13.61 4.85
N PHE A 93 11.98 -13.02 4.03
CA PHE A 93 11.29 -13.71 2.93
C PHE A 93 12.24 -13.90 1.76
N TYR A 94 13.06 -12.89 1.45
CA TYR A 94 13.92 -12.93 0.28
C TYR A 94 15.41 -12.97 0.69
N ARG A 95 15.70 -12.97 2.01
CA ARG A 95 17.07 -12.93 2.58
C ARG A 95 17.87 -11.74 2.04
N LEU A 96 17.30 -10.56 2.24
CA LEU A 96 17.99 -9.29 2.00
C LEU A 96 18.90 -8.91 3.18
N ALA A 97 19.95 -8.13 2.90
CA ALA A 97 20.91 -7.64 3.90
C ALA A 97 20.98 -6.10 3.97
N GLY A 98 21.32 -5.59 5.14
CA GLY A 98 21.23 -4.18 5.50
C GLY A 98 22.52 -3.40 5.24
N THR A 99 22.38 -2.13 4.86
CA THR A 99 23.46 -1.22 4.42
C THR A 99 23.27 0.18 5.01
N SER A 100 24.24 1.09 4.80
CA SER A 100 24.18 2.47 5.31
C SER A 100 24.82 3.52 4.37
N SER A 101 24.24 4.72 4.37
CA SER A 101 24.60 5.89 3.53
C SER A 101 24.17 7.21 4.18
N CYS A 102 24.63 8.34 3.63
CA CYS A 102 24.39 9.72 4.12
C CYS A 102 24.82 9.98 5.57
N ILE A 103 25.67 9.13 6.15
CA ILE A 103 26.18 9.26 7.52
C ILE A 103 27.06 10.52 7.68
N GLU A 104 27.58 11.02 6.55
CA GLU A 104 28.31 12.29 6.38
C GLU A 104 27.54 13.55 6.84
N GLY A 105 26.21 13.54 6.90
CA GLY A 105 25.45 14.71 7.35
C GLY A 105 23.92 14.60 7.41
N GLU A 106 23.37 13.43 7.74
CA GLU A 106 21.93 13.19 7.90
C GLU A 106 21.66 12.32 9.14
N ASP A 107 20.46 12.40 9.69
CA ASP A 107 19.97 11.62 10.84
C ASP A 107 18.52 11.09 10.74
N GLY A 108 17.86 11.39 9.64
CA GLY A 108 16.46 11.03 9.33
C GLY A 108 16.26 10.59 7.88
N SER A 109 16.92 11.26 6.93
CA SER A 109 16.92 10.87 5.51
C SER A 109 17.79 9.63 5.27
N GLU A 110 18.88 9.49 6.04
CA GLU A 110 19.80 8.34 5.99
C GLU A 110 19.08 6.99 6.23
N THR A 111 18.14 6.98 7.17
CA THR A 111 17.37 5.79 7.56
C THR A 111 16.08 5.65 6.74
N LYS A 112 15.52 6.75 6.20
CA LYS A 112 14.46 6.69 5.19
C LYS A 112 14.98 5.96 3.94
N GLU A 113 16.20 6.30 3.52
CA GLU A 113 16.81 5.65 2.35
C GLU A 113 17.42 4.28 2.68
N GLU A 114 17.88 4.04 3.91
CA GLU A 114 18.35 2.73 4.40
C GLU A 114 17.35 1.61 4.07
N ARG A 115 16.05 1.87 4.24
CA ARG A 115 14.97 0.91 3.99
C ARG A 115 14.75 0.72 2.49
N THR A 116 14.69 1.82 1.75
CA THR A 116 14.43 1.82 0.30
C THR A 116 15.57 1.19 -0.47
N GLN A 117 16.80 1.28 0.05
CA GLN A 117 17.99 0.69 -0.58
C GLN A 117 17.89 -0.83 -0.63
N ILE A 118 17.36 -1.47 0.40
CA ILE A 118 17.19 -2.93 0.50
C ILE A 118 16.24 -3.45 -0.58
N LEU A 119 15.21 -2.66 -0.91
CA LEU A 119 14.20 -3.02 -1.89
C LEU A 119 14.72 -2.78 -3.32
N GLN A 120 15.41 -1.68 -3.57
CA GLN A 120 15.96 -1.44 -4.91
C GLN A 120 17.19 -2.31 -5.24
N LYS A 121 17.97 -2.70 -4.23
CA LYS A 121 19.16 -3.56 -4.42
C LYS A 121 18.80 -5.05 -4.50
N SER A 122 17.68 -5.45 -3.91
CA SER A 122 17.11 -6.80 -4.14
C SER A 122 16.37 -6.87 -5.47
N GLY A 123 15.85 -5.73 -5.94
CA GLY A 123 15.06 -5.65 -7.17
C GLY A 123 13.59 -5.95 -6.94
N LEU A 124 13.12 -5.89 -5.68
CA LEU A 124 11.70 -6.07 -5.34
C LEU A 124 10.85 -4.97 -5.98
N LYS A 125 9.64 -5.35 -6.42
CA LYS A 125 8.66 -4.47 -7.05
C LYS A 125 7.39 -4.37 -6.20
N PHE A 126 6.77 -3.19 -6.25
CA PHE A 126 5.58 -2.86 -5.49
C PHE A 126 4.41 -2.54 -6.43
N TYR A 127 3.22 -2.99 -6.05
CA TYR A 127 2.00 -2.89 -6.85
C TYR A 127 0.83 -2.46 -5.97
N THR A 128 -0.22 -1.87 -6.55
CA THR A 128 -1.44 -1.49 -5.81
C THR A 128 -2.71 -1.82 -6.61
N LYS A 129 -3.84 -1.97 -5.91
CA LYS A 129 -5.17 -2.13 -6.54
C LYS A 129 -5.60 -0.82 -7.21
N THR A 130 -6.06 -0.90 -8.45
CA THR A 130 -6.64 0.22 -9.21
C THR A 130 -8.10 -0.09 -9.53
N PHE A 131 -8.91 0.97 -9.59
CA PHE A 131 -10.31 0.94 -10.03
C PHE A 131 -10.58 2.14 -10.97
N PRO A 132 -11.62 2.10 -11.83
CA PRO A 132 -11.81 3.11 -12.87
C PRO A 132 -11.99 4.55 -12.34
N TYR A 133 -11.56 5.53 -13.15
CA TYR A 133 -11.60 6.96 -12.81
C TYR A 133 -13.02 7.50 -12.61
N ASN A 134 -14.01 6.95 -13.30
CA ASN A 134 -15.42 7.37 -13.21
C ASN A 134 -16.25 6.59 -12.16
N THR A 135 -15.66 5.64 -11.42
CA THR A 135 -16.42 4.76 -10.51
C THR A 135 -17.02 5.53 -9.33
N THR A 136 -18.33 5.40 -9.15
CA THR A 136 -19.12 6.05 -8.09
C THR A 136 -19.67 5.07 -7.05
N HIS A 137 -19.82 3.79 -7.41
CA HIS A 137 -20.35 2.73 -6.54
C HIS A 137 -19.36 1.58 -6.34
N ILE A 138 -19.44 0.92 -5.18
CA ILE A 138 -18.51 -0.13 -4.74
C ILE A 138 -18.54 -1.30 -5.73
N MET A 139 -17.35 -1.85 -6.02
CA MET A 139 -17.12 -3.02 -6.87
C MET A 139 -15.83 -3.75 -6.45
N ASP A 140 -15.70 -5.03 -6.80
CA ASP A 140 -14.48 -5.83 -6.67
C ASP A 140 -13.95 -6.26 -8.05
N SER A 141 -12.67 -6.04 -8.31
CA SER A 141 -12.01 -6.31 -9.61
C SER A 141 -10.52 -6.61 -9.39
N LYS A 142 -10.00 -7.69 -9.98
CA LYS A 142 -8.57 -8.00 -9.91
C LYS A 142 -7.81 -7.22 -11.00
N LYS A 143 -7.29 -6.06 -10.60
CA LYS A 143 -6.49 -5.11 -11.40
C LYS A 143 -5.43 -4.44 -10.52
N LEU A 144 -4.17 -4.73 -10.81
CA LEU A 144 -2.97 -4.16 -10.18
C LEU A 144 -2.20 -3.22 -11.12
N VAL A 145 -1.36 -2.36 -10.53
CA VAL A 145 -0.44 -1.45 -11.24
C VAL A 145 0.89 -1.35 -10.48
N GLU A 146 2.01 -1.36 -11.21
CA GLU A 146 3.37 -1.23 -10.68
C GLU A 146 3.70 0.24 -10.42
N LEU A 147 4.33 0.55 -9.27
CA LEU A 147 4.66 1.93 -8.90
C LEU A 147 6.05 2.13 -8.28
N ALA A 148 6.59 3.33 -8.45
CA ALA A 148 7.96 3.69 -8.09
C ALA A 148 8.09 4.24 -6.68
N ILE A 149 8.20 3.34 -5.71
CA ILE A 149 8.28 3.73 -4.29
C ILE A 149 9.58 4.46 -3.91
N HIS A 150 10.60 4.40 -4.76
CA HIS A 150 11.89 5.08 -4.56
C HIS A 150 11.85 6.54 -5.08
N GLU A 151 10.87 6.90 -5.91
CA GLU A 151 10.66 8.25 -6.47
C GLU A 151 9.34 8.93 -6.06
N LYS A 152 8.24 8.18 -5.87
CA LYS A 152 6.89 8.70 -5.59
C LYS A 152 6.40 8.37 -4.18
N CYS A 153 5.69 9.32 -3.58
CA CYS A 153 5.10 9.17 -2.26
C CYS A 153 3.67 8.64 -2.37
N ILE A 154 3.13 8.20 -1.25
CA ILE A 154 1.83 7.51 -1.23
C ILE A 154 0.68 8.44 -1.66
N GLY A 155 0.77 9.75 -1.39
CA GLY A 155 -0.31 10.69 -1.72
C GLY A 155 -0.42 10.94 -3.22
N GLU A 156 0.70 11.00 -3.94
CA GLU A 156 0.70 11.19 -5.40
C GLU A 156 0.43 9.90 -6.17
N LEU A 157 0.72 8.75 -5.56
CA LEU A 157 0.36 7.43 -6.06
C LEU A 157 -1.17 7.29 -6.07
N LEU A 158 -1.84 7.63 -4.96
CA LEU A 158 -3.29 7.46 -4.85
C LEU A 158 -4.08 8.61 -5.52
N LYS A 159 -3.44 9.75 -5.83
CA LYS A 159 -4.07 10.96 -6.41
C LYS A 159 -4.70 10.73 -7.77
N ASN A 160 -4.17 9.76 -8.51
CA ASN A 160 -4.70 9.35 -9.82
C ASN A 160 -5.64 8.12 -9.81
N THR A 161 -6.04 7.64 -8.62
CA THR A 161 -6.70 6.34 -8.45
C THR A 161 -8.11 6.41 -7.85
N THR A 162 -8.76 5.25 -7.92
CA THR A 162 -9.96 4.91 -7.15
C THR A 162 -9.65 3.66 -6.33
N VAL A 163 -10.12 3.64 -5.08
CA VAL A 163 -9.96 2.55 -4.11
C VAL A 163 -11.22 2.42 -3.25
N ILE A 164 -11.51 1.22 -2.74
CA ILE A 164 -12.63 0.98 -1.83
C ILE A 164 -12.08 1.04 -0.40
N GLU A 165 -12.69 1.87 0.44
CA GLU A 165 -12.47 2.03 1.88
C GLU A 165 -11.03 2.42 2.29
N PHE A 166 -10.06 1.51 2.17
CA PHE A 166 -8.64 1.71 2.46
C PHE A 166 -7.73 0.92 1.50
N PRO A 167 -6.61 1.50 1.01
CA PRO A 167 -5.81 0.94 -0.09
C PRO A 167 -4.93 -0.26 0.29
N THR A 168 -4.56 -1.02 -0.74
CA THR A 168 -3.83 -2.30 -0.68
C THR A 168 -2.55 -2.25 -1.53
N ILE A 169 -1.44 -2.75 -0.99
CA ILE A 169 -0.11 -2.86 -1.62
C ILE A 169 0.36 -4.32 -1.67
N PHE A 170 0.75 -4.78 -2.86
CA PHE A 170 1.36 -6.10 -3.07
C PHE A 170 2.86 -5.95 -3.34
N VAL A 171 3.67 -6.77 -2.66
CA VAL A 171 5.14 -6.77 -2.75
C VAL A 171 5.64 -8.09 -3.33
N ALA A 172 6.34 -8.06 -4.47
CA ALA A 172 6.83 -9.27 -5.14
C ALA A 172 8.05 -9.02 -6.05
N MET A 173 8.83 -10.07 -6.33
CA MET A 173 9.95 -10.01 -7.29
C MET A 173 9.48 -9.90 -8.75
N THR A 174 8.36 -10.55 -9.10
CA THR A 174 7.75 -10.56 -10.44
C THR A 174 6.24 -10.73 -10.39
N GLU A 175 5.58 -10.49 -11.52
CA GLU A 175 4.18 -10.89 -11.75
C GLU A 175 3.95 -12.40 -11.55
N ALA A 176 4.96 -13.20 -11.88
CA ALA A 176 4.97 -14.66 -11.71
C ALA A 176 5.07 -15.11 -10.24
N ASP A 177 5.38 -14.20 -9.33
CA ASP A 177 5.34 -14.43 -7.88
C ASP A 177 4.06 -13.83 -7.25
N LEU A 178 3.33 -12.95 -7.96
CA LEU A 178 2.06 -12.38 -7.49
C LEU A 178 0.96 -13.44 -7.34
N PRO A 179 -0.01 -13.25 -6.41
CA PRO A 179 -1.13 -14.16 -6.19
C PRO A 179 -1.99 -14.40 -7.44
N GLU A 180 -2.68 -15.54 -7.46
CA GLU A 180 -3.48 -15.99 -8.61
C GLU A 180 -4.77 -15.17 -8.77
N GLY A 181 -5.22 -15.03 -10.02
CA GLY A 181 -6.37 -14.22 -10.41
C GLY A 181 -6.07 -12.72 -10.54
N TYR A 182 -5.10 -12.20 -9.78
CA TYR A 182 -4.58 -10.84 -9.93
C TYR A 182 -3.71 -10.69 -11.19
N GLU A 183 -3.83 -9.55 -11.87
CA GLU A 183 -3.01 -9.17 -13.03
C GLU A 183 -2.58 -7.71 -12.94
N VAL A 184 -1.39 -7.40 -13.47
CA VAL A 184 -0.80 -6.06 -13.54
C VAL A 184 -1.00 -5.44 -14.92
N LEU A 185 -1.49 -4.20 -14.96
CA LEU A 185 -1.77 -3.43 -16.18
C LEU A 185 -0.52 -2.75 -16.71
N HIS A 186 -0.34 -2.75 -18.03
CA HIS A 186 0.67 -1.97 -18.75
C HIS A 186 0.06 -0.85 -19.62
N GLN A 187 0.90 0.09 -20.08
CA GLN A 187 0.49 1.18 -20.97
C GLN A 187 0.01 0.68 -22.35
N GLU A 188 -0.85 1.48 -23.01
CA GLU A 188 -1.66 1.06 -24.17
C GLU A 188 -0.90 0.77 -25.47
N GLY A 1 -13.46 19.82 8.53
CA GLY A 1 -13.13 18.59 7.78
C GLY A 1 -13.96 17.41 8.24
N PRO A 2 -14.17 16.40 7.38
CA PRO A 2 -15.02 15.23 7.68
C PRO A 2 -14.34 14.18 8.60
N HIS A 3 -15.13 13.26 9.15
CA HIS A 3 -14.61 11.98 9.66
C HIS A 3 -15.62 10.80 9.58
N MET A 4 -16.93 11.03 9.70
CA MET A 4 -17.94 9.95 9.68
C MET A 4 -18.14 9.35 8.28
N ARG A 5 -18.77 8.18 8.20
CA ARG A 5 -19.25 7.56 6.94
C ARG A 5 -20.23 8.50 6.22
N ASP A 6 -20.07 8.67 4.91
CA ASP A 6 -20.74 9.77 4.19
C ASP A 6 -22.25 9.56 4.03
N SER A 7 -22.66 8.35 3.65
CA SER A 7 -24.07 7.96 3.46
C SER A 7 -24.37 6.48 3.82
N THR A 8 -23.36 5.72 4.28
CA THR A 8 -23.35 4.25 4.47
C THR A 8 -23.99 3.48 3.30
N GLU A 9 -23.84 4.04 2.10
CA GLU A 9 -24.48 3.62 0.85
C GLU A 9 -23.46 3.63 -0.31
N CYS A 10 -23.78 2.92 -1.39
CA CYS A 10 -22.86 2.54 -2.47
C CYS A 10 -22.44 3.69 -3.40
N GLN A 11 -21.67 4.61 -2.84
CA GLN A 11 -21.25 5.89 -3.40
C GLN A 11 -19.76 6.16 -3.12
N ARG A 12 -19.17 7.13 -3.81
CA ARG A 12 -17.81 7.62 -3.56
C ARG A 12 -17.77 9.04 -3.02
N ILE A 13 -16.77 9.28 -2.19
CA ILE A 13 -16.26 10.63 -1.87
C ILE A 13 -14.84 10.79 -2.42
N ILE A 14 -14.52 11.94 -3.01
CA ILE A 14 -13.15 12.27 -3.43
C ILE A 14 -12.41 12.83 -2.23
N ARG A 15 -11.29 12.20 -1.85
CA ARG A 15 -10.41 12.63 -0.75
C ARG A 15 -9.06 13.01 -1.35
N ARG A 16 -8.77 14.31 -1.50
CA ARG A 16 -7.52 14.86 -2.10
C ARG A 16 -7.07 14.14 -3.38
N GLY A 17 -8.01 14.03 -4.33
CA GLY A 17 -7.86 13.40 -5.63
C GLY A 17 -8.00 11.87 -5.66
N VAL A 18 -8.07 11.20 -4.50
CA VAL A 18 -8.30 9.75 -4.39
C VAL A 18 -9.81 9.49 -4.45
N ASN A 19 -10.30 8.67 -5.38
CA ASN A 19 -11.72 8.32 -5.43
C ASN A 19 -12.00 7.23 -4.37
N CYS A 20 -12.69 7.56 -3.27
CA CYS A 20 -12.82 6.69 -2.09
C CYS A 20 -14.26 6.18 -1.89
N LEU A 21 -14.47 4.88 -2.11
CA LEU A 21 -15.79 4.27 -2.13
C LEU A 21 -16.24 3.82 -0.73
N MET A 22 -17.48 4.14 -0.37
CA MET A 22 -18.12 3.91 0.93
C MET A 22 -18.84 2.55 1.00
N LEU A 23 -18.35 1.64 1.85
CA LEU A 23 -19.05 0.39 2.18
C LEU A 23 -20.16 0.63 3.23
N PRO A 24 -21.15 -0.28 3.36
CA PRO A 24 -22.12 -0.23 4.44
C PRO A 24 -21.43 -0.59 5.77
N LYS A 25 -21.84 0.08 6.86
CA LYS A 25 -21.08 0.18 8.11
C LYS A 25 -20.66 -1.14 8.76
N GLY A 26 -21.43 -2.21 8.63
CA GLY A 26 -21.15 -3.52 9.23
C GLY A 26 -20.03 -4.33 8.54
N MET A 27 -19.57 -3.90 7.35
CA MET A 27 -18.46 -4.55 6.64
C MET A 27 -17.14 -4.51 7.43
N GLN A 28 -16.37 -5.61 7.43
CA GLN A 28 -15.08 -5.67 8.13
C GLN A 28 -14.07 -4.63 7.57
N ARG A 29 -14.01 -4.43 6.23
CA ARG A 29 -13.17 -3.39 5.60
C ARG A 29 -13.58 -1.97 5.99
N SER A 30 -14.86 -1.73 6.31
CA SER A 30 -15.33 -0.44 6.84
C SER A 30 -15.10 -0.31 8.36
N SER A 31 -15.05 -1.44 9.06
CA SER A 31 -14.80 -1.53 10.51
C SER A 31 -13.31 -1.34 10.83
N GLN A 32 -12.41 -1.96 10.06
CA GLN A 32 -10.96 -1.96 10.29
C GLN A 32 -10.23 -0.73 9.71
N ASN A 33 -10.89 0.03 8.82
CA ASN A 33 -10.41 1.32 8.30
C ASN A 33 -10.21 2.32 9.45
N ARG A 34 -8.97 2.78 9.65
CA ARG A 34 -8.67 4.05 10.34
C ARG A 34 -7.95 4.99 9.40
N SER A 35 -8.64 6.07 9.05
CA SER A 35 -8.08 7.22 8.31
C SER A 35 -8.66 8.54 8.80
N LYS A 36 -7.83 9.56 8.99
CA LYS A 36 -8.23 10.87 9.51
C LYS A 36 -7.20 11.95 9.18
N TRP A 37 -7.55 13.20 9.47
CA TRP A 37 -6.58 14.27 9.69
C TRP A 37 -5.95 14.15 11.09
N ASP A 38 -4.63 14.31 11.19
CA ASP A 38 -3.90 14.33 12.46
C ASP A 38 -3.34 15.75 12.70
N LYS A 39 -3.99 16.54 13.56
CA LYS A 39 -3.61 17.91 13.97
C LYS A 39 -2.14 18.01 14.41
N THR A 40 -1.73 16.98 15.12
CA THR A 40 -0.37 16.76 15.63
C THR A 40 0.70 16.73 14.52
N MET A 41 0.33 16.36 13.29
CA MET A 41 1.19 16.37 12.10
C MET A 41 0.75 17.38 11.04
N ASP A 42 -0.45 17.96 11.17
CA ASP A 42 -1.07 18.92 10.24
C ASP A 42 -1.24 18.32 8.83
N LEU A 43 -1.60 17.03 8.75
CA LEU A 43 -1.76 16.25 7.52
C LEU A 43 -2.77 15.08 7.65
N PHE A 44 -3.18 14.49 6.51
CA PHE A 44 -3.99 13.26 6.46
C PHE A 44 -3.18 11.97 6.62
N VAL A 45 -3.75 10.96 7.29
CA VAL A 45 -3.21 9.60 7.41
C VAL A 45 -4.18 8.50 6.96
N TRP A 46 -3.63 7.33 6.64
CA TRP A 46 -4.36 6.11 6.27
C TRP A 46 -3.89 4.88 7.07
N SER A 47 -4.77 3.89 7.13
CA SER A 47 -4.39 2.48 7.24
C SER A 47 -4.14 1.92 5.85
N VAL A 48 -3.21 0.97 5.70
CA VAL A 48 -3.00 0.23 4.45
C VAL A 48 -2.74 -1.26 4.75
N GLU A 49 -3.14 -2.12 3.83
CA GLU A 49 -2.90 -3.57 3.89
C GLU A 49 -1.67 -3.94 3.06
N TRP A 50 -0.67 -4.61 3.63
CA TRP A 50 0.53 -5.08 2.93
C TRP A 50 0.50 -6.61 2.76
N ILE A 51 0.88 -7.10 1.57
CA ILE A 51 1.07 -8.53 1.30
C ILE A 51 2.48 -8.74 0.74
N LEU A 52 3.29 -9.53 1.45
CA LEU A 52 4.61 -10.01 1.01
C LEU A 52 4.47 -11.36 0.29
N CYS A 53 4.95 -11.44 -0.95
CA CYS A 53 4.70 -12.61 -1.82
C CYS A 53 6.02 -13.36 -2.07
N PRO A 54 6.20 -14.59 -1.54
CA PRO A 54 7.46 -15.31 -1.62
C PRO A 54 7.80 -15.85 -3.01
N MET A 55 9.06 -16.21 -3.22
CA MET A 55 9.59 -16.56 -4.53
C MET A 55 9.21 -17.97 -4.96
N GLN A 56 8.25 -18.06 -5.87
CA GLN A 56 7.77 -19.30 -6.50
C GLN A 56 8.48 -19.72 -7.78
N GLU A 57 8.33 -21.01 -8.06
CA GLU A 57 9.02 -21.77 -9.13
C GLU A 57 8.21 -21.76 -10.44
N LYS A 58 8.58 -22.58 -11.42
CA LYS A 58 7.88 -22.67 -12.73
C LYS A 58 6.46 -23.22 -12.67
N GLY A 59 6.00 -23.68 -11.51
CA GLY A 59 4.66 -24.23 -11.27
C GLY A 59 4.33 -24.36 -9.78
N GLU A 60 5.32 -24.71 -8.94
CA GLU A 60 5.16 -24.73 -7.48
C GLU A 60 5.07 -23.30 -6.90
N LYS A 61 3.84 -22.87 -6.57
CA LYS A 61 3.54 -21.62 -5.86
C LYS A 61 3.78 -21.72 -4.34
N LYS A 62 4.16 -20.60 -3.72
CA LYS A 62 4.46 -20.48 -2.27
C LYS A 62 3.51 -19.51 -1.59
N GLU A 63 3.39 -19.63 -0.27
CA GLU A 63 2.27 -19.08 0.51
C GLU A 63 2.57 -17.75 1.21
N LEU A 64 1.62 -16.81 1.14
CA LEU A 64 1.74 -15.38 1.44
C LEU A 64 1.89 -15.06 2.95
N PHE A 65 2.52 -13.93 3.26
CA PHE A 65 2.31 -13.23 4.53
C PHE A 65 1.59 -11.89 4.32
N LYS A 66 0.61 -11.58 5.19
CA LYS A 66 -0.18 -10.34 5.19
C LYS A 66 -0.02 -9.59 6.51
N HIS A 67 0.04 -8.26 6.48
CA HIS A 67 0.05 -7.40 7.67
C HIS A 67 -0.59 -6.04 7.35
N VAL A 68 -1.48 -5.56 8.22
CA VAL A 68 -2.09 -4.22 8.11
C VAL A 68 -1.31 -3.23 8.97
N SER A 69 -0.99 -2.05 8.43
CA SER A 69 -0.22 -0.99 9.11
C SER A 69 -0.96 0.35 9.06
N HIS A 70 -0.79 1.17 10.10
CA HIS A 70 -1.67 2.30 10.44
C HIS A 70 -0.93 3.66 10.46
N ARG A 71 -1.66 4.77 10.55
CA ARG A 71 -1.18 6.16 10.71
C ARG A 71 -0.16 6.63 9.65
N ILE A 72 -0.35 6.17 8.41
CA ILE A 72 0.59 6.37 7.29
C ILE A 72 0.31 7.72 6.63
N LYS A 73 1.28 8.63 6.62
CA LYS A 73 1.10 10.04 6.23
C LYS A 73 0.91 10.21 4.72
N GLU A 74 0.02 11.08 4.27
CA GLU A 74 -0.20 11.31 2.82
C GLU A 74 1.04 11.86 2.08
N THR A 75 1.97 12.48 2.81
CA THR A 75 3.25 12.99 2.28
C THR A 75 4.32 11.90 2.18
N ASP A 76 4.07 10.72 2.74
CA ASP A 76 5.11 9.74 3.04
C ASP A 76 5.45 8.78 1.89
N PHE A 77 6.49 7.99 2.14
CA PHE A 77 6.95 6.94 1.24
C PHE A 77 6.61 5.58 1.84
N LEU A 78 6.27 4.62 0.96
CA LEU A 78 5.87 3.26 1.33
C LEU A 78 6.83 2.62 2.33
N VAL A 79 8.15 2.82 2.19
CA VAL A 79 9.15 2.26 3.14
C VAL A 79 9.00 2.78 4.57
N GLN A 80 8.35 3.94 4.77
CA GLN A 80 8.09 4.50 6.10
C GLN A 80 6.74 4.08 6.67
N GLY A 81 5.76 3.84 5.81
CA GLY A 81 4.42 3.41 6.25
C GLY A 81 4.34 1.91 6.57
N MET A 82 5.20 1.10 5.95
CA MET A 82 5.18 -0.36 6.06
C MET A 82 5.34 -0.87 7.49
N GLY A 83 6.10 -0.16 8.31
CA GLY A 83 6.46 -0.61 9.67
C GLY A 83 7.70 -1.51 9.71
N LYS A 84 8.47 -1.38 10.81
CA LYS A 84 9.65 -2.21 11.11
C LYS A 84 9.40 -3.70 10.89
N ASN A 85 8.25 -4.21 11.34
CA ASN A 85 7.89 -5.62 11.20
C ASN A 85 7.78 -6.05 9.73
N VAL A 86 7.09 -5.28 8.87
CA VAL A 86 6.92 -5.62 7.44
C VAL A 86 8.25 -5.51 6.70
N PHE A 87 9.07 -4.52 7.05
CA PHE A 87 10.42 -4.36 6.52
C PHE A 87 11.33 -5.55 6.87
N GLN A 88 11.28 -6.03 8.12
CA GLN A 88 12.10 -7.15 8.58
C GLN A 88 11.56 -8.49 8.04
N LYS A 89 10.24 -8.64 7.91
CA LYS A 89 9.61 -9.77 7.20
C LYS A 89 10.05 -9.84 5.74
N CYS A 90 10.15 -8.70 5.06
CA CYS A 90 10.67 -8.61 3.70
C CYS A 90 12.13 -9.08 3.63
N CYS A 91 12.92 -8.72 4.65
CA CYS A 91 14.33 -9.06 4.74
C CYS A 91 14.59 -10.54 5.02
N GLU A 92 13.65 -11.28 5.62
CA GLU A 92 13.72 -12.74 5.79
C GLU A 92 13.07 -13.54 4.66
N PHE A 93 12.04 -12.98 4.01
CA PHE A 93 11.29 -13.62 2.91
C PHE A 93 12.17 -13.74 1.67
N TYR A 94 12.89 -12.67 1.33
CA TYR A 94 13.72 -12.62 0.14
C TYR A 94 15.20 -12.72 0.51
N ARG A 95 15.53 -12.86 1.81
CA ARG A 95 16.92 -12.92 2.31
C ARG A 95 17.75 -11.73 1.83
N LEU A 96 17.22 -10.54 2.11
CA LEU A 96 17.82 -9.26 1.77
C LEU A 96 18.98 -8.85 2.70
N ALA A 97 19.82 -7.93 2.23
CA ALA A 97 20.91 -7.31 2.97
C ALA A 97 21.10 -5.83 2.61
N GLY A 98 21.78 -5.08 3.49
CA GLY A 98 22.14 -3.67 3.33
C GLY A 98 22.28 -2.93 4.66
N THR A 99 22.96 -1.78 4.64
CA THR A 99 23.31 -1.00 5.83
C THR A 99 23.14 0.52 5.65
N SER A 100 23.20 1.24 6.77
CA SER A 100 23.04 2.69 6.88
C SER A 100 23.92 3.51 5.93
N SER A 101 23.33 4.55 5.31
CA SER A 101 23.96 5.52 4.40
C SER A 101 23.37 6.94 4.61
N CYS A 102 23.99 7.96 4.01
CA CYS A 102 23.63 9.38 4.18
C CYS A 102 23.56 9.84 5.65
N ILE A 103 24.41 9.25 6.49
CA ILE A 103 24.55 9.54 7.92
C ILE A 103 25.26 10.89 8.13
N GLU A 104 25.84 11.46 7.07
CA GLU A 104 26.70 12.65 7.04
C GLU A 104 26.18 13.84 7.84
N GLY A 105 24.87 14.05 7.80
CA GLY A 105 24.17 15.13 8.47
C GLY A 105 22.75 15.28 7.93
N GLU A 106 21.84 14.47 8.47
CA GLU A 106 20.41 14.46 8.18
C GLU A 106 19.60 14.65 9.47
N ASP A 107 18.28 14.63 9.31
CA ASP A 107 17.25 14.57 10.34
C ASP A 107 16.15 13.59 9.91
N GLY A 108 16.56 12.37 9.55
CA GLY A 108 15.67 11.21 9.35
C GLY A 108 15.60 10.67 7.93
N SER A 109 16.21 11.32 6.94
CA SER A 109 16.31 10.78 5.57
C SER A 109 17.31 9.62 5.46
N GLU A 110 18.35 9.62 6.31
CA GLU A 110 19.37 8.56 6.37
C GLU A 110 18.76 7.16 6.55
N THR A 111 17.66 7.07 7.29
CA THR A 111 17.03 5.82 7.71
C THR A 111 15.88 5.42 6.79
N LYS A 112 15.16 6.41 6.23
CA LYS A 112 14.24 6.18 5.11
C LYS A 112 14.99 5.53 3.96
N GLU A 113 16.12 6.13 3.59
CA GLU A 113 16.93 5.59 2.50
C GLU A 113 17.61 4.26 2.85
N GLU A 114 18.00 4.01 4.10
CA GLU A 114 18.50 2.70 4.53
C GLU A 114 17.51 1.58 4.18
N ARG A 115 16.20 1.81 4.34
CA ARG A 115 15.17 0.84 3.98
C ARG A 115 14.96 0.75 2.47
N THR A 116 14.87 1.92 1.82
CA THR A 116 14.73 2.06 0.36
C THR A 116 15.86 1.35 -0.37
N GLN A 117 17.08 1.35 0.19
CA GLN A 117 18.26 0.73 -0.42
C GLN A 117 18.06 -0.78 -0.57
N ILE A 118 17.47 -1.43 0.43
CA ILE A 118 17.22 -2.87 0.49
C ILE A 118 16.27 -3.30 -0.63
N LEU A 119 15.30 -2.44 -0.98
CA LEU A 119 14.31 -2.75 -2.01
C LEU A 119 14.88 -2.50 -3.41
N GLN A 120 15.62 -1.41 -3.60
CA GLN A 120 16.21 -1.12 -4.93
C GLN A 120 17.45 -1.98 -5.25
N LYS A 121 18.16 -2.49 -4.23
CA LYS A 121 19.34 -3.38 -4.40
C LYS A 121 19.01 -4.88 -4.39
N SER A 122 17.78 -5.23 -3.98
CA SER A 122 17.20 -6.56 -4.22
C SER A 122 16.48 -6.65 -5.57
N GLY A 123 15.96 -5.52 -6.07
CA GLY A 123 15.19 -5.47 -7.31
C GLY A 123 13.69 -5.77 -7.10
N LEU A 124 13.20 -5.60 -5.86
CA LEU A 124 11.78 -5.78 -5.54
C LEU A 124 10.88 -4.74 -6.24
N LYS A 125 9.63 -5.15 -6.49
CA LYS A 125 8.57 -4.32 -7.05
C LYS A 125 7.36 -4.24 -6.12
N PHE A 126 6.65 -3.12 -6.22
CA PHE A 126 5.46 -2.82 -5.46
C PHE A 126 4.27 -2.51 -6.38
N TYR A 127 3.09 -2.96 -5.98
CA TYR A 127 1.85 -2.83 -6.73
C TYR A 127 0.72 -2.43 -5.78
N THR A 128 -0.33 -1.78 -6.27
CA THR A 128 -1.57 -1.56 -5.52
C THR A 128 -2.80 -2.05 -6.28
N LYS A 129 -3.91 -2.34 -5.59
CA LYS A 129 -5.19 -2.62 -6.27
C LYS A 129 -5.90 -1.34 -6.68
N THR A 130 -6.40 -1.31 -7.90
CA THR A 130 -7.03 -0.15 -8.54
C THR A 130 -8.46 -0.49 -9.00
N PHE A 131 -9.21 0.54 -9.34
CA PHE A 131 -10.44 0.46 -10.13
C PHE A 131 -10.46 1.60 -11.18
N PRO A 132 -11.21 1.49 -12.29
CA PRO A 132 -11.29 2.54 -13.31
C PRO A 132 -11.72 3.91 -12.77
N TYR A 133 -11.27 4.99 -13.41
CA TYR A 133 -11.47 6.34 -12.91
C TYR A 133 -12.96 6.74 -12.81
N ASN A 134 -13.79 6.33 -13.76
CA ASN A 134 -15.24 6.60 -13.80
C ASN A 134 -16.08 5.68 -12.88
N THR A 135 -15.44 4.86 -12.04
CA THR A 135 -16.15 3.97 -11.10
C THR A 135 -16.75 4.76 -9.95
N THR A 136 -18.08 4.88 -9.94
CA THR A 136 -18.87 5.62 -8.94
C THR A 136 -19.40 4.73 -7.82
N HIS A 137 -19.61 3.45 -8.11
CA HIS A 137 -20.24 2.45 -7.24
C HIS A 137 -19.29 1.29 -6.93
N ILE A 138 -19.49 0.61 -5.78
CA ILE A 138 -18.69 -0.56 -5.39
C ILE A 138 -18.91 -1.71 -6.37
N MET A 139 -17.79 -2.34 -6.75
CA MET A 139 -17.67 -3.53 -7.56
C MET A 139 -16.52 -4.40 -7.02
N ASP A 140 -16.42 -5.65 -7.47
CA ASP A 140 -15.33 -6.55 -7.10
C ASP A 140 -14.65 -7.12 -8.36
N SER A 141 -13.36 -6.82 -8.53
CA SER A 141 -12.54 -7.25 -9.66
C SER A 141 -11.06 -7.28 -9.25
N LYS A 142 -10.28 -8.20 -9.84
CA LYS A 142 -8.82 -8.25 -9.70
C LYS A 142 -8.14 -7.38 -10.75
N LYS A 143 -7.64 -6.23 -10.31
CA LYS A 143 -6.91 -5.23 -11.11
C LYS A 143 -5.83 -4.58 -10.24
N LEU A 144 -4.57 -4.86 -10.56
CA LEU A 144 -3.39 -4.24 -9.96
C LEU A 144 -2.69 -3.25 -10.90
N VAL A 145 -1.80 -2.46 -10.31
CA VAL A 145 -0.90 -1.51 -10.99
C VAL A 145 0.46 -1.44 -10.31
N GLU A 146 1.55 -1.43 -11.08
CA GLU A 146 2.94 -1.28 -10.56
C GLU A 146 3.27 0.21 -10.35
N LEU A 147 3.88 0.57 -9.22
CA LEU A 147 4.20 1.95 -8.89
C LEU A 147 5.61 2.16 -8.34
N ALA A 148 6.15 3.37 -8.53
CA ALA A 148 7.51 3.74 -8.19
C ALA A 148 7.63 4.34 -6.79
N ILE A 149 7.76 3.47 -5.80
CA ILE A 149 7.82 3.87 -4.38
C ILE A 149 9.09 4.65 -4.01
N HIS A 150 10.12 4.61 -4.87
CA HIS A 150 11.37 5.35 -4.69
C HIS A 150 11.33 6.75 -5.35
N GLU A 151 10.35 7.02 -6.22
CA GLU A 151 10.17 8.31 -6.91
C GLU A 151 8.88 9.05 -6.57
N LYS A 152 7.81 8.33 -6.22
CA LYS A 152 6.48 8.89 -5.88
C LYS A 152 6.10 8.63 -4.42
N CYS A 153 5.41 9.61 -3.83
CA CYS A 153 4.87 9.52 -2.48
C CYS A 153 3.45 8.95 -2.52
N ILE A 154 3.01 8.39 -1.40
CA ILE A 154 1.73 7.67 -1.32
C ILE A 154 0.52 8.55 -1.68
N GLY A 155 0.59 9.86 -1.42
CA GLY A 155 -0.52 10.78 -1.73
C GLY A 155 -0.71 10.98 -3.22
N GLU A 156 0.38 11.09 -3.98
CA GLU A 156 0.32 11.26 -5.44
C GLU A 156 -0.02 9.95 -6.15
N LEU A 157 0.36 8.81 -5.55
CA LEU A 157 -0.01 7.49 -6.03
C LEU A 157 -1.52 7.31 -5.93
N LEU A 158 -2.12 7.56 -4.76
CA LEU A 158 -3.54 7.27 -4.59
C LEU A 158 -4.41 8.35 -5.27
N LYS A 159 -3.84 9.53 -5.55
CA LYS A 159 -4.47 10.64 -6.31
C LYS A 159 -4.74 10.25 -7.77
N ASN A 160 -4.05 9.24 -8.27
CA ASN A 160 -4.25 8.62 -9.58
C ASN A 160 -5.14 7.35 -9.57
N THR A 161 -5.85 7.06 -8.47
CA THR A 161 -6.62 5.81 -8.28
C THR A 161 -8.07 6.00 -7.83
N THR A 162 -8.77 4.87 -7.86
CA THR A 162 -10.04 4.60 -7.20
C THR A 162 -9.87 3.41 -6.27
N VAL A 163 -10.35 3.49 -5.02
CA VAL A 163 -10.19 2.47 -3.97
C VAL A 163 -11.41 2.44 -3.04
N ILE A 164 -11.68 1.30 -2.40
CA ILE A 164 -12.80 1.10 -1.46
C ILE A 164 -12.32 1.16 -0.01
N GLU A 165 -12.87 2.04 0.83
CA GLU A 165 -12.47 2.32 2.22
C GLU A 165 -10.98 2.70 2.42
N PHE A 166 -10.05 1.75 2.27
CA PHE A 166 -8.60 1.91 2.51
C PHE A 166 -7.75 1.02 1.58
N PRO A 167 -6.60 1.49 1.07
CA PRO A 167 -5.85 0.81 0.00
C PRO A 167 -5.00 -0.39 0.46
N THR A 168 -4.64 -1.24 -0.51
CA THR A 168 -3.87 -2.47 -0.37
C THR A 168 -2.63 -2.45 -1.28
N ILE A 169 -1.49 -2.91 -0.77
CA ILE A 169 -0.18 -2.98 -1.43
C ILE A 169 0.29 -4.45 -1.52
N PHE A 170 0.67 -4.88 -2.72
CA PHE A 170 1.30 -6.18 -2.97
C PHE A 170 2.79 -6.00 -3.26
N VAL A 171 3.63 -6.79 -2.60
CA VAL A 171 5.10 -6.73 -2.70
C VAL A 171 5.61 -8.04 -3.30
N ALA A 172 6.29 -7.98 -4.45
CA ALA A 172 6.79 -9.18 -5.13
C ALA A 172 8.00 -8.89 -6.04
N MET A 173 8.85 -9.91 -6.27
CA MET A 173 9.97 -9.81 -7.23
C MET A 173 9.51 -9.70 -8.70
N THR A 174 8.47 -10.44 -9.06
CA THR A 174 7.88 -10.47 -10.42
C THR A 174 6.36 -10.58 -10.39
N GLU A 175 5.72 -10.25 -11.51
CA GLU A 175 4.31 -10.55 -11.76
C GLU A 175 3.98 -12.04 -11.65
N ALA A 176 4.96 -12.90 -11.92
CA ALA A 176 4.83 -14.36 -11.75
C ALA A 176 4.83 -14.78 -10.28
N ASP A 177 5.39 -13.96 -9.38
CA ASP A 177 5.37 -14.20 -7.93
C ASP A 177 4.11 -13.61 -7.28
N LEU A 178 3.40 -12.69 -7.97
CA LEU A 178 2.11 -12.19 -7.51
C LEU A 178 1.07 -13.33 -7.40
N PRO A 179 0.13 -13.24 -6.44
CA PRO A 179 -0.91 -14.25 -6.23
C PRO A 179 -1.76 -14.50 -7.48
N GLU A 180 -2.34 -15.69 -7.58
CA GLU A 180 -3.17 -16.06 -8.72
C GLU A 180 -4.53 -15.34 -8.71
N GLY A 181 -5.09 -15.15 -9.89
CA GLY A 181 -6.30 -14.36 -10.13
C GLY A 181 -6.07 -12.85 -10.22
N TYR A 182 -5.02 -12.32 -9.55
CA TYR A 182 -4.57 -10.94 -9.70
C TYR A 182 -3.80 -10.73 -11.02
N GLU A 183 -4.05 -9.60 -11.67
CA GLU A 183 -3.37 -9.18 -12.91
C GLU A 183 -2.96 -7.71 -12.82
N VAL A 184 -1.82 -7.35 -13.41
CA VAL A 184 -1.29 -5.98 -13.45
C VAL A 184 -1.66 -5.32 -14.79
N LEU A 185 -2.15 -4.08 -14.73
CA LEU A 185 -2.52 -3.28 -15.89
C LEU A 185 -1.29 -2.58 -16.49
N HIS A 186 -1.22 -2.60 -17.82
CA HIS A 186 -0.36 -1.71 -18.60
C HIS A 186 -1.18 -0.51 -19.13
N GLN A 187 -0.51 0.60 -19.39
CA GLN A 187 -1.11 1.90 -19.70
C GLN A 187 -1.81 1.97 -21.07
N GLU A 188 -2.60 3.03 -21.26
CA GLU A 188 -3.32 3.38 -22.49
C GLU A 188 -2.48 4.31 -23.40
N GLY A 1 -28.97 12.40 16.11
CA GLY A 1 -29.02 13.81 16.51
C GLY A 1 -27.74 14.51 16.09
N PRO A 2 -27.21 15.47 16.87
CA PRO A 2 -25.96 16.16 16.53
C PRO A 2 -24.68 15.34 16.81
N HIS A 3 -24.76 14.34 17.69
CA HIS A 3 -23.61 13.63 18.27
C HIS A 3 -23.54 12.16 17.82
N MET A 4 -22.34 11.67 17.50
CA MET A 4 -22.07 10.30 17.02
C MET A 4 -22.99 9.84 15.87
N ARG A 5 -23.16 10.72 14.85
CA ARG A 5 -23.98 10.43 13.65
C ARG A 5 -23.56 9.15 12.93
N ASP A 6 -24.52 8.47 12.30
CA ASP A 6 -24.32 7.13 11.73
C ASP A 6 -23.45 7.10 10.47
N SER A 7 -23.56 8.09 9.59
CA SER A 7 -22.66 8.36 8.45
C SER A 7 -22.25 7.11 7.63
N THR A 8 -23.20 6.22 7.30
CA THR A 8 -22.92 4.85 6.81
C THR A 8 -23.62 4.46 5.50
N GLU A 9 -24.00 5.42 4.66
CA GLU A 9 -24.50 5.13 3.29
C GLU A 9 -23.34 4.67 2.37
N CYS A 10 -23.66 3.80 1.41
CA CYS A 10 -22.68 3.07 0.57
C CYS A 10 -22.32 3.82 -0.72
N GLN A 11 -21.94 5.09 -0.57
CA GLN A 11 -21.53 6.02 -1.63
C GLN A 11 -20.06 6.43 -1.46
N ARG A 12 -19.45 7.04 -2.48
CA ARG A 12 -18.05 7.48 -2.45
C ARG A 12 -17.85 8.88 -1.87
N ILE A 13 -16.67 9.09 -1.28
CA ILE A 13 -16.10 10.41 -1.01
C ILE A 13 -14.71 10.52 -1.66
N ILE A 14 -14.35 11.72 -2.12
CA ILE A 14 -13.00 12.05 -2.62
C ILE A 14 -12.27 12.93 -1.60
N ARG A 15 -11.00 12.62 -1.30
CA ARG A 15 -10.08 13.54 -0.60
C ARG A 15 -8.65 13.43 -1.13
N ARG A 16 -7.98 14.57 -1.34
CA ARG A 16 -6.72 14.72 -2.10
C ARG A 16 -6.71 14.02 -3.48
N GLY A 17 -7.88 13.94 -4.14
CA GLY A 17 -8.01 13.23 -5.41
C GLY A 17 -7.95 11.69 -5.30
N VAL A 18 -8.00 11.14 -4.09
CA VAL A 18 -8.16 9.70 -3.84
C VAL A 18 -9.65 9.40 -3.76
N ASN A 19 -10.18 8.55 -4.64
CA ASN A 19 -11.61 8.24 -4.67
C ASN A 19 -11.91 7.04 -3.76
N CYS A 20 -12.68 7.22 -2.69
CA CYS A 20 -12.82 6.26 -1.60
C CYS A 20 -14.27 5.75 -1.48
N LEU A 21 -14.50 4.46 -1.73
CA LEU A 21 -15.85 3.86 -1.65
C LEU A 21 -16.13 3.41 -0.21
N MET A 22 -17.16 3.96 0.43
CA MET A 22 -17.38 3.82 1.87
C MET A 22 -18.10 2.50 2.22
N LEU A 23 -17.44 1.59 2.93
CA LEU A 23 -18.04 0.33 3.39
C LEU A 23 -18.96 0.55 4.60
N PRO A 24 -20.09 -0.17 4.70
CA PRO A 24 -21.06 -0.01 5.77
C PRO A 24 -20.52 -0.49 7.13
N LYS A 25 -21.12 0.04 8.20
CA LYS A 25 -20.69 -0.02 9.60
C LYS A 25 -20.23 -1.40 10.11
N GLY A 26 -20.85 -2.50 9.68
CA GLY A 26 -20.48 -3.84 10.15
C GLY A 26 -19.18 -4.41 9.56
N MET A 27 -18.67 -3.86 8.45
CA MET A 27 -17.57 -4.47 7.70
C MET A 27 -16.24 -4.45 8.46
N GLN A 28 -15.60 -5.61 8.59
CA GLN A 28 -14.28 -5.76 9.22
C GLN A 28 -13.20 -4.87 8.56
N ARG A 29 -13.26 -4.67 7.23
CA ARG A 29 -12.42 -3.69 6.50
C ARG A 29 -12.58 -2.26 7.05
N SER A 30 -13.80 -1.85 7.42
CA SER A 30 -14.07 -0.53 8.00
C SER A 30 -13.71 -0.47 9.49
N SER A 31 -13.73 -1.60 10.20
CA SER A 31 -13.23 -1.74 11.57
C SER A 31 -11.72 -1.57 11.68
N GLN A 32 -10.95 -2.00 10.67
CA GLN A 32 -9.49 -1.84 10.62
C GLN A 32 -9.01 -0.58 9.85
N ASN A 33 -9.94 0.21 9.30
CA ASN A 33 -9.66 1.51 8.71
C ASN A 33 -9.37 2.62 9.75
N ARG A 34 -8.09 3.00 9.90
CA ARG A 34 -7.61 4.16 10.69
C ARG A 34 -7.08 5.21 9.73
N SER A 35 -8.03 5.95 9.14
CA SER A 35 -7.78 7.05 8.21
C SER A 35 -8.63 8.27 8.56
N LYS A 36 -8.01 9.45 8.52
CA LYS A 36 -8.59 10.79 8.73
C LYS A 36 -7.49 11.85 8.50
N TRP A 37 -7.82 13.13 8.67
CA TRP A 37 -6.84 14.22 8.81
C TRP A 37 -6.28 14.29 10.24
N ASP A 38 -5.04 14.77 10.40
CA ASP A 38 -4.53 15.22 11.71
C ASP A 38 -4.00 16.67 11.68
N LYS A 39 -4.65 17.59 12.39
CA LYS A 39 -4.21 18.99 12.57
C LYS A 39 -2.77 19.10 13.03
N THR A 40 -2.35 18.12 13.84
CA THR A 40 -0.98 18.06 14.37
C THR A 40 0.08 17.99 13.27
N MET A 41 -0.24 17.39 12.13
CA MET A 41 0.67 17.32 10.96
C MET A 41 0.17 18.15 9.77
N ASP A 42 -1.09 18.61 9.80
CA ASP A 42 -1.76 19.33 8.70
C ASP A 42 -1.78 18.51 7.39
N LEU A 43 -2.07 17.21 7.52
CA LEU A 43 -2.14 16.23 6.41
C LEU A 43 -3.11 15.07 6.68
N PHE A 44 -3.43 14.29 5.63
CA PHE A 44 -4.16 13.02 5.72
C PHE A 44 -3.29 11.82 6.10
N VAL A 45 -3.85 10.91 6.90
CA VAL A 45 -3.32 9.55 7.12
C VAL A 45 -4.27 8.45 6.65
N TRP A 46 -3.73 7.25 6.43
CA TRP A 46 -4.41 6.07 5.90
C TRP A 46 -4.10 4.81 6.73
N SER A 47 -5.01 3.83 6.71
CA SER A 47 -4.63 2.42 6.79
C SER A 47 -4.11 1.98 5.43
N VAL A 48 -3.13 1.07 5.39
CA VAL A 48 -2.67 0.39 4.17
C VAL A 48 -2.59 -1.11 4.44
N GLU A 49 -3.14 -1.90 3.53
CA GLU A 49 -2.97 -3.34 3.51
C GLU A 49 -1.73 -3.70 2.69
N TRP A 50 -0.83 -4.51 3.25
CA TRP A 50 0.40 -4.96 2.60
C TRP A 50 0.35 -6.48 2.38
N ILE A 51 0.65 -6.94 1.17
CA ILE A 51 0.80 -8.34 0.83
C ILE A 51 2.23 -8.58 0.34
N LEU A 52 3.00 -9.38 1.08
CA LEU A 52 4.32 -9.87 0.68
C LEU A 52 4.24 -11.20 -0.07
N CYS A 53 4.79 -11.26 -1.28
CA CYS A 53 4.66 -12.43 -2.16
C CYS A 53 6.03 -13.12 -2.36
N PRO A 54 6.25 -14.33 -1.84
CA PRO A 54 7.56 -14.99 -1.80
C PRO A 54 8.06 -15.54 -3.15
N MET A 55 9.34 -15.92 -3.21
CA MET A 55 9.95 -16.39 -4.47
C MET A 55 9.56 -17.83 -4.80
N GLN A 56 8.72 -17.97 -5.82
CA GLN A 56 8.31 -19.23 -6.43
C GLN A 56 9.24 -19.77 -7.52
N GLU A 57 9.08 -21.06 -7.78
CA GLU A 57 9.91 -21.90 -8.65
C GLU A 57 9.49 -21.81 -10.14
N LYS A 58 10.06 -22.71 -10.94
CA LYS A 58 9.78 -23.00 -12.37
C LYS A 58 8.42 -23.66 -12.64
N GLY A 59 7.56 -23.69 -11.63
CA GLY A 59 6.24 -24.31 -11.64
C GLY A 59 5.47 -23.97 -10.37
N GLU A 60 5.94 -24.43 -9.22
CA GLU A 60 5.18 -24.42 -7.96
C GLU A 60 5.26 -23.08 -7.22
N LYS A 61 4.07 -22.53 -6.97
CA LYS A 61 3.79 -21.28 -6.26
C LYS A 61 3.78 -21.47 -4.75
N LYS A 62 4.07 -20.38 -4.02
CA LYS A 62 4.20 -20.31 -2.56
C LYS A 62 3.13 -19.38 -1.95
N GLU A 63 2.98 -19.40 -0.63
CA GLU A 63 1.89 -18.73 0.07
C GLU A 63 2.22 -17.29 0.49
N LEU A 64 1.26 -16.37 0.31
CA LEU A 64 1.36 -14.95 0.68
C LEU A 64 1.39 -14.73 2.20
N PHE A 65 2.07 -13.68 2.66
CA PHE A 65 1.85 -13.08 3.98
C PHE A 65 1.14 -11.73 3.82
N LYS A 66 0.12 -11.46 4.65
CA LYS A 66 -0.66 -10.21 4.65
C LYS A 66 -0.61 -9.51 6.01
N HIS A 67 -0.48 -8.19 6.03
CA HIS A 67 -0.54 -7.38 7.25
C HIS A 67 -1.06 -5.97 6.94
N VAL A 68 -1.95 -5.44 7.77
CA VAL A 68 -2.44 -4.05 7.67
C VAL A 68 -1.67 -3.16 8.65
N SER A 69 -1.14 -2.03 8.16
CA SER A 69 -0.50 -0.99 8.97
C SER A 69 -1.28 0.33 8.91
N HIS A 70 -1.17 1.15 9.96
CA HIS A 70 -2.13 2.22 10.28
C HIS A 70 -1.49 3.62 10.34
N ARG A 71 -2.34 4.68 10.30
CA ARG A 71 -1.96 6.11 10.42
C ARG A 71 -0.73 6.52 9.58
N ILE A 72 -0.72 6.11 8.32
CA ILE A 72 0.37 6.33 7.36
C ILE A 72 0.16 7.68 6.65
N LYS A 73 1.12 8.61 6.75
CA LYS A 73 1.05 9.96 6.17
C LYS A 73 0.99 9.95 4.64
N GLU A 74 0.16 10.82 4.04
CA GLU A 74 0.14 11.06 2.58
C GLU A 74 1.48 11.57 2.01
N THR A 75 2.32 12.13 2.88
CA THR A 75 3.66 12.65 2.57
C THR A 75 4.76 11.61 2.76
N ASP A 76 4.46 10.43 3.33
CA ASP A 76 5.45 9.38 3.55
C ASP A 76 5.66 8.50 2.30
N PHE A 77 6.81 7.84 2.25
CA PHE A 77 7.11 6.84 1.23
C PHE A 77 6.70 5.45 1.72
N LEU A 78 6.39 4.56 0.79
CA LEU A 78 5.88 3.23 1.13
C LEU A 78 6.82 2.44 2.06
N VAL A 79 8.14 2.63 1.93
CA VAL A 79 9.12 1.96 2.81
C VAL A 79 9.04 2.42 4.27
N GLN A 80 8.42 3.59 4.50
CA GLN A 80 8.20 4.19 5.81
C GLN A 80 6.85 3.80 6.41
N GLY A 81 5.82 3.66 5.58
CA GLY A 81 4.46 3.36 6.00
C GLY A 81 4.25 1.87 6.29
N MET A 82 5.06 1.01 5.68
CA MET A 82 4.97 -0.45 5.86
C MET A 82 5.05 -0.90 7.31
N GLY A 83 5.79 -0.18 8.15
CA GLY A 83 6.06 -0.59 9.52
C GLY A 83 7.27 -1.52 9.64
N LYS A 84 7.99 -1.42 10.76
CA LYS A 84 9.21 -2.21 11.03
C LYS A 84 8.97 -3.71 10.84
N ASN A 85 7.81 -4.22 11.26
CA ASN A 85 7.54 -5.65 11.21
C ASN A 85 7.31 -6.14 9.76
N VAL A 86 6.67 -5.35 8.89
CA VAL A 86 6.51 -5.71 7.46
C VAL A 86 7.87 -5.61 6.75
N PHE A 87 8.66 -4.59 7.05
CA PHE A 87 10.03 -4.42 6.57
C PHE A 87 10.95 -5.58 6.97
N GLN A 88 10.83 -6.08 8.20
CA GLN A 88 11.62 -7.20 8.70
C GLN A 88 11.14 -8.53 8.09
N LYS A 89 9.83 -8.67 7.83
CA LYS A 89 9.29 -9.80 7.06
C LYS A 89 9.80 -9.83 5.60
N CYS A 90 10.01 -8.69 4.96
CA CYS A 90 10.70 -8.63 3.66
C CYS A 90 12.11 -9.23 3.76
N CYS A 91 12.81 -8.91 4.86
CA CYS A 91 14.19 -9.33 5.08
C CYS A 91 14.31 -10.85 5.18
N GLU A 92 13.31 -11.54 5.72
CA GLU A 92 13.31 -13.01 5.79
C GLU A 92 12.68 -13.71 4.57
N PHE A 93 11.75 -13.05 3.87
CA PHE A 93 11.05 -13.58 2.68
C PHE A 93 12.00 -13.58 1.47
N TYR A 94 12.84 -12.55 1.37
CA TYR A 94 13.75 -12.37 0.24
C TYR A 94 15.21 -12.46 0.67
N ARG A 95 15.45 -12.84 1.94
CA ARG A 95 16.81 -13.05 2.49
C ARG A 95 17.73 -11.84 2.26
N LEU A 96 17.17 -10.66 2.55
CA LEU A 96 17.84 -9.38 2.46
C LEU A 96 18.88 -9.21 3.59
N ALA A 97 19.83 -8.29 3.41
CA ALA A 97 20.69 -7.83 4.51
C ALA A 97 20.76 -6.30 4.57
N GLY A 98 20.75 -5.77 5.79
CA GLY A 98 20.62 -4.34 6.01
C GLY A 98 21.92 -3.58 5.73
N THR A 99 21.83 -2.52 4.95
CA THR A 99 22.98 -1.66 4.59
C THR A 99 22.51 -0.23 4.32
N SER A 100 23.18 0.75 4.92
CA SER A 100 22.97 2.17 4.64
C SER A 100 23.96 2.72 3.60
N SER A 101 23.49 3.72 2.87
CA SER A 101 24.19 4.49 1.82
C SER A 101 23.64 5.93 1.76
N CYS A 102 24.14 6.75 0.84
CA CYS A 102 23.68 8.11 0.58
C CYS A 102 23.85 9.06 1.78
N ILE A 103 25.02 8.98 2.44
CA ILE A 103 25.35 9.62 3.73
C ILE A 103 26.24 10.88 3.54
N GLU A 104 26.45 11.34 2.31
CA GLU A 104 27.37 12.45 1.98
C GLU A 104 26.96 13.83 2.52
N GLY A 105 25.67 14.08 2.77
CA GLY A 105 25.15 15.36 3.23
C GLY A 105 23.65 15.35 3.57
N GLU A 106 23.30 14.78 4.72
CA GLU A 106 21.97 14.75 5.32
C GLU A 106 22.07 14.89 6.85
N ASP A 107 20.94 14.93 7.56
CA ASP A 107 20.85 15.02 9.03
C ASP A 107 19.66 14.24 9.63
N GLY A 108 19.23 13.18 8.93
CA GLY A 108 18.16 12.28 9.39
C GLY A 108 17.56 11.40 8.29
N SER A 109 18.21 11.34 7.12
CA SER A 109 17.74 10.58 5.97
C SER A 109 18.44 9.24 5.83
N GLU A 110 19.68 9.12 6.32
CA GLU A 110 20.45 7.89 6.20
C GLU A 110 19.75 6.67 6.83
N THR A 111 18.96 6.89 7.88
CA THR A 111 18.12 5.90 8.56
C THR A 111 16.78 5.61 7.86
N LYS A 112 16.20 6.59 7.14
CA LYS A 112 14.90 6.42 6.48
C LYS A 112 15.06 5.77 5.11
N GLU A 113 16.07 6.21 4.37
CA GLU A 113 16.44 5.63 3.10
C GLU A 113 17.25 4.33 3.22
N GLU A 114 17.82 4.03 4.39
CA GLU A 114 18.31 2.67 4.72
C GLU A 114 17.24 1.60 4.41
N ARG A 115 15.95 1.88 4.62
CA ARG A 115 14.87 0.94 4.25
C ARG A 115 14.73 0.82 2.74
N THR A 116 14.72 1.95 2.05
CA THR A 116 14.67 2.05 0.57
C THR A 116 15.83 1.30 -0.08
N GLN A 117 17.01 1.32 0.54
CA GLN A 117 18.21 0.66 0.04
C GLN A 117 18.00 -0.87 -0.08
N ILE A 118 17.29 -1.48 0.88
CA ILE A 118 17.02 -2.93 0.93
C ILE A 118 16.09 -3.38 -0.21
N LEU A 119 15.19 -2.49 -0.63
CA LEU A 119 14.25 -2.76 -1.71
C LEU A 119 14.86 -2.53 -3.08
N GLN A 120 15.67 -1.49 -3.26
CA GLN A 120 16.36 -1.25 -4.53
C GLN A 120 17.55 -2.21 -4.76
N LYS A 121 18.26 -2.63 -3.70
CA LYS A 121 19.38 -3.58 -3.83
C LYS A 121 18.92 -4.99 -4.19
N SER A 122 17.68 -5.33 -3.83
CA SER A 122 17.03 -6.57 -4.25
C SER A 122 16.32 -6.41 -5.60
N GLY A 123 15.84 -5.20 -5.92
CA GLY A 123 15.01 -4.96 -7.10
C GLY A 123 13.56 -5.35 -6.87
N LEU A 124 13.08 -5.32 -5.62
CA LEU A 124 11.67 -5.54 -5.33
C LEU A 124 10.76 -4.49 -5.98
N LYS A 125 9.64 -4.95 -6.53
CA LYS A 125 8.62 -4.12 -7.19
C LYS A 125 7.34 -4.08 -6.34
N PHE A 126 6.72 -2.91 -6.35
CA PHE A 126 5.50 -2.61 -5.59
C PHE A 126 4.34 -2.29 -6.54
N TYR A 127 3.14 -2.72 -6.14
CA TYR A 127 1.91 -2.59 -6.91
C TYR A 127 0.74 -2.19 -6.00
N THR A 128 -0.29 -1.53 -6.52
CA THR A 128 -1.55 -1.27 -5.77
C THR A 128 -2.78 -1.75 -6.54
N LYS A 129 -3.90 -1.98 -5.83
CA LYS A 129 -5.22 -2.14 -6.47
C LYS A 129 -5.63 -0.85 -7.20
N THR A 130 -6.31 -1.00 -8.33
CA THR A 130 -6.97 0.10 -9.03
C THR A 130 -8.41 -0.25 -9.44
N PHE A 131 -9.26 0.76 -9.56
CA PHE A 131 -10.63 0.67 -10.07
C PHE A 131 -10.93 1.87 -10.99
N PRO A 132 -11.94 1.80 -11.89
CA PRO A 132 -12.30 2.90 -12.78
C PRO A 132 -12.69 4.18 -12.04
N TYR A 133 -12.25 5.33 -12.58
CA TYR A 133 -12.50 6.67 -12.03
C TYR A 133 -14.00 7.02 -11.92
N ASN A 134 -14.85 6.45 -12.77
CA ASN A 134 -16.31 6.62 -12.72
C ASN A 134 -16.99 5.81 -11.60
N THR A 135 -16.30 4.92 -10.86
CA THR A 135 -16.94 4.00 -9.91
C THR A 135 -17.49 4.74 -8.69
N THR A 136 -18.76 4.48 -8.36
CA THR A 136 -19.49 4.99 -7.19
C THR A 136 -20.08 3.89 -6.31
N HIS A 137 -20.22 2.65 -6.81
CA HIS A 137 -20.64 1.49 -6.01
C HIS A 137 -19.50 0.51 -5.74
N ILE A 138 -19.56 -0.17 -4.58
CA ILE A 138 -18.53 -1.10 -4.14
C ILE A 138 -18.46 -2.32 -5.09
N MET A 139 -17.23 -2.74 -5.40
CA MET A 139 -16.86 -3.97 -6.10
C MET A 139 -15.53 -4.54 -5.55
N ASP A 140 -15.22 -5.80 -5.86
CA ASP A 140 -13.83 -6.28 -5.86
C ASP A 140 -13.54 -7.01 -7.17
N SER A 141 -12.56 -6.50 -7.92
CA SER A 141 -12.19 -6.92 -9.28
C SER A 141 -10.67 -6.90 -9.43
N LYS A 142 -10.08 -8.01 -9.91
CA LYS A 142 -8.62 -8.17 -10.00
C LYS A 142 -7.98 -7.25 -11.05
N LYS A 143 -7.44 -6.13 -10.57
CA LYS A 143 -6.71 -5.08 -11.29
C LYS A 143 -5.61 -4.48 -10.42
N LEU A 144 -4.36 -4.74 -10.77
CA LEU A 144 -3.19 -4.11 -10.17
C LEU A 144 -2.49 -3.16 -11.12
N VAL A 145 -1.67 -2.32 -10.51
CA VAL A 145 -0.78 -1.36 -11.19
C VAL A 145 0.56 -1.27 -10.47
N GLU A 146 1.66 -1.36 -11.23
CA GLU A 146 3.05 -1.20 -10.77
C GLU A 146 3.39 0.29 -10.55
N LEU A 147 4.14 0.63 -9.50
CA LEU A 147 4.52 2.01 -9.21
C LEU A 147 5.90 2.17 -8.55
N ALA A 148 6.45 3.38 -8.61
CA ALA A 148 7.80 3.73 -8.18
C ALA A 148 7.83 4.40 -6.80
N ILE A 149 8.00 3.61 -5.75
CA ILE A 149 7.96 4.10 -4.36
C ILE A 149 9.22 4.85 -3.90
N HIS A 150 10.31 4.74 -4.65
CA HIS A 150 11.55 5.51 -4.45
C HIS A 150 11.46 6.91 -5.11
N GLU A 151 10.60 7.09 -6.11
CA GLU A 151 10.45 8.33 -6.89
C GLU A 151 9.17 9.11 -6.56
N LYS A 152 8.09 8.39 -6.23
CA LYS A 152 6.76 8.93 -5.86
C LYS A 152 6.36 8.49 -4.44
N CYS A 153 5.67 9.38 -3.72
CA CYS A 153 5.16 9.13 -2.38
C CYS A 153 3.70 8.64 -2.46
N ILE A 154 3.16 8.20 -1.33
CA ILE A 154 1.88 7.49 -1.31
C ILE A 154 0.70 8.39 -1.69
N GLY A 155 0.77 9.70 -1.41
CA GLY A 155 -0.30 10.63 -1.76
C GLY A 155 -0.49 10.76 -3.26
N GLU A 156 0.59 10.88 -4.04
CA GLU A 156 0.49 11.04 -5.49
C GLU A 156 0.19 9.72 -6.20
N LEU A 157 0.51 8.59 -5.56
CA LEU A 157 0.05 7.27 -6.01
C LEU A 157 -1.48 7.20 -5.87
N LEU A 158 -2.02 7.54 -4.70
CA LEU A 158 -3.45 7.33 -4.46
C LEU A 158 -4.30 8.41 -5.14
N LYS A 159 -3.71 9.54 -5.53
CA LYS A 159 -4.33 10.60 -6.35
C LYS A 159 -4.72 10.13 -7.76
N ASN A 160 -4.08 9.07 -8.22
CA ASN A 160 -4.40 8.36 -9.46
C ASN A 160 -5.11 6.99 -9.22
N THR A 161 -5.87 6.86 -8.12
CA THR A 161 -6.65 5.66 -7.81
C THR A 161 -8.10 5.93 -7.38
N THR A 162 -8.89 4.88 -7.55
CA THR A 162 -10.16 4.63 -6.88
C THR A 162 -10.00 3.33 -6.09
N VAL A 163 -10.46 3.32 -4.83
CA VAL A 163 -10.25 2.22 -3.86
C VAL A 163 -11.44 2.12 -2.90
N ILE A 164 -11.65 0.95 -2.32
CA ILE A 164 -12.74 0.69 -1.35
C ILE A 164 -12.17 0.82 0.07
N GLU A 165 -12.75 1.70 0.88
CA GLU A 165 -12.51 1.94 2.32
C GLU A 165 -11.07 2.35 2.70
N PHE A 166 -10.07 1.49 2.49
CA PHE A 166 -8.64 1.80 2.66
C PHE A 166 -7.75 1.02 1.66
N PRO A 167 -6.70 1.63 1.08
CA PRO A 167 -5.93 1.08 -0.03
C PRO A 167 -5.08 -0.18 0.29
N THR A 168 -4.73 -0.90 -0.77
CA THR A 168 -3.99 -2.18 -0.74
C THR A 168 -2.73 -2.14 -1.63
N ILE A 169 -1.61 -2.66 -1.12
CA ILE A 169 -0.31 -2.78 -1.78
C ILE A 169 0.13 -4.25 -1.85
N PHE A 170 0.57 -4.68 -3.02
CA PHE A 170 1.23 -5.97 -3.25
C PHE A 170 2.73 -5.76 -3.49
N VAL A 171 3.56 -6.61 -2.89
CA VAL A 171 5.03 -6.55 -2.93
C VAL A 171 5.58 -7.85 -3.52
N ALA A 172 6.29 -7.77 -4.66
CA ALA A 172 6.82 -8.96 -5.34
C ALA A 172 8.05 -8.66 -6.23
N MET A 173 8.91 -9.66 -6.43
CA MET A 173 10.08 -9.53 -7.34
C MET A 173 9.70 -9.55 -8.82
N THR A 174 8.64 -10.26 -9.19
CA THR A 174 8.10 -10.33 -10.56
C THR A 174 6.58 -10.49 -10.57
N GLU A 175 5.94 -10.22 -11.71
CA GLU A 175 4.54 -10.63 -11.95
C GLU A 175 4.34 -12.14 -11.82
N ALA A 176 5.40 -12.90 -12.08
CA ALA A 176 5.47 -14.35 -11.86
C ALA A 176 5.54 -14.76 -10.40
N ASP A 177 5.78 -13.84 -9.47
CA ASP A 177 5.67 -14.08 -8.03
C ASP A 177 4.34 -13.52 -7.47
N LEU A 178 3.62 -12.67 -8.21
CA LEU A 178 2.30 -12.17 -7.81
C LEU A 178 1.25 -13.30 -7.69
N PRO A 179 0.21 -13.12 -6.86
CA PRO A 179 -0.87 -14.08 -6.69
C PRO A 179 -1.65 -14.37 -7.98
N GLU A 180 -2.21 -15.57 -8.08
CA GLU A 180 -3.00 -15.97 -9.25
C GLU A 180 -4.34 -15.23 -9.33
N GLY A 181 -4.82 -15.02 -10.54
CA GLY A 181 -6.01 -14.23 -10.88
C GLY A 181 -5.79 -12.71 -10.89
N TYR A 182 -4.85 -12.18 -10.10
CA TYR A 182 -4.43 -10.78 -10.14
C TYR A 182 -3.63 -10.52 -11.42
N GLU A 183 -3.85 -9.36 -12.05
CA GLU A 183 -3.17 -8.93 -13.27
C GLU A 183 -2.78 -7.46 -13.20
N VAL A 184 -1.58 -7.14 -13.70
CA VAL A 184 -1.02 -5.78 -13.74
C VAL A 184 -1.37 -5.14 -15.08
N LEU A 185 -2.01 -3.97 -15.07
CA LEU A 185 -2.80 -3.51 -16.22
C LEU A 185 -1.98 -3.00 -17.42
N HIS A 186 -2.27 -3.59 -18.58
CA HIS A 186 -2.06 -2.99 -19.89
C HIS A 186 -3.11 -1.91 -20.19
N GLN A 187 -2.79 -1.03 -21.13
CA GLN A 187 -3.72 -0.08 -21.74
C GLN A 187 -4.79 -0.74 -22.62
N GLU A 188 -5.92 -0.07 -22.82
CA GLU A 188 -7.03 -0.48 -23.71
C GLU A 188 -6.84 0.03 -25.14
N GLY A 1 -36.13 2.19 20.09
CA GLY A 1 -34.72 2.58 19.92
C GLY A 1 -34.57 4.07 19.66
N PRO A 2 -33.52 4.71 20.22
CA PRO A 2 -33.20 6.12 19.98
C PRO A 2 -32.91 6.46 18.51
N HIS A 3 -33.14 7.72 18.13
CA HIS A 3 -33.10 8.27 16.77
C HIS A 3 -31.78 8.07 16.00
N MET A 4 -30.64 8.08 16.71
CA MET A 4 -29.31 8.03 16.09
C MET A 4 -28.97 6.63 15.54
N ARG A 5 -28.27 6.61 14.40
CA ARG A 5 -27.87 5.40 13.67
C ARG A 5 -26.47 5.54 13.06
N ASP A 6 -25.78 4.41 12.91
CA ASP A 6 -24.40 4.40 12.42
C ASP A 6 -24.29 4.89 10.97
N SER A 7 -23.13 5.46 10.61
CA SER A 7 -22.77 5.72 9.22
C SER A 7 -22.45 4.40 8.53
N THR A 8 -23.33 3.98 7.63
CA THR A 8 -23.33 2.65 6.98
C THR A 8 -23.78 2.72 5.53
N GLU A 9 -23.75 3.92 4.96
CA GLU A 9 -24.17 4.28 3.63
C GLU A 9 -23.12 3.83 2.59
N CYS A 10 -23.62 3.38 1.44
CA CYS A 10 -22.84 2.72 0.39
C CYS A 10 -22.42 3.72 -0.70
N GLN A 11 -21.80 4.81 -0.26
CA GLN A 11 -21.50 6.04 -1.02
C GLN A 11 -19.99 6.35 -1.00
N ARG A 12 -19.49 7.15 -1.97
CA ARG A 12 -18.08 7.56 -2.00
C ARG A 12 -17.84 8.97 -1.47
N ILE A 13 -16.66 9.15 -0.87
CA ILE A 13 -16.05 10.45 -0.59
C ILE A 13 -14.71 10.58 -1.31
N ILE A 14 -14.41 11.77 -1.82
CA ILE A 14 -13.08 12.13 -2.34
C ILE A 14 -12.32 12.91 -1.27
N ARG A 15 -11.04 12.55 -1.05
CA ARG A 15 -10.07 13.32 -0.25
C ARG A 15 -8.75 13.39 -1.02
N ARG A 16 -8.18 14.59 -1.22
CA ARG A 16 -6.90 14.85 -1.92
C ARG A 16 -6.78 14.16 -3.30
N GLY A 17 -7.89 14.07 -4.02
CA GLY A 17 -7.99 13.43 -5.35
C GLY A 17 -8.07 11.89 -5.33
N VAL A 18 -8.14 11.28 -4.14
CA VAL A 18 -8.31 9.83 -3.92
C VAL A 18 -9.80 9.53 -3.81
N ASN A 19 -10.36 8.68 -4.67
CA ASN A 19 -11.79 8.35 -4.59
C ASN A 19 -12.02 7.14 -3.66
N CYS A 20 -12.77 7.31 -2.56
CA CYS A 20 -12.89 6.30 -1.49
C CYS A 20 -14.34 5.84 -1.30
N LEU A 21 -14.66 4.60 -1.70
CA LEU A 21 -16.00 4.02 -1.52
C LEU A 21 -16.17 3.55 -0.07
N MET A 22 -17.25 3.96 0.59
CA MET A 22 -17.58 3.54 1.95
C MET A 22 -18.40 2.24 1.96
N LEU A 23 -18.03 1.32 2.84
CA LEU A 23 -18.72 0.05 3.07
C LEU A 23 -19.74 0.16 4.22
N PRO A 24 -20.67 -0.81 4.35
CA PRO A 24 -21.57 -0.87 5.50
C PRO A 24 -20.84 -1.28 6.79
N LYS A 25 -21.53 -1.11 7.92
CA LYS A 25 -20.97 -1.19 9.28
C LYS A 25 -20.38 -2.55 9.65
N GLY A 26 -20.89 -3.66 9.14
CA GLY A 26 -20.46 -5.01 9.54
C GLY A 26 -19.26 -5.56 8.79
N MET A 27 -18.78 -4.88 7.73
CA MET A 27 -17.51 -5.26 7.10
C MET A 27 -16.35 -5.04 8.08
N GLN A 28 -15.27 -5.82 7.95
CA GLN A 28 -14.05 -5.57 8.70
C GLN A 28 -13.24 -4.43 8.06
N ARG A 29 -13.26 -4.29 6.72
CA ARG A 29 -12.52 -3.22 6.03
C ARG A 29 -13.00 -1.82 6.41
N SER A 30 -14.28 -1.63 6.76
CA SER A 30 -14.81 -0.35 7.26
C SER A 30 -14.40 -0.06 8.71
N SER A 31 -14.36 -1.10 9.54
CA SER A 31 -13.96 -1.03 10.96
C SER A 31 -12.45 -0.81 11.14
N GLN A 32 -11.62 -1.52 10.38
CA GLN A 32 -10.16 -1.44 10.50
C GLN A 32 -9.55 -0.23 9.80
N ASN A 33 -10.29 0.41 8.88
CA ASN A 33 -9.86 1.63 8.22
C ASN A 33 -9.66 2.75 9.26
N ARG A 34 -8.41 3.23 9.40
CA ARG A 34 -8.06 4.51 10.01
C ARG A 34 -7.50 5.40 8.91
N SER A 35 -8.35 6.23 8.33
CA SER A 35 -7.97 7.32 7.43
C SER A 35 -8.77 8.58 7.76
N LYS A 36 -8.03 9.65 8.07
CA LYS A 36 -8.52 10.91 8.66
C LYS A 36 -7.54 12.04 8.36
N TRP A 37 -7.97 13.24 8.70
CA TRP A 37 -7.04 14.34 8.99
C TRP A 37 -6.47 14.21 10.41
N ASP A 38 -5.17 14.43 10.60
CA ASP A 38 -4.51 14.40 11.91
C ASP A 38 -3.93 15.78 12.27
N LYS A 39 -4.56 16.49 13.23
CA LYS A 39 -4.16 17.82 13.75
C LYS A 39 -2.70 17.84 14.20
N THR A 40 -2.29 16.72 14.78
CA THR A 40 -0.93 16.47 15.30
C THR A 40 0.17 16.60 14.23
N MET A 41 -0.19 16.41 12.95
CA MET A 41 0.69 16.58 11.78
C MET A 41 0.19 17.63 10.76
N ASP A 42 -1.07 18.07 10.87
CA ASP A 42 -1.72 19.03 9.94
C ASP A 42 -1.79 18.50 8.49
N LEU A 43 -2.04 17.19 8.34
CA LEU A 43 -2.08 16.44 7.07
C LEU A 43 -3.07 15.26 7.12
N PHE A 44 -3.40 14.67 5.97
CA PHE A 44 -4.17 13.42 5.89
C PHE A 44 -3.32 12.16 6.15
N VAL A 45 -3.90 11.17 6.84
CA VAL A 45 -3.32 9.83 7.04
C VAL A 45 -4.22 8.72 6.51
N TRP A 46 -3.60 7.57 6.23
CA TRP A 46 -4.21 6.37 5.65
C TRP A 46 -3.90 5.12 6.46
N SER A 47 -4.67 4.07 6.19
CA SER A 47 -4.28 2.68 6.44
C SER A 47 -3.92 2.01 5.12
N VAL A 48 -3.07 0.98 5.15
CA VAL A 48 -2.67 0.17 3.99
C VAL A 48 -2.67 -1.31 4.38
N GLU A 49 -3.20 -2.17 3.51
CA GLU A 49 -2.94 -3.61 3.57
C GLU A 49 -1.71 -3.94 2.73
N TRP A 50 -0.71 -4.60 3.31
CA TRP A 50 0.51 -5.06 2.63
C TRP A 50 0.47 -6.58 2.49
N ILE A 51 0.76 -7.09 1.28
CA ILE A 51 0.92 -8.51 1.00
C ILE A 51 2.33 -8.75 0.45
N LEU A 52 3.16 -9.48 1.19
CA LEU A 52 4.48 -9.95 0.75
C LEU A 52 4.39 -11.34 0.11
N CYS A 53 4.87 -11.46 -1.14
CA CYS A 53 4.71 -12.66 -1.95
C CYS A 53 6.02 -13.48 -1.96
N PRO A 54 6.06 -14.68 -1.34
CA PRO A 54 7.28 -15.45 -1.11
C PRO A 54 7.88 -16.09 -2.37
N MET A 55 9.13 -16.56 -2.25
CA MET A 55 9.78 -17.37 -3.29
C MET A 55 9.16 -18.77 -3.38
N GLN A 56 8.42 -19.00 -4.46
CA GLN A 56 7.90 -20.30 -4.89
C GLN A 56 8.88 -21.14 -5.72
N GLU A 57 8.58 -22.43 -5.82
CA GLU A 57 9.36 -23.41 -6.57
C GLU A 57 8.85 -23.53 -8.03
N LYS A 58 9.29 -24.59 -8.71
CA LYS A 58 8.88 -24.98 -10.08
C LYS A 58 7.51 -25.68 -10.16
N GLY A 59 6.94 -26.10 -9.02
CA GLY A 59 5.57 -26.63 -8.92
C GLY A 59 4.76 -25.98 -7.80
N GLU A 60 5.26 -26.02 -6.57
CA GLU A 60 4.54 -25.55 -5.38
C GLU A 60 4.55 -24.02 -5.26
N LYS A 61 3.34 -23.44 -5.31
CA LYS A 61 3.05 -22.04 -4.99
C LYS A 61 2.84 -21.91 -3.48
N LYS A 62 3.40 -20.87 -2.86
CA LYS A 62 3.45 -20.72 -1.39
C LYS A 62 2.39 -19.74 -0.87
N GLU A 63 2.20 -19.76 0.44
CA GLU A 63 1.26 -18.91 1.18
C GLU A 63 1.87 -17.55 1.56
N LEU A 64 1.08 -16.49 1.47
CA LEU A 64 1.53 -15.09 1.51
C LEU A 64 1.62 -14.57 2.95
N PHE A 65 2.53 -13.63 3.23
CA PHE A 65 2.46 -12.84 4.47
C PHE A 65 1.61 -11.58 4.24
N LYS A 66 0.58 -11.39 5.05
CA LYS A 66 -0.35 -10.25 5.02
C LYS A 66 -0.31 -9.48 6.34
N HIS A 67 -0.16 -8.15 6.28
CA HIS A 67 -0.23 -7.27 7.45
C HIS A 67 -0.77 -5.89 7.08
N VAL A 68 -1.64 -5.34 7.93
CA VAL A 68 -2.21 -3.99 7.77
C VAL A 68 -1.47 -2.98 8.67
N SER A 69 -1.05 -1.84 8.10
CA SER A 69 -0.37 -0.75 8.82
C SER A 69 -1.14 0.58 8.72
N HIS A 70 -1.08 1.41 9.77
CA HIS A 70 -1.99 2.52 9.99
C HIS A 70 -1.25 3.87 10.17
N ARG A 71 -2.00 4.97 10.16
CA ARG A 71 -1.51 6.36 10.39
C ARG A 71 -0.40 6.79 9.41
N ILE A 72 -0.50 6.37 8.15
CA ILE A 72 0.54 6.56 7.14
C ILE A 72 0.26 7.90 6.48
N LYS A 73 1.20 8.85 6.55
CA LYS A 73 0.98 10.25 6.13
C LYS A 73 0.85 10.33 4.61
N GLU A 74 0.02 11.22 4.09
CA GLU A 74 -0.07 11.49 2.65
C GLU A 74 1.26 11.97 2.02
N THR A 75 2.20 12.39 2.87
CA THR A 75 3.57 12.83 2.57
C THR A 75 4.57 11.68 2.66
N ASP A 76 4.22 10.56 3.29
CA ASP A 76 5.12 9.43 3.53
C ASP A 76 5.45 8.67 2.24
N PHE A 77 6.59 7.98 2.29
CA PHE A 77 6.95 6.98 1.28
C PHE A 77 6.62 5.59 1.81
N LEU A 78 6.32 4.66 0.90
CA LEU A 78 5.86 3.31 1.20
C LEU A 78 6.74 2.62 2.27
N VAL A 79 8.06 2.74 2.19
CA VAL A 79 8.94 2.08 3.19
C VAL A 79 8.84 2.68 4.60
N GLN A 80 8.33 3.91 4.71
CA GLN A 80 8.05 4.61 5.97
C GLN A 80 6.62 4.37 6.48
N GLY A 81 5.75 3.84 5.63
CA GLY A 81 4.38 3.41 5.98
C GLY A 81 4.25 1.91 6.26
N MET A 82 5.19 1.09 5.77
CA MET A 82 5.12 -0.37 5.89
C MET A 82 5.18 -0.87 7.32
N GLY A 83 5.90 -0.18 8.21
CA GLY A 83 6.20 -0.66 9.56
C GLY A 83 7.45 -1.55 9.59
N LYS A 84 8.23 -1.44 10.68
CA LYS A 84 9.45 -2.22 10.93
C LYS A 84 9.22 -3.73 10.79
N ASN A 85 8.07 -4.26 11.23
CA ASN A 85 7.74 -5.67 11.06
C ASN A 85 7.59 -6.09 9.58
N VAL A 86 6.89 -5.32 8.74
CA VAL A 86 6.73 -5.63 7.31
C VAL A 86 8.05 -5.47 6.57
N PHE A 87 8.82 -4.44 6.91
CA PHE A 87 10.19 -4.24 6.41
C PHE A 87 11.10 -5.44 6.72
N GLN A 88 11.12 -5.92 7.97
CA GLN A 88 11.97 -7.06 8.37
C GLN A 88 11.46 -8.38 7.80
N LYS A 89 10.16 -8.50 7.55
CA LYS A 89 9.59 -9.64 6.81
C LYS A 89 10.10 -9.70 5.37
N CYS A 90 10.36 -8.56 4.71
CA CYS A 90 11.06 -8.54 3.41
C CYS A 90 12.47 -9.14 3.55
N CYS A 91 13.20 -8.77 4.62
CA CYS A 91 14.58 -9.16 4.82
C CYS A 91 14.74 -10.66 5.11
N GLU A 92 13.73 -11.32 5.71
CA GLU A 92 13.73 -12.76 5.92
C GLU A 92 13.08 -13.58 4.79
N PHE A 93 12.17 -12.95 4.02
CA PHE A 93 11.47 -13.57 2.88
C PHE A 93 12.40 -13.74 1.69
N TYR A 94 13.26 -12.75 1.45
CA TYR A 94 14.14 -12.73 0.29
C TYR A 94 15.61 -12.69 0.71
N ARG A 95 15.87 -12.86 2.02
CA ARG A 95 17.23 -13.00 2.59
C ARG A 95 18.12 -11.78 2.30
N LEU A 96 17.55 -10.60 2.56
CA LEU A 96 18.16 -9.29 2.32
C LEU A 96 18.87 -8.72 3.56
N ALA A 97 19.86 -7.84 3.37
CA ALA A 97 20.58 -7.16 4.45
C ALA A 97 21.03 -5.73 4.06
N GLY A 98 21.25 -4.86 5.05
CA GLY A 98 21.80 -3.51 4.85
C GLY A 98 21.82 -2.63 6.11
N THR A 99 22.57 -1.54 6.07
CA THR A 99 22.83 -0.62 7.20
C THR A 99 22.98 0.85 6.75
N SER A 100 22.79 1.79 7.68
CA SER A 100 22.80 3.25 7.43
C SER A 100 24.20 3.78 7.08
N SER A 101 24.25 4.78 6.18
CA SER A 101 25.49 5.44 5.75
C SER A 101 25.28 6.94 5.47
N CYS A 102 26.38 7.70 5.43
CA CYS A 102 26.40 9.17 5.39
C CYS A 102 25.57 9.81 6.52
N ILE A 103 25.60 9.18 7.70
CA ILE A 103 24.78 9.47 8.89
C ILE A 103 25.01 10.89 9.43
N GLU A 104 26.24 11.40 9.33
CA GLU A 104 26.67 12.65 9.98
C GLU A 104 25.95 13.90 9.43
N GLY A 105 25.48 13.86 8.20
CA GLY A 105 24.71 14.93 7.56
C GLY A 105 23.22 14.98 7.94
N GLU A 106 22.70 13.87 8.43
CA GLU A 106 21.28 13.60 8.60
C GLU A 106 20.83 13.56 10.06
N ASP A 107 19.53 13.69 10.23
CA ASP A 107 18.77 13.81 11.48
C ASP A 107 17.47 12.96 11.44
N GLY A 108 17.49 11.84 10.69
CA GLY A 108 16.36 10.94 10.48
C GLY A 108 16.20 10.44 9.03
N SER A 109 16.93 10.98 8.04
CA SER A 109 16.84 10.52 6.65
C SER A 109 17.67 9.26 6.38
N GLU A 110 18.78 9.08 7.10
CA GLU A 110 19.69 7.94 6.93
C GLU A 110 19.03 6.59 7.21
N THR A 111 18.10 6.53 8.18
CA THR A 111 17.28 5.34 8.50
C THR A 111 16.08 5.17 7.55
N LYS A 112 15.44 6.27 7.10
CA LYS A 112 14.34 6.23 6.12
C LYS A 112 14.82 5.67 4.78
N GLU A 113 16.02 6.04 4.37
CA GLU A 113 16.66 5.49 3.17
C GLU A 113 17.27 4.09 3.40
N GLU A 114 17.77 3.77 4.62
CA GLU A 114 18.29 2.42 4.93
C GLU A 114 17.30 1.33 4.51
N ARG A 115 15.99 1.56 4.71
CA ARG A 115 14.89 0.65 4.33
C ARG A 115 14.74 0.56 2.81
N THR A 116 14.68 1.72 2.17
CA THR A 116 14.50 1.85 0.70
C THR A 116 15.66 1.23 -0.06
N GLN A 117 16.88 1.26 0.50
CA GLN A 117 18.06 0.68 -0.12
C GLN A 117 17.90 -0.84 -0.25
N ILE A 118 17.26 -1.50 0.72
CA ILE A 118 17.03 -2.96 0.75
C ILE A 118 16.08 -3.40 -0.37
N LEU A 119 15.11 -2.55 -0.71
CA LEU A 119 14.13 -2.84 -1.75
C LEU A 119 14.69 -2.59 -3.15
N GLN A 120 15.47 -1.52 -3.34
CA GLN A 120 16.11 -1.26 -4.65
C GLN A 120 17.32 -2.17 -4.92
N LYS A 121 18.03 -2.64 -3.89
CA LYS A 121 19.18 -3.56 -4.05
C LYS A 121 18.74 -5.00 -4.34
N SER A 122 17.57 -5.38 -3.83
CA SER A 122 16.95 -6.69 -4.07
C SER A 122 16.25 -6.73 -5.43
N GLY A 123 15.77 -5.58 -5.90
CA GLY A 123 15.03 -5.44 -7.14
C GLY A 123 13.53 -5.71 -6.96
N LEU A 124 13.03 -5.63 -5.72
CA LEU A 124 11.61 -5.82 -5.41
C LEU A 124 10.73 -4.76 -6.08
N LYS A 125 9.59 -5.22 -6.62
CA LYS A 125 8.58 -4.38 -7.26
C LYS A 125 7.32 -4.35 -6.40
N PHE A 126 6.70 -3.18 -6.37
CA PHE A 126 5.48 -2.90 -5.60
C PHE A 126 4.32 -2.56 -6.55
N TYR A 127 3.12 -2.96 -6.16
CA TYR A 127 1.90 -2.84 -6.94
C TYR A 127 0.74 -2.42 -6.04
N THR A 128 -0.27 -1.73 -6.57
CA THR A 128 -1.53 -1.44 -5.85
C THR A 128 -2.75 -1.88 -6.66
N LYS A 129 -3.90 -2.10 -6.00
CA LYS A 129 -5.18 -2.31 -6.67
C LYS A 129 -5.68 -1.01 -7.32
N THR A 130 -6.23 -1.11 -8.52
CA THR A 130 -6.89 0.02 -9.22
C THR A 130 -8.36 -0.30 -9.50
N PHE A 131 -9.17 0.76 -9.50
CA PHE A 131 -10.56 0.80 -9.96
C PHE A 131 -10.77 2.09 -10.79
N PRO A 132 -11.76 2.15 -11.70
CA PRO A 132 -11.94 3.29 -12.59
C PRO A 132 -12.20 4.61 -11.85
N TYR A 133 -11.72 5.72 -12.42
CA TYR A 133 -11.83 7.05 -11.81
C TYR A 133 -13.28 7.50 -11.56
N ASN A 134 -14.20 7.10 -12.43
CA ASN A 134 -15.62 7.46 -12.36
C ASN A 134 -16.41 6.63 -11.33
N THR A 135 -15.89 5.49 -10.84
CA THR A 135 -16.68 4.49 -10.10
C THR A 135 -17.21 4.99 -8.75
N THR A 136 -18.49 4.65 -8.50
CA THR A 136 -19.31 5.03 -7.34
C THR A 136 -19.98 3.81 -6.67
N HIS A 137 -20.22 2.72 -7.42
CA HIS A 137 -20.78 1.47 -6.88
C HIS A 137 -19.69 0.53 -6.37
N ILE A 138 -19.94 -0.16 -5.24
CA ILE A 138 -18.99 -1.09 -4.64
C ILE A 138 -18.93 -2.37 -5.49
N MET A 139 -17.72 -2.66 -5.97
CA MET A 139 -17.36 -3.84 -6.78
C MET A 139 -15.99 -4.39 -6.34
N ASP A 140 -15.64 -5.61 -6.75
CA ASP A 140 -14.30 -6.17 -6.57
C ASP A 140 -13.85 -6.94 -7.82
N SER A 141 -12.66 -6.61 -8.34
CA SER A 141 -12.11 -7.16 -9.59
C SER A 141 -10.57 -7.16 -9.54
N LYS A 142 -9.92 -8.25 -9.97
CA LYS A 142 -8.45 -8.37 -9.96
C LYS A 142 -7.80 -7.48 -11.03
N LYS A 143 -7.31 -6.32 -10.58
CA LYS A 143 -6.60 -5.30 -11.37
C LYS A 143 -5.52 -4.62 -10.52
N LEU A 144 -4.26 -4.87 -10.87
CA LEU A 144 -3.10 -4.22 -10.27
C LEU A 144 -2.40 -3.27 -11.23
N VAL A 145 -1.54 -2.44 -10.64
CA VAL A 145 -0.64 -1.48 -11.33
C VAL A 145 0.69 -1.38 -10.58
N GLU A 146 1.81 -1.43 -11.31
CA GLU A 146 3.18 -1.30 -10.79
C GLU A 146 3.56 0.16 -10.56
N LEU A 147 4.23 0.50 -9.46
CA LEU A 147 4.60 1.89 -9.11
C LEU A 147 6.00 2.03 -8.48
N ALA A 148 6.56 3.23 -8.56
CA ALA A 148 7.94 3.57 -8.16
C ALA A 148 8.03 4.18 -6.77
N ILE A 149 8.13 3.33 -5.76
CA ILE A 149 8.06 3.73 -4.34
C ILE A 149 9.26 4.56 -3.85
N HIS A 150 10.35 4.55 -4.63
CA HIS A 150 11.55 5.34 -4.38
C HIS A 150 11.43 6.78 -4.95
N GLU A 151 10.54 7.00 -5.92
CA GLU A 151 10.38 8.24 -6.69
C GLU A 151 9.05 8.95 -6.44
N LYS A 152 7.99 8.19 -6.13
CA LYS A 152 6.64 8.68 -5.81
C LYS A 152 6.21 8.36 -4.38
N CYS A 153 5.49 9.31 -3.78
CA CYS A 153 4.93 9.20 -2.43
C CYS A 153 3.52 8.63 -2.47
N ILE A 154 3.03 8.19 -1.32
CA ILE A 154 1.72 7.54 -1.23
C ILE A 154 0.58 8.49 -1.63
N GLY A 155 0.70 9.80 -1.39
CA GLY A 155 -0.35 10.77 -1.74
C GLY A 155 -0.57 10.89 -3.24
N GLU A 156 0.50 10.85 -4.04
CA GLU A 156 0.42 10.95 -5.50
C GLU A 156 0.08 9.62 -6.17
N LEU A 157 0.41 8.50 -5.53
CA LEU A 157 -0.07 7.18 -5.91
C LEU A 157 -1.60 7.15 -5.82
N LEU A 158 -2.16 7.51 -4.66
CA LEU A 158 -3.58 7.33 -4.41
C LEU A 158 -4.43 8.43 -5.04
N LYS A 159 -3.82 9.59 -5.39
CA LYS A 159 -4.44 10.67 -6.19
C LYS A 159 -4.86 10.21 -7.60
N ASN A 160 -4.26 9.11 -8.02
CA ASN A 160 -4.49 8.43 -9.29
C ASN A 160 -5.16 7.04 -9.08
N THR A 161 -5.98 6.90 -8.02
CA THR A 161 -6.79 5.70 -7.73
C THR A 161 -8.24 5.98 -7.37
N THR A 162 -9.05 4.94 -7.57
CA THR A 162 -10.30 4.69 -6.83
C THR A 162 -10.07 3.45 -5.96
N VAL A 163 -10.54 3.47 -4.71
CA VAL A 163 -10.37 2.39 -3.73
C VAL A 163 -11.61 2.24 -2.85
N ILE A 164 -11.80 1.06 -2.27
CA ILE A 164 -12.86 0.80 -1.28
C ILE A 164 -12.24 0.88 0.12
N GLU A 165 -12.77 1.75 1.00
CA GLU A 165 -12.30 2.07 2.35
C GLU A 165 -10.81 2.49 2.46
N PHE A 166 -9.87 1.56 2.29
CA PHE A 166 -8.43 1.79 2.41
C PHE A 166 -7.61 0.94 1.40
N PRO A 167 -6.54 1.50 0.80
CA PRO A 167 -5.77 0.88 -0.26
C PRO A 167 -5.02 -0.41 0.12
N THR A 168 -4.72 -1.20 -0.92
CA THR A 168 -4.03 -2.50 -0.83
C THR A 168 -2.74 -2.46 -1.68
N ILE A 169 -1.62 -2.93 -1.13
CA ILE A 169 -0.30 -3.00 -1.75
C ILE A 169 0.16 -4.47 -1.82
N PHE A 170 0.54 -4.92 -3.00
CA PHE A 170 1.19 -6.21 -3.23
C PHE A 170 2.68 -6.00 -3.50
N VAL A 171 3.53 -6.85 -2.90
CA VAL A 171 4.99 -6.78 -2.99
C VAL A 171 5.55 -8.09 -3.52
N ALA A 172 6.22 -8.06 -4.69
CA ALA A 172 6.78 -9.26 -5.33
C ALA A 172 7.95 -8.93 -6.27
N MET A 173 8.85 -9.89 -6.46
CA MET A 173 9.97 -9.77 -7.41
C MET A 173 9.53 -9.65 -8.88
N THR A 174 8.41 -10.29 -9.23
CA THR A 174 7.89 -10.47 -10.60
C THR A 174 6.39 -10.72 -10.60
N GLU A 175 5.77 -10.57 -11.77
CA GLU A 175 4.41 -11.09 -12.04
C GLU A 175 4.30 -12.61 -11.82
N ALA A 176 5.40 -13.31 -12.09
CA ALA A 176 5.52 -14.75 -11.88
C ALA A 176 5.43 -15.14 -10.41
N ASP A 177 5.80 -14.25 -9.48
CA ASP A 177 5.72 -14.47 -8.04
C ASP A 177 4.43 -13.86 -7.45
N LEU A 178 3.73 -12.95 -8.16
CA LEU A 178 2.41 -12.47 -7.74
C LEU A 178 1.38 -13.62 -7.64
N PRO A 179 0.33 -13.49 -6.79
CA PRO A 179 -0.77 -14.46 -6.65
C PRO A 179 -1.57 -14.67 -7.95
N GLU A 180 -2.21 -15.84 -8.08
CA GLU A 180 -3.02 -16.19 -9.25
C GLU A 180 -4.34 -15.40 -9.33
N GLY A 181 -4.80 -15.17 -10.55
CA GLY A 181 -5.96 -14.33 -10.87
C GLY A 181 -5.66 -12.82 -10.86
N TYR A 182 -4.71 -12.37 -10.03
CA TYR A 182 -4.19 -11.01 -10.04
C TYR A 182 -3.34 -10.77 -11.29
N GLU A 183 -3.53 -9.60 -11.91
CA GLU A 183 -2.80 -9.17 -13.09
C GLU A 183 -2.45 -7.69 -13.02
N VAL A 184 -1.34 -7.30 -13.63
CA VAL A 184 -0.91 -5.91 -13.76
C VAL A 184 -1.37 -5.33 -15.10
N LEU A 185 -1.75 -4.05 -15.10
CA LEU A 185 -2.14 -3.32 -16.30
C LEU A 185 -0.95 -2.57 -16.90
N HIS A 186 -0.73 -2.73 -18.21
CA HIS A 186 0.21 -1.93 -18.99
C HIS A 186 -0.55 -0.86 -19.79
N GLN A 187 -0.01 0.36 -19.87
CA GLN A 187 -0.57 1.42 -20.72
C GLN A 187 -0.11 1.28 -22.18
N GLU A 188 -0.99 1.67 -23.12
CA GLU A 188 -0.75 1.62 -24.56
C GLU A 188 -0.21 2.95 -25.13
N GLY A 1 -15.57 -0.05 26.48
CA GLY A 1 -15.71 -1.22 25.60
C GLY A 1 -15.51 -0.83 24.14
N PRO A 2 -15.45 -1.81 23.22
CA PRO A 2 -15.28 -1.55 21.79
C PRO A 2 -16.49 -0.87 21.13
N HIS A 3 -16.24 0.12 20.28
CA HIS A 3 -17.24 0.91 19.55
C HIS A 3 -16.91 1.08 18.06
N MET A 4 -17.92 1.50 17.28
CA MET A 4 -17.87 1.70 15.82
C MET A 4 -18.60 3.00 15.42
N ARG A 5 -18.23 3.60 14.27
CA ARG A 5 -18.87 4.81 13.73
C ARG A 5 -20.29 4.57 13.17
N ASP A 6 -21.03 5.63 12.88
CA ASP A 6 -22.46 5.55 12.52
C ASP A 6 -22.71 4.97 11.12
N SER A 7 -21.85 5.27 10.13
CA SER A 7 -21.81 4.69 8.77
C SER A 7 -23.19 4.45 8.13
N THR A 8 -23.80 5.52 7.66
CA THR A 8 -25.21 5.59 7.20
C THR A 8 -25.36 5.66 5.66
N GLU A 9 -24.30 5.31 4.94
CA GLU A 9 -24.14 5.59 3.51
C GLU A 9 -23.34 4.50 2.77
N CYS A 10 -23.49 4.43 1.44
CA CYS A 10 -22.84 3.45 0.55
C CYS A 10 -22.34 4.11 -0.76
N GLN A 11 -21.86 5.36 -0.67
CA GLN A 11 -21.50 6.23 -1.80
C GLN A 11 -20.16 6.95 -1.54
N ARG A 12 -19.46 7.36 -2.62
CA ARG A 12 -18.05 7.82 -2.54
C ARG A 12 -17.83 9.26 -2.08
N ILE A 13 -16.71 9.46 -1.39
CA ILE A 13 -16.13 10.78 -1.09
C ILE A 13 -14.73 10.91 -1.68
N ILE A 14 -14.37 12.10 -2.14
CA ILE A 14 -13.01 12.42 -2.61
C ILE A 14 -12.20 13.02 -1.45
N ARG A 15 -11.05 12.42 -1.15
CA ARG A 15 -10.14 12.82 -0.05
C ARG A 15 -8.76 13.14 -0.63
N ARG A 16 -8.35 14.40 -0.62
CA ARG A 16 -7.17 14.96 -1.33
C ARG A 16 -7.00 14.46 -2.78
N GLY A 17 -8.10 14.36 -3.52
CA GLY A 17 -8.12 13.84 -4.90
C GLY A 17 -8.14 12.30 -5.02
N VAL A 18 -8.08 11.55 -3.92
CA VAL A 18 -8.24 10.08 -3.90
C VAL A 18 -9.73 9.74 -3.88
N ASN A 19 -10.22 8.90 -4.77
CA ASN A 19 -11.65 8.58 -4.87
C ASN A 19 -11.98 7.40 -3.93
N CYS A 20 -12.67 7.65 -2.81
CA CYS A 20 -12.81 6.68 -1.71
C CYS A 20 -14.25 6.16 -1.55
N LEU A 21 -14.50 4.89 -1.83
CA LEU A 21 -15.84 4.29 -1.67
C LEU A 21 -16.09 3.94 -0.20
N MET A 22 -17.22 4.41 0.33
CA MET A 22 -17.64 4.20 1.72
C MET A 22 -18.53 2.96 1.85
N LEU A 23 -18.22 2.08 2.81
CA LEU A 23 -19.00 0.88 3.13
C LEU A 23 -19.96 1.11 4.33
N PRO A 24 -21.03 0.30 4.47
CA PRO A 24 -21.94 0.34 5.60
C PRO A 24 -21.31 -0.21 6.90
N LYS A 25 -22.02 -0.02 8.02
CA LYS A 25 -21.53 -0.30 9.38
C LYS A 25 -21.13 -1.75 9.69
N GLY A 26 -21.74 -2.75 9.04
CA GLY A 26 -21.40 -4.16 9.24
C GLY A 26 -20.07 -4.62 8.60
N MET A 27 -19.46 -3.80 7.74
CA MET A 27 -18.27 -4.19 6.98
C MET A 27 -16.95 -3.98 7.74
N GLN A 28 -16.29 -5.07 8.15
CA GLN A 28 -14.99 -5.02 8.84
C GLN A 28 -13.91 -4.26 8.06
N ARG A 29 -13.92 -4.27 6.72
CA ARG A 29 -13.04 -3.43 5.89
C ARG A 29 -13.13 -1.94 6.24
N SER A 30 -14.30 -1.48 6.65
CA SER A 30 -14.57 -0.11 7.12
C SER A 30 -14.18 0.08 8.59
N SER A 31 -14.40 -0.95 9.43
CA SER A 31 -14.01 -0.97 10.86
C SER A 31 -12.49 -0.95 11.09
N GLN A 32 -11.71 -1.53 10.20
CA GLN A 32 -10.23 -1.60 10.24
C GLN A 32 -9.52 -0.46 9.48
N ASN A 33 -10.28 0.34 8.72
CA ASN A 33 -9.78 1.55 8.06
C ASN A 33 -9.41 2.60 9.12
N ARG A 34 -8.11 2.82 9.35
CA ARG A 34 -7.61 3.88 10.26
C ARG A 34 -7.17 5.05 9.40
N SER A 35 -8.19 5.75 8.94
CA SER A 35 -8.09 6.95 8.11
C SER A 35 -8.95 8.08 8.66
N LYS A 36 -8.34 9.26 8.76
CA LYS A 36 -8.93 10.53 9.20
C LYS A 36 -7.99 11.66 8.80
N TRP A 37 -8.41 12.89 9.09
CA TRP A 37 -7.52 14.05 9.13
C TRP A 37 -6.86 14.15 10.51
N ASP A 38 -5.59 14.56 10.58
CA ASP A 38 -4.94 14.94 11.84
C ASP A 38 -4.55 16.42 11.87
N LYS A 39 -5.16 17.16 12.80
CA LYS A 39 -4.89 18.58 13.09
C LYS A 39 -3.44 18.81 13.48
N THR A 40 -2.87 17.81 14.15
CA THR A 40 -1.47 17.79 14.59
C THR A 40 -0.47 17.92 13.42
N MET A 41 -0.82 17.45 12.18
CA MET A 41 0.02 17.56 11.00
C MET A 41 -0.61 18.47 9.94
N ASP A 42 -1.92 18.77 10.02
CA ASP A 42 -2.71 19.46 8.97
C ASP A 42 -2.78 18.65 7.65
N LEU A 43 -2.90 17.31 7.75
CA LEU A 43 -2.97 16.39 6.59
C LEU A 43 -3.80 15.11 6.86
N PHE A 44 -4.09 14.35 5.80
CA PHE A 44 -4.75 13.03 5.86
C PHE A 44 -3.81 11.88 6.23
N VAL A 45 -4.30 10.95 7.05
CA VAL A 45 -3.68 9.64 7.29
C VAL A 45 -4.56 8.47 6.84
N TRP A 46 -3.94 7.31 6.63
CA TRP A 46 -4.57 6.08 6.17
C TRP A 46 -4.04 4.85 6.93
N SER A 47 -4.77 3.75 6.83
CA SER A 47 -4.19 2.41 6.90
C SER A 47 -3.95 1.83 5.50
N VAL A 48 -3.06 0.84 5.43
CA VAL A 48 -2.63 0.14 4.22
C VAL A 48 -2.56 -1.35 4.54
N GLU A 49 -3.10 -2.20 3.66
CA GLU A 49 -2.87 -3.65 3.72
C GLU A 49 -1.66 -3.98 2.84
N TRP A 50 -0.63 -4.58 3.43
CA TRP A 50 0.60 -5.00 2.74
C TRP A 50 0.57 -6.53 2.59
N ILE A 51 0.85 -7.03 1.39
CA ILE A 51 1.00 -8.47 1.12
C ILE A 51 2.41 -8.72 0.58
N LEU A 52 3.23 -9.46 1.34
CA LEU A 52 4.54 -9.95 0.91
C LEU A 52 4.41 -11.32 0.24
N CYS A 53 4.91 -11.41 -0.99
CA CYS A 53 4.69 -12.57 -1.86
C CYS A 53 6.05 -13.30 -2.04
N PRO A 54 6.23 -14.52 -1.50
CA PRO A 54 7.50 -15.25 -1.54
C PRO A 54 7.90 -15.72 -2.95
N MET A 55 9.17 -16.06 -3.11
CA MET A 55 9.73 -16.61 -4.35
C MET A 55 9.26 -18.04 -4.56
N GLN A 56 8.41 -18.24 -5.56
CA GLN A 56 8.14 -19.54 -6.16
C GLN A 56 9.11 -19.86 -7.32
N GLU A 57 9.18 -21.14 -7.66
CA GLU A 57 9.86 -21.65 -8.86
C GLU A 57 8.96 -21.48 -10.11
N LYS A 58 9.29 -22.16 -11.20
CA LYS A 58 8.49 -22.16 -12.44
C LYS A 58 7.13 -22.86 -12.31
N GLY A 59 6.95 -23.72 -11.30
CA GLY A 59 5.70 -24.45 -11.04
C GLY A 59 5.37 -24.71 -9.56
N GLU A 60 6.38 -24.82 -8.68
CA GLU A 60 6.17 -25.07 -7.24
C GLU A 60 5.91 -23.78 -6.45
N LYS A 61 4.65 -23.62 -6.03
CA LYS A 61 4.06 -22.40 -5.43
C LYS A 61 4.24 -22.32 -3.92
N LYS A 62 4.35 -21.09 -3.41
CA LYS A 62 4.57 -20.69 -2.00
C LYS A 62 3.43 -19.80 -1.47
N GLU A 63 3.48 -19.51 -0.16
CA GLU A 63 2.38 -18.98 0.66
C GLU A 63 2.62 -17.56 1.23
N LEU A 64 1.63 -16.67 1.06
CA LEU A 64 1.73 -15.21 1.30
C LEU A 64 1.73 -14.85 2.79
N PHE A 65 2.42 -13.75 3.14
CA PHE A 65 2.28 -13.05 4.42
C PHE A 65 1.50 -11.74 4.21
N LYS A 66 0.51 -11.45 5.06
CA LYS A 66 -0.27 -10.19 5.05
C LYS A 66 -0.17 -9.44 6.38
N HIS A 67 -0.10 -8.12 6.30
CA HIS A 67 -0.02 -7.23 7.47
C HIS A 67 -0.66 -5.86 7.17
N VAL A 68 -1.58 -5.39 8.02
CA VAL A 68 -2.14 -4.03 7.93
C VAL A 68 -1.36 -3.07 8.81
N SER A 69 -0.86 -1.97 8.24
CA SER A 69 -0.18 -0.88 8.96
C SER A 69 -1.01 0.41 8.90
N HIS A 70 -1.05 1.19 9.97
CA HIS A 70 -1.99 2.29 10.20
C HIS A 70 -1.28 3.62 10.48
N ARG A 71 -2.06 4.71 10.50
CA ARG A 71 -1.62 6.08 10.84
C ARG A 71 -0.50 6.59 9.94
N ILE A 72 -0.59 6.31 8.64
CA ILE A 72 0.42 6.65 7.61
C ILE A 72 0.01 7.94 6.93
N LYS A 73 0.89 8.95 6.87
CA LYS A 73 0.57 10.28 6.29
C LYS A 73 0.62 10.30 4.76
N GLU A 74 -0.24 11.11 4.13
CA GLU A 74 -0.29 11.31 2.66
C GLU A 74 1.00 11.87 2.05
N THR A 75 1.87 12.44 2.88
CA THR A 75 3.19 12.94 2.49
C THR A 75 4.28 11.88 2.61
N ASP A 76 4.03 10.75 3.29
CA ASP A 76 5.07 9.77 3.57
C ASP A 76 5.41 8.87 2.37
N PHE A 77 6.55 8.17 2.47
CA PHE A 77 6.96 7.14 1.53
C PHE A 77 6.55 5.76 2.06
N LEU A 78 6.24 4.83 1.16
CA LEU A 78 5.84 3.45 1.46
C LEU A 78 6.83 2.82 2.47
N VAL A 79 8.14 3.03 2.29
CA VAL A 79 9.18 2.48 3.17
C VAL A 79 9.08 2.92 4.64
N GLN A 80 8.45 4.07 4.89
CA GLN A 80 8.24 4.58 6.24
C GLN A 80 6.91 4.12 6.84
N GLY A 81 5.87 3.98 6.01
CA GLY A 81 4.53 3.56 6.47
C GLY A 81 4.36 2.04 6.64
N MET A 82 5.23 1.25 6.00
CA MET A 82 5.23 -0.21 6.07
C MET A 82 5.37 -0.74 7.49
N GLY A 83 6.10 -0.04 8.36
CA GLY A 83 6.43 -0.51 9.69
C GLY A 83 7.56 -1.56 9.71
N LYS A 84 8.30 -1.61 10.80
CA LYS A 84 9.49 -2.46 10.96
C LYS A 84 9.18 -3.95 10.81
N ASN A 85 8.00 -4.46 11.20
CA ASN A 85 7.63 -5.86 10.97
C ASN A 85 7.59 -6.23 9.47
N VAL A 86 7.01 -5.38 8.61
CA VAL A 86 6.94 -5.64 7.15
C VAL A 86 8.33 -5.49 6.52
N PHE A 87 9.10 -4.48 6.94
CA PHE A 87 10.50 -4.28 6.54
C PHE A 87 11.40 -5.48 6.92
N GLN A 88 11.24 -6.05 8.12
CA GLN A 88 12.04 -7.21 8.57
C GLN A 88 11.57 -8.49 7.88
N LYS A 89 10.28 -8.62 7.58
CA LYS A 89 9.73 -9.75 6.83
C LYS A 89 10.28 -9.85 5.41
N CYS A 90 10.59 -8.73 4.75
CA CYS A 90 11.34 -8.71 3.49
C CYS A 90 12.73 -9.39 3.65
N CYS A 91 13.41 -9.12 4.75
CA CYS A 91 14.77 -9.61 5.00
C CYS A 91 14.78 -11.13 5.24
N GLU A 92 13.72 -11.73 5.78
CA GLU A 92 13.61 -13.19 5.98
C GLU A 92 12.96 -13.94 4.81
N PHE A 93 12.07 -13.28 4.07
CA PHE A 93 11.35 -13.87 2.92
C PHE A 93 12.24 -13.98 1.69
N TYR A 94 13.11 -12.98 1.47
CA TYR A 94 13.98 -12.96 0.30
C TYR A 94 15.45 -13.02 0.73
N ARG A 95 15.74 -13.19 2.03
CA ARG A 95 17.13 -13.28 2.56
C ARG A 95 17.98 -12.08 2.15
N LEU A 96 17.45 -10.87 2.37
CA LEU A 96 18.10 -9.62 1.99
C LEU A 96 19.16 -9.13 2.98
N ALA A 97 20.14 -8.38 2.48
CA ALA A 97 21.23 -7.80 3.27
C ALA A 97 21.67 -6.45 2.70
N GLY A 98 22.03 -5.50 3.57
CA GLY A 98 22.52 -4.18 3.16
C GLY A 98 22.44 -3.12 4.27
N THR A 99 23.21 -2.04 4.07
CA THR A 99 23.44 -0.99 5.08
C THR A 99 22.93 0.39 4.65
N SER A 100 22.90 1.31 5.61
CA SER A 100 22.53 2.73 5.49
C SER A 100 23.54 3.56 4.68
N SER A 101 23.13 4.74 4.22
CA SER A 101 23.97 5.69 3.48
C SER A 101 23.48 7.14 3.62
N CYS A 102 24.26 8.11 3.11
CA CYS A 102 24.12 9.56 3.33
C CYS A 102 24.15 10.01 4.82
N ILE A 103 24.70 9.18 5.71
CA ILE A 103 24.80 9.43 7.15
C ILE A 103 25.56 10.74 7.42
N GLU A 104 26.57 11.04 6.61
CA GLU A 104 27.42 12.24 6.67
C GLU A 104 26.61 13.57 6.65
N GLY A 105 25.44 13.56 6.01
CA GLY A 105 24.54 14.72 5.86
C GLY A 105 23.19 14.64 6.59
N GLU A 106 22.70 13.43 6.86
CA GLU A 106 21.29 13.17 7.20
C GLU A 106 21.11 12.53 8.59
N ASP A 107 20.59 13.27 9.58
CA ASP A 107 20.19 12.76 10.90
C ASP A 107 18.72 12.28 10.96
N GLY A 108 18.25 11.63 9.89
CA GLY A 108 16.89 11.09 9.80
C GLY A 108 16.54 10.50 8.44
N SER A 109 17.18 10.96 7.36
CA SER A 109 17.00 10.41 6.01
C SER A 109 17.95 9.24 5.72
N GLU A 110 18.96 9.01 6.59
CA GLU A 110 19.86 7.84 6.58
C GLU A 110 19.11 6.50 6.64
N THR A 111 17.99 6.48 7.37
CA THR A 111 17.17 5.28 7.63
C THR A 111 16.05 5.13 6.60
N LYS A 112 15.42 6.23 6.16
CA LYS A 112 14.52 6.23 5.00
C LYS A 112 15.23 5.61 3.79
N GLU A 113 16.49 5.99 3.53
CA GLU A 113 17.23 5.38 2.44
C GLU A 113 17.78 4.00 2.75
N GLU A 114 18.13 3.68 4.00
CA GLU A 114 18.51 2.30 4.36
C GLU A 114 17.46 1.29 3.88
N ARG A 115 16.17 1.53 4.17
CA ARG A 115 15.06 0.64 3.79
C ARG A 115 14.85 0.61 2.28
N THR A 116 14.93 1.79 1.67
CA THR A 116 14.88 1.96 0.21
C THR A 116 16.00 1.20 -0.47
N GLN A 117 17.19 1.11 0.13
CA GLN A 117 18.35 0.48 -0.49
C GLN A 117 18.17 -1.03 -0.59
N ILE A 118 17.60 -1.65 0.45
CA ILE A 118 17.36 -3.12 0.53
C ILE A 118 16.36 -3.58 -0.55
N LEU A 119 15.41 -2.71 -0.84
CA LEU A 119 14.33 -2.95 -1.80
C LEU A 119 14.80 -2.75 -3.25
N GLN A 120 15.59 -1.72 -3.51
CA GLN A 120 16.17 -1.53 -4.86
C GLN A 120 17.30 -2.53 -5.17
N LYS A 121 18.09 -2.95 -4.17
CA LYS A 121 19.18 -3.94 -4.35
C LYS A 121 18.68 -5.38 -4.41
N SER A 122 17.51 -5.65 -3.85
CA SER A 122 16.79 -6.91 -4.04
C SER A 122 16.01 -6.92 -5.36
N GLY A 123 15.64 -5.74 -5.86
CA GLY A 123 14.84 -5.58 -7.07
C GLY A 123 13.34 -5.77 -6.82
N LEU A 124 12.90 -5.67 -5.55
CA LEU A 124 11.49 -5.78 -5.18
C LEU A 124 10.65 -4.66 -5.80
N LYS A 125 9.50 -5.06 -6.34
CA LYS A 125 8.51 -4.21 -7.00
C LYS A 125 7.24 -4.15 -6.17
N PHE A 126 6.60 -2.99 -6.21
CA PHE A 126 5.42 -2.67 -5.43
C PHE A 126 4.25 -2.35 -6.36
N TYR A 127 3.08 -2.89 -6.04
CA TYR A 127 1.87 -2.82 -6.86
C TYR A 127 0.65 -2.46 -6.01
N THR A 128 -0.38 -1.84 -6.59
CA THR A 128 -1.63 -1.51 -5.88
C THR A 128 -2.87 -1.83 -6.72
N LYS A 129 -4.03 -2.02 -6.08
CA LYS A 129 -5.33 -2.20 -6.77
C LYS A 129 -5.78 -0.91 -7.46
N THR A 130 -6.28 -1.00 -8.69
CA THR A 130 -6.86 0.12 -9.46
C THR A 130 -8.30 -0.19 -9.89
N PHE A 131 -9.12 0.85 -10.02
CA PHE A 131 -10.49 0.79 -10.53
C PHE A 131 -10.81 1.98 -11.48
N PRO A 132 -11.70 1.82 -12.47
CA PRO A 132 -12.26 2.94 -13.24
C PRO A 132 -13.21 3.77 -12.36
N TYR A 133 -13.02 5.08 -12.25
CA TYR A 133 -13.85 5.94 -11.40
C TYR A 133 -15.32 6.02 -11.87
N ASN A 134 -15.58 5.85 -13.17
CA ASN A 134 -16.92 5.82 -13.77
C ASN A 134 -17.86 4.77 -13.11
N THR A 135 -17.27 3.75 -12.49
CA THR A 135 -17.92 2.74 -11.65
C THR A 135 -18.72 3.34 -10.48
N THR A 136 -18.19 4.37 -9.81
CA THR A 136 -18.71 5.12 -8.64
C THR A 136 -19.23 4.35 -7.40
N HIS A 137 -19.52 3.06 -7.49
CA HIS A 137 -20.12 2.22 -6.45
C HIS A 137 -19.31 0.93 -6.22
N ILE A 138 -19.61 0.19 -5.15
CA ILE A 138 -18.75 -0.88 -4.64
C ILE A 138 -18.85 -2.15 -5.50
N MET A 139 -17.69 -2.60 -5.99
CA MET A 139 -17.42 -3.78 -6.82
C MET A 139 -16.02 -4.33 -6.47
N ASP A 140 -15.64 -5.53 -6.95
CA ASP A 140 -14.25 -6.02 -6.87
C ASP A 140 -13.82 -6.78 -8.15
N SER A 141 -12.61 -6.48 -8.63
CA SER A 141 -12.02 -6.99 -9.88
C SER A 141 -10.51 -6.98 -9.78
N LYS A 142 -9.85 -8.09 -10.12
CA LYS A 142 -8.39 -8.26 -9.97
C LYS A 142 -7.65 -7.47 -11.06
N LYS A 143 -7.19 -6.27 -10.71
CA LYS A 143 -6.40 -5.30 -11.49
C LYS A 143 -5.39 -4.56 -10.61
N LEU A 144 -4.12 -4.84 -10.85
CA LEU A 144 -2.96 -4.22 -10.21
C LEU A 144 -2.21 -3.28 -11.16
N VAL A 145 -1.45 -2.36 -10.57
CA VAL A 145 -0.53 -1.44 -11.27
C VAL A 145 0.75 -1.22 -10.47
N GLU A 146 1.88 -1.13 -11.16
CA GLU A 146 3.23 -0.92 -10.59
C GLU A 146 3.49 0.56 -10.27
N LEU A 147 4.16 0.86 -9.15
CA LEU A 147 4.52 2.23 -8.78
C LEU A 147 5.94 2.38 -8.20
N ALA A 148 6.50 3.57 -8.34
CA ALA A 148 7.88 3.91 -7.96
C ALA A 148 7.99 4.46 -6.55
N ILE A 149 8.11 3.56 -5.58
CA ILE A 149 8.16 3.94 -4.15
C ILE A 149 9.44 4.70 -3.76
N HIS A 150 10.48 4.66 -4.60
CA HIS A 150 11.70 5.42 -4.37
C HIS A 150 11.62 6.86 -4.91
N GLU A 151 10.67 7.14 -5.82
CA GLU A 151 10.49 8.47 -6.43
C GLU A 151 9.19 9.18 -6.01
N LYS A 152 8.13 8.42 -5.70
CA LYS A 152 6.78 8.93 -5.36
C LYS A 152 6.37 8.66 -3.90
N CYS A 153 5.59 9.58 -3.33
CA CYS A 153 4.99 9.46 -2.00
C CYS A 153 3.59 8.88 -2.09
N ILE A 154 3.08 8.32 -1.00
CA ILE A 154 1.83 7.56 -0.99
C ILE A 154 0.61 8.40 -1.42
N GLY A 155 0.62 9.71 -1.16
CA GLY A 155 -0.51 10.59 -1.50
C GLY A 155 -0.65 10.75 -3.00
N GLU A 156 0.47 10.91 -3.72
CA GLU A 156 0.48 11.02 -5.18
C GLU A 156 0.29 9.68 -5.88
N LEU A 157 0.59 8.55 -5.23
CA LEU A 157 0.17 7.24 -5.71
C LEU A 157 -1.36 7.16 -5.71
N LEU A 158 -2.01 7.55 -4.60
CA LEU A 158 -3.46 7.38 -4.47
C LEU A 158 -4.24 8.49 -5.19
N LYS A 159 -3.60 9.59 -5.58
CA LYS A 159 -4.22 10.82 -6.11
C LYS A 159 -4.93 10.65 -7.46
N ASN A 160 -4.47 9.65 -8.19
CA ASN A 160 -5.12 9.21 -9.44
C ASN A 160 -5.67 7.77 -9.38
N THR A 161 -6.15 7.37 -8.20
CA THR A 161 -6.82 6.08 -7.95
C THR A 161 -8.21 6.15 -7.34
N THR A 162 -8.94 5.05 -7.55
CA THR A 162 -10.23 4.71 -6.95
C THR A 162 -10.05 3.48 -6.06
N VAL A 163 -10.47 3.58 -4.80
CA VAL A 163 -10.25 2.56 -3.77
C VAL A 163 -11.47 2.41 -2.85
N ILE A 164 -11.69 1.22 -2.30
CA ILE A 164 -12.76 0.95 -1.33
C ILE A 164 -12.20 0.99 0.09
N GLU A 165 -12.72 1.90 0.94
CA GLU A 165 -12.24 2.19 2.30
C GLU A 165 -10.73 2.50 2.42
N PHE A 166 -9.87 1.48 2.38
CA PHE A 166 -8.42 1.64 2.56
C PHE A 166 -7.59 0.81 1.55
N PRO A 167 -6.50 1.39 0.99
CA PRO A 167 -5.75 0.83 -0.13
C PRO A 167 -4.93 -0.42 0.19
N THR A 168 -4.56 -1.15 -0.87
CA THR A 168 -3.87 -2.45 -0.79
C THR A 168 -2.56 -2.39 -1.58
N ILE A 169 -1.46 -2.87 -1.01
CA ILE A 169 -0.14 -2.93 -1.62
C ILE A 169 0.33 -4.39 -1.69
N PHE A 170 0.62 -4.87 -2.89
CA PHE A 170 1.24 -6.18 -3.14
C PHE A 170 2.73 -6.00 -3.45
N VAL A 171 3.57 -6.81 -2.79
CA VAL A 171 5.03 -6.72 -2.84
C VAL A 171 5.64 -8.03 -3.36
N ALA A 172 6.36 -7.97 -4.49
CA ALA A 172 6.98 -9.16 -5.11
C ALA A 172 8.22 -8.81 -5.94
N MET A 173 9.12 -9.77 -6.18
CA MET A 173 10.30 -9.58 -7.06
C MET A 173 9.93 -9.46 -8.55
N THR A 174 8.85 -10.13 -8.93
CA THR A 174 8.26 -10.12 -10.28
C THR A 174 6.76 -10.35 -10.22
N GLU A 175 6.10 -10.09 -11.35
CA GLU A 175 4.72 -10.49 -11.65
C GLU A 175 4.51 -12.01 -11.51
N ALA A 176 5.55 -12.76 -11.86
CA ALA A 176 5.64 -14.21 -11.69
C ALA A 176 5.68 -14.65 -10.21
N ASP A 177 5.94 -13.77 -9.23
CA ASP A 177 5.81 -14.09 -7.82
C ASP A 177 4.53 -13.49 -7.21
N LEU A 178 3.77 -12.65 -7.94
CA LEU A 178 2.47 -12.14 -7.48
C LEU A 178 1.42 -13.27 -7.30
N PRO A 179 0.40 -13.05 -6.43
CA PRO A 179 -0.67 -14.03 -6.17
C PRO A 179 -1.52 -14.38 -7.40
N GLU A 180 -2.17 -15.55 -7.36
CA GLU A 180 -2.97 -16.09 -8.47
C GLU A 180 -4.30 -15.33 -8.65
N GLY A 181 -4.73 -15.17 -9.90
CA GLY A 181 -5.89 -14.36 -10.30
C GLY A 181 -5.58 -12.87 -10.51
N TYR A 182 -4.60 -12.33 -9.78
CA TYR A 182 -4.15 -10.93 -9.92
C TYR A 182 -3.31 -10.73 -11.19
N GLU A 183 -3.59 -9.63 -11.90
CA GLU A 183 -2.89 -9.22 -13.12
C GLU A 183 -2.46 -7.76 -13.04
N VAL A 184 -1.27 -7.45 -13.56
CA VAL A 184 -0.71 -6.10 -13.64
C VAL A 184 -1.01 -5.48 -15.01
N LEU A 185 -1.48 -4.23 -15.00
CA LEU A 185 -1.72 -3.42 -16.20
C LEU A 185 -0.49 -2.58 -16.56
N HIS A 186 -0.17 -2.47 -17.84
CA HIS A 186 1.03 -1.81 -18.37
C HIS A 186 0.74 -0.39 -18.90
N GLN A 187 1.79 0.43 -19.02
CA GLN A 187 1.71 1.85 -19.41
C GLN A 187 1.44 2.08 -20.90
N GLU A 188 1.13 3.34 -21.26
CA GLU A 188 0.82 3.79 -22.64
C GLU A 188 2.00 4.48 -23.34
N GLY A 1 -14.68 19.09 12.03
CA GLY A 1 -15.34 17.78 12.07
C GLY A 1 -14.77 16.82 11.02
N PRO A 2 -15.28 15.58 10.97
CA PRO A 2 -14.82 14.54 10.03
C PRO A 2 -15.06 14.83 8.54
N HIS A 3 -16.06 15.65 8.20
CA HIS A 3 -16.61 15.78 6.85
C HIS A 3 -17.04 14.42 6.25
N MET A 4 -17.76 13.60 7.02
CA MET A 4 -18.22 12.26 6.63
C MET A 4 -19.66 11.99 7.09
N ARG A 5 -20.50 11.42 6.21
CA ARG A 5 -21.82 10.90 6.59
C ARG A 5 -21.73 9.48 7.16
N ASP A 6 -22.73 9.09 7.95
CA ASP A 6 -22.73 7.84 8.71
C ASP A 6 -22.81 6.58 7.82
N SER A 7 -22.18 5.50 8.27
CA SER A 7 -21.98 4.22 7.57
C SER A 7 -23.23 3.31 7.49
N THR A 8 -24.41 3.94 7.50
CA THR A 8 -25.72 3.37 7.11
C THR A 8 -26.01 3.65 5.60
N GLU A 9 -24.95 3.86 4.83
CA GLU A 9 -24.94 4.25 3.42
C GLU A 9 -23.55 3.94 2.81
N CYS A 10 -23.49 3.74 1.50
CA CYS A 10 -22.27 3.33 0.78
C CYS A 10 -22.10 4.09 -0.56
N GLN A 11 -21.34 5.20 -0.52
CA GLN A 11 -21.11 6.14 -1.62
C GLN A 11 -19.61 6.36 -1.88
N ARG A 12 -19.22 6.96 -3.02
CA ARG A 12 -17.83 7.41 -3.21
C ARG A 12 -17.59 8.80 -2.61
N ILE A 13 -16.51 8.94 -1.85
CA ILE A 13 -16.06 10.20 -1.23
C ILE A 13 -14.62 10.50 -1.65
N ILE A 14 -14.28 11.77 -1.77
CA ILE A 14 -12.96 12.22 -2.22
C ILE A 14 -12.11 12.71 -1.05
N ARG A 15 -10.85 12.32 -1.02
CA ARG A 15 -9.82 12.81 -0.08
C ARG A 15 -8.54 13.12 -0.85
N ARG A 16 -8.11 14.39 -0.87
CA ARG A 16 -6.96 14.90 -1.64
C ARG A 16 -6.87 14.37 -3.09
N GLY A 17 -8.01 14.37 -3.79
CA GLY A 17 -8.15 13.89 -5.18
C GLY A 17 -8.22 12.36 -5.35
N VAL A 18 -8.07 11.57 -4.28
CA VAL A 18 -8.25 10.10 -4.30
C VAL A 18 -9.74 9.77 -4.19
N ASN A 19 -10.30 8.94 -5.08
CA ASN A 19 -11.70 8.53 -4.98
C ASN A 19 -11.79 7.28 -4.10
N CYS A 20 -12.64 7.30 -3.06
CA CYS A 20 -12.70 6.24 -2.05
C CYS A 20 -14.13 5.69 -1.92
N LEU A 21 -14.35 4.43 -2.32
CA LEU A 21 -15.69 3.81 -2.26
C LEU A 21 -15.94 3.33 -0.83
N MET A 22 -16.93 3.92 -0.17
CA MET A 22 -17.21 3.70 1.25
C MET A 22 -18.02 2.41 1.47
N LEU A 23 -17.48 1.51 2.30
CA LEU A 23 -18.12 0.25 2.65
C LEU A 23 -18.99 0.42 3.90
N PRO A 24 -20.19 -0.20 3.94
CA PRO A 24 -21.14 -0.08 5.04
C PRO A 24 -20.58 -0.70 6.33
N LYS A 25 -21.05 -0.21 7.49
CA LYS A 25 -20.39 -0.37 8.81
C LYS A 25 -19.98 -1.80 9.18
N GLY A 26 -20.77 -2.82 8.85
CA GLY A 26 -20.53 -4.20 9.26
C GLY A 26 -19.50 -4.94 8.39
N MET A 27 -19.06 -4.36 7.28
CA MET A 27 -17.93 -4.90 6.50
C MET A 27 -16.65 -4.89 7.35
N GLN A 28 -15.92 -6.00 7.43
CA GLN A 28 -14.61 -6.06 8.10
C GLN A 28 -13.66 -4.99 7.55
N ARG A 29 -13.63 -4.74 6.22
CA ARG A 29 -12.81 -3.67 5.61
C ARG A 29 -13.13 -2.28 6.19
N SER A 30 -14.40 -2.01 6.52
CA SER A 30 -14.85 -0.74 7.11
C SER A 30 -14.60 -0.69 8.63
N SER A 31 -14.69 -1.86 9.28
CA SER A 31 -14.47 -2.09 10.71
C SER A 31 -12.99 -1.96 11.12
N GLN A 32 -12.09 -2.46 10.26
CA GLN A 32 -10.63 -2.49 10.48
C GLN A 32 -9.89 -1.24 9.98
N ASN A 33 -10.55 -0.39 9.18
CA ASN A 33 -9.99 0.86 8.69
C ASN A 33 -9.99 1.92 9.79
N ARG A 34 -8.84 2.57 9.99
CA ARG A 34 -8.74 3.90 10.60
C ARG A 34 -8.09 4.87 9.61
N SER A 35 -8.89 5.79 9.06
CA SER A 35 -8.42 6.97 8.32
C SER A 35 -9.12 8.24 8.83
N LYS A 36 -8.37 9.35 8.97
CA LYS A 36 -8.83 10.65 9.50
C LYS A 36 -7.79 11.74 9.22
N TRP A 37 -8.15 12.99 9.51
CA TRP A 37 -7.22 14.12 9.55
C TRP A 37 -6.57 14.28 10.94
N ASP A 38 -5.28 14.64 10.99
CA ASP A 38 -4.53 14.96 12.21
C ASP A 38 -4.00 16.40 12.15
N LYS A 39 -4.64 17.31 12.92
CA LYS A 39 -4.33 18.76 13.05
C LYS A 39 -2.87 19.03 13.35
N THR A 40 -2.32 18.18 14.21
CA THR A 40 -0.92 18.19 14.65
C THR A 40 0.08 18.07 13.50
N MET A 41 -0.29 17.40 12.40
CA MET A 41 0.53 17.25 11.19
C MET A 41 -0.04 18.08 10.01
N ASP A 42 -1.30 18.51 10.12
CA ASP A 42 -2.07 19.26 9.12
C ASP A 42 -2.23 18.47 7.80
N LEU A 43 -2.52 17.17 7.94
CA LEU A 43 -2.66 16.20 6.84
C LEU A 43 -3.62 15.02 7.16
N PHE A 44 -3.98 14.28 6.11
CA PHE A 44 -4.69 13.00 6.22
C PHE A 44 -3.76 11.81 6.52
N VAL A 45 -4.23 10.91 7.38
CA VAL A 45 -3.63 9.58 7.59
C VAL A 45 -4.55 8.43 7.18
N TRP A 46 -3.93 7.32 6.79
CA TRP A 46 -4.58 6.11 6.31
C TRP A 46 -4.20 4.89 7.13
N SER A 47 -5.03 3.87 7.05
CA SER A 47 -4.61 2.47 7.18
C SER A 47 -4.21 1.94 5.80
N VAL A 48 -3.28 0.99 5.74
CA VAL A 48 -2.81 0.34 4.50
C VAL A 48 -2.68 -1.16 4.74
N GLU A 49 -3.16 -1.95 3.79
CA GLU A 49 -2.98 -3.41 3.78
C GLU A 49 -1.70 -3.74 2.98
N TRP A 50 -0.71 -4.38 3.61
CA TRP A 50 0.52 -4.86 2.95
C TRP A 50 0.48 -6.38 2.82
N ILE A 51 0.85 -6.89 1.64
CA ILE A 51 1.04 -8.33 1.38
C ILE A 51 2.47 -8.55 0.88
N LEU A 52 3.24 -9.35 1.62
CA LEU A 52 4.53 -9.89 1.18
C LEU A 52 4.35 -11.26 0.53
N CYS A 53 4.78 -11.41 -0.73
CA CYS A 53 4.74 -12.67 -1.45
C CYS A 53 6.15 -13.26 -1.63
N PRO A 54 6.45 -14.44 -1.04
CA PRO A 54 7.76 -15.08 -1.16
C PRO A 54 8.10 -15.50 -2.59
N MET A 55 9.37 -15.84 -2.83
CA MET A 55 9.84 -16.22 -4.17
C MET A 55 9.30 -17.58 -4.60
N GLN A 56 8.34 -17.55 -5.52
CA GLN A 56 7.83 -18.71 -6.24
C GLN A 56 8.60 -19.03 -7.53
N GLU A 57 8.40 -20.27 -7.95
CA GLU A 57 9.30 -21.02 -8.83
C GLU A 57 8.74 -21.14 -10.27
N LYS A 58 9.31 -22.07 -11.05
CA LYS A 58 8.87 -22.42 -12.41
C LYS A 58 7.46 -23.04 -12.47
N GLY A 59 6.95 -23.54 -11.34
CA GLY A 59 5.54 -23.90 -11.16
C GLY A 59 5.04 -23.84 -9.71
N GLU A 60 5.88 -24.15 -8.72
CA GLU A 60 5.53 -24.14 -7.29
C GLU A 60 5.33 -22.72 -6.74
N LYS A 61 4.08 -22.37 -6.41
CA LYS A 61 3.71 -21.18 -5.65
C LYS A 61 3.94 -21.36 -4.16
N LYS A 62 4.26 -20.27 -3.45
CA LYS A 62 4.54 -20.20 -2.01
C LYS A 62 3.59 -19.22 -1.30
N GLU A 63 3.51 -19.27 0.02
CA GLU A 63 2.41 -18.69 0.81
C GLU A 63 2.69 -17.30 1.42
N LEU A 64 1.66 -16.44 1.40
CA LEU A 64 1.74 -15.01 1.71
C LEU A 64 1.79 -14.68 3.22
N PHE A 65 2.49 -13.60 3.57
CA PHE A 65 2.34 -12.88 4.83
C PHE A 65 1.56 -11.57 4.61
N LYS A 66 0.56 -11.30 5.45
CA LYS A 66 -0.26 -10.07 5.42
C LYS A 66 -0.13 -9.27 6.72
N HIS A 67 -0.04 -7.95 6.59
CA HIS A 67 0.01 -7.01 7.72
C HIS A 67 -0.71 -5.70 7.37
N VAL A 68 -1.70 -5.29 8.16
CA VAL A 68 -2.31 -3.96 8.07
C VAL A 68 -1.56 -2.98 8.98
N SER A 69 -1.13 -1.85 8.43
CA SER A 69 -0.36 -0.80 9.12
C SER A 69 -1.13 0.52 9.16
N HIS A 70 -0.96 1.26 10.25
CA HIS A 70 -1.83 2.36 10.66
C HIS A 70 -1.12 3.73 10.69
N ARG A 71 -1.90 4.82 10.76
CA ARG A 71 -1.44 6.22 10.93
C ARG A 71 -0.40 6.65 9.89
N ILE A 72 -0.60 6.25 8.64
CA ILE A 72 0.35 6.49 7.54
C ILE A 72 0.02 7.82 6.87
N LYS A 73 0.97 8.76 6.81
CA LYS A 73 0.75 10.13 6.32
C LYS A 73 0.64 10.15 4.80
N GLU A 74 -0.30 10.92 4.25
CA GLU A 74 -0.42 11.13 2.79
C GLU A 74 0.83 11.75 2.15
N THR A 75 1.69 12.38 2.94
CA THR A 75 2.97 13.00 2.51
C THR A 75 4.15 12.03 2.59
N ASP A 76 3.99 10.89 3.26
CA ASP A 76 5.08 9.93 3.49
C ASP A 76 5.24 8.94 2.32
N PHE A 77 6.31 8.16 2.38
CA PHE A 77 6.68 7.16 1.39
C PHE A 77 6.40 5.76 1.95
N LEU A 78 6.21 4.79 1.06
CA LEU A 78 5.87 3.41 1.37
C LEU A 78 6.79 2.81 2.45
N VAL A 79 8.11 3.01 2.35
CA VAL A 79 9.03 2.51 3.39
C VAL A 79 8.77 3.06 4.80
N GLN A 80 8.17 4.24 4.91
CA GLN A 80 7.83 4.92 6.16
C GLN A 80 6.47 4.53 6.74
N GLY A 81 5.58 4.00 5.88
CA GLY A 81 4.28 3.44 6.28
C GLY A 81 4.28 1.92 6.51
N MET A 82 5.26 1.20 5.94
CA MET A 82 5.33 -0.26 5.96
C MET A 82 5.47 -0.84 7.35
N GLY A 83 6.13 -0.13 8.24
CA GLY A 83 6.39 -0.61 9.59
C GLY A 83 7.65 -1.47 9.71
N LYS A 84 8.34 -1.35 10.86
CA LYS A 84 9.56 -2.12 11.17
C LYS A 84 9.36 -3.64 11.04
N ASN A 85 8.15 -4.14 11.31
CA ASN A 85 7.84 -5.57 11.20
C ASN A 85 7.82 -6.03 9.74
N VAL A 86 7.23 -5.25 8.81
CA VAL A 86 7.15 -5.61 7.37
C VAL A 86 8.55 -5.51 6.74
N PHE A 87 9.34 -4.52 7.18
CA PHE A 87 10.76 -4.40 6.87
C PHE A 87 11.59 -5.61 7.34
N GLN A 88 11.38 -6.12 8.55
CA GLN A 88 12.11 -7.30 9.05
C GLN A 88 11.61 -8.61 8.43
N LYS A 89 10.33 -8.70 8.06
CA LYS A 89 9.75 -9.86 7.37
C LYS A 89 10.22 -9.99 5.93
N CYS A 90 10.41 -8.89 5.19
CA CYS A 90 11.00 -8.96 3.85
C CYS A 90 12.47 -9.43 3.90
N CYS A 91 13.21 -9.06 4.95
CA CYS A 91 14.58 -9.51 5.17
C CYS A 91 14.68 -11.02 5.45
N GLU A 92 13.64 -11.65 6.01
CA GLU A 92 13.60 -13.11 6.23
C GLU A 92 12.93 -13.89 5.08
N PHE A 93 12.14 -13.23 4.25
CA PHE A 93 11.47 -13.82 3.08
C PHE A 93 12.42 -13.92 1.89
N TYR A 94 13.23 -12.89 1.65
CA TYR A 94 14.11 -12.84 0.49
C TYR A 94 15.60 -12.83 0.89
N ARG A 95 15.87 -13.04 2.20
CA ARG A 95 17.22 -13.08 2.80
C ARG A 95 18.04 -11.81 2.55
N LEU A 96 17.45 -10.66 2.90
CA LEU A 96 18.03 -9.33 2.64
C LEU A 96 18.82 -8.72 3.82
N ALA A 97 19.81 -7.87 3.49
CA ALA A 97 20.69 -7.22 4.47
C ALA A 97 20.71 -5.68 4.40
N GLY A 98 20.88 -5.03 5.55
CA GLY A 98 20.73 -3.58 5.73
C GLY A 98 22.00 -2.78 5.46
N THR A 99 21.87 -1.70 4.67
CA THR A 99 22.95 -0.78 4.29
C THR A 99 22.42 0.62 4.04
N SER A 100 23.27 1.64 4.17
CA SER A 100 23.02 3.01 3.71
C SER A 100 24.34 3.70 3.32
N SER A 101 24.28 4.67 2.39
CA SER A 101 25.47 5.18 1.71
C SER A 101 25.61 6.70 1.77
N CYS A 102 24.52 7.46 1.68
CA CYS A 102 24.54 8.93 1.73
C CYS A 102 24.71 9.52 3.14
N ILE A 103 25.22 8.71 4.09
CA ILE A 103 25.44 9.08 5.51
C ILE A 103 26.34 10.32 5.64
N GLU A 104 27.32 10.44 4.75
CA GLU A 104 28.24 11.57 4.62
C GLU A 104 27.53 12.92 4.39
N GLY A 105 26.41 12.89 3.68
CA GLY A 105 25.75 14.06 3.11
C GLY A 105 24.45 14.48 3.80
N GLU A 106 23.75 13.51 4.37
CA GLU A 106 22.38 13.63 4.85
C GLU A 106 22.28 13.76 6.37
N ASP A 107 21.16 14.35 6.75
CA ASP A 107 20.75 14.73 8.11
C ASP A 107 19.31 14.23 8.37
N GLY A 108 19.11 12.93 8.14
CA GLY A 108 17.84 12.22 8.33
C GLY A 108 17.28 11.56 7.06
N SER A 109 18.07 11.46 5.99
CA SER A 109 17.67 10.81 4.71
C SER A 109 18.40 9.48 4.49
N GLU A 110 19.54 9.28 5.13
CA GLU A 110 20.28 8.02 5.23
C GLU A 110 19.48 6.91 5.94
N THR A 111 18.61 7.27 6.89
CA THR A 111 17.65 6.34 7.54
C THR A 111 16.45 5.97 6.66
N LYS A 112 16.05 6.88 5.76
CA LYS A 112 14.95 6.68 4.79
C LYS A 112 15.42 5.82 3.62
N GLU A 113 16.60 6.13 3.09
CA GLU A 113 17.20 5.31 2.04
C GLU A 113 17.58 3.91 2.53
N GLU A 114 17.87 3.72 3.82
CA GLU A 114 18.23 2.39 4.35
C GLU A 114 17.19 1.33 3.97
N ARG A 115 15.90 1.64 4.10
CA ARG A 115 14.80 0.71 3.78
C ARG A 115 14.61 0.56 2.26
N THR A 116 14.72 1.69 1.57
CA THR A 116 14.65 1.82 0.12
C THR A 116 15.77 1.03 -0.59
N GLN A 117 16.96 0.97 0.01
CA GLN A 117 18.12 0.23 -0.52
C GLN A 117 17.88 -1.29 -0.50
N ILE A 118 17.20 -1.84 0.51
CA ILE A 118 16.91 -3.29 0.65
C ILE A 118 16.02 -3.78 -0.51
N LEU A 119 15.13 -2.90 -0.95
CA LEU A 119 14.10 -3.20 -1.92
C LEU A 119 14.61 -3.03 -3.35
N GLN A 120 15.41 -1.98 -3.59
CA GLN A 120 16.03 -1.82 -4.91
C GLN A 120 17.20 -2.81 -5.14
N LYS A 121 17.98 -3.16 -4.10
CA LYS A 121 19.06 -4.17 -4.21
C LYS A 121 18.53 -5.58 -4.46
N SER A 122 17.37 -5.90 -3.91
CA SER A 122 16.71 -7.20 -4.11
C SER A 122 15.99 -7.27 -5.45
N GLY A 123 15.56 -6.12 -5.96
CA GLY A 123 14.80 -6.02 -7.21
C GLY A 123 13.29 -6.21 -6.99
N LEU A 124 12.82 -6.08 -5.74
CA LEU A 124 11.39 -6.13 -5.42
C LEU A 124 10.63 -4.97 -6.07
N LYS A 125 9.44 -5.29 -6.57
CA LYS A 125 8.48 -4.34 -7.13
C LYS A 125 7.23 -4.24 -6.26
N PHE A 126 6.65 -3.05 -6.26
CA PHE A 126 5.48 -2.71 -5.45
C PHE A 126 4.32 -2.34 -6.37
N TYR A 127 3.12 -2.78 -5.99
CA TYR A 127 1.91 -2.58 -6.77
C TYR A 127 0.73 -2.22 -5.86
N THR A 128 -0.27 -1.53 -6.39
CA THR A 128 -1.53 -1.24 -5.67
C THR A 128 -2.75 -1.56 -6.54
N LYS A 129 -3.92 -1.75 -5.93
CA LYS A 129 -5.20 -1.83 -6.64
C LYS A 129 -5.55 -0.47 -7.23
N THR A 130 -5.72 -0.41 -8.54
CA THR A 130 -6.41 0.68 -9.24
C THR A 130 -7.85 0.20 -9.50
N PHE A 131 -8.77 1.11 -9.74
CA PHE A 131 -10.07 0.79 -10.31
C PHE A 131 -10.37 1.58 -11.58
N PRO A 132 -11.13 1.00 -12.56
CA PRO A 132 -11.46 1.65 -13.82
C PRO A 132 -12.18 2.98 -13.60
N TYR A 133 -11.80 4.01 -14.36
CA TYR A 133 -12.24 5.39 -14.15
C TYR A 133 -13.77 5.57 -14.11
N ASN A 134 -14.51 4.74 -14.87
CA ASN A 134 -15.97 4.76 -14.89
C ASN A 134 -16.64 4.41 -13.54
N THR A 135 -15.94 3.73 -12.63
CA THR A 135 -16.52 3.18 -11.38
C THR A 135 -16.87 4.27 -10.38
N THR A 136 -18.12 4.27 -9.88
CA THR A 136 -18.61 5.16 -8.81
C THR A 136 -19.39 4.46 -7.70
N HIS A 137 -19.79 3.20 -7.89
CA HIS A 137 -20.39 2.36 -6.85
C HIS A 137 -19.54 1.12 -6.56
N ILE A 138 -19.77 0.49 -5.40
CA ILE A 138 -18.91 -0.55 -4.85
C ILE A 138 -18.80 -1.75 -5.81
N MET A 139 -17.55 -2.18 -6.06
CA MET A 139 -17.16 -3.36 -6.82
C MET A 139 -15.88 -3.96 -6.21
N ASP A 140 -15.58 -5.22 -6.52
CA ASP A 140 -14.25 -5.78 -6.34
C ASP A 140 -13.81 -6.62 -7.56
N SER A 141 -12.81 -6.08 -8.26
CA SER A 141 -12.28 -6.55 -9.55
C SER A 141 -10.75 -6.42 -9.53
N LYS A 142 -9.99 -7.24 -10.27
CA LYS A 142 -8.52 -7.30 -10.19
C LYS A 142 -7.83 -6.44 -11.25
N LYS A 143 -7.34 -5.28 -10.83
CA LYS A 143 -6.54 -4.33 -11.62
C LYS A 143 -5.43 -3.74 -10.77
N LEU A 144 -4.19 -4.10 -11.06
CA LEU A 144 -2.98 -3.58 -10.40
C LEU A 144 -2.18 -2.63 -11.29
N VAL A 145 -1.33 -1.84 -10.65
CA VAL A 145 -0.33 -0.95 -11.27
C VAL A 145 0.99 -1.05 -10.52
N GLU A 146 2.11 -1.20 -11.24
CA GLU A 146 3.48 -1.11 -10.70
C GLU A 146 3.85 0.37 -10.52
N LEU A 147 4.50 0.73 -9.40
CA LEU A 147 4.85 2.13 -9.11
C LEU A 147 6.19 2.31 -8.41
N ALA A 148 6.77 3.50 -8.61
CA ALA A 148 8.09 3.87 -8.12
C ALA A 148 8.07 4.42 -6.70
N ILE A 149 8.13 3.52 -5.74
CA ILE A 149 8.09 3.88 -4.31
C ILE A 149 9.32 4.64 -3.83
N HIS A 150 10.41 4.65 -4.60
CA HIS A 150 11.62 5.41 -4.30
C HIS A 150 11.52 6.85 -4.84
N GLU A 151 10.70 7.09 -5.88
CA GLU A 151 10.52 8.40 -6.52
C GLU A 151 9.23 9.13 -6.10
N LYS A 152 8.14 8.39 -5.80
CA LYS A 152 6.81 8.95 -5.48
C LYS A 152 6.31 8.64 -4.07
N CYS A 153 5.57 9.59 -3.48
CA CYS A 153 4.95 9.46 -2.16
C CYS A 153 3.55 8.85 -2.29
N ILE A 154 3.02 8.32 -1.19
CA ILE A 154 1.76 7.58 -1.18
C ILE A 154 0.57 8.45 -1.60
N GLY A 155 0.63 9.76 -1.35
CA GLY A 155 -0.44 10.69 -1.73
C GLY A 155 -0.52 10.90 -3.22
N GLU A 156 0.61 11.14 -3.89
CA GLU A 156 0.68 11.35 -5.35
C GLU A 156 0.45 10.04 -6.10
N LEU A 157 0.79 8.89 -5.51
CA LEU A 157 0.47 7.56 -6.03
C LEU A 157 -1.05 7.43 -6.21
N LEU A 158 -1.80 7.68 -5.14
CA LEU A 158 -3.24 7.45 -5.11
C LEU A 158 -4.04 8.65 -5.65
N LYS A 159 -3.42 9.83 -5.82
CA LYS A 159 -4.11 11.08 -6.22
C LYS A 159 -4.82 10.97 -7.55
N ASN A 160 -4.28 10.15 -8.43
CA ASN A 160 -4.85 9.85 -9.75
C ASN A 160 -5.61 8.50 -9.82
N THR A 161 -6.11 7.97 -8.68
CA THR A 161 -6.78 6.66 -8.58
C THR A 161 -8.15 6.67 -7.89
N THR A 162 -8.79 5.50 -7.97
CA THR A 162 -10.01 5.08 -7.26
C THR A 162 -9.69 3.80 -6.49
N VAL A 163 -10.13 3.71 -5.23
CA VAL A 163 -9.89 2.57 -4.31
C VAL A 163 -11.13 2.27 -3.47
N ILE A 164 -11.21 1.05 -2.90
CA ILE A 164 -12.30 0.67 -1.99
C ILE A 164 -11.84 0.85 -0.53
N GLU A 165 -12.55 1.67 0.24
CA GLU A 165 -12.38 1.92 1.69
C GLU A 165 -10.96 2.38 2.14
N PHE A 166 -9.94 1.51 2.07
CA PHE A 166 -8.54 1.79 2.35
C PHE A 166 -7.60 0.99 1.43
N PRO A 167 -6.50 1.59 0.94
CA PRO A 167 -5.67 1.00 -0.13
C PRO A 167 -4.88 -0.24 0.30
N THR A 168 -4.54 -1.07 -0.69
CA THR A 168 -3.74 -2.30 -0.57
C THR A 168 -2.46 -2.19 -1.38
N ILE A 169 -1.34 -2.66 -0.83
CA ILE A 169 -0.02 -2.71 -1.45
C ILE A 169 0.44 -4.17 -1.52
N PHE A 170 0.81 -4.64 -2.72
CA PHE A 170 1.40 -5.96 -2.95
C PHE A 170 2.91 -5.82 -3.17
N VAL A 171 3.68 -6.66 -2.49
CA VAL A 171 5.15 -6.69 -2.57
C VAL A 171 5.59 -8.02 -3.18
N ALA A 172 6.14 -7.99 -4.40
CA ALA A 172 6.51 -9.21 -5.12
C ALA A 172 7.64 -8.95 -6.13
N MET A 173 8.45 -9.99 -6.41
CA MET A 173 9.58 -9.89 -7.35
C MET A 173 9.14 -9.64 -8.80
N THR A 174 8.04 -10.25 -9.24
CA THR A 174 7.44 -10.05 -10.56
C THR A 174 5.92 -10.19 -10.53
N GLU A 175 5.29 -9.82 -11.64
CA GLU A 175 3.88 -10.09 -11.95
C GLU A 175 3.52 -11.58 -11.87
N ALA A 176 4.48 -12.43 -12.24
CA ALA A 176 4.38 -13.89 -12.12
C ALA A 176 4.47 -14.40 -10.70
N ASP A 177 4.98 -13.59 -9.77
CA ASP A 177 4.96 -13.89 -8.32
C ASP A 177 3.66 -13.37 -7.66
N LEU A 178 2.91 -12.45 -8.30
CA LEU A 178 1.68 -11.92 -7.72
C LEU A 178 0.59 -13.00 -7.52
N PRO A 179 -0.34 -12.82 -6.55
CA PRO A 179 -1.45 -13.74 -6.32
C PRO A 179 -2.31 -13.99 -7.57
N GLU A 180 -3.03 -15.11 -7.61
CA GLU A 180 -3.80 -15.51 -8.80
C GLU A 180 -4.99 -14.57 -9.08
N GLY A 181 -5.23 -14.31 -10.36
CA GLY A 181 -6.25 -13.39 -10.85
C GLY A 181 -5.83 -11.92 -10.86
N TYR A 182 -4.85 -11.51 -10.05
CA TYR A 182 -4.32 -10.14 -10.05
C TYR A 182 -3.41 -9.87 -11.26
N GLU A 183 -3.75 -8.85 -12.04
CA GLU A 183 -3.04 -8.47 -13.27
C GLU A 183 -2.62 -7.01 -13.23
N VAL A 184 -1.43 -6.72 -13.73
CA VAL A 184 -0.86 -5.37 -13.75
C VAL A 184 -1.07 -4.70 -15.12
N LEU A 185 -1.43 -3.42 -15.14
CA LEU A 185 -1.72 -2.65 -16.36
C LEU A 185 -0.46 -2.14 -17.06
N HIS A 186 -0.45 -2.21 -18.39
CA HIS A 186 0.54 -1.60 -19.27
C HIS A 186 -0.02 -0.36 -20.02
N GLN A 187 0.86 0.53 -20.44
CA GLN A 187 0.57 1.61 -21.38
C GLN A 187 0.66 1.15 -22.85
N GLU A 188 0.19 2.02 -23.75
CA GLU A 188 0.66 2.12 -25.15
C GLU A 188 1.80 3.13 -25.27
N GLY A 1 -21.40 -6.03 16.00
CA GLY A 1 -21.94 -6.81 17.13
C GLY A 1 -22.83 -5.93 18.00
N PRO A 2 -22.71 -6.00 19.35
CA PRO A 2 -23.47 -5.18 20.31
C PRO A 2 -23.31 -3.66 20.20
N HIS A 3 -22.33 -3.14 19.45
CA HIS A 3 -22.11 -1.72 19.19
C HIS A 3 -21.79 -1.46 17.71
N MET A 4 -22.45 -0.48 17.09
CA MET A 4 -22.23 -0.06 15.70
C MET A 4 -22.40 1.45 15.48
N ARG A 5 -21.62 2.00 14.56
CA ARG A 5 -21.65 3.41 14.09
C ARG A 5 -22.82 3.71 13.15
N ASP A 6 -22.99 4.99 12.80
CA ASP A 6 -24.12 5.53 12.02
C ASP A 6 -24.26 4.98 10.58
N SER A 7 -23.20 4.46 9.97
CA SER A 7 -23.11 4.17 8.52
C SER A 7 -24.20 3.20 8.03
N THR A 8 -25.18 3.66 7.25
CA THR A 8 -26.36 2.88 6.81
C THR A 8 -26.46 2.66 5.29
N GLU A 9 -25.53 3.28 4.58
CA GLU A 9 -25.50 3.51 3.13
C GLU A 9 -24.16 3.10 2.50
N CYS A 10 -24.11 3.10 1.16
CA CYS A 10 -22.91 2.92 0.34
C CYS A 10 -22.69 4.17 -0.55
N GLN A 11 -21.91 5.13 -0.04
CA GLN A 11 -21.55 6.40 -0.70
C GLN A 11 -20.06 6.42 -1.05
N ARG A 12 -19.59 7.39 -1.85
CA ARG A 12 -18.16 7.59 -2.14
C ARG A 12 -17.70 9.01 -1.89
N ILE A 13 -16.53 9.15 -1.26
CA ILE A 13 -15.91 10.43 -0.87
C ILE A 13 -14.53 10.59 -1.50
N ILE A 14 -14.17 11.83 -1.83
CA ILE A 14 -12.89 12.20 -2.45
C ILE A 14 -12.09 13.10 -1.52
N ARG A 15 -10.80 12.80 -1.35
CA ARG A 15 -9.80 13.59 -0.60
C ARG A 15 -8.50 13.66 -1.39
N ARG A 16 -8.00 14.87 -1.69
CA ARG A 16 -6.85 15.15 -2.58
C ARG A 16 -6.77 14.32 -3.88
N GLY A 17 -7.92 14.06 -4.51
CA GLY A 17 -8.06 13.26 -5.73
C GLY A 17 -8.09 11.74 -5.53
N VAL A 18 -8.05 11.26 -4.27
CA VAL A 18 -8.20 9.83 -3.92
C VAL A 18 -9.69 9.53 -3.74
N ASN A 19 -10.24 8.60 -4.52
CA ASN A 19 -11.67 8.27 -4.48
C ASN A 19 -11.92 7.04 -3.59
N CYS A 20 -12.72 7.17 -2.53
CA CYS A 20 -12.88 6.17 -1.48
C CYS A 20 -14.34 5.72 -1.35
N LEU A 21 -14.63 4.46 -1.70
CA LEU A 21 -15.98 3.89 -1.53
C LEU A 21 -16.20 3.51 -0.06
N MET A 22 -17.26 4.02 0.54
CA MET A 22 -17.59 3.92 1.97
C MET A 22 -18.60 2.80 2.24
N LEU A 23 -18.27 1.91 3.18
CA LEU A 23 -19.10 0.74 3.51
C LEU A 23 -19.92 0.96 4.81
N PRO A 24 -21.07 0.26 4.96
CA PRO A 24 -21.95 0.39 6.11
C PRO A 24 -21.38 -0.28 7.38
N LYS A 25 -22.02 0.02 8.50
CA LYS A 25 -21.54 -0.14 9.88
C LYS A 25 -21.08 -1.54 10.29
N GLY A 26 -21.60 -2.61 9.69
CA GLY A 26 -21.22 -3.99 10.01
C GLY A 26 -20.01 -4.53 9.26
N MET A 27 -19.53 -3.84 8.23
CA MET A 27 -18.50 -4.36 7.32
C MET A 27 -17.08 -4.25 7.89
N GLN A 28 -16.35 -5.36 7.97
CA GLN A 28 -14.98 -5.40 8.50
C GLN A 28 -14.01 -4.52 7.71
N ARG A 29 -14.16 -4.40 6.38
CA ARG A 29 -13.35 -3.48 5.54
C ARG A 29 -13.39 -2.03 6.05
N SER A 30 -14.52 -1.60 6.60
CA SER A 30 -14.71 -0.27 7.22
C SER A 30 -14.30 -0.21 8.70
N SER A 31 -14.34 -1.34 9.43
CA SER A 31 -13.87 -1.46 10.81
C SER A 31 -12.35 -1.42 10.90
N GLN A 32 -11.64 -2.11 10.00
CA GLN A 32 -10.18 -2.18 9.99
C GLN A 32 -9.50 -0.94 9.39
N ASN A 33 -10.26 -0.11 8.67
CA ASN A 33 -9.81 1.20 8.20
C ASN A 33 -9.78 2.22 9.35
N ARG A 34 -8.59 2.76 9.62
CA ARG A 34 -8.37 4.01 10.35
C ARG A 34 -7.78 5.04 9.39
N SER A 35 -8.62 5.96 8.93
CA SER A 35 -8.22 7.12 8.12
C SER A 35 -8.84 8.41 8.66
N LYS A 36 -8.06 9.49 8.75
CA LYS A 36 -8.45 10.76 9.39
C LYS A 36 -7.54 11.90 8.95
N TRP A 37 -7.96 13.12 9.27
CA TRP A 37 -7.08 14.28 9.35
C TRP A 37 -6.36 14.32 10.71
N ASP A 38 -5.05 14.60 10.72
CA ASP A 38 -4.25 14.78 11.94
C ASP A 38 -3.84 16.26 12.07
N LYS A 39 -4.54 17.01 12.94
CA LYS A 39 -4.32 18.43 13.28
C LYS A 39 -2.86 18.74 13.57
N THR A 40 -2.25 17.85 14.34
CA THR A 40 -0.85 17.91 14.83
C THR A 40 0.19 17.97 13.69
N MET A 41 -0.15 17.39 12.54
CA MET A 41 0.67 17.39 11.32
C MET A 41 0.07 18.30 10.22
N ASP A 42 -1.22 18.65 10.33
CA ASP A 42 -2.00 19.40 9.34
C ASP A 42 -2.05 18.67 7.97
N LEU A 43 -2.32 17.36 8.00
CA LEU A 43 -2.40 16.46 6.84
C LEU A 43 -3.34 15.26 7.06
N PHE A 44 -3.70 14.55 5.99
CA PHE A 44 -4.43 13.27 6.04
C PHE A 44 -3.54 12.04 6.34
N VAL A 45 -4.07 11.08 7.11
CA VAL A 45 -3.49 9.75 7.32
C VAL A 45 -4.42 8.62 6.90
N TRP A 46 -3.84 7.48 6.56
CA TRP A 46 -4.51 6.30 6.00
C TRP A 46 -4.10 5.02 6.73
N SER A 47 -4.90 3.98 6.49
CA SER A 47 -4.50 2.58 6.67
C SER A 47 -4.12 1.94 5.34
N VAL A 48 -3.23 0.94 5.36
CA VAL A 48 -2.78 0.16 4.19
C VAL A 48 -2.71 -1.32 4.56
N GLU A 49 -3.22 -2.19 3.68
CA GLU A 49 -2.92 -3.64 3.72
C GLU A 49 -1.68 -3.92 2.89
N TRP A 50 -0.66 -4.53 3.49
CA TRP A 50 0.58 -4.95 2.82
C TRP A 50 0.56 -6.47 2.64
N ILE A 51 0.91 -6.96 1.46
CA ILE A 51 1.06 -8.38 1.16
C ILE A 51 2.48 -8.63 0.66
N LEU A 52 3.27 -9.38 1.43
CA LEU A 52 4.58 -9.90 1.03
C LEU A 52 4.44 -11.27 0.38
N CYS A 53 5.03 -11.45 -0.80
CA CYS A 53 5.25 -12.76 -1.38
C CYS A 53 6.67 -13.23 -1.05
N PRO A 54 6.91 -14.47 -0.58
CA PRO A 54 8.26 -15.04 -0.38
C PRO A 54 8.96 -15.49 -1.67
N MET A 55 10.23 -15.85 -1.61
CA MET A 55 10.92 -16.52 -2.74
C MET A 55 10.35 -17.90 -3.04
N GLN A 56 9.72 -18.01 -4.20
CA GLN A 56 9.40 -19.21 -4.98
C GLN A 56 10.49 -19.63 -5.99
N GLU A 57 10.35 -20.86 -6.46
CA GLU A 57 11.19 -21.52 -7.46
C GLU A 57 10.87 -21.05 -8.90
N LYS A 58 11.27 -21.84 -9.90
CA LYS A 58 11.09 -21.61 -11.34
C LYS A 58 9.63 -21.77 -11.82
N GLY A 59 8.75 -22.33 -10.98
CA GLY A 59 7.31 -22.43 -11.22
C GLY A 59 6.46 -22.70 -9.97
N GLU A 60 7.01 -23.42 -8.98
CA GLU A 60 6.29 -23.78 -7.75
C GLU A 60 6.23 -22.60 -6.76
N LYS A 61 5.03 -22.03 -6.63
CA LYS A 61 4.68 -20.85 -5.84
C LYS A 61 4.52 -21.18 -4.35
N LYS A 62 4.70 -20.18 -3.49
CA LYS A 62 4.61 -20.27 -2.01
C LYS A 62 3.55 -19.34 -1.42
N GLU A 63 3.26 -19.54 -0.13
CA GLU A 63 2.20 -18.86 0.62
C GLU A 63 2.59 -17.43 1.04
N LEU A 64 1.62 -16.50 1.05
CA LEU A 64 1.82 -15.07 1.27
C LEU A 64 1.73 -14.68 2.76
N PHE A 65 2.46 -13.62 3.15
CA PHE A 65 2.29 -12.91 4.41
C PHE A 65 1.48 -11.63 4.20
N LYS A 66 0.46 -11.39 5.02
CA LYS A 66 -0.31 -10.14 5.07
C LYS A 66 -0.09 -9.40 6.39
N HIS A 67 -0.03 -8.07 6.37
CA HIS A 67 -0.09 -7.22 7.56
C HIS A 67 -0.70 -5.85 7.25
N VAL A 68 -1.57 -5.35 8.13
CA VAL A 68 -2.24 -4.05 8.00
C VAL A 68 -1.57 -3.01 8.91
N SER A 69 -1.24 -1.85 8.32
CA SER A 69 -0.51 -0.75 8.96
C SER A 69 -1.31 0.55 8.89
N HIS A 70 -1.15 1.39 9.91
CA HIS A 70 -1.96 2.59 10.18
C HIS A 70 -1.07 3.82 10.40
N ARG A 71 -1.68 5.01 10.46
CA ARG A 71 -1.01 6.31 10.68
C ARG A 71 -0.02 6.67 9.56
N ILE A 72 -0.37 6.35 8.30
CA ILE A 72 0.50 6.53 7.14
C ILE A 72 0.11 7.85 6.47
N LYS A 73 1.03 8.81 6.35
CA LYS A 73 0.72 10.20 5.98
C LYS A 73 0.64 10.37 4.46
N GLU A 74 -0.25 11.24 4.00
CA GLU A 74 -0.45 11.59 2.57
C GLU A 74 0.79 12.20 1.88
N THR A 75 1.82 12.56 2.64
CA THR A 75 3.11 13.07 2.15
C THR A 75 4.22 12.03 2.24
N ASP A 76 3.95 10.85 2.81
CA ASP A 76 4.95 9.83 3.12
C ASP A 76 5.21 8.85 1.96
N PHE A 77 6.24 8.03 2.15
CA PHE A 77 6.68 7.02 1.21
C PHE A 77 6.44 5.64 1.79
N LEU A 78 6.19 4.67 0.92
CA LEU A 78 5.88 3.28 1.27
C LEU A 78 6.85 2.70 2.32
N VAL A 79 8.17 2.96 2.23
CA VAL A 79 9.13 2.50 3.26
C VAL A 79 8.85 3.03 4.68
N GLN A 80 8.19 4.19 4.79
CA GLN A 80 7.79 4.86 6.03
C GLN A 80 6.43 4.44 6.55
N GLY A 81 5.59 3.85 5.71
CA GLY A 81 4.25 3.36 6.08
C GLY A 81 4.21 1.85 6.35
N MET A 82 5.20 1.13 5.83
CA MET A 82 5.22 -0.34 5.88
C MET A 82 5.28 -0.92 7.29
N GLY A 83 5.90 -0.20 8.23
CA GLY A 83 6.15 -0.72 9.58
C GLY A 83 7.37 -1.63 9.67
N LYS A 84 8.08 -1.58 10.81
CA LYS A 84 9.28 -2.39 11.06
C LYS A 84 9.01 -3.90 10.94
N ASN A 85 7.79 -4.36 11.23
CA ASN A 85 7.35 -5.74 11.05
C ASN A 85 7.46 -6.19 9.58
N VAL A 86 6.88 -5.41 8.66
CA VAL A 86 6.85 -5.74 7.22
C VAL A 86 8.24 -5.64 6.61
N PHE A 87 9.02 -4.65 7.03
CA PHE A 87 10.40 -4.47 6.60
C PHE A 87 11.28 -5.70 6.97
N GLN A 88 11.16 -6.20 8.19
CA GLN A 88 11.94 -7.35 8.68
C GLN A 88 11.45 -8.66 8.05
N LYS A 89 10.13 -8.81 7.85
CA LYS A 89 9.58 -10.00 7.16
C LYS A 89 9.97 -10.05 5.68
N CYS A 90 10.12 -8.91 5.02
CA CYS A 90 10.69 -8.83 3.67
C CYS A 90 12.16 -9.31 3.64
N CYS A 91 12.95 -8.91 4.63
CA CYS A 91 14.37 -9.28 4.73
C CYS A 91 14.55 -10.78 5.02
N GLU A 92 13.64 -11.45 5.73
CA GLU A 92 13.76 -12.91 5.96
C GLU A 92 13.12 -13.75 4.85
N PHE A 93 12.18 -13.17 4.10
CA PHE A 93 11.50 -13.82 2.97
C PHE A 93 12.40 -13.88 1.73
N TYR A 94 13.21 -12.83 1.55
CA TYR A 94 14.15 -12.70 0.45
C TYR A 94 15.60 -12.85 0.90
N ARG A 95 15.85 -13.09 2.19
CA ARG A 95 17.21 -13.18 2.78
C ARG A 95 18.08 -11.95 2.44
N LEU A 96 17.48 -10.76 2.54
CA LEU A 96 18.16 -9.49 2.30
C LEU A 96 19.03 -9.02 3.48
N ALA A 97 20.05 -8.20 3.17
CA ALA A 97 21.02 -7.64 4.12
C ALA A 97 21.39 -6.18 3.81
N GLY A 98 21.58 -5.38 4.85
CA GLY A 98 21.94 -3.96 4.79
C GLY A 98 21.85 -3.26 6.15
N THR A 99 22.35 -2.03 6.22
CA THR A 99 22.66 -1.30 7.47
C THR A 99 22.40 0.21 7.33
N SER A 100 22.51 0.96 8.43
CA SER A 100 22.72 2.41 8.40
C SER A 100 24.09 2.75 7.79
N SER A 101 24.14 3.73 6.89
CA SER A 101 25.38 4.11 6.17
C SER A 101 25.39 5.56 5.66
N CYS A 102 24.24 6.12 5.26
CA CYS A 102 24.12 7.42 4.60
C CYS A 102 24.03 8.59 5.60
N ILE A 103 24.94 8.61 6.58
CA ILE A 103 24.78 9.29 7.88
C ILE A 103 25.36 10.72 7.89
N GLU A 104 25.98 11.20 6.81
CA GLU A 104 26.90 12.35 6.81
C GLU A 104 26.31 13.68 7.32
N GLY A 105 25.02 13.93 7.07
CA GLY A 105 24.37 15.21 7.36
C GLY A 105 22.89 15.24 7.04
N GLU A 106 22.09 14.62 7.90
CA GLU A 106 20.64 14.51 7.81
C GLU A 106 19.96 14.53 9.19
N ASP A 107 18.63 14.60 9.19
CA ASP A 107 17.75 14.74 10.36
C ASP A 107 16.55 13.78 10.29
N GLY A 108 16.71 12.63 9.60
CA GLY A 108 15.64 11.69 9.27
C GLY A 108 15.62 11.23 7.80
N SER A 109 16.79 11.18 7.15
CA SER A 109 16.96 10.65 5.79
C SER A 109 17.77 9.34 5.77
N GLU A 110 18.81 9.17 6.59
CA GLU A 110 19.66 7.97 6.51
C GLU A 110 18.84 6.70 6.79
N THR A 111 17.93 6.81 7.75
CA THR A 111 17.01 5.76 8.20
C THR A 111 15.84 5.52 7.23
N LYS A 112 15.53 6.51 6.38
CA LYS A 112 14.49 6.44 5.34
C LYS A 112 15.06 5.70 4.13
N GLU A 113 16.26 6.11 3.71
CA GLU A 113 16.97 5.47 2.61
C GLU A 113 17.57 4.10 2.99
N GLU A 114 17.85 3.85 4.27
CA GLU A 114 18.29 2.53 4.80
C GLU A 114 17.39 1.38 4.32
N ARG A 115 16.07 1.59 4.31
CA ARG A 115 15.04 0.62 3.90
C ARG A 115 14.91 0.55 2.37
N THR A 116 14.98 1.72 1.75
CA THR A 116 14.98 1.89 0.29
C THR A 116 16.12 1.12 -0.36
N GLN A 117 17.30 1.08 0.28
CA GLN A 117 18.49 0.41 -0.23
C GLN A 117 18.24 -1.10 -0.37
N ILE A 118 17.56 -1.70 0.60
CA ILE A 118 17.27 -3.15 0.67
C ILE A 118 16.35 -3.60 -0.47
N LEU A 119 15.47 -2.70 -0.91
CA LEU A 119 14.47 -2.98 -1.93
C LEU A 119 15.01 -2.78 -3.33
N GLN A 120 15.84 -1.76 -3.53
CA GLN A 120 16.55 -1.57 -4.81
C GLN A 120 17.71 -2.59 -5.03
N LYS A 121 18.42 -2.98 -3.97
CA LYS A 121 19.53 -3.96 -4.05
C LYS A 121 19.02 -5.41 -4.22
N SER A 122 17.77 -5.68 -3.84
CA SER A 122 17.08 -6.94 -4.16
C SER A 122 16.40 -6.92 -5.54
N GLY A 123 15.98 -5.74 -6.00
CA GLY A 123 15.20 -5.56 -7.22
C GLY A 123 13.69 -5.70 -7.01
N LEU A 124 13.22 -5.59 -5.77
CA LEU A 124 11.81 -5.72 -5.41
C LEU A 124 10.93 -4.62 -6.02
N LYS A 125 9.68 -4.97 -6.34
CA LYS A 125 8.67 -4.07 -6.90
C LYS A 125 7.38 -4.08 -6.08
N PHE A 126 6.65 -2.98 -6.21
CA PHE A 126 5.45 -2.68 -5.44
C PHE A 126 4.28 -2.35 -6.37
N TYR A 127 3.09 -2.82 -6.01
CA TYR A 127 1.88 -2.72 -6.81
C TYR A 127 0.69 -2.34 -5.93
N THR A 128 -0.31 -1.65 -6.47
CA THR A 128 -1.60 -1.40 -5.76
C THR A 128 -2.81 -1.82 -6.60
N LYS A 129 -3.97 -2.01 -5.96
CA LYS A 129 -5.26 -2.28 -6.63
C LYS A 129 -5.83 -1.01 -7.25
N THR A 130 -6.32 -1.10 -8.48
CA THR A 130 -6.99 -0.01 -9.21
C THR A 130 -8.42 -0.44 -9.57
N PHE A 131 -9.33 0.53 -9.68
CA PHE A 131 -10.72 0.36 -10.11
C PHE A 131 -11.16 1.47 -11.11
N PRO A 132 -12.22 1.25 -11.91
CA PRO A 132 -12.68 2.23 -12.89
C PRO A 132 -13.08 3.57 -12.26
N TYR A 133 -12.68 4.68 -12.90
CA TYR A 133 -12.83 6.05 -12.42
C TYR A 133 -14.29 6.49 -12.18
N ASN A 134 -15.25 5.91 -12.91
CA ASN A 134 -16.68 6.20 -12.80
C ASN A 134 -17.47 5.25 -11.88
N THR A 135 -16.77 4.46 -11.06
CA THR A 135 -17.37 3.59 -10.04
C THR A 135 -18.01 4.41 -8.91
N THR A 136 -19.23 4.06 -8.52
CA THR A 136 -20.02 4.70 -7.45
C THR A 136 -20.49 3.72 -6.37
N HIS A 137 -20.53 2.42 -6.67
CA HIS A 137 -21.01 1.35 -5.78
C HIS A 137 -19.93 0.28 -5.58
N ILE A 138 -19.96 -0.46 -4.46
CA ILE A 138 -18.91 -1.42 -4.10
C ILE A 138 -19.03 -2.72 -4.89
N MET A 139 -18.00 -2.98 -5.70
CA MET A 139 -17.63 -4.26 -6.30
C MET A 139 -16.10 -4.41 -6.20
N ASP A 140 -15.58 -5.64 -6.17
CA ASP A 140 -14.16 -5.94 -5.94
C ASP A 140 -13.67 -7.01 -6.95
N SER A 141 -12.64 -6.67 -7.73
CA SER A 141 -12.17 -7.44 -8.88
C SER A 141 -10.71 -7.11 -9.18
N LYS A 142 -9.93 -8.13 -9.55
CA LYS A 142 -8.48 -8.07 -9.64
C LYS A 142 -7.97 -7.26 -10.85
N LYS A 143 -7.44 -6.08 -10.55
CA LYS A 143 -6.61 -5.22 -11.41
C LYS A 143 -5.58 -4.47 -10.56
N LEU A 144 -4.31 -4.73 -10.82
CA LEU A 144 -3.16 -4.08 -10.19
C LEU A 144 -2.43 -3.11 -11.13
N VAL A 145 -1.58 -2.29 -10.53
CA VAL A 145 -0.68 -1.34 -11.20
C VAL A 145 0.67 -1.30 -10.49
N GLU A 146 1.78 -1.38 -11.23
CA GLU A 146 3.15 -1.21 -10.68
C GLU A 146 3.52 0.28 -10.56
N LEU A 147 4.11 0.68 -9.44
CA LEU A 147 4.50 2.07 -9.17
C LEU A 147 5.91 2.21 -8.55
N ALA A 148 6.49 3.40 -8.68
CA ALA A 148 7.86 3.73 -8.28
C ALA A 148 7.95 4.36 -6.88
N ILE A 149 8.12 3.52 -5.86
CA ILE A 149 8.10 3.95 -4.45
C ILE A 149 9.36 4.73 -4.03
N HIS A 150 10.41 4.68 -4.85
CA HIS A 150 11.64 5.45 -4.66
C HIS A 150 11.55 6.86 -5.26
N GLU A 151 10.60 7.10 -6.18
CA GLU A 151 10.41 8.37 -6.90
C GLU A 151 9.10 9.10 -6.56
N LYS A 152 8.02 8.36 -6.25
CA LYS A 152 6.68 8.91 -5.96
C LYS A 152 6.22 8.62 -4.53
N CYS A 153 5.49 9.56 -3.94
CA CYS A 153 4.92 9.43 -2.60
C CYS A 153 3.51 8.82 -2.64
N ILE A 154 3.03 8.36 -1.48
CA ILE A 154 1.72 7.69 -1.40
C ILE A 154 0.56 8.61 -1.81
N GLY A 155 0.68 9.92 -1.61
CA GLY A 155 -0.36 10.88 -1.99
C GLY A 155 -0.56 10.96 -3.50
N GLU A 156 0.53 10.96 -4.28
CA GLU A 156 0.42 11.02 -5.76
C GLU A 156 0.19 9.65 -6.40
N LEU A 157 0.48 8.56 -5.68
CA LEU A 157 0.00 7.22 -6.04
C LEU A 157 -1.54 7.18 -5.95
N LEU A 158 -2.13 7.57 -4.82
CA LEU A 158 -3.56 7.37 -4.61
C LEU A 158 -4.41 8.42 -5.33
N LYS A 159 -3.81 9.53 -5.77
CA LYS A 159 -4.43 10.64 -6.53
C LYS A 159 -5.02 10.24 -7.87
N ASN A 160 -4.45 9.18 -8.43
CA ASN A 160 -4.90 8.56 -9.68
C ASN A 160 -5.71 7.27 -9.47
N THR A 161 -6.22 7.02 -8.26
CA THR A 161 -6.96 5.79 -7.93
C THR A 161 -8.38 5.99 -7.37
N THR A 162 -9.15 4.92 -7.54
CA THR A 162 -10.41 4.61 -6.84
C THR A 162 -10.19 3.34 -6.03
N VAL A 163 -10.60 3.33 -4.76
CA VAL A 163 -10.40 2.23 -3.80
C VAL A 163 -11.62 2.09 -2.87
N ILE A 164 -11.82 0.91 -2.28
CA ILE A 164 -12.89 0.66 -1.30
C ILE A 164 -12.31 0.75 0.11
N GLU A 165 -12.85 1.63 0.96
CA GLU A 165 -12.40 1.97 2.32
C GLU A 165 -10.90 2.35 2.43
N PHE A 166 -10.00 1.37 2.35
CA PHE A 166 -8.55 1.51 2.56
C PHE A 166 -7.73 0.76 1.48
N PRO A 167 -6.66 1.37 0.94
CA PRO A 167 -5.85 0.81 -0.14
C PRO A 167 -4.99 -0.40 0.25
N THR A 168 -4.59 -1.16 -0.78
CA THR A 168 -3.88 -2.44 -0.69
C THR A 168 -2.58 -2.38 -1.50
N ILE A 169 -1.45 -2.85 -0.94
CA ILE A 169 -0.13 -2.87 -1.56
C ILE A 169 0.41 -4.31 -1.62
N PHE A 170 0.77 -4.78 -2.81
CA PHE A 170 1.42 -6.07 -3.03
C PHE A 170 2.92 -5.88 -3.29
N VAL A 171 3.74 -6.71 -2.65
CA VAL A 171 5.22 -6.66 -2.70
C VAL A 171 5.76 -7.95 -3.31
N ALA A 172 6.32 -7.86 -4.53
CA ALA A 172 6.77 -9.02 -5.30
C ALA A 172 7.88 -8.64 -6.30
N MET A 173 8.82 -9.56 -6.57
CA MET A 173 9.91 -9.31 -7.53
C MET A 173 9.42 -9.16 -8.98
N THR A 174 8.44 -9.98 -9.39
CA THR A 174 7.86 -9.98 -10.74
C THR A 174 6.37 -10.34 -10.76
N GLU A 175 5.72 -10.13 -11.90
CA GLU A 175 4.36 -10.62 -12.19
C GLU A 175 4.20 -12.14 -12.00
N ALA A 176 5.28 -12.88 -12.25
CA ALA A 176 5.36 -14.32 -12.04
C ALA A 176 5.36 -14.71 -10.57
N ASP A 177 5.70 -13.79 -9.66
CA ASP A 177 5.66 -14.00 -8.21
C ASP A 177 4.31 -13.51 -7.63
N LEU A 178 3.54 -12.70 -8.37
CA LEU A 178 2.20 -12.28 -7.94
C LEU A 178 1.21 -13.47 -7.88
N PRO A 179 0.27 -13.49 -6.92
CA PRO A 179 -0.73 -14.55 -6.76
C PRO A 179 -1.65 -14.71 -7.98
N GLU A 180 -2.28 -15.87 -8.14
CA GLU A 180 -3.17 -16.13 -9.29
C GLU A 180 -4.47 -15.31 -9.22
N GLY A 181 -5.04 -15.02 -10.38
CA GLY A 181 -6.21 -14.15 -10.56
C GLY A 181 -5.87 -12.65 -10.55
N TYR A 182 -4.81 -12.24 -9.84
CA TYR A 182 -4.23 -10.90 -9.89
C TYR A 182 -3.47 -10.66 -11.21
N GLU A 183 -3.67 -9.50 -11.83
CA GLU A 183 -2.95 -9.06 -13.04
C GLU A 183 -2.62 -7.57 -12.98
N VAL A 184 -1.52 -7.18 -13.62
CA VAL A 184 -0.97 -5.82 -13.65
C VAL A 184 -1.25 -5.16 -15.00
N LEU A 185 -1.87 -3.97 -15.00
CA LEU A 185 -2.38 -3.29 -16.20
C LEU A 185 -1.28 -2.65 -17.06
N HIS A 186 -1.49 -2.74 -18.38
CA HIS A 186 -0.55 -2.29 -19.40
C HIS A 186 -0.47 -0.78 -19.64
N GLN A 187 0.65 -0.40 -20.26
CA GLN A 187 1.08 0.95 -20.60
C GLN A 187 0.50 1.46 -21.94
N GLU A 188 0.23 2.76 -22.01
CA GLU A 188 -0.53 3.44 -23.08
C GLU A 188 0.24 4.57 -23.78
N GLY A 1 -22.67 21.34 9.99
CA GLY A 1 -22.43 20.10 10.75
C GLY A 1 -21.47 19.21 10.00
N PRO A 2 -20.45 18.62 10.66
CA PRO A 2 -19.42 17.83 10.02
C PRO A 2 -19.99 16.55 9.37
N HIS A 3 -19.64 16.30 8.12
CA HIS A 3 -19.99 15.07 7.39
C HIS A 3 -19.08 13.91 7.83
N MET A 4 -19.63 12.69 7.99
CA MET A 4 -18.89 11.51 8.44
C MET A 4 -19.46 10.18 7.92
N ARG A 5 -18.67 9.10 7.99
CA ARG A 5 -18.98 7.76 7.48
C ARG A 5 -20.21 7.15 8.17
N ASP A 6 -21.27 6.95 7.39
CA ASP A 6 -22.55 6.39 7.84
C ASP A 6 -22.51 4.85 7.98
N SER A 7 -23.33 4.31 8.87
CA SER A 7 -23.47 2.88 9.18
C SER A 7 -23.93 2.00 8.00
N THR A 8 -24.78 2.49 7.10
CA THR A 8 -25.48 1.67 6.10
C THR A 8 -25.63 2.36 4.73
N GLU A 9 -24.75 3.32 4.42
CA GLU A 9 -24.55 3.86 3.07
C GLU A 9 -23.26 3.31 2.44
N CYS A 10 -23.26 3.23 1.11
CA CYS A 10 -22.20 2.65 0.28
C CYS A 10 -21.73 3.63 -0.81
N GLN A 11 -21.62 4.90 -0.42
CA GLN A 11 -21.25 6.01 -1.29
C GLN A 11 -19.74 6.08 -1.51
N ARG A 12 -19.34 6.86 -2.52
CA ARG A 12 -17.95 7.33 -2.63
C ARG A 12 -17.75 8.66 -1.92
N ILE A 13 -16.59 8.82 -1.30
CA ILE A 13 -16.06 10.13 -0.88
C ILE A 13 -14.70 10.37 -1.53
N ILE A 14 -14.41 11.62 -1.87
CA ILE A 14 -13.14 12.03 -2.46
C ILE A 14 -12.34 12.81 -1.42
N ARG A 15 -11.07 12.43 -1.21
CA ARG A 15 -10.12 13.13 -0.32
C ARG A 15 -8.81 13.33 -1.09
N ARG A 16 -8.35 14.57 -1.27
CA ARG A 16 -7.12 14.93 -2.03
C ARG A 16 -7.03 14.30 -3.43
N GLY A 17 -8.16 14.11 -4.13
CA GLY A 17 -8.19 13.41 -5.43
C GLY A 17 -8.19 11.88 -5.36
N VAL A 18 -8.13 11.28 -4.17
CA VAL A 18 -8.29 9.83 -3.95
C VAL A 18 -9.79 9.53 -3.85
N ASN A 19 -10.33 8.67 -4.71
CA ASN A 19 -11.75 8.31 -4.68
C ASN A 19 -11.94 7.03 -3.83
N CYS A 20 -12.69 7.10 -2.73
CA CYS A 20 -12.79 6.03 -1.73
C CYS A 20 -14.24 5.50 -1.62
N LEU A 21 -14.47 4.24 -2.00
CA LEU A 21 -15.78 3.59 -1.91
C LEU A 21 -16.01 3.09 -0.49
N MET A 22 -17.04 3.59 0.19
CA MET A 22 -17.28 3.35 1.62
C MET A 22 -17.95 2.01 1.88
N LEU A 23 -17.40 1.23 2.81
CA LEU A 23 -17.93 -0.07 3.20
C LEU A 23 -18.87 0.02 4.42
N PRO A 24 -20.03 -0.65 4.39
CA PRO A 24 -21.04 -0.61 5.45
C PRO A 24 -20.62 -1.40 6.70
N LYS A 25 -21.37 -1.21 7.80
CA LYS A 25 -21.00 -1.59 9.17
C LYS A 25 -20.54 -3.05 9.36
N GLY A 26 -21.12 -4.03 8.69
CA GLY A 26 -20.73 -5.45 8.86
C GLY A 26 -19.33 -5.79 8.37
N MET A 27 -18.75 -4.97 7.47
CA MET A 27 -17.44 -5.24 6.89
C MET A 27 -16.31 -4.98 7.89
N GLN A 28 -15.57 -6.03 8.26
CA GLN A 28 -14.38 -5.91 9.13
C GLN A 28 -13.33 -4.97 8.52
N ARG A 29 -13.22 -4.88 7.18
CA ARG A 29 -12.39 -3.86 6.49
C ARG A 29 -12.78 -2.43 6.84
N SER A 30 -14.07 -2.15 7.08
CA SER A 30 -14.56 -0.83 7.52
C SER A 30 -14.30 -0.61 9.01
N SER A 31 -14.38 -1.64 9.85
CA SER A 31 -14.09 -1.55 11.29
C SER A 31 -12.62 -1.26 11.57
N GLN A 32 -11.72 -1.95 10.84
CA GLN A 32 -10.27 -1.85 11.03
C GLN A 32 -9.63 -0.65 10.31
N ASN A 33 -10.32 -0.05 9.34
CA ASN A 33 -9.83 1.17 8.68
C ASN A 33 -9.82 2.35 9.65
N ARG A 34 -8.62 2.90 9.88
CA ARG A 34 -8.41 4.16 10.59
C ARG A 34 -7.79 5.15 9.61
N SER A 35 -8.60 6.07 9.14
CA SER A 35 -8.21 7.15 8.23
C SER A 35 -8.89 8.48 8.59
N LYS A 36 -8.07 9.54 8.71
CA LYS A 36 -8.50 10.89 9.10
C LYS A 36 -7.44 11.94 8.80
N TRP A 37 -7.84 13.20 8.95
CA TRP A 37 -6.92 14.32 9.09
C TRP A 37 -6.32 14.37 10.51
N ASP A 38 -5.08 14.85 10.63
CA ASP A 38 -4.47 15.18 11.93
C ASP A 38 -3.99 16.65 11.96
N LYS A 39 -4.59 17.48 12.81
CA LYS A 39 -4.19 18.89 13.03
C LYS A 39 -2.74 19.01 13.48
N THR A 40 -2.29 17.97 14.19
CA THR A 40 -0.91 17.83 14.70
C THR A 40 0.14 17.81 13.58
N MET A 41 -0.25 17.43 12.36
CA MET A 41 0.61 17.45 11.16
C MET A 41 0.08 18.36 10.05
N ASP A 42 -1.20 18.76 10.10
CA ASP A 42 -1.91 19.49 9.03
C ASP A 42 -1.94 18.70 7.70
N LEU A 43 -2.17 17.38 7.79
CA LEU A 43 -2.25 16.44 6.66
C LEU A 43 -3.16 15.22 6.95
N PHE A 44 -3.50 14.45 5.92
CA PHE A 44 -4.20 13.16 6.02
C PHE A 44 -3.29 11.98 6.39
N VAL A 45 -3.81 11.07 7.23
CA VAL A 45 -3.27 9.72 7.43
C VAL A 45 -4.26 8.61 7.06
N TRP A 46 -3.70 7.45 6.71
CA TRP A 46 -4.41 6.27 6.25
C TRP A 46 -3.98 5.03 7.03
N SER A 47 -4.80 3.99 6.92
CA SER A 47 -4.37 2.60 7.03
C SER A 47 -4.01 2.04 5.65
N VAL A 48 -3.07 1.09 5.56
CA VAL A 48 -2.64 0.43 4.31
C VAL A 48 -2.56 -1.07 4.54
N GLU A 49 -3.06 -1.87 3.59
CA GLU A 49 -2.86 -3.34 3.57
C GLU A 49 -1.61 -3.67 2.74
N TRP A 50 -0.66 -4.41 3.31
CA TRP A 50 0.54 -4.90 2.62
C TRP A 50 0.46 -6.42 2.44
N ILE A 51 0.76 -6.91 1.24
CA ILE A 51 0.88 -8.34 0.94
C ILE A 51 2.29 -8.61 0.41
N LEU A 52 3.05 -9.42 1.14
CA LEU A 52 4.35 -9.95 0.71
C LEU A 52 4.17 -11.28 -0.02
N CYS A 53 4.53 -11.30 -1.31
CA CYS A 53 4.30 -12.44 -2.20
C CYS A 53 5.61 -13.26 -2.29
N PRO A 54 5.66 -14.51 -1.80
CA PRO A 54 6.87 -15.33 -1.74
C PRO A 54 7.40 -15.80 -3.11
N MET A 55 8.68 -16.16 -3.15
CA MET A 55 9.31 -16.71 -4.35
C MET A 55 8.88 -18.16 -4.60
N GLN A 56 8.10 -18.35 -5.66
CA GLN A 56 7.71 -19.64 -6.22
C GLN A 56 8.66 -20.18 -7.31
N GLU A 57 8.58 -21.49 -7.52
CA GLU A 57 9.39 -22.25 -8.47
C GLU A 57 8.76 -22.25 -9.89
N LYS A 58 9.24 -23.14 -10.78
CA LYS A 58 8.71 -23.34 -12.15
C LYS A 58 7.24 -23.76 -12.20
N GLY A 59 6.73 -24.37 -11.12
CA GLY A 59 5.33 -24.79 -10.96
C GLY A 59 4.83 -24.78 -9.51
N GLU A 60 5.69 -25.03 -8.52
CA GLU A 60 5.34 -25.04 -7.09
C GLU A 60 5.12 -23.62 -6.54
N LYS A 61 3.85 -23.27 -6.30
CA LYS A 61 3.41 -22.00 -5.71
C LYS A 61 3.45 -22.02 -4.19
N LYS A 62 3.78 -20.87 -3.59
CA LYS A 62 3.87 -20.66 -2.13
C LYS A 62 2.77 -19.71 -1.65
N GLU A 63 2.51 -19.69 -0.34
CA GLU A 63 1.42 -18.93 0.29
C GLU A 63 1.85 -17.57 0.87
N LEU A 64 0.96 -16.57 0.76
CA LEU A 64 1.22 -15.15 1.04
C LEU A 64 1.37 -14.85 2.54
N PHE A 65 2.15 -13.80 2.87
CA PHE A 65 2.05 -13.09 4.14
C PHE A 65 1.29 -11.77 3.93
N LYS A 66 0.39 -11.43 4.85
CA LYS A 66 -0.38 -10.16 4.87
C LYS A 66 -0.20 -9.41 6.20
N HIS A 67 -0.17 -8.07 6.15
CA HIS A 67 -0.26 -7.22 7.34
C HIS A 67 -0.86 -5.85 7.02
N VAL A 68 -1.72 -5.33 7.89
CA VAL A 68 -2.27 -3.97 7.82
C VAL A 68 -1.51 -3.03 8.75
N SER A 69 -1.11 -1.87 8.23
CA SER A 69 -0.33 -0.84 8.95
C SER A 69 -1.09 0.49 9.03
N HIS A 70 -0.78 1.29 10.07
CA HIS A 70 -1.61 2.44 10.48
C HIS A 70 -0.83 3.77 10.57
N ARG A 71 -1.60 4.87 10.64
CA ARG A 71 -1.19 6.28 10.77
C ARG A 71 -0.11 6.72 9.76
N ILE A 72 -0.28 6.29 8.49
CA ILE A 72 0.68 6.53 7.41
C ILE A 72 0.27 7.84 6.72
N LYS A 73 1.19 8.80 6.60
CA LYS A 73 0.89 10.13 6.05
C LYS A 73 0.70 10.09 4.54
N GLU A 74 -0.15 10.97 4.00
CA GLU A 74 -0.25 11.20 2.55
C GLU A 74 1.07 11.68 1.92
N THR A 75 1.99 12.18 2.74
CA THR A 75 3.33 12.66 2.36
C THR A 75 4.40 11.59 2.52
N ASP A 76 4.12 10.46 3.20
CA ASP A 76 5.10 9.42 3.45
C ASP A 76 5.50 8.70 2.15
N PHE A 77 6.73 8.17 2.14
CA PHE A 77 7.09 7.11 1.19
C PHE A 77 6.70 5.76 1.77
N LEU A 78 6.41 4.79 0.90
CA LEU A 78 5.92 3.46 1.26
C LEU A 78 6.83 2.78 2.30
N VAL A 79 8.15 2.93 2.16
CA VAL A 79 9.13 2.33 3.08
C VAL A 79 9.07 2.90 4.51
N GLN A 80 8.52 4.11 4.65
CA GLN A 80 8.32 4.79 5.93
C GLN A 80 6.99 4.42 6.58
N GLY A 81 5.98 4.09 5.78
CA GLY A 81 4.66 3.68 6.26
C GLY A 81 4.55 2.19 6.57
N MET A 82 5.38 1.34 5.95
CA MET A 82 5.32 -0.12 6.10
C MET A 82 5.57 -0.60 7.52
N GLY A 83 6.37 0.13 8.29
CA GLY A 83 6.72 -0.23 9.67
C GLY A 83 7.84 -1.26 9.79
N LYS A 84 8.50 -1.24 10.95
CA LYS A 84 9.69 -2.07 11.23
C LYS A 84 9.42 -3.57 11.16
N ASN A 85 8.19 -4.03 11.39
CA ASN A 85 7.82 -5.43 11.30
C ASN A 85 7.69 -5.89 9.82
N VAL A 86 7.02 -5.13 8.96
CA VAL A 86 6.84 -5.48 7.54
C VAL A 86 8.18 -5.41 6.81
N PHE A 87 9.00 -4.42 7.15
CA PHE A 87 10.38 -4.30 6.66
C PHE A 87 11.23 -5.54 7.00
N GLN A 88 11.17 -6.03 8.25
CA GLN A 88 11.93 -7.22 8.66
C GLN A 88 11.33 -8.53 8.12
N LYS A 89 10.03 -8.56 7.78
CA LYS A 89 9.41 -9.64 7.01
C LYS A 89 9.89 -9.69 5.55
N CYS A 90 10.10 -8.54 4.91
CA CYS A 90 10.73 -8.50 3.57
C CYS A 90 12.11 -9.18 3.60
N CYS A 91 12.92 -8.82 4.61
CA CYS A 91 14.28 -9.33 4.80
C CYS A 91 14.28 -10.87 4.91
N GLU A 92 13.26 -11.48 5.52
CA GLU A 92 13.20 -12.96 5.65
C GLU A 92 12.51 -13.65 4.47
N PHE A 93 11.66 -12.95 3.72
CA PHE A 93 10.93 -13.51 2.57
C PHE A 93 11.81 -13.62 1.34
N TYR A 94 12.75 -12.70 1.17
CA TYR A 94 13.64 -12.69 0.01
C TYR A 94 15.10 -12.80 0.43
N ARG A 95 15.35 -12.94 1.74
CA ARG A 95 16.69 -13.16 2.33
C ARG A 95 17.68 -12.05 1.96
N LEU A 96 17.20 -10.81 2.10
CA LEU A 96 17.95 -9.59 1.85
C LEU A 96 19.01 -9.32 2.94
N ALA A 97 20.02 -8.53 2.59
CA ALA A 97 21.05 -8.07 3.52
C ALA A 97 20.84 -6.63 4.00
N GLY A 98 20.89 -6.43 5.31
CA GLY A 98 20.84 -5.10 5.92
C GLY A 98 22.17 -4.36 5.79
N THR A 99 22.11 -3.10 5.38
CA THR A 99 23.28 -2.21 5.26
C THR A 99 22.93 -0.78 5.67
N SER A 100 23.78 -0.18 6.50
CA SER A 100 23.57 1.16 7.06
C SER A 100 24.81 2.04 6.88
N SER A 101 24.63 3.18 6.24
CA SER A 101 25.67 4.18 5.92
C SER A 101 25.07 5.58 5.77
N CYS A 102 25.91 6.61 5.57
CA CYS A 102 25.51 8.03 5.51
C CYS A 102 24.82 8.54 6.80
N ILE A 103 25.12 7.97 7.97
CA ILE A 103 24.40 8.18 9.24
C ILE A 103 24.92 9.41 10.03
N GLU A 104 25.95 10.09 9.52
CA GLU A 104 26.62 11.23 10.17
C GLU A 104 25.66 12.38 10.53
N GLY A 105 24.62 12.54 9.71
CA GLY A 105 23.39 13.26 10.02
C GLY A 105 22.65 13.72 8.77
N GLU A 106 21.46 13.16 8.50
CA GLU A 106 20.60 13.59 7.38
C GLU A 106 19.22 14.12 7.81
N ASP A 107 19.19 14.68 9.00
CA ASP A 107 18.02 15.30 9.67
C ASP A 107 16.87 14.33 9.94
N GLY A 108 17.16 13.02 9.90
CA GLY A 108 16.21 11.92 10.06
C GLY A 108 15.81 11.24 8.75
N SER A 109 16.76 11.11 7.82
CA SER A 109 16.59 10.55 6.46
C SER A 109 17.48 9.32 6.23
N GLU A 110 18.66 9.30 6.84
CA GLU A 110 19.63 8.20 6.84
C GLU A 110 19.03 6.84 7.24
N THR A 111 18.06 6.86 8.16
CA THR A 111 17.29 5.71 8.63
C THR A 111 16.10 5.33 7.75
N LYS A 112 15.64 6.24 6.87
CA LYS A 112 14.53 6.01 5.93
C LYS A 112 15.08 5.35 4.69
N GLU A 113 16.14 5.95 4.17
CA GLU A 113 16.86 5.41 3.02
C GLU A 113 17.56 4.07 3.35
N GLU A 114 18.00 3.86 4.59
CA GLU A 114 18.45 2.54 5.09
C GLU A 114 17.49 1.40 4.72
N ARG A 115 16.17 1.65 4.76
CA ARG A 115 15.12 0.66 4.44
C ARG A 115 14.88 0.57 2.94
N THR A 116 14.90 1.71 2.26
CA THR A 116 14.78 1.86 0.80
C THR A 116 15.90 1.13 0.06
N GLN A 117 17.13 1.13 0.59
CA GLN A 117 18.31 0.50 0.00
C GLN A 117 18.13 -1.02 -0.10
N ILE A 118 17.47 -1.63 0.89
CA ILE A 118 17.23 -3.09 0.96
C ILE A 118 16.25 -3.55 -0.13
N LEU A 119 15.30 -2.69 -0.49
CA LEU A 119 14.29 -2.99 -1.52
C LEU A 119 14.86 -2.80 -2.91
N GLN A 120 15.56 -1.69 -3.15
CA GLN A 120 16.18 -1.43 -4.47
C GLN A 120 17.36 -2.37 -4.78
N LYS A 121 18.10 -2.84 -3.76
CA LYS A 121 19.17 -3.84 -3.96
C LYS A 121 18.64 -5.22 -4.32
N SER A 122 17.43 -5.55 -3.86
CA SER A 122 16.77 -6.80 -4.20
C SER A 122 16.16 -6.73 -5.61
N GLY A 123 15.78 -5.52 -6.04
CA GLY A 123 15.06 -5.31 -7.28
C GLY A 123 13.59 -5.71 -7.18
N LEU A 124 13.03 -5.70 -5.96
CA LEU A 124 11.60 -5.89 -5.73
C LEU A 124 10.75 -4.82 -6.43
N LYS A 125 9.56 -5.23 -6.88
CA LYS A 125 8.54 -4.36 -7.47
C LYS A 125 7.30 -4.30 -6.57
N PHE A 126 6.69 -3.12 -6.53
CA PHE A 126 5.49 -2.82 -5.76
C PHE A 126 4.33 -2.44 -6.68
N TYR A 127 3.13 -2.87 -6.32
CA TYR A 127 1.90 -2.71 -7.10
C TYR A 127 0.73 -2.31 -6.20
N THR A 128 -0.29 -1.65 -6.74
CA THR A 128 -1.56 -1.37 -6.04
C THR A 128 -2.78 -1.70 -6.91
N LYS A 129 -3.97 -1.79 -6.31
CA LYS A 129 -5.24 -1.95 -7.04
C LYS A 129 -5.59 -0.66 -7.80
N THR A 130 -6.16 -0.82 -9.00
CA THR A 130 -6.82 0.26 -9.76
C THR A 130 -8.27 -0.11 -10.05
N PHE A 131 -9.13 0.90 -10.06
CA PHE A 131 -10.49 0.85 -10.60
C PHE A 131 -10.72 2.16 -11.38
N PRO A 132 -11.48 2.17 -12.48
CA PRO A 132 -11.99 3.41 -13.08
C PRO A 132 -13.08 4.03 -12.19
N TYR A 133 -13.09 5.36 -12.05
CA TYR A 133 -14.09 6.05 -11.22
C TYR A 133 -15.54 5.85 -11.72
N ASN A 134 -15.74 5.69 -13.03
CA ASN A 134 -17.06 5.39 -13.63
C ASN A 134 -17.72 4.07 -13.14
N THR A 135 -17.02 3.28 -12.32
CA THR A 135 -17.59 2.17 -11.54
C THR A 135 -18.62 2.67 -10.50
N THR A 136 -18.34 3.84 -9.89
CA THR A 136 -19.12 4.62 -8.89
C THR A 136 -19.63 3.93 -7.61
N HIS A 137 -19.75 2.59 -7.57
CA HIS A 137 -20.20 1.80 -6.43
C HIS A 137 -19.34 0.55 -6.23
N ILE A 138 -19.43 -0.09 -5.06
CA ILE A 138 -18.56 -1.19 -4.64
C ILE A 138 -18.68 -2.36 -5.64
N MET A 139 -17.53 -2.78 -6.15
CA MET A 139 -17.30 -3.91 -7.04
C MET A 139 -15.88 -4.44 -6.79
N ASP A 140 -15.60 -5.67 -7.21
CA ASP A 140 -14.24 -6.19 -7.35
C ASP A 140 -13.92 -6.49 -8.82
N SER A 141 -12.69 -6.17 -9.23
CA SER A 141 -12.12 -6.43 -10.56
C SER A 141 -10.62 -6.56 -10.36
N LYS A 142 -10.02 -7.74 -10.57
CA LYS A 142 -8.58 -7.94 -10.29
C LYS A 142 -7.72 -7.25 -11.35
N LYS A 143 -7.26 -6.05 -10.98
CA LYS A 143 -6.56 -5.07 -11.81
C LYS A 143 -5.51 -4.38 -10.94
N LEU A 144 -4.25 -4.64 -11.25
CA LEU A 144 -3.09 -4.01 -10.59
C LEU A 144 -2.33 -3.05 -11.51
N VAL A 145 -1.52 -2.21 -10.86
CA VAL A 145 -0.59 -1.26 -11.50
C VAL A 145 0.72 -1.18 -10.73
N GLU A 146 1.84 -1.15 -11.44
CA GLU A 146 3.22 -1.00 -10.92
C GLU A 146 3.55 0.48 -10.63
N LEU A 147 4.25 0.75 -9.53
CA LEU A 147 4.69 2.11 -9.18
C LEU A 147 6.09 2.20 -8.55
N ALA A 148 6.72 3.37 -8.65
CA ALA A 148 8.07 3.65 -8.17
C ALA A 148 8.06 4.22 -6.75
N ILE A 149 8.13 3.36 -5.75
CA ILE A 149 7.96 3.73 -4.33
C ILE A 149 9.10 4.57 -3.76
N HIS A 150 10.25 4.59 -4.44
CA HIS A 150 11.42 5.40 -4.08
C HIS A 150 11.29 6.84 -4.63
N GLU A 151 10.49 7.04 -5.68
CA GLU A 151 10.37 8.30 -6.45
C GLU A 151 9.01 8.99 -6.25
N LYS A 152 7.95 8.20 -6.06
CA LYS A 152 6.57 8.65 -5.85
C LYS A 152 6.12 8.51 -4.40
N CYS A 153 5.40 9.52 -3.91
CA CYS A 153 4.80 9.49 -2.58
C CYS A 153 3.43 8.83 -2.66
N ILE A 154 3.00 8.21 -1.56
CA ILE A 154 1.72 7.48 -1.52
C ILE A 154 0.53 8.36 -1.89
N GLY A 155 0.59 9.67 -1.62
CA GLY A 155 -0.48 10.60 -1.97
C GLY A 155 -0.61 10.83 -3.47
N GLU A 156 0.50 10.85 -4.21
CA GLU A 156 0.47 11.05 -5.67
C GLU A 156 0.01 9.78 -6.40
N LEU A 157 0.33 8.62 -5.80
CA LEU A 157 -0.12 7.32 -6.28
C LEU A 157 -1.64 7.26 -6.23
N LEU A 158 -2.21 7.53 -5.04
CA LEU A 158 -3.63 7.31 -4.81
C LEU A 158 -4.49 8.48 -5.30
N LYS A 159 -3.90 9.66 -5.55
CA LYS A 159 -4.53 10.79 -6.26
C LYS A 159 -4.94 10.43 -7.69
N ASN A 160 -4.29 9.41 -8.22
CA ASN A 160 -4.54 8.79 -9.52
C ASN A 160 -5.26 7.41 -9.41
N THR A 161 -6.09 7.21 -8.38
CA THR A 161 -6.87 5.97 -8.16
C THR A 161 -8.32 6.16 -7.69
N THR A 162 -9.08 5.09 -7.89
CA THR A 162 -10.28 4.74 -7.12
C THR A 162 -9.96 3.45 -6.34
N VAL A 163 -10.37 3.40 -5.07
CA VAL A 163 -10.10 2.30 -4.13
C VAL A 163 -11.32 2.07 -3.23
N ILE A 164 -11.46 0.87 -2.68
CA ILE A 164 -12.53 0.56 -1.71
C ILE A 164 -11.95 0.71 -0.29
N GLU A 165 -12.59 1.55 0.53
CA GLU A 165 -12.33 1.82 1.94
C GLU A 165 -10.90 2.29 2.29
N PHE A 166 -9.89 1.44 2.17
CA PHE A 166 -8.47 1.74 2.42
C PHE A 166 -7.54 0.99 1.44
N PRO A 167 -6.46 1.62 0.95
CA PRO A 167 -5.62 1.11 -0.13
C PRO A 167 -4.83 -0.18 0.22
N THR A 168 -4.56 -0.98 -0.82
CA THR A 168 -3.79 -2.23 -0.76
C THR A 168 -2.53 -2.15 -1.63
N ILE A 169 -1.41 -2.64 -1.11
CA ILE A 169 -0.10 -2.73 -1.77
C ILE A 169 0.36 -4.19 -1.84
N PHE A 170 0.68 -4.66 -3.05
CA PHE A 170 1.25 -5.99 -3.29
C PHE A 170 2.75 -5.88 -3.60
N VAL A 171 3.54 -6.71 -2.94
CA VAL A 171 5.02 -6.72 -3.01
C VAL A 171 5.52 -8.02 -3.63
N ALA A 172 6.20 -7.97 -4.78
CA ALA A 172 6.69 -9.17 -5.48
C ALA A 172 7.90 -8.90 -6.40
N MET A 173 8.72 -9.93 -6.63
CA MET A 173 9.84 -9.87 -7.59
C MET A 173 9.37 -9.75 -9.05
N THR A 174 8.31 -10.48 -9.41
CA THR A 174 7.69 -10.47 -10.76
C THR A 174 6.18 -10.71 -10.69
N GLU A 175 5.53 -10.49 -11.82
CA GLU A 175 4.13 -10.91 -12.07
C GLU A 175 3.91 -12.41 -11.88
N ALA A 176 4.92 -13.19 -12.21
CA ALA A 176 4.97 -14.64 -12.01
C ALA A 176 5.03 -15.02 -10.52
N ASP A 177 5.36 -14.09 -9.63
CA ASP A 177 5.32 -14.30 -8.17
C ASP A 177 4.05 -13.68 -7.54
N LEU A 178 3.26 -12.87 -8.27
CA LEU A 178 2.01 -12.29 -7.78
C LEU A 178 0.91 -13.34 -7.45
N PRO A 179 -0.07 -13.00 -6.59
CA PRO A 179 -1.22 -13.86 -6.28
C PRO A 179 -2.08 -14.16 -7.51
N GLU A 180 -2.84 -15.25 -7.44
CA GLU A 180 -3.64 -15.73 -8.57
C GLU A 180 -4.98 -14.98 -8.73
N GLY A 181 -5.39 -14.85 -9.98
CA GLY A 181 -6.46 -13.98 -10.48
C GLY A 181 -6.01 -12.53 -10.76
N TYR A 182 -5.03 -12.01 -10.02
CA TYR A 182 -4.46 -10.68 -10.22
C TYR A 182 -3.60 -10.57 -11.51
N GLU A 183 -3.74 -9.46 -12.22
CA GLU A 183 -2.95 -9.09 -13.40
C GLU A 183 -2.56 -7.61 -13.36
N VAL A 184 -1.41 -7.27 -13.92
CA VAL A 184 -0.83 -5.92 -13.95
C VAL A 184 -1.08 -5.24 -15.31
N LEU A 185 -1.54 -3.98 -15.30
CA LEU A 185 -1.91 -3.26 -16.52
C LEU A 185 -0.72 -2.55 -17.18
N HIS A 186 -0.66 -2.62 -18.52
CA HIS A 186 0.41 -2.05 -19.34
C HIS A 186 -0.03 -0.86 -20.21
N GLN A 187 0.83 0.14 -20.37
CA GLN A 187 0.80 1.09 -21.49
C GLN A 187 1.82 0.74 -22.60
N GLU A 188 1.59 1.27 -23.81
CA GLU A 188 2.44 1.11 -25.01
C GLU A 188 3.70 1.99 -24.98
N GLY A 1 -23.98 9.31 22.77
CA GLY A 1 -22.57 8.98 22.48
C GLY A 1 -22.36 8.41 21.08
N PRO A 2 -21.09 8.31 20.62
CA PRO A 2 -20.70 7.86 19.27
C PRO A 2 -20.77 6.32 19.11
N HIS A 3 -21.89 5.72 19.49
CA HIS A 3 -22.06 4.27 19.68
C HIS A 3 -22.06 3.42 18.40
N MET A 4 -22.00 4.05 17.21
CA MET A 4 -21.96 3.40 15.90
C MET A 4 -21.23 4.24 14.82
N ARG A 5 -20.27 5.07 15.25
CA ARG A 5 -19.55 6.08 14.46
C ARG A 5 -18.58 5.48 13.43
N ASP A 6 -19.10 5.16 12.25
CA ASP A 6 -18.41 4.59 11.10
C ASP A 6 -19.00 5.11 9.77
N SER A 7 -18.37 4.75 8.65
CA SER A 7 -19.06 4.54 7.36
C SER A 7 -20.31 3.67 7.58
N THR A 8 -21.47 4.13 7.09
CA THR A 8 -22.77 3.48 7.35
C THR A 8 -23.73 3.44 6.17
N GLU A 9 -23.24 3.85 5.00
CA GLU A 9 -23.89 3.81 3.69
C GLU A 9 -22.85 3.68 2.57
N CYS A 10 -23.26 3.09 1.45
CA CYS A 10 -22.42 2.90 0.26
C CYS A 10 -22.35 4.14 -0.63
N GLN A 11 -21.79 5.22 -0.07
CA GLN A 11 -21.41 6.46 -0.78
C GLN A 11 -19.99 6.37 -1.35
N ARG A 12 -19.61 7.30 -2.24
CA ARG A 12 -18.21 7.58 -2.56
C ARG A 12 -17.77 8.95 -2.01
N ILE A 13 -16.59 9.00 -1.38
CA ILE A 13 -15.96 10.24 -0.90
C ILE A 13 -14.59 10.42 -1.57
N ILE A 14 -14.23 11.66 -1.92
CA ILE A 14 -12.94 11.99 -2.51
C ILE A 14 -12.13 12.81 -1.52
N ARG A 15 -10.97 12.30 -1.11
CA ARG A 15 -10.01 12.96 -0.22
C ARG A 15 -8.67 13.02 -0.95
N ARG A 16 -8.13 14.22 -1.17
CA ARG A 16 -6.83 14.46 -1.85
C ARG A 16 -6.71 13.84 -3.26
N GLY A 17 -7.84 13.74 -3.97
CA GLY A 17 -7.94 13.06 -5.27
C GLY A 17 -7.93 11.53 -5.19
N VAL A 18 -7.95 10.94 -3.99
CA VAL A 18 -8.13 9.51 -3.77
C VAL A 18 -9.64 9.25 -3.68
N ASN A 19 -10.21 8.47 -4.60
CA ASN A 19 -11.65 8.25 -4.65
C ASN A 19 -11.96 6.98 -3.82
N CYS A 20 -12.68 7.11 -2.71
CA CYS A 20 -12.85 6.05 -1.70
C CYS A 20 -14.32 5.61 -1.60
N LEU A 21 -14.59 4.32 -1.85
CA LEU A 21 -15.93 3.73 -1.75
C LEU A 21 -16.21 3.29 -0.31
N MET A 22 -17.29 3.79 0.27
CA MET A 22 -17.68 3.54 1.67
C MET A 22 -18.46 2.23 1.81
N LEU A 23 -18.18 1.48 2.88
CA LEU A 23 -18.90 0.25 3.24
C LEU A 23 -19.86 0.46 4.43
N PRO A 24 -20.89 -0.39 4.61
CA PRO A 24 -21.79 -0.33 5.76
C PRO A 24 -21.09 -0.78 7.07
N LYS A 25 -21.54 -0.27 8.22
CA LYS A 25 -20.74 -0.25 9.46
C LYS A 25 -20.30 -1.61 10.00
N GLY A 26 -21.03 -2.68 9.70
CA GLY A 26 -20.66 -4.05 10.09
C GLY A 26 -19.44 -4.61 9.34
N MET A 27 -19.06 -4.04 8.18
CA MET A 27 -17.96 -4.57 7.37
C MET A 27 -16.59 -4.31 7.99
N GLN A 28 -15.82 -5.36 8.27
CA GLN A 28 -14.50 -5.29 8.88
C GLN A 28 -13.51 -4.43 8.09
N ARG A 29 -13.62 -4.35 6.75
CA ARG A 29 -12.82 -3.43 5.92
C ARG A 29 -13.06 -1.95 6.27
N SER A 30 -14.28 -1.58 6.68
CA SER A 30 -14.58 -0.22 7.18
C SER A 30 -14.05 -0.01 8.61
N SER A 31 -14.13 -1.05 9.45
CA SER A 31 -13.70 -1.02 10.85
C SER A 31 -12.19 -0.86 10.99
N GLN A 32 -11.41 -1.58 10.17
CA GLN A 32 -9.94 -1.56 10.18
C GLN A 32 -9.34 -0.42 9.32
N ASN A 33 -10.14 0.21 8.44
CA ASN A 33 -9.79 1.51 7.89
C ASN A 33 -10.01 2.59 8.95
N ARG A 34 -8.93 3.15 9.51
CA ARG A 34 -8.98 4.41 10.27
C ARG A 34 -8.12 5.43 9.55
N SER A 35 -8.83 6.39 8.95
CA SER A 35 -8.26 7.50 8.19
C SER A 35 -8.91 8.82 8.61
N LYS A 36 -8.06 9.83 8.86
CA LYS A 36 -8.41 11.17 9.39
C LYS A 36 -7.32 12.19 9.08
N TRP A 37 -7.63 13.45 9.30
CA TRP A 37 -6.64 14.53 9.43
C TRP A 37 -6.01 14.53 10.84
N ASP A 38 -4.74 14.90 10.94
CA ASP A 38 -4.05 15.14 12.22
C ASP A 38 -3.41 16.53 12.25
N LYS A 39 -3.94 17.44 13.10
CA LYS A 39 -3.48 18.82 13.27
C LYS A 39 -2.02 18.91 13.70
N THR A 40 -1.63 17.92 14.49
CA THR A 40 -0.26 17.73 14.99
C THR A 40 0.78 17.57 13.88
N MET A 41 0.35 17.20 12.65
CA MET A 41 1.20 17.13 11.46
C MET A 41 0.72 18.07 10.34
N ASP A 42 -0.54 18.54 10.38
CA ASP A 42 -1.21 19.31 9.32
C ASP A 42 -1.35 18.49 8.01
N LEU A 43 -1.75 17.21 8.13
CA LEU A 43 -1.92 16.28 7.00
C LEU A 43 -2.93 15.14 7.26
N PHE A 44 -3.34 14.46 6.18
CA PHE A 44 -4.13 13.21 6.23
C PHE A 44 -3.27 11.96 6.50
N VAL A 45 -3.84 10.99 7.24
CA VAL A 45 -3.32 9.62 7.40
C VAL A 45 -4.34 8.53 7.04
N TRP A 46 -3.87 7.31 6.78
CA TRP A 46 -4.68 6.14 6.41
C TRP A 46 -4.14 4.83 7.03
N SER A 47 -5.00 3.80 7.02
CA SER A 47 -4.58 2.38 7.02
C SER A 47 -4.10 1.97 5.62
N VAL A 48 -3.16 1.02 5.53
CA VAL A 48 -2.78 0.33 4.28
C VAL A 48 -2.66 -1.18 4.52
N GLU A 49 -3.15 -1.97 3.57
CA GLU A 49 -2.97 -3.43 3.53
C GLU A 49 -1.73 -3.79 2.70
N TRP A 50 -0.77 -4.52 3.28
CA TRP A 50 0.45 -4.99 2.61
C TRP A 50 0.42 -6.51 2.43
N ILE A 51 0.81 -6.98 1.25
CA ILE A 51 0.97 -8.40 0.95
C ILE A 51 2.39 -8.65 0.42
N LEU A 52 3.18 -9.41 1.18
CA LEU A 52 4.50 -9.89 0.77
C LEU A 52 4.41 -11.25 0.07
N CYS A 53 4.93 -11.32 -1.17
CA CYS A 53 4.74 -12.48 -2.03
C CYS A 53 6.07 -13.25 -2.17
N PRO A 54 6.20 -14.46 -1.61
CA PRO A 54 7.45 -15.23 -1.57
C PRO A 54 7.93 -15.71 -2.94
N MET A 55 9.23 -16.03 -3.03
CA MET A 55 9.88 -16.55 -4.23
C MET A 55 9.58 -18.04 -4.45
N GLN A 56 8.74 -18.30 -5.44
CA GLN A 56 8.41 -19.62 -5.99
C GLN A 56 9.41 -20.16 -7.01
N GLU A 57 9.30 -21.47 -7.19
CA GLU A 57 10.12 -22.32 -8.07
C GLU A 57 9.65 -22.22 -9.53
N LYS A 58 10.10 -23.16 -10.39
CA LYS A 58 9.70 -23.26 -11.82
C LYS A 58 8.20 -23.56 -12.03
N GLY A 59 7.52 -24.05 -10.99
CA GLY A 59 6.08 -24.37 -11.00
C GLY A 59 5.44 -24.47 -9.62
N GLU A 60 6.17 -24.87 -8.59
CA GLU A 60 5.68 -25.01 -7.21
C GLU A 60 5.57 -23.64 -6.52
N LYS A 61 4.32 -23.24 -6.27
CA LYS A 61 3.90 -21.90 -5.80
C LYS A 61 3.86 -21.81 -4.28
N LYS A 62 4.22 -20.64 -3.72
CA LYS A 62 4.31 -20.40 -2.26
C LYS A 62 3.33 -19.32 -1.80
N GLU A 63 3.09 -19.29 -0.49
CA GLU A 63 1.93 -18.63 0.14
C GLU A 63 2.26 -17.34 0.89
N LEU A 64 1.34 -16.37 0.80
CA LEU A 64 1.60 -14.95 1.05
C LEU A 64 1.56 -14.60 2.54
N PHE A 65 2.38 -13.64 2.97
CA PHE A 65 2.19 -12.95 4.25
C PHE A 65 1.40 -11.66 4.01
N LYS A 66 0.28 -11.49 4.72
CA LYS A 66 -0.53 -10.27 4.71
C LYS A 66 -0.41 -9.55 6.06
N HIS A 67 -0.35 -8.22 6.06
CA HIS A 67 -0.32 -7.41 7.27
C HIS A 67 -0.90 -6.02 7.02
N VAL A 68 -1.68 -5.50 7.97
CA VAL A 68 -2.24 -4.14 7.94
C VAL A 68 -1.43 -3.21 8.83
N SER A 69 -1.07 -2.03 8.31
CA SER A 69 -0.30 -0.98 9.00
C SER A 69 -1.04 0.37 8.97
N HIS A 70 -0.82 1.22 9.98
CA HIS A 70 -1.61 2.41 10.29
C HIS A 70 -0.74 3.67 10.47
N ARG A 71 -1.37 4.85 10.58
CA ARG A 71 -0.72 6.17 10.77
C ARG A 71 0.14 6.61 9.59
N ILE A 72 -0.27 6.20 8.39
CA ILE A 72 0.52 6.36 7.16
C ILE A 72 0.10 7.67 6.50
N LYS A 73 1.00 8.65 6.43
CA LYS A 73 0.73 10.01 5.97
C LYS A 73 0.54 10.09 4.46
N GLU A 74 -0.26 11.02 3.96
CA GLU A 74 -0.26 11.39 2.53
C GLU A 74 1.13 11.80 2.01
N THR A 75 2.03 12.26 2.89
CA THR A 75 3.39 12.69 2.54
C THR A 75 4.39 11.55 2.60
N ASP A 76 4.03 10.42 3.24
CA ASP A 76 4.94 9.29 3.46
C ASP A 76 5.31 8.57 2.16
N PHE A 77 6.45 7.90 2.23
CA PHE A 77 6.87 6.92 1.23
C PHE A 77 6.56 5.54 1.77
N LEU A 78 6.30 4.58 0.89
CA LEU A 78 5.87 3.23 1.22
C LEU A 78 6.75 2.58 2.31
N VAL A 79 8.07 2.75 2.26
CA VAL A 79 8.98 2.23 3.32
C VAL A 79 8.70 2.79 4.73
N GLN A 80 8.15 3.99 4.81
CA GLN A 80 7.78 4.69 6.04
C GLN A 80 6.38 4.32 6.53
N GLY A 81 5.52 3.82 5.63
CA GLY A 81 4.18 3.33 5.99
C GLY A 81 4.14 1.82 6.24
N MET A 82 5.12 1.06 5.74
CA MET A 82 5.09 -0.41 5.82
C MET A 82 5.05 -0.94 7.26
N GLY A 83 5.70 -0.24 8.18
CA GLY A 83 5.89 -0.73 9.54
C GLY A 83 7.11 -1.65 9.65
N LYS A 84 7.87 -1.52 10.73
CA LYS A 84 9.10 -2.29 10.97
C LYS A 84 8.84 -3.80 10.96
N ASN A 85 7.65 -4.25 11.36
CA ASN A 85 7.25 -5.66 11.27
C ASN A 85 7.21 -6.15 9.80
N VAL A 86 6.61 -5.39 8.87
CA VAL A 86 6.54 -5.77 7.45
C VAL A 86 7.94 -5.72 6.82
N PHE A 87 8.76 -4.73 7.19
CA PHE A 87 10.15 -4.63 6.77
C PHE A 87 10.99 -5.85 7.20
N GLN A 88 10.85 -6.32 8.45
CA GLN A 88 11.58 -7.48 8.94
C GLN A 88 11.11 -8.76 8.26
N LYS A 89 9.83 -8.85 7.90
CA LYS A 89 9.28 -9.94 7.08
C LYS A 89 9.88 -9.96 5.66
N CYS A 90 10.09 -8.80 5.02
CA CYS A 90 10.83 -8.72 3.75
C CYS A 90 12.25 -9.29 3.91
N CYS A 91 12.90 -8.93 5.00
CA CYS A 91 14.30 -9.21 5.24
C CYS A 91 14.55 -10.71 5.46
N GLU A 92 13.56 -11.46 5.95
CA GLU A 92 13.61 -12.93 6.02
C GLU A 92 13.06 -13.67 4.79
N PHE A 93 12.07 -13.09 4.11
CA PHE A 93 11.40 -13.69 2.94
C PHE A 93 12.35 -13.75 1.75
N TYR A 94 13.13 -12.68 1.56
CA TYR A 94 14.03 -12.54 0.43
C TYR A 94 15.48 -12.57 0.91
N ARG A 95 15.71 -12.81 2.22
CA ARG A 95 17.06 -12.94 2.82
C ARG A 95 17.93 -11.71 2.55
N LEU A 96 17.38 -10.54 2.83
CA LEU A 96 17.98 -9.22 2.58
C LEU A 96 19.01 -8.77 3.64
N ALA A 97 19.92 -7.88 3.25
CA ALA A 97 20.93 -7.24 4.11
C ALA A 97 21.34 -5.83 3.63
N GLY A 98 21.66 -4.92 4.56
CA GLY A 98 22.05 -3.52 4.29
C GLY A 98 22.01 -2.60 5.51
N THR A 99 22.74 -1.47 5.47
CA THR A 99 23.04 -0.63 6.64
C THR A 99 22.78 0.88 6.39
N SER A 100 23.06 1.73 7.39
CA SER A 100 22.78 3.17 7.40
C SER A 100 23.64 4.00 6.43
N SER A 101 23.12 5.15 5.97
CA SER A 101 23.80 6.12 5.08
C SER A 101 23.16 7.52 5.12
N CYS A 102 23.80 8.52 4.50
CA CYS A 102 23.36 9.93 4.40
C CYS A 102 23.19 10.67 5.75
N ILE A 103 23.79 10.15 6.83
CA ILE A 103 23.52 10.53 8.23
C ILE A 103 23.98 11.97 8.55
N GLU A 104 25.00 12.48 7.86
CA GLU A 104 25.74 13.71 8.21
C GLU A 104 24.90 15.01 8.25
N GLY A 105 23.73 15.01 7.63
CA GLY A 105 22.81 16.15 7.56
C GLY A 105 21.33 15.78 7.49
N GLU A 106 20.91 14.70 8.13
CA GLU A 106 19.54 14.17 8.08
C GLU A 106 19.10 13.57 9.43
N ASP A 107 17.81 13.64 9.73
CA ASP A 107 17.15 13.12 10.95
C ASP A 107 15.89 12.28 10.66
N GLY A 108 15.70 11.90 9.40
CA GLY A 108 14.55 11.14 8.91
C GLY A 108 14.72 10.58 7.49
N SER A 109 15.43 11.29 6.61
CA SER A 109 15.68 10.83 5.23
C SER A 109 16.81 9.80 5.15
N GLU A 110 17.68 9.76 6.16
CA GLU A 110 18.74 8.76 6.35
C GLU A 110 18.19 7.36 6.66
N THR A 111 17.18 7.24 7.53
CA THR A 111 16.50 5.96 7.79
C THR A 111 15.54 5.58 6.67
N LYS A 112 14.86 6.57 6.06
CA LYS A 112 13.95 6.37 4.92
C LYS A 112 14.68 5.67 3.77
N GLU A 113 15.89 6.13 3.47
CA GLU A 113 16.67 5.48 2.42
C GLU A 113 17.39 4.21 2.89
N GLU A 114 17.78 4.08 4.17
CA GLU A 114 18.34 2.83 4.70
C GLU A 114 17.37 1.64 4.49
N ARG A 115 16.05 1.88 4.51
CA ARG A 115 14.99 0.88 4.24
C ARG A 115 14.76 0.67 2.74
N THR A 116 14.75 1.77 1.98
CA THR A 116 14.53 1.75 0.54
C THR A 116 15.69 1.11 -0.23
N GLN A 117 16.91 1.16 0.32
CA GLN A 117 18.09 0.57 -0.29
C GLN A 117 17.96 -0.96 -0.36
N ILE A 118 17.39 -1.57 0.69
CA ILE A 118 17.18 -3.02 0.83
C ILE A 118 16.25 -3.56 -0.26
N LEU A 119 15.29 -2.74 -0.67
CA LEU A 119 14.28 -3.08 -1.67
C LEU A 119 14.81 -2.86 -3.08
N GLN A 120 15.48 -1.73 -3.34
CA GLN A 120 15.99 -1.45 -4.67
C GLN A 120 17.25 -2.28 -5.02
N LYS A 121 18.07 -2.63 -4.01
CA LYS A 121 19.26 -3.48 -4.21
C LYS A 121 18.89 -4.95 -4.46
N SER A 122 17.75 -5.39 -3.94
CA SER A 122 17.23 -6.74 -4.16
C SER A 122 16.41 -6.83 -5.44
N GLY A 123 15.88 -5.70 -5.91
CA GLY A 123 15.10 -5.57 -7.15
C GLY A 123 13.60 -5.79 -6.94
N LEU A 124 13.12 -5.75 -5.69
CA LEU A 124 11.70 -5.89 -5.37
C LEU A 124 10.84 -4.81 -6.06
N LYS A 125 9.71 -5.25 -6.62
CA LYS A 125 8.68 -4.41 -7.25
C LYS A 125 7.44 -4.31 -6.36
N PHE A 126 6.81 -3.14 -6.40
CA PHE A 126 5.59 -2.80 -5.68
C PHE A 126 4.46 -2.47 -6.64
N TYR A 127 3.26 -2.95 -6.29
CA TYR A 127 2.03 -2.81 -7.07
C TYR A 127 0.87 -2.43 -6.15
N THR A 128 -0.17 -1.76 -6.64
CA THR A 128 -1.39 -1.45 -5.86
C THR A 128 -2.67 -1.84 -6.59
N LYS A 129 -3.76 -2.08 -5.86
CA LYS A 129 -5.10 -2.24 -6.44
C LYS A 129 -5.58 -0.94 -7.07
N THR A 130 -6.12 -1.02 -8.29
CA THR A 130 -6.78 0.09 -9.01
C THR A 130 -8.23 -0.24 -9.36
N PHE A 131 -9.07 0.79 -9.45
CA PHE A 131 -10.43 0.76 -10.02
C PHE A 131 -10.65 2.04 -10.88
N PRO A 132 -11.66 2.08 -11.77
CA PRO A 132 -11.89 3.22 -12.66
C PRO A 132 -12.27 4.53 -11.95
N TYR A 133 -11.93 5.67 -12.55
CA TYR A 133 -12.11 7.02 -12.01
C TYR A 133 -13.55 7.43 -11.71
N ASN A 134 -14.53 7.05 -12.54
CA ASN A 134 -15.96 7.39 -12.36
C ASN A 134 -16.74 6.31 -11.57
N THR A 135 -16.06 5.38 -10.89
CA THR A 135 -16.73 4.34 -10.09
C THR A 135 -17.33 4.96 -8.81
N THR A 136 -18.62 4.71 -8.59
CA THR A 136 -19.44 5.32 -7.53
C THR A 136 -19.99 4.30 -6.53
N HIS A 137 -19.98 3.01 -6.87
CA HIS A 137 -20.44 1.91 -6.02
C HIS A 137 -19.50 0.69 -6.10
N ILE A 138 -19.53 -0.14 -5.06
CA ILE A 138 -18.51 -1.13 -4.70
C ILE A 138 -18.31 -2.17 -5.81
N MET A 139 -17.03 -2.44 -6.12
CA MET A 139 -16.59 -3.46 -7.07
C MET A 139 -15.61 -4.45 -6.42
N ASP A 140 -15.53 -5.66 -6.96
CA ASP A 140 -14.48 -6.62 -6.66
C ASP A 140 -13.97 -7.24 -7.97
N SER A 141 -12.71 -6.92 -8.30
CA SER A 141 -11.97 -7.47 -9.43
C SER A 141 -10.49 -7.60 -9.08
N LYS A 142 -9.75 -8.40 -9.86
CA LYS A 142 -8.28 -8.44 -9.84
C LYS A 142 -7.70 -7.46 -10.87
N LYS A 143 -7.24 -6.30 -10.42
CA LYS A 143 -6.63 -5.23 -11.23
C LYS A 143 -5.52 -4.52 -10.44
N LEU A 144 -4.28 -4.71 -10.86
CA LEU A 144 -3.10 -4.07 -10.26
C LEU A 144 -2.41 -3.09 -11.20
N VAL A 145 -1.56 -2.27 -10.61
CA VAL A 145 -0.65 -1.31 -11.29
C VAL A 145 0.69 -1.22 -10.59
N GLU A 146 1.78 -1.18 -11.34
CA GLU A 146 3.16 -1.01 -10.84
C GLU A 146 3.49 0.47 -10.57
N LEU A 147 4.17 0.77 -9.46
CA LEU A 147 4.55 2.14 -9.09
C LEU A 147 5.96 2.22 -8.47
N ALA A 148 6.59 3.39 -8.52
CA ALA A 148 7.98 3.62 -8.15
C ALA A 148 8.14 4.19 -6.74
N ILE A 149 8.29 3.32 -5.75
CA ILE A 149 8.31 3.74 -4.34
C ILE A 149 9.60 4.46 -3.93
N HIS A 150 10.62 4.39 -4.79
CA HIS A 150 11.92 5.07 -4.66
C HIS A 150 11.92 6.48 -5.31
N GLU A 151 10.89 6.82 -6.09
CA GLU A 151 10.69 8.13 -6.75
C GLU A 151 9.44 8.89 -6.26
N LYS A 152 8.33 8.18 -6.03
CA LYS A 152 6.99 8.74 -5.71
C LYS A 152 6.54 8.45 -4.28
N CYS A 153 5.76 9.37 -3.70
CA CYS A 153 5.17 9.23 -2.37
C CYS A 153 3.74 8.67 -2.46
N ILE A 154 3.21 8.19 -1.33
CA ILE A 154 1.93 7.47 -1.31
C ILE A 154 0.77 8.41 -1.69
N GLY A 155 0.86 9.71 -1.40
CA GLY A 155 -0.21 10.65 -1.70
C GLY A 155 -0.40 10.82 -3.20
N GLU A 156 0.69 10.92 -3.98
CA GLU A 156 0.58 11.08 -5.44
C GLU A 156 0.22 9.77 -6.13
N LEU A 157 0.63 8.63 -5.55
CA LEU A 157 0.23 7.31 -5.99
C LEU A 157 -1.30 7.19 -5.91
N LEU A 158 -1.88 7.52 -4.76
CA LEU A 158 -3.31 7.34 -4.54
C LEU A 158 -4.14 8.47 -5.18
N LYS A 159 -3.52 9.60 -5.54
CA LYS A 159 -4.18 10.79 -6.15
C LYS A 159 -4.80 10.51 -7.52
N ASN A 160 -4.29 9.47 -8.17
CA ASN A 160 -4.81 8.95 -9.43
C ASN A 160 -5.49 7.57 -9.33
N THR A 161 -6.07 7.24 -8.17
CA THR A 161 -6.74 5.94 -7.91
C THR A 161 -8.16 6.06 -7.35
N THR A 162 -8.87 4.94 -7.53
CA THR A 162 -10.14 4.61 -6.86
C THR A 162 -9.94 3.33 -6.05
N VAL A 163 -10.49 3.26 -4.83
CA VAL A 163 -10.31 2.16 -3.86
C VAL A 163 -11.57 1.97 -3.00
N ILE A 164 -11.78 0.78 -2.41
CA ILE A 164 -12.87 0.54 -1.46
C ILE A 164 -12.30 0.65 -0.03
N GLU A 165 -12.81 1.59 0.77
CA GLU A 165 -12.34 2.00 2.11
C GLU A 165 -10.85 2.38 2.19
N PHE A 166 -9.94 1.40 2.11
CA PHE A 166 -8.48 1.59 2.30
C PHE A 166 -7.63 0.82 1.26
N PRO A 167 -6.54 1.43 0.74
CA PRO A 167 -5.73 0.88 -0.35
C PRO A 167 -4.89 -0.36 0.04
N THR A 168 -4.56 -1.15 -0.99
CA THR A 168 -3.81 -2.41 -0.88
C THR A 168 -2.53 -2.37 -1.73
N ILE A 169 -1.43 -2.86 -1.16
CA ILE A 169 -0.09 -2.95 -1.79
C ILE A 169 0.34 -4.42 -1.88
N PHE A 170 0.70 -4.88 -3.09
CA PHE A 170 1.30 -6.18 -3.34
C PHE A 170 2.80 -6.02 -3.64
N VAL A 171 3.64 -6.77 -2.93
CA VAL A 171 5.11 -6.73 -3.00
C VAL A 171 5.66 -8.03 -3.56
N ALA A 172 6.39 -8.01 -4.69
CA ALA A 172 6.95 -9.20 -5.33
C ALA A 172 8.20 -8.88 -6.17
N MET A 173 9.08 -9.87 -6.38
CA MET A 173 10.24 -9.74 -7.27
C MET A 173 9.85 -9.56 -8.75
N THR A 174 8.76 -10.21 -9.15
CA THR A 174 8.23 -10.27 -10.52
C THR A 174 6.73 -10.45 -10.51
N GLU A 175 6.12 -10.15 -11.65
CA GLU A 175 4.73 -10.49 -11.97
C GLU A 175 4.48 -12.00 -11.88
N ALA A 176 5.50 -12.80 -12.16
CA ALA A 176 5.48 -14.26 -12.08
C ALA A 176 5.49 -14.78 -10.63
N ASP A 177 5.84 -13.93 -9.67
CA ASP A 177 5.78 -14.23 -8.25
C ASP A 177 4.51 -13.64 -7.60
N LEU A 178 3.77 -12.75 -8.28
CA LEU A 178 2.48 -12.26 -7.80
C LEU A 178 1.47 -13.41 -7.61
N PRO A 179 0.49 -13.26 -6.70
CA PRO A 179 -0.60 -14.22 -6.51
C PRO A 179 -1.41 -14.49 -7.78
N GLU A 180 -2.07 -15.64 -7.83
CA GLU A 180 -2.83 -16.09 -9.00
C GLU A 180 -4.15 -15.31 -9.18
N GLY A 181 -4.51 -15.11 -10.44
CA GLY A 181 -5.62 -14.27 -10.89
C GLY A 181 -5.31 -12.76 -10.89
N TYR A 182 -4.34 -12.28 -10.12
CA TYR A 182 -3.92 -10.87 -10.14
C TYR A 182 -3.13 -10.55 -11.42
N GLU A 183 -3.44 -9.39 -12.02
CA GLU A 183 -2.87 -8.92 -13.28
C GLU A 183 -2.49 -7.44 -13.16
N VAL A 184 -1.40 -7.04 -13.80
CA VAL A 184 -0.93 -5.65 -13.87
C VAL A 184 -1.35 -4.97 -15.18
N LEU A 185 -1.91 -3.76 -15.07
CA LEU A 185 -2.36 -2.96 -16.21
C LEU A 185 -1.20 -2.24 -16.90
N HIS A 186 -1.27 -2.17 -18.22
CA HIS A 186 -0.28 -1.51 -19.08
C HIS A 186 -0.89 -0.45 -20.02
N GLN A 187 -0.03 0.39 -20.60
CA GLN A 187 -0.40 1.49 -21.49
C GLN A 187 -0.38 1.05 -22.96
N GLU A 188 -1.14 1.73 -23.82
CA GLU A 188 -1.35 1.39 -25.24
C GLU A 188 -0.68 2.37 -26.20
N GLY A 1 -22.98 3.41 26.41
CA GLY A 1 -24.08 4.28 25.95
C GLY A 1 -24.23 4.21 24.43
N PRO A 2 -25.43 3.93 23.90
CA PRO A 2 -25.68 3.85 22.46
C PRO A 2 -25.34 5.14 21.69
N HIS A 3 -24.82 4.98 20.47
CA HIS A 3 -24.46 6.07 19.55
C HIS A 3 -24.87 5.73 18.10
N MET A 4 -25.35 6.73 17.37
CA MET A 4 -25.67 6.65 15.93
C MET A 4 -24.45 6.97 15.04
N ARG A 5 -24.35 6.32 13.88
CA ARG A 5 -23.32 6.48 12.86
C ARG A 5 -23.97 6.18 11.50
N ASP A 6 -23.60 6.91 10.46
CA ASP A 6 -24.05 6.63 9.07
C ASP A 6 -23.22 5.51 8.41
N SER A 7 -22.48 5.79 7.33
CA SER A 7 -21.71 4.79 6.55
C SER A 7 -22.54 3.58 6.11
N THR A 8 -23.66 3.82 5.42
CA THR A 8 -24.58 2.80 4.89
C THR A 8 -25.22 3.19 3.52
N GLU A 9 -24.67 4.18 2.83
CA GLU A 9 -25.04 4.60 1.47
C GLU A 9 -24.07 4.05 0.41
N CYS A 10 -24.53 3.94 -0.83
CA CYS A 10 -23.72 3.49 -1.98
C CYS A 10 -22.96 4.67 -2.63
N GLN A 11 -22.21 5.40 -1.81
CA GLN A 11 -21.45 6.61 -2.16
C GLN A 11 -19.94 6.36 -2.21
N ARG A 12 -19.21 7.30 -2.82
CA ARG A 12 -17.80 7.56 -2.55
C ARG A 12 -17.61 8.89 -1.81
N ILE A 13 -16.55 8.96 -1.00
CA ILE A 13 -15.96 10.23 -0.54
C ILE A 13 -14.60 10.45 -1.19
N ILE A 14 -14.25 11.72 -1.43
CA ILE A 14 -12.97 12.16 -1.96
C ILE A 14 -12.20 12.95 -0.90
N ARG A 15 -10.89 12.67 -0.79
CA ARG A 15 -9.91 13.44 0.00
C ARG A 15 -8.70 13.75 -0.88
N ARG A 16 -8.38 15.02 -1.13
CA ARG A 16 -7.22 15.48 -1.94
C ARG A 16 -6.99 14.66 -3.24
N GLY A 17 -8.09 14.43 -3.97
CA GLY A 17 -8.12 13.69 -5.24
C GLY A 17 -8.05 12.16 -5.16
N VAL A 18 -8.00 11.57 -3.96
CA VAL A 18 -8.16 10.12 -3.74
C VAL A 18 -9.64 9.80 -3.70
N ASN A 19 -10.15 8.91 -4.56
CA ASN A 19 -11.56 8.48 -4.51
C ASN A 19 -11.73 7.21 -3.66
N CYS A 20 -12.56 7.23 -2.62
CA CYS A 20 -12.76 6.12 -1.68
C CYS A 20 -14.22 5.64 -1.66
N LEU A 21 -14.49 4.41 -2.10
CA LEU A 21 -15.84 3.84 -2.12
C LEU A 21 -16.24 3.40 -0.71
N MET A 22 -17.45 3.78 -0.28
CA MET A 22 -17.97 3.55 1.07
C MET A 22 -18.68 2.19 1.18
N LEU A 23 -17.98 1.23 1.76
CA LEU A 23 -18.46 -0.11 2.09
C LEU A 23 -19.15 -0.03 3.47
N PRO A 24 -20.31 -0.67 3.69
CA PRO A 24 -21.16 -0.39 4.84
C PRO A 24 -20.51 -0.80 6.17
N LYS A 25 -20.88 -0.10 7.25
CA LYS A 25 -20.22 -0.10 8.57
C LYS A 25 -19.91 -1.48 9.19
N GLY A 26 -20.70 -2.52 8.92
CA GLY A 26 -20.53 -3.86 9.46
C GLY A 26 -19.60 -4.77 8.66
N MET A 27 -19.08 -4.34 7.51
CA MET A 27 -18.01 -5.07 6.81
C MET A 27 -16.69 -4.99 7.60
N GLN A 28 -15.91 -6.08 7.63
CA GLN A 28 -14.59 -6.10 8.30
C GLN A 28 -13.63 -5.08 7.68
N ARG A 29 -13.61 -4.95 6.34
CA ARG A 29 -12.78 -3.96 5.64
C ARG A 29 -13.13 -2.51 6.03
N SER A 30 -14.40 -2.24 6.36
CA SER A 30 -14.88 -0.95 6.88
C SER A 30 -14.55 -0.76 8.37
N SER A 31 -14.64 -1.86 9.13
CA SER A 31 -14.39 -1.88 10.58
C SER A 31 -12.91 -1.64 10.91
N GLN A 32 -11.99 -2.18 10.10
CA GLN A 32 -10.54 -2.03 10.26
C GLN A 32 -9.97 -0.76 9.60
N ASN A 33 -10.75 -0.05 8.78
CA ASN A 33 -10.32 1.19 8.14
C ASN A 33 -10.29 2.36 9.14
N ARG A 34 -9.08 2.79 9.52
CA ARG A 34 -8.82 3.99 10.33
C ARG A 34 -8.09 5.02 9.47
N SER A 35 -8.82 5.97 8.92
CA SER A 35 -8.31 7.03 8.04
C SER A 35 -8.98 8.36 8.38
N LYS A 36 -8.17 9.37 8.70
CA LYS A 36 -8.58 10.64 9.33
C LYS A 36 -7.55 11.74 9.09
N TRP A 37 -7.94 12.96 9.44
CA TRP A 37 -7.04 14.11 9.49
C TRP A 37 -6.35 14.24 10.86
N ASP A 38 -5.09 14.67 10.87
CA ASP A 38 -4.33 15.00 12.09
C ASP A 38 -3.90 16.48 12.07
N LYS A 39 -4.60 17.31 12.87
CA LYS A 39 -4.41 18.77 13.05
C LYS A 39 -2.97 19.15 13.37
N THR A 40 -2.37 18.28 14.16
CA THR A 40 -0.98 18.33 14.64
C THR A 40 0.06 18.24 13.52
N MET A 41 -0.31 17.65 12.37
CA MET A 41 0.52 17.52 11.16
C MET A 41 -0.07 18.29 9.96
N ASP A 42 -1.33 18.73 10.05
CA ASP A 42 -2.11 19.38 8.97
C ASP A 42 -2.21 18.52 7.68
N LEU A 43 -2.47 17.22 7.84
CA LEU A 43 -2.55 16.26 6.75
C LEU A 43 -3.49 15.08 7.03
N PHE A 44 -3.85 14.34 5.98
CA PHE A 44 -4.54 13.03 6.08
C PHE A 44 -3.58 11.88 6.38
N VAL A 45 -4.02 10.97 7.25
CA VAL A 45 -3.43 9.63 7.40
C VAL A 45 -4.39 8.53 6.96
N TRP A 46 -3.82 7.36 6.71
CA TRP A 46 -4.49 6.17 6.17
C TRP A 46 -4.14 4.92 6.98
N SER A 47 -5.04 3.95 6.89
CA SER A 47 -4.68 2.54 7.02
C SER A 47 -4.38 2.00 5.62
N VAL A 48 -3.46 1.05 5.48
CA VAL A 48 -3.16 0.38 4.20
C VAL A 48 -2.89 -1.11 4.44
N GLU A 49 -3.22 -1.94 3.45
CA GLU A 49 -2.96 -3.38 3.47
C GLU A 49 -1.64 -3.69 2.74
N TRP A 50 -0.71 -4.43 3.36
CA TRP A 50 0.54 -4.88 2.73
C TRP A 50 0.50 -6.40 2.56
N ILE A 51 0.91 -6.91 1.40
CA ILE A 51 1.09 -8.34 1.15
C ILE A 51 2.52 -8.59 0.65
N LEU A 52 3.26 -9.45 1.35
CA LEU A 52 4.55 -10.00 0.94
C LEU A 52 4.40 -11.37 0.26
N CYS A 53 4.93 -11.50 -0.96
CA CYS A 53 4.81 -12.70 -1.79
C CYS A 53 6.12 -13.54 -1.73
N PRO A 54 6.12 -14.77 -1.18
CA PRO A 54 7.33 -15.59 -0.95
C PRO A 54 7.91 -16.24 -2.22
N MET A 55 9.15 -16.77 -2.15
CA MET A 55 9.87 -17.43 -3.23
C MET A 55 9.50 -18.90 -3.43
N GLN A 56 8.79 -19.18 -4.52
CA GLN A 56 8.42 -20.53 -4.97
C GLN A 56 9.39 -21.18 -5.98
N GLU A 57 9.31 -22.51 -6.06
CA GLU A 57 9.89 -23.33 -7.14
C GLU A 57 9.04 -23.28 -8.43
N LYS A 58 9.38 -24.12 -9.41
CA LYS A 58 8.68 -24.22 -10.71
C LYS A 58 7.26 -24.80 -10.61
N GLY A 59 6.96 -25.54 -9.54
CA GLY A 59 5.65 -26.12 -9.23
C GLY A 59 5.25 -25.97 -7.77
N GLU A 60 6.18 -26.13 -6.83
CA GLU A 60 5.94 -25.95 -5.38
C GLU A 60 5.79 -24.47 -5.01
N LYS A 61 4.53 -24.03 -4.95
CA LYS A 61 4.11 -22.70 -4.51
C LYS A 61 4.20 -22.54 -2.98
N LYS A 62 4.41 -21.30 -2.54
CA LYS A 62 4.46 -20.86 -1.13
C LYS A 62 3.40 -19.79 -0.85
N GLU A 63 3.11 -19.60 0.43
CA GLU A 63 1.93 -18.90 0.95
C GLU A 63 2.24 -17.48 1.49
N LEU A 64 1.34 -16.54 1.21
CA LEU A 64 1.54 -15.11 1.44
C LEU A 64 1.63 -14.76 2.93
N PHE A 65 2.42 -13.74 3.24
CA PHE A 65 2.34 -12.98 4.49
C PHE A 65 1.58 -11.68 4.25
N LYS A 66 0.64 -11.34 5.13
CA LYS A 66 -0.18 -10.12 5.08
C LYS A 66 -0.08 -9.32 6.39
N HIS A 67 -0.09 -7.99 6.28
CA HIS A 67 -0.14 -7.07 7.43
C HIS A 67 -0.86 -5.76 7.06
N VAL A 68 -1.85 -5.36 7.85
CA VAL A 68 -2.44 -4.01 7.75
C VAL A 68 -1.68 -3.05 8.68
N SER A 69 -1.27 -1.90 8.14
CA SER A 69 -0.51 -0.87 8.86
C SER A 69 -1.27 0.46 8.85
N HIS A 70 -1.09 1.25 9.91
CA HIS A 70 -1.96 2.38 10.26
C HIS A 70 -1.20 3.72 10.40
N ARG A 71 -1.94 4.83 10.48
CA ARG A 71 -1.45 6.21 10.66
C ARG A 71 -0.32 6.62 9.71
N ILE A 72 -0.44 6.20 8.45
CA ILE A 72 0.51 6.45 7.36
C ILE A 72 0.14 7.77 6.70
N LYS A 73 1.07 8.71 6.60
CA LYS A 73 0.78 10.11 6.20
C LYS A 73 0.76 10.24 4.69
N GLU A 74 -0.14 11.07 4.14
CA GLU A 74 -0.20 11.36 2.70
C GLU A 74 1.10 11.95 2.13
N THR A 75 1.91 12.58 2.98
CA THR A 75 3.23 13.13 2.63
C THR A 75 4.34 12.08 2.63
N ASP A 76 4.07 10.87 3.16
CA ASP A 76 5.07 9.84 3.43
C ASP A 76 5.32 8.86 2.28
N PHE A 77 6.36 8.05 2.43
CA PHE A 77 6.79 7.07 1.45
C PHE A 77 6.57 5.66 1.97
N LEU A 78 6.34 4.71 1.06
CA LEU A 78 5.99 3.34 1.37
C LEU A 78 6.92 2.70 2.43
N VAL A 79 8.24 2.94 2.37
CA VAL A 79 9.18 2.43 3.38
C VAL A 79 8.93 2.96 4.80
N GLN A 80 8.29 4.12 4.93
CA GLN A 80 7.89 4.75 6.18
C GLN A 80 6.49 4.34 6.67
N GLY A 81 5.64 3.84 5.79
CA GLY A 81 4.29 3.35 6.12
C GLY A 81 4.22 1.84 6.40
N MET A 82 5.21 1.09 5.90
CA MET A 82 5.21 -0.37 6.00
C MET A 82 5.27 -0.89 7.43
N GLY A 83 5.90 -0.16 8.35
CA GLY A 83 6.13 -0.63 9.72
C GLY A 83 7.45 -1.40 9.86
N LYS A 84 8.13 -1.20 11.00
CA LYS A 84 9.42 -1.84 11.33
C LYS A 84 9.32 -3.37 11.32
N ASN A 85 8.12 -3.91 11.56
CA ASN A 85 7.83 -5.34 11.43
C ASN A 85 7.76 -5.82 9.98
N VAL A 86 7.08 -5.12 9.06
CA VAL A 86 6.95 -5.55 7.65
C VAL A 86 8.28 -5.42 6.91
N PHE A 87 9.07 -4.38 7.22
CA PHE A 87 10.42 -4.24 6.73
C PHE A 87 11.31 -5.42 7.14
N GLN A 88 11.23 -5.85 8.40
CA GLN A 88 12.05 -6.97 8.89
C GLN A 88 11.53 -8.33 8.40
N LYS A 89 10.22 -8.46 8.15
CA LYS A 89 9.62 -9.64 7.51
C LYS A 89 10.01 -9.78 6.04
N CYS A 90 10.09 -8.69 5.26
CA CYS A 90 10.60 -8.76 3.89
C CYS A 90 12.09 -9.18 3.87
N CYS A 91 12.86 -8.74 4.87
CA CYS A 91 14.26 -9.14 5.03
C CYS A 91 14.41 -10.62 5.37
N GLU A 92 13.44 -11.27 6.04
CA GLU A 92 13.50 -12.72 6.31
C GLU A 92 12.88 -13.56 5.18
N PHE A 93 11.94 -12.99 4.42
CA PHE A 93 11.25 -13.64 3.30
C PHE A 93 12.19 -13.80 2.13
N TYR A 94 12.99 -12.78 1.83
CA TYR A 94 13.93 -12.84 0.70
C TYR A 94 15.38 -12.92 1.18
N ARG A 95 15.60 -13.05 2.50
CA ARG A 95 16.93 -13.18 3.13
C ARG A 95 17.86 -12.01 2.76
N LEU A 96 17.33 -10.81 2.95
CA LEU A 96 17.99 -9.52 2.68
C LEU A 96 18.66 -8.91 3.92
N ALA A 97 19.69 -8.07 3.69
CA ALA A 97 20.41 -7.34 4.72
C ALA A 97 21.03 -6.02 4.19
N GLY A 98 21.25 -5.05 5.08
CA GLY A 98 21.88 -3.77 4.78
C GLY A 98 21.66 -2.69 5.85
N THR A 99 22.45 -1.61 5.77
CA THR A 99 22.52 -0.54 6.78
C THR A 99 22.58 0.86 6.16
N SER A 100 22.61 1.90 6.99
CA SER A 100 22.77 3.31 6.60
C SER A 100 24.23 3.68 6.30
N SER A 101 24.45 4.61 5.36
CA SER A 101 25.77 5.05 4.89
C SER A 101 25.90 6.56 4.71
N CYS A 102 24.87 7.25 4.22
CA CYS A 102 24.93 8.71 3.94
C CYS A 102 24.85 9.60 5.19
N ILE A 103 25.13 9.04 6.38
CA ILE A 103 25.15 9.74 7.67
C ILE A 103 26.10 10.94 7.63
N GLU A 104 27.18 10.82 6.84
CA GLU A 104 28.18 11.87 6.55
C GLU A 104 27.59 13.19 6.03
N GLY A 105 26.41 13.19 5.40
CA GLY A 105 25.83 14.35 4.71
C GLY A 105 24.30 14.38 4.58
N GLU A 106 23.59 13.77 5.52
CA GLU A 106 22.14 13.80 5.67
C GLU A 106 21.77 14.16 7.12
N ASP A 107 20.50 14.49 7.35
CA ASP A 107 19.93 15.08 8.57
C ASP A 107 18.59 14.42 8.99
N GLY A 108 18.31 13.23 8.46
CA GLY A 108 17.05 12.46 8.64
C GLY A 108 16.65 11.59 7.45
N SER A 109 17.40 11.62 6.33
CA SER A 109 17.12 10.85 5.10
C SER A 109 18.00 9.61 4.92
N GLU A 110 19.12 9.52 5.63
CA GLU A 110 19.98 8.33 5.72
C GLU A 110 19.22 7.07 6.20
N THR A 111 18.25 7.24 7.11
CA THR A 111 17.40 6.18 7.67
C THR A 111 16.22 5.80 6.76
N LYS A 112 15.73 6.73 5.93
CA LYS A 112 14.69 6.52 4.92
C LYS A 112 15.25 5.69 3.77
N GLU A 113 16.41 6.09 3.25
CA GLU A 113 17.07 5.34 2.19
C GLU A 113 17.58 3.96 2.64
N GLU A 114 17.91 3.78 3.94
CA GLU A 114 18.42 2.51 4.49
C GLU A 114 17.50 1.32 4.15
N ARG A 115 16.17 1.53 4.17
CA ARG A 115 15.14 0.54 3.84
C ARG A 115 14.93 0.38 2.34
N THR A 116 14.93 1.52 1.66
CA THR A 116 14.79 1.63 0.19
C THR A 116 15.92 0.90 -0.53
N GLN A 117 17.14 0.93 0.00
CA GLN A 117 18.30 0.28 -0.62
C GLN A 117 18.12 -1.26 -0.65
N ILE A 118 17.51 -1.85 0.38
CA ILE A 118 17.26 -3.30 0.52
C ILE A 118 16.29 -3.78 -0.57
N LEU A 119 15.30 -2.95 -0.91
CA LEU A 119 14.23 -3.29 -1.84
C LEU A 119 14.71 -3.21 -3.28
N GLN A 120 15.47 -2.17 -3.61
CA GLN A 120 16.05 -2.05 -4.95
C GLN A 120 17.18 -3.07 -5.20
N LYS A 121 17.98 -3.40 -4.17
CA LYS A 121 19.10 -4.35 -4.30
C LYS A 121 18.70 -5.83 -4.18
N SER A 122 17.48 -6.10 -3.69
CA SER A 122 16.84 -7.42 -3.81
C SER A 122 16.16 -7.59 -5.17
N GLY A 123 15.73 -6.48 -5.78
CA GLY A 123 15.04 -6.46 -7.08
C GLY A 123 13.53 -6.59 -6.94
N LEU A 124 12.98 -6.27 -5.76
CA LEU A 124 11.54 -6.21 -5.53
C LEU A 124 10.91 -5.04 -6.29
N LYS A 125 9.64 -5.20 -6.66
CA LYS A 125 8.78 -4.13 -7.19
C LYS A 125 7.42 -4.12 -6.49
N PHE A 126 6.76 -2.95 -6.52
CA PHE A 126 5.55 -2.67 -5.74
C PHE A 126 4.36 -2.32 -6.62
N TYR A 127 3.17 -2.77 -6.22
CA TYR A 127 1.93 -2.64 -6.99
C TYR A 127 0.75 -2.26 -6.09
N THR A 128 -0.33 -1.71 -6.65
CA THR A 128 -1.57 -1.41 -5.92
C THR A 128 -2.83 -1.73 -6.75
N LYS A 129 -3.97 -1.97 -6.09
CA LYS A 129 -5.27 -2.14 -6.77
C LYS A 129 -5.76 -0.80 -7.33
N THR A 130 -6.14 -0.77 -8.61
CA THR A 130 -6.72 0.38 -9.32
C THR A 130 -8.18 0.09 -9.71
N PHE A 131 -9.01 1.13 -9.77
CA PHE A 131 -10.41 1.10 -10.22
C PHE A 131 -10.77 2.29 -11.14
N PRO A 132 -11.86 2.23 -11.94
CA PRO A 132 -12.20 3.28 -12.90
C PRO A 132 -12.56 4.60 -12.22
N TYR A 133 -12.09 5.71 -12.79
CA TYR A 133 -12.10 7.03 -12.16
C TYR A 133 -13.51 7.62 -11.94
N ASN A 134 -14.47 7.28 -12.78
CA ASN A 134 -15.84 7.80 -12.67
C ASN A 134 -16.70 7.07 -11.61
N THR A 135 -16.21 5.93 -11.08
CA THR A 135 -16.96 5.02 -10.19
C THR A 135 -17.42 5.68 -8.90
N THR A 136 -18.72 5.61 -8.60
CA THR A 136 -19.28 6.02 -7.29
C THR A 136 -19.87 4.86 -6.47
N HIS A 137 -20.18 3.73 -7.11
CA HIS A 137 -20.88 2.59 -6.52
C HIS A 137 -19.97 1.34 -6.43
N ILE A 138 -20.23 0.49 -5.44
CA ILE A 138 -19.29 -0.53 -4.96
C ILE A 138 -19.23 -1.71 -5.95
N MET A 139 -18.00 -2.08 -6.35
CA MET A 139 -17.67 -3.18 -7.28
C MET A 139 -16.27 -3.72 -6.94
N ASP A 140 -15.95 -4.97 -7.35
CA ASP A 140 -14.60 -5.54 -7.22
C ASP A 140 -14.15 -6.27 -8.50
N SER A 141 -12.89 -6.07 -8.90
CA SER A 141 -12.25 -6.66 -10.09
C SER A 141 -10.74 -6.72 -9.89
N LYS A 142 -10.08 -7.77 -10.37
CA LYS A 142 -8.62 -7.95 -10.24
C LYS A 142 -7.86 -7.08 -11.25
N LYS A 143 -7.36 -5.92 -10.79
CA LYS A 143 -6.58 -4.93 -11.58
C LYS A 143 -5.52 -4.21 -10.73
N LEU A 144 -4.26 -4.47 -11.02
CA LEU A 144 -3.07 -3.90 -10.38
C LEU A 144 -2.29 -2.95 -11.32
N VAL A 145 -1.45 -2.11 -10.73
CA VAL A 145 -0.49 -1.21 -11.42
C VAL A 145 0.82 -1.09 -10.66
N GLU A 146 1.96 -1.06 -11.36
CA GLU A 146 3.31 -1.00 -10.77
C GLU A 146 3.76 0.47 -10.57
N LEU A 147 4.30 0.81 -9.39
CA LEU A 147 4.63 2.21 -9.03
C LEU A 147 6.00 2.42 -8.35
N ALA A 148 6.56 3.62 -8.52
CA ALA A 148 7.89 4.04 -8.06
C ALA A 148 7.92 4.55 -6.61
N ILE A 149 8.04 3.61 -5.69
CA ILE A 149 8.03 3.89 -4.25
C ILE A 149 9.26 4.66 -3.75
N HIS A 150 10.35 4.69 -4.51
CA HIS A 150 11.57 5.42 -4.13
C HIS A 150 11.49 6.90 -4.53
N GLU A 151 10.60 7.24 -5.46
CA GLU A 151 10.49 8.59 -6.05
C GLU A 151 9.16 9.29 -5.76
N LYS A 152 8.07 8.51 -5.70
CA LYS A 152 6.72 9.02 -5.42
C LYS A 152 6.26 8.72 -4.00
N CYS A 153 5.59 9.69 -3.39
CA CYS A 153 4.98 9.58 -2.08
C CYS A 153 3.58 8.96 -2.19
N ILE A 154 3.08 8.43 -1.09
CA ILE A 154 1.82 7.70 -1.07
C ILE A 154 0.63 8.59 -1.44
N GLY A 155 0.69 9.91 -1.17
CA GLY A 155 -0.39 10.83 -1.49
C GLY A 155 -0.52 11.10 -2.99
N GLU A 156 0.61 11.26 -3.70
CA GLU A 156 0.63 11.43 -5.17
C GLU A 156 0.22 10.15 -5.91
N LEU A 157 0.53 8.99 -5.33
CA LEU A 157 0.07 7.69 -5.82
C LEU A 157 -1.45 7.61 -5.67
N LEU A 158 -1.99 7.87 -4.47
CA LEU A 158 -3.42 7.65 -4.24
C LEU A 158 -4.27 8.79 -4.82
N LYS A 159 -3.68 9.97 -5.10
CA LYS A 159 -4.33 11.09 -5.80
C LYS A 159 -4.77 10.76 -7.22
N ASN A 160 -4.09 9.77 -7.78
CA ASN A 160 -4.32 9.21 -9.11
C ASN A 160 -4.99 7.81 -9.07
N THR A 161 -5.75 7.53 -8.00
CA THR A 161 -6.50 6.26 -7.82
C THR A 161 -7.95 6.42 -7.37
N THR A 162 -8.67 5.32 -7.56
CA THR A 162 -9.96 4.97 -6.95
C THR A 162 -9.80 3.64 -6.23
N VAL A 163 -10.33 3.53 -5.00
CA VAL A 163 -10.13 2.39 -4.07
C VAL A 163 -11.37 2.16 -3.20
N ILE A 164 -11.56 0.97 -2.62
CA ILE A 164 -12.66 0.67 -1.69
C ILE A 164 -12.12 0.76 -0.24
N GLU A 165 -12.72 1.60 0.60
CA GLU A 165 -12.30 1.91 1.99
C GLU A 165 -10.83 2.32 2.18
N PHE A 166 -9.89 1.37 2.09
CA PHE A 166 -8.46 1.55 2.34
C PHE A 166 -7.61 0.79 1.31
N PRO A 167 -6.51 1.41 0.81
CA PRO A 167 -5.73 0.87 -0.31
C PRO A 167 -4.86 -0.32 0.08
N THR A 168 -4.46 -1.08 -0.94
CA THR A 168 -3.70 -2.33 -0.84
C THR A 168 -2.42 -2.23 -1.65
N ILE A 169 -1.31 -2.69 -1.09
CA ILE A 169 0.02 -2.75 -1.69
C ILE A 169 0.48 -4.21 -1.77
N PHE A 170 0.81 -4.67 -2.98
CA PHE A 170 1.41 -5.98 -3.21
C PHE A 170 2.92 -5.83 -3.45
N VAL A 171 3.70 -6.64 -2.73
CA VAL A 171 5.17 -6.66 -2.76
C VAL A 171 5.63 -7.97 -3.36
N ALA A 172 6.27 -7.92 -4.54
CA ALA A 172 6.67 -9.12 -5.28
C ALA A 172 7.88 -8.86 -6.19
N MET A 173 8.60 -9.93 -6.53
CA MET A 173 9.75 -9.84 -7.44
C MET A 173 9.33 -9.65 -8.91
N THR A 174 8.20 -10.28 -9.30
CA THR A 174 7.70 -10.40 -10.68
C THR A 174 6.18 -10.57 -10.71
N GLU A 175 5.53 -10.35 -11.86
CA GLU A 175 4.13 -10.74 -12.07
C GLU A 175 3.90 -12.24 -11.86
N ALA A 176 4.93 -13.03 -12.16
CA ALA A 176 4.96 -14.47 -11.95
C ALA A 176 4.93 -14.83 -10.46
N ASP A 177 5.39 -13.94 -9.59
CA ASP A 177 5.42 -14.09 -8.13
C ASP A 177 4.18 -13.44 -7.46
N LEU A 178 3.46 -12.56 -8.15
CA LEU A 178 2.16 -12.04 -7.69
C LEU A 178 1.10 -13.14 -7.51
N PRO A 179 0.12 -12.95 -6.61
CA PRO A 179 -1.00 -13.87 -6.37
C PRO A 179 -1.83 -14.14 -7.64
N GLU A 180 -2.54 -15.26 -7.64
CA GLU A 180 -3.31 -15.72 -8.80
C GLU A 180 -4.60 -14.92 -9.00
N GLY A 181 -5.00 -14.78 -10.26
CA GLY A 181 -6.15 -13.98 -10.69
C GLY A 181 -5.84 -12.48 -10.84
N TYR A 182 -4.88 -11.95 -10.06
CA TYR A 182 -4.43 -10.57 -10.21
C TYR A 182 -3.57 -10.38 -11.47
N GLU A 183 -3.79 -9.26 -12.15
CA GLU A 183 -3.12 -8.85 -13.40
C GLU A 183 -2.72 -7.37 -13.33
N VAL A 184 -1.57 -7.03 -13.91
CA VAL A 184 -1.01 -5.66 -13.89
C VAL A 184 -1.20 -4.93 -15.22
N LEU A 185 -1.57 -3.65 -15.18
CA LEU A 185 -1.94 -2.84 -16.35
C LEU A 185 -0.83 -1.88 -16.78
N HIS A 186 -0.50 -1.87 -18.08
CA HIS A 186 0.55 -1.04 -18.67
C HIS A 186 0.04 -0.17 -19.85
N GLN A 187 0.68 1.00 -20.04
CA GLN A 187 0.45 1.91 -21.17
C GLN A 187 1.47 1.69 -22.31
N GLU A 188 1.21 2.30 -23.47
CA GLU A 188 2.09 2.35 -24.66
C GLU A 188 2.98 3.59 -24.68
N GLY A 1 -15.29 15.01 -11.74
CA GLY A 1 -16.70 14.62 -11.63
C GLY A 1 -17.28 14.89 -10.26
N PRO A 2 -18.51 14.40 -9.97
CA PRO A 2 -19.23 14.70 -8.73
C PRO A 2 -18.63 14.09 -7.46
N HIS A 3 -18.78 14.79 -6.33
CA HIS A 3 -18.24 14.43 -5.03
C HIS A 3 -19.35 14.36 -3.97
N MET A 4 -19.31 13.33 -3.12
CA MET A 4 -20.20 13.13 -1.97
C MET A 4 -19.35 13.05 -0.68
N ARG A 5 -19.98 13.27 0.48
CA ARG A 5 -19.33 13.34 1.81
C ARG A 5 -20.07 12.73 2.99
N ASP A 6 -21.14 12.02 2.68
CA ASP A 6 -21.92 11.21 3.61
C ASP A 6 -21.24 9.86 3.92
N SER A 7 -21.56 9.26 5.09
CA SER A 7 -20.80 8.11 5.63
C SER A 7 -21.60 6.80 5.80
N THR A 8 -22.92 6.86 5.96
CA THR A 8 -23.82 5.67 6.01
C THR A 8 -24.42 5.29 4.64
N GLU A 9 -23.86 5.82 3.55
CA GLU A 9 -24.40 5.73 2.18
C GLU A 9 -23.51 4.87 1.26
N CYS A 10 -24.09 4.39 0.15
CA CYS A 10 -23.42 3.60 -0.91
C CYS A 10 -22.58 4.43 -1.89
N GLN A 11 -21.79 5.36 -1.35
CA GLN A 11 -21.12 6.43 -2.11
C GLN A 11 -19.60 6.51 -1.94
N ARG A 12 -18.98 7.28 -2.84
CA ARG A 12 -17.56 7.64 -2.82
C ARG A 12 -17.30 8.97 -2.10
N ILE A 13 -16.22 9.03 -1.32
CA ILE A 13 -15.69 10.26 -0.72
C ILE A 13 -14.25 10.51 -1.17
N ILE A 14 -13.88 11.78 -1.38
CA ILE A 14 -12.60 12.20 -1.95
C ILE A 14 -11.80 13.04 -0.94
N ARG A 15 -10.51 12.71 -0.81
CA ARG A 15 -9.51 13.42 0.00
C ARG A 15 -8.21 13.52 -0.79
N ARG A 16 -7.67 14.70 -1.04
CA ARG A 16 -6.44 14.96 -1.82
C ARG A 16 -6.43 14.39 -3.27
N GLY A 17 -7.59 14.07 -3.84
CA GLY A 17 -7.68 13.35 -5.13
C GLY A 17 -7.65 11.82 -5.00
N VAL A 18 -7.61 11.28 -3.78
CA VAL A 18 -7.78 9.86 -3.46
C VAL A 18 -9.28 9.58 -3.34
N ASN A 19 -9.83 8.71 -4.19
CA ASN A 19 -11.27 8.43 -4.21
C ASN A 19 -11.56 7.13 -3.44
N CYS A 20 -12.34 7.21 -2.37
CA CYS A 20 -12.55 6.11 -1.41
C CYS A 20 -14.02 5.64 -1.43
N LEU A 21 -14.27 4.40 -1.84
CA LEU A 21 -15.62 3.82 -1.87
C LEU A 21 -16.00 3.36 -0.45
N MET A 22 -17.16 3.81 0.04
CA MET A 22 -17.64 3.51 1.39
C MET A 22 -18.39 2.17 1.42
N LEU A 23 -17.99 1.26 2.32
CA LEU A 23 -18.70 0.00 2.58
C LEU A 23 -19.72 0.16 3.73
N PRO A 24 -20.79 -0.66 3.78
CA PRO A 24 -21.77 -0.61 4.86
C PRO A 24 -21.21 -1.10 6.20
N LYS A 25 -21.85 -0.66 7.29
CA LYS A 25 -21.46 -0.86 8.69
C LYS A 25 -21.01 -2.28 9.07
N GLY A 26 -21.61 -3.33 8.50
CA GLY A 26 -21.23 -4.72 8.80
C GLY A 26 -19.89 -5.20 8.22
N MET A 27 -19.26 -4.44 7.32
CA MET A 27 -18.02 -4.87 6.65
C MET A 27 -16.75 -4.61 7.46
N GLN A 28 -15.93 -5.66 7.64
CA GLN A 28 -14.68 -5.62 8.40
C GLN A 28 -13.68 -4.60 7.84
N ARG A 29 -13.61 -4.42 6.51
CA ARG A 29 -12.74 -3.41 5.87
C ARG A 29 -13.12 -1.98 6.28
N SER A 30 -14.37 -1.71 6.67
CA SER A 30 -14.77 -0.43 7.27
C SER A 30 -14.50 -0.38 8.78
N SER A 31 -14.70 -1.48 9.50
CA SER A 31 -14.47 -1.59 10.95
C SER A 31 -12.99 -1.40 11.34
N GLN A 32 -12.08 -1.95 10.53
CA GLN A 32 -10.64 -1.87 10.74
C GLN A 32 -10.01 -0.58 10.18
N ASN A 33 -10.74 0.20 9.38
CA ASN A 33 -10.19 1.38 8.71
C ASN A 33 -9.88 2.52 9.69
N ARG A 34 -8.62 2.99 9.70
CA ARG A 34 -8.18 4.31 10.19
C ARG A 34 -7.77 5.13 8.96
N SER A 35 -8.62 6.03 8.52
CA SER A 35 -8.37 6.98 7.43
C SER A 35 -9.02 8.31 7.79
N LYS A 36 -8.21 9.35 8.03
CA LYS A 36 -8.63 10.61 8.68
C LYS A 36 -7.60 11.70 8.49
N TRP A 37 -7.97 12.92 8.83
CA TRP A 37 -7.04 14.01 9.08
C TRP A 37 -6.45 13.94 10.50
N ASP A 38 -5.19 14.34 10.67
CA ASP A 38 -4.56 14.52 11.98
C ASP A 38 -4.08 15.98 12.13
N LYS A 39 -4.83 16.76 12.92
CA LYS A 39 -4.63 18.19 13.26
C LYS A 39 -3.22 18.46 13.76
N THR A 40 -2.73 17.54 14.57
CA THR A 40 -1.39 17.55 15.18
C THR A 40 -0.27 17.61 14.13
N MET A 41 -0.46 16.98 12.97
CA MET A 41 0.49 16.97 11.83
C MET A 41 0.04 17.85 10.66
N ASP A 42 -1.22 18.31 10.67
CA ASP A 42 -1.88 19.08 9.63
C ASP A 42 -1.86 18.38 8.25
N LEU A 43 -2.14 17.07 8.24
CA LEU A 43 -2.12 16.20 7.05
C LEU A 43 -3.11 15.02 7.16
N PHE A 44 -3.39 14.36 6.04
CA PHE A 44 -4.13 13.10 6.01
C PHE A 44 -3.27 11.87 6.37
N VAL A 45 -3.86 10.95 7.14
CA VAL A 45 -3.34 9.61 7.38
C VAL A 45 -4.28 8.52 6.88
N TRP A 46 -3.72 7.38 6.51
CA TRP A 46 -4.40 6.24 5.90
C TRP A 46 -4.05 4.93 6.61
N SER A 47 -4.85 3.91 6.34
CA SER A 47 -4.48 2.50 6.53
C SER A 47 -4.00 1.89 5.19
N VAL A 48 -3.14 0.87 5.24
CA VAL A 48 -2.68 0.11 4.06
C VAL A 48 -2.70 -1.39 4.39
N GLU A 49 -3.25 -2.20 3.49
CA GLU A 49 -3.11 -3.66 3.50
C GLU A 49 -1.87 -4.03 2.68
N TRP A 50 -0.88 -4.69 3.29
CA TRP A 50 0.34 -5.13 2.62
C TRP A 50 0.31 -6.65 2.43
N ILE A 51 0.65 -7.14 1.24
CA ILE A 51 0.84 -8.57 0.94
C ILE A 51 2.29 -8.80 0.49
N LEU A 52 3.05 -9.58 1.26
CA LEU A 52 4.39 -10.03 0.91
C LEU A 52 4.35 -11.39 0.22
N CYS A 53 4.90 -11.46 -1.00
CA CYS A 53 4.86 -12.66 -1.83
C CYS A 53 6.29 -13.22 -1.95
N PRO A 54 6.61 -14.39 -1.37
CA PRO A 54 7.95 -14.96 -1.39
C PRO A 54 8.38 -15.42 -2.79
N MET A 55 9.67 -15.68 -2.96
CA MET A 55 10.23 -16.16 -4.22
C MET A 55 9.81 -17.61 -4.50
N GLN A 56 8.90 -17.75 -5.45
CA GLN A 56 8.54 -18.98 -6.13
C GLN A 56 9.44 -19.32 -7.31
N GLU A 57 9.37 -20.58 -7.70
CA GLU A 57 10.22 -21.27 -8.67
C GLU A 57 9.66 -21.20 -10.09
N LYS A 58 10.26 -21.95 -11.02
CA LYS A 58 9.82 -22.10 -12.42
C LYS A 58 8.34 -22.52 -12.56
N GLY A 59 7.78 -23.28 -11.61
CA GLY A 59 6.37 -23.70 -11.61
C GLY A 59 5.69 -23.78 -10.24
N GLU A 60 6.47 -23.97 -9.18
CA GLU A 60 6.00 -24.17 -7.80
C GLU A 60 5.82 -22.83 -7.05
N LYS A 61 4.57 -22.42 -6.84
CA LYS A 61 4.12 -21.24 -6.07
C LYS A 61 4.19 -21.51 -4.56
N LYS A 62 4.44 -20.46 -3.76
CA LYS A 62 4.53 -20.52 -2.28
C LYS A 62 3.50 -19.62 -1.61
N GLU A 63 3.29 -19.83 -0.31
CA GLU A 63 2.30 -19.13 0.51
C GLU A 63 2.66 -17.65 0.81
N LEU A 64 1.66 -16.76 0.77
CA LEU A 64 1.80 -15.31 0.91
C LEU A 64 1.52 -14.88 2.37
N PHE A 65 2.16 -13.81 2.84
CA PHE A 65 1.86 -13.19 4.14
C PHE A 65 1.13 -11.86 3.96
N LYS A 66 0.06 -11.64 4.72
CA LYS A 66 -0.73 -10.39 4.72
C LYS A 66 -0.67 -9.69 6.07
N HIS A 67 -0.48 -8.37 6.09
CA HIS A 67 -0.47 -7.54 7.29
C HIS A 67 -0.96 -6.12 6.99
N VAL A 68 -1.83 -5.58 7.84
CA VAL A 68 -2.35 -4.20 7.72
C VAL A 68 -1.58 -3.25 8.65
N SER A 69 -1.16 -2.09 8.13
CA SER A 69 -0.51 -1.01 8.89
C SER A 69 -1.31 0.29 8.82
N HIS A 70 -1.26 1.09 9.88
CA HIS A 70 -2.19 2.17 10.15
C HIS A 70 -1.51 3.55 10.36
N ARG A 71 -2.35 4.60 10.36
CA ARG A 71 -2.01 6.02 10.56
C ARG A 71 -0.79 6.51 9.77
N ILE A 72 -0.76 6.16 8.48
CA ILE A 72 0.34 6.39 7.54
C ILE A 72 0.18 7.75 6.86
N LYS A 73 1.16 8.65 6.95
CA LYS A 73 1.08 10.05 6.49
C LYS A 73 1.10 10.19 4.97
N GLU A 74 0.28 11.06 4.39
CA GLU A 74 0.31 11.39 2.95
C GLU A 74 1.64 11.98 2.45
N THR A 75 2.46 12.50 3.36
CA THR A 75 3.81 13.03 3.11
C THR A 75 4.90 11.97 3.21
N ASP A 76 4.57 10.76 3.69
CA ASP A 76 5.52 9.67 3.84
C ASP A 76 5.64 8.81 2.56
N PHE A 77 6.69 7.99 2.50
CA PHE A 77 6.92 7.01 1.45
C PHE A 77 6.52 5.61 1.96
N LEU A 78 6.23 4.68 1.05
CA LEU A 78 5.75 3.33 1.36
C LEU A 78 6.65 2.61 2.39
N VAL A 79 7.98 2.79 2.28
CA VAL A 79 8.95 2.21 3.23
C VAL A 79 8.81 2.70 4.67
N GLN A 80 8.21 3.87 4.87
CA GLN A 80 7.92 4.49 6.16
C GLN A 80 6.52 4.14 6.70
N GLY A 81 5.59 3.79 5.80
CA GLY A 81 4.22 3.40 6.12
C GLY A 81 4.06 1.92 6.42
N MET A 82 4.99 1.09 5.93
CA MET A 82 4.94 -0.36 6.08
C MET A 82 4.97 -0.82 7.53
N GLY A 83 5.65 -0.11 8.42
CA GLY A 83 5.93 -0.59 9.77
C GLY A 83 7.27 -1.34 9.83
N LYS A 84 8.04 -1.14 10.91
CA LYS A 84 9.36 -1.79 11.10
C LYS A 84 9.28 -3.32 10.99
N ASN A 85 8.16 -3.91 11.42
CA ASN A 85 7.87 -5.33 11.31
C ASN A 85 7.69 -5.79 9.85
N VAL A 86 6.97 -5.03 9.01
CA VAL A 86 6.75 -5.41 7.60
C VAL A 86 8.05 -5.25 6.79
N PHE A 87 8.87 -4.24 7.11
CA PHE A 87 10.24 -4.10 6.59
C PHE A 87 11.13 -5.29 6.97
N GLN A 88 11.10 -5.73 8.23
CA GLN A 88 11.89 -6.88 8.68
C GLN A 88 11.38 -8.20 8.07
N LYS A 89 10.06 -8.31 7.83
CA LYS A 89 9.44 -9.42 7.11
C LYS A 89 9.93 -9.51 5.66
N CYS A 90 10.20 -8.39 4.97
CA CYS A 90 10.88 -8.40 3.68
C CYS A 90 12.29 -9.02 3.79
N CYS A 91 13.04 -8.62 4.81
CA CYS A 91 14.42 -9.05 5.01
C CYS A 91 14.53 -10.56 5.32
N GLU A 92 13.51 -11.15 5.96
CA GLU A 92 13.43 -12.59 6.28
C GLU A 92 12.74 -13.43 5.20
N PHE A 93 11.93 -12.81 4.35
CA PHE A 93 11.29 -13.49 3.21
C PHE A 93 12.29 -13.64 2.07
N TYR A 94 13.04 -12.59 1.76
CA TYR A 94 13.90 -12.54 0.58
C TYR A 94 15.37 -12.64 0.97
N ARG A 95 15.65 -12.86 2.27
CA ARG A 95 17.02 -13.04 2.82
C ARG A 95 17.95 -11.91 2.41
N LEU A 96 17.45 -10.69 2.61
CA LEU A 96 18.11 -9.45 2.24
C LEU A 96 19.29 -9.10 3.16
N ALA A 97 20.21 -8.29 2.64
CA ALA A 97 21.38 -7.78 3.36
C ALA A 97 21.43 -6.24 3.38
N GLY A 98 21.97 -5.69 4.47
CA GLY A 98 21.98 -4.26 4.78
C GLY A 98 23.00 -3.42 4.02
N THR A 99 23.24 -2.21 4.56
CA THR A 99 24.20 -1.19 4.11
C THR A 99 23.82 -0.44 2.81
N SER A 100 24.40 0.74 2.61
CA SER A 100 24.10 1.68 1.52
C SER A 100 25.38 2.39 1.02
N SER A 101 25.30 3.06 -0.14
CA SER A 101 26.34 3.97 -0.66
C SER A 101 25.84 5.41 -0.77
N CYS A 102 24.59 5.66 -1.15
CA CYS A 102 24.03 7.01 -1.39
C CYS A 102 23.69 7.82 -0.12
N ILE A 103 24.17 7.36 1.04
CA ILE A 103 23.98 7.92 2.39
C ILE A 103 24.26 9.43 2.47
N GLU A 104 25.20 9.88 1.63
CA GLU A 104 25.79 11.22 1.54
C GLU A 104 24.78 12.38 1.47
N GLY A 105 23.57 12.13 0.97
CA GLY A 105 22.54 13.13 0.72
C GLY A 105 22.22 14.03 1.92
N GLU A 106 21.64 13.48 2.99
CA GLU A 106 21.17 14.23 4.17
C GLU A 106 21.20 13.35 5.42
N ASP A 107 21.48 13.97 6.58
CA ASP A 107 21.57 13.35 7.92
C ASP A 107 20.19 12.97 8.52
N GLY A 108 19.24 12.62 7.65
CA GLY A 108 17.83 12.33 7.96
C GLY A 108 17.12 11.61 6.81
N SER A 109 17.57 11.83 5.56
CA SER A 109 17.18 10.98 4.42
C SER A 109 17.94 9.66 4.44
N GLU A 110 19.16 9.61 5.01
CA GLU A 110 19.98 8.39 5.12
C GLU A 110 19.31 7.19 5.83
N THR A 111 18.39 7.46 6.76
CA THR A 111 17.61 6.46 7.52
C THR A 111 16.29 6.08 6.83
N LYS A 112 15.67 7.01 6.10
CA LYS A 112 14.48 6.78 5.27
C LYS A 112 14.86 5.95 4.04
N GLU A 113 15.98 6.28 3.41
CA GLU A 113 16.49 5.55 2.26
C GLU A 113 17.17 4.23 2.65
N GLU A 114 17.64 4.04 3.90
CA GLU A 114 18.23 2.75 4.32
C GLU A 114 17.29 1.57 4.03
N ARG A 115 15.99 1.73 4.27
CA ARG A 115 14.96 0.71 3.99
C ARG A 115 14.73 0.52 2.50
N THR A 116 14.67 1.64 1.80
CA THR A 116 14.45 1.71 0.34
C THR A 116 15.61 1.10 -0.44
N GLN A 117 16.84 1.18 0.09
CA GLN A 117 18.04 0.60 -0.49
C GLN A 117 17.95 -0.93 -0.55
N ILE A 118 17.39 -1.58 0.49
CA ILE A 118 17.24 -3.04 0.58
C ILE A 118 16.28 -3.58 -0.50
N LEU A 119 15.32 -2.74 -0.89
CA LEU A 119 14.27 -3.09 -1.86
C LEU A 119 14.73 -2.86 -3.30
N GLN A 120 15.44 -1.76 -3.55
CA GLN A 120 16.00 -1.51 -4.89
C GLN A 120 17.24 -2.37 -5.22
N LYS A 121 18.05 -2.74 -4.19
CA LYS A 121 19.20 -3.65 -4.37
C LYS A 121 18.77 -5.10 -4.60
N SER A 122 17.61 -5.50 -4.08
CA SER A 122 17.04 -6.83 -4.29
C SER A 122 16.30 -6.93 -5.63
N GLY A 123 15.79 -5.79 -6.13
CA GLY A 123 15.03 -5.71 -7.37
C GLY A 123 13.54 -5.97 -7.16
N LEU A 124 13.05 -5.82 -5.91
CA LEU A 124 11.63 -5.95 -5.56
C LEU A 124 10.79 -4.83 -6.20
N LYS A 125 9.54 -5.18 -6.53
CA LYS A 125 8.54 -4.29 -7.09
C LYS A 125 7.28 -4.23 -6.22
N PHE A 126 6.64 -3.07 -6.24
CA PHE A 126 5.45 -2.76 -5.46
C PHE A 126 4.28 -2.44 -6.39
N TYR A 127 3.11 -3.00 -6.11
CA TYR A 127 1.91 -2.90 -6.94
C TYR A 127 0.69 -2.52 -6.09
N THR A 128 -0.28 -1.81 -6.66
CA THR A 128 -1.55 -1.47 -5.98
C THR A 128 -2.75 -1.75 -6.90
N LYS A 129 -3.95 -1.90 -6.33
CA LYS A 129 -5.20 -2.06 -7.11
C LYS A 129 -5.60 -0.75 -7.77
N THR A 130 -6.15 -0.81 -8.98
CA THR A 130 -6.76 0.34 -9.66
C THR A 130 -8.20 0.05 -10.07
N PHE A 131 -9.03 1.09 -10.01
CA PHE A 131 -10.44 1.07 -10.40
C PHE A 131 -10.77 2.38 -11.17
N PRO A 132 -11.65 2.36 -12.18
CA PRO A 132 -11.95 3.56 -12.97
C PRO A 132 -12.95 4.47 -12.25
N TYR A 133 -12.74 5.78 -12.32
CA TYR A 133 -13.70 6.78 -11.83
C TYR A 133 -15.06 6.69 -12.54
N ASN A 134 -15.10 6.21 -13.78
CA ASN A 134 -16.32 5.91 -14.55
C ASN A 134 -17.22 4.83 -13.90
N THR A 135 -16.74 4.05 -12.92
CA THR A 135 -17.56 3.08 -12.16
C THR A 135 -18.37 3.74 -11.02
N THR A 136 -17.78 4.66 -10.25
CA THR A 136 -18.31 5.33 -9.02
C THR A 136 -18.82 4.47 -7.85
N HIS A 137 -19.35 3.27 -8.09
CA HIS A 137 -20.03 2.41 -7.12
C HIS A 137 -19.16 1.22 -6.69
N ILE A 138 -19.54 0.53 -5.62
CA ILE A 138 -18.77 -0.61 -5.07
C ILE A 138 -18.76 -1.78 -6.08
N MET A 139 -17.55 -2.28 -6.38
CA MET A 139 -17.30 -3.50 -7.16
C MET A 139 -16.03 -4.23 -6.65
N ASP A 140 -15.82 -5.46 -7.10
CA ASP A 140 -14.58 -6.24 -6.93
C ASP A 140 -14.06 -6.75 -8.29
N SER A 141 -12.80 -6.44 -8.59
CA SER A 141 -12.07 -6.75 -9.83
C SER A 141 -10.60 -7.05 -9.56
N LYS A 142 -9.91 -7.64 -10.56
CA LYS A 142 -8.45 -7.86 -10.55
C LYS A 142 -7.72 -7.06 -11.65
N LYS A 143 -7.23 -5.89 -11.23
CA LYS A 143 -6.34 -4.98 -11.95
C LYS A 143 -5.34 -4.30 -11.01
N LEU A 144 -4.08 -4.65 -11.17
CA LEU A 144 -2.95 -4.03 -10.48
C LEU A 144 -2.15 -3.09 -11.40
N VAL A 145 -1.39 -2.25 -10.75
CA VAL A 145 -0.46 -1.28 -11.36
C VAL A 145 0.83 -1.21 -10.56
N GLU A 146 1.97 -1.15 -11.23
CA GLU A 146 3.29 -1.00 -10.60
C GLU A 146 3.56 0.46 -10.19
N LEU A 147 4.09 0.67 -8.98
CA LEU A 147 4.43 1.98 -8.41
C LEU A 147 5.89 2.09 -7.96
N ALA A 148 6.32 3.34 -7.93
CA ALA A 148 7.71 3.74 -7.81
C ALA A 148 8.02 4.34 -6.46
N ILE A 149 8.14 3.46 -5.47
CA ILE A 149 8.26 3.87 -4.06
C ILE A 149 9.61 4.53 -3.71
N HIS A 150 10.58 4.42 -4.60
CA HIS A 150 11.87 5.11 -4.52
C HIS A 150 11.80 6.52 -5.15
N GLU A 151 10.77 6.83 -5.94
CA GLU A 151 10.59 8.10 -6.67
C GLU A 151 9.39 8.94 -6.24
N LYS A 152 8.31 8.29 -5.77
CA LYS A 152 7.00 8.88 -5.44
C LYS A 152 6.54 8.58 -4.01
N CYS A 153 5.89 9.56 -3.37
CA CYS A 153 5.34 9.43 -2.02
C CYS A 153 3.92 8.84 -2.08
N ILE A 154 3.40 8.39 -0.93
CA ILE A 154 2.13 7.67 -0.90
C ILE A 154 0.96 8.57 -1.28
N GLY A 155 1.05 9.88 -1.00
CA GLY A 155 -0.01 10.83 -1.32
C GLY A 155 -0.22 10.95 -2.82
N GLU A 156 0.87 11.13 -3.59
CA GLU A 156 0.77 11.31 -5.04
C GLU A 156 0.45 10.00 -5.77
N LEU A 157 0.80 8.85 -5.18
CA LEU A 157 0.39 7.55 -5.69
C LEU A 157 -1.12 7.36 -5.54
N LEU A 158 -1.67 7.60 -4.35
CA LEU A 158 -3.09 7.29 -4.12
C LEU A 158 -4.01 8.38 -4.69
N LYS A 159 -3.46 9.57 -4.97
CA LYS A 159 -4.11 10.69 -5.66
C LYS A 159 -4.47 10.37 -7.10
N ASN A 160 -3.81 9.37 -7.67
CA ASN A 160 -4.08 8.82 -9.00
C ASN A 160 -4.83 7.46 -8.96
N THR A 161 -5.58 7.20 -7.87
CA THR A 161 -6.39 5.98 -7.70
C THR A 161 -7.84 6.23 -7.25
N THR A 162 -8.64 5.17 -7.43
CA THR A 162 -9.92 4.91 -6.78
C THR A 162 -9.78 3.55 -6.08
N VAL A 163 -10.22 3.43 -4.82
CA VAL A 163 -10.05 2.23 -3.95
C VAL A 163 -11.24 2.08 -2.99
N ILE A 164 -11.48 0.88 -2.46
CA ILE A 164 -12.57 0.62 -1.49
C ILE A 164 -12.01 0.75 -0.07
N GLU A 165 -12.62 1.59 0.77
CA GLU A 165 -12.24 1.90 2.17
C GLU A 165 -10.79 2.37 2.38
N PHE A 166 -9.80 1.48 2.24
CA PHE A 166 -8.37 1.77 2.38
C PHE A 166 -7.52 0.91 1.42
N PRO A 167 -6.45 1.47 0.81
CA PRO A 167 -5.70 0.83 -0.27
C PRO A 167 -4.96 -0.46 0.11
N THR A 168 -4.68 -1.27 -0.92
CA THR A 168 -3.89 -2.51 -0.85
C THR A 168 -2.58 -2.34 -1.63
N ILE A 169 -1.48 -2.85 -1.10
CA ILE A 169 -0.15 -2.93 -1.72
C ILE A 169 0.30 -4.39 -1.77
N PHE A 170 0.67 -4.88 -2.96
CA PHE A 170 1.28 -6.18 -3.17
C PHE A 170 2.79 -6.01 -3.41
N VAL A 171 3.60 -6.81 -2.73
CA VAL A 171 5.06 -6.77 -2.74
C VAL A 171 5.60 -8.07 -3.32
N ALA A 172 6.29 -7.99 -4.46
CA ALA A 172 6.78 -9.17 -5.18
C ALA A 172 8.00 -8.86 -6.06
N MET A 173 8.82 -9.86 -6.36
CA MET A 173 9.89 -9.71 -7.36
C MET A 173 9.32 -9.46 -8.76
N THR A 174 8.28 -10.21 -9.15
CA THR A 174 7.58 -10.10 -10.45
C THR A 174 6.14 -10.61 -10.37
N GLU A 175 5.37 -10.44 -11.47
CA GLU A 175 4.03 -11.05 -11.63
C GLU A 175 4.02 -12.57 -11.44
N ALA A 176 5.13 -13.22 -11.77
CA ALA A 176 5.33 -14.66 -11.57
C ALA A 176 5.23 -15.06 -10.09
N ASP A 177 5.52 -14.13 -9.17
CA ASP A 177 5.46 -14.34 -7.73
C ASP A 177 4.15 -13.82 -7.10
N LEU A 178 3.42 -12.93 -7.80
CA LEU A 178 2.12 -12.37 -7.36
C LEU A 178 1.02 -13.46 -7.19
N PRO A 179 -0.07 -13.17 -6.45
CA PRO A 179 -1.24 -14.06 -6.36
C PRO A 179 -1.92 -14.28 -7.71
N GLU A 180 -2.66 -15.39 -7.82
CA GLU A 180 -3.39 -15.75 -9.04
C GLU A 180 -4.72 -14.98 -9.19
N GLY A 181 -5.16 -14.85 -10.44
CA GLY A 181 -6.34 -14.08 -10.85
C GLY A 181 -6.09 -12.58 -10.96
N TYR A 182 -5.19 -12.04 -10.12
CA TYR A 182 -4.60 -10.72 -10.27
C TYR A 182 -3.70 -10.64 -11.52
N GLU A 183 -3.69 -9.49 -12.18
CA GLU A 183 -2.75 -9.14 -13.24
C GLU A 183 -2.29 -7.68 -13.10
N VAL A 184 -1.09 -7.38 -13.56
CA VAL A 184 -0.55 -6.01 -13.63
C VAL A 184 -0.72 -5.43 -15.03
N LEU A 185 -1.19 -4.18 -15.12
CA LEU A 185 -1.45 -3.47 -16.36
C LEU A 185 -0.15 -2.93 -17.00
N HIS A 186 -0.08 -3.03 -18.33
CA HIS A 186 1.06 -2.55 -19.13
C HIS A 186 1.27 -1.02 -19.04
N GLN A 187 2.51 -0.56 -19.23
CA GLN A 187 2.83 0.86 -19.37
C GLN A 187 2.33 1.46 -20.71
N GLU A 188 1.91 2.72 -20.69
CA GLU A 188 1.52 3.53 -21.85
C GLU A 188 2.71 4.35 -22.40
N GLY A 1 -26.97 0.40 19.85
CA GLY A 1 -26.29 0.73 21.12
C GLY A 1 -25.54 2.05 20.99
N PRO A 2 -24.43 2.23 21.74
CA PRO A 2 -23.60 3.43 21.64
C PRO A 2 -22.94 3.55 20.27
N HIS A 3 -22.96 4.76 19.70
CA HIS A 3 -22.74 4.99 18.26
C HIS A 3 -22.06 6.33 17.95
N MET A 4 -21.27 6.33 16.88
CA MET A 4 -20.64 7.50 16.27
C MET A 4 -21.48 7.96 15.07
N ARG A 5 -21.68 9.28 14.89
CA ARG A 5 -22.45 9.87 13.78
C ARG A 5 -21.65 9.84 12.46
N ASP A 6 -21.43 8.63 11.95
CA ASP A 6 -20.56 8.30 10.80
C ASP A 6 -20.88 6.91 10.24
N SER A 7 -20.39 6.59 9.03
CA SER A 7 -20.43 5.25 8.40
C SER A 7 -21.79 4.53 8.30
N THR A 8 -22.90 5.25 8.49
CA THR A 8 -24.28 4.71 8.33
C THR A 8 -24.84 4.85 6.88
N GLU A 9 -23.95 5.04 5.91
CA GLU A 9 -24.18 5.13 4.47
C GLU A 9 -22.95 4.58 3.71
N CYS A 10 -23.13 4.22 2.45
CA CYS A 10 -22.11 3.60 1.59
C CYS A 10 -22.09 4.22 0.17
N GLN A 11 -21.82 5.52 0.13
CA GLN A 11 -21.50 6.33 -1.06
C GLN A 11 -20.00 6.62 -1.18
N ARG A 12 -19.55 7.19 -2.31
CA ARG A 12 -18.18 7.69 -2.41
C ARG A 12 -17.95 9.08 -1.83
N ILE A 13 -16.79 9.25 -1.21
CA ILE A 13 -16.16 10.55 -0.89
C ILE A 13 -14.84 10.68 -1.64
N ILE A 14 -14.50 11.88 -2.09
CA ILE A 14 -13.17 12.24 -2.60
C ILE A 14 -12.39 12.95 -1.50
N ARG A 15 -11.15 12.51 -1.29
CA ARG A 15 -10.22 13.04 -0.30
C ARG A 15 -8.85 13.17 -0.93
N ARG A 16 -8.30 14.39 -1.03
CA ARG A 16 -7.01 14.69 -1.68
C ARG A 16 -6.86 14.12 -3.12
N GLY A 17 -7.98 14.06 -3.86
CA GLY A 17 -8.05 13.48 -5.21
C GLY A 17 -8.09 11.95 -5.25
N VAL A 18 -8.12 11.28 -4.09
CA VAL A 18 -8.32 9.82 -3.97
C VAL A 18 -9.82 9.56 -3.93
N ASN A 19 -10.38 8.79 -4.86
CA ASN A 19 -11.82 8.50 -4.87
C ASN A 19 -12.06 7.29 -3.94
N CYS A 20 -12.73 7.51 -2.80
CA CYS A 20 -12.87 6.52 -1.73
C CYS A 20 -14.35 6.08 -1.57
N LEU A 21 -14.67 4.87 -2.02
CA LEU A 21 -16.00 4.30 -1.80
C LEU A 21 -16.11 3.82 -0.36
N MET A 22 -17.08 4.34 0.38
CA MET A 22 -17.29 4.03 1.79
C MET A 22 -18.10 2.73 1.93
N LEU A 23 -17.72 1.88 2.89
CA LEU A 23 -18.49 0.70 3.28
C LEU A 23 -19.30 1.01 4.56
N PRO A 24 -20.43 0.33 4.79
CA PRO A 24 -21.22 0.55 6.01
C PRO A 24 -20.44 0.07 7.26
N LYS A 25 -20.68 0.73 8.39
CA LYS A 25 -19.92 0.63 9.66
C LYS A 25 -19.59 -0.80 10.12
N GLY A 26 -20.48 -1.77 9.93
CA GLY A 26 -20.30 -3.15 10.37
C GLY A 26 -19.46 -4.03 9.44
N MET A 27 -18.98 -3.52 8.30
CA MET A 27 -17.95 -4.19 7.49
C MET A 27 -16.58 -4.08 8.17
N GLN A 28 -15.82 -5.18 8.24
CA GLN A 28 -14.47 -5.15 8.82
C GLN A 28 -13.52 -4.27 8.00
N ARG A 29 -13.63 -4.20 6.67
CA ARG A 29 -12.79 -3.27 5.85
C ARG A 29 -13.05 -1.78 6.13
N SER A 30 -14.25 -1.43 6.61
CA SER A 30 -14.52 -0.10 7.22
C SER A 30 -14.05 0.04 8.67
N SER A 31 -14.28 -1.00 9.48
CA SER A 31 -13.99 -1.04 10.93
C SER A 31 -12.48 -1.02 11.23
N GLN A 32 -11.68 -1.76 10.46
CA GLN A 32 -10.23 -1.87 10.62
C GLN A 32 -9.48 -0.66 10.02
N ASN A 33 -10.06 -0.03 9.00
CA ASN A 33 -9.52 1.19 8.40
C ASN A 33 -9.67 2.38 9.36
N ARG A 34 -8.60 3.15 9.56
CA ARG A 34 -8.66 4.53 10.04
C ARG A 34 -8.08 5.44 8.96
N SER A 35 -8.93 6.00 8.11
CA SER A 35 -8.55 7.01 7.13
C SER A 35 -9.15 8.34 7.57
N LYS A 36 -8.31 9.22 8.13
CA LYS A 36 -8.68 10.41 8.92
C LYS A 36 -7.57 11.45 8.88
N TRP A 37 -7.84 12.61 9.45
CA TRP A 37 -6.90 13.73 9.66
C TRP A 37 -6.15 13.58 10.98
N ASP A 38 -4.91 14.06 11.06
CA ASP A 38 -4.21 14.28 12.34
C ASP A 38 -3.74 15.74 12.50
N LYS A 39 -4.27 16.40 13.53
CA LYS A 39 -3.92 17.77 13.97
C LYS A 39 -2.43 17.89 14.30
N THR A 40 -1.88 16.80 14.81
CA THR A 40 -0.45 16.70 15.18
C THR A 40 0.50 16.84 13.99
N MET A 41 0.06 16.51 12.77
CA MET A 41 0.83 16.68 11.54
C MET A 41 0.20 17.68 10.55
N ASP A 42 -1.05 18.11 10.79
CA ASP A 42 -1.84 18.98 9.90
C ASP A 42 -1.99 18.36 8.50
N LEU A 43 -2.26 17.04 8.43
CA LEU A 43 -2.43 16.28 7.17
C LEU A 43 -3.38 15.06 7.31
N PHE A 44 -3.77 14.48 6.18
CA PHE A 44 -4.50 13.21 6.13
C PHE A 44 -3.59 11.97 6.25
N VAL A 45 -4.06 10.98 7.02
CA VAL A 45 -3.48 9.63 7.12
C VAL A 45 -4.44 8.53 6.65
N TRP A 46 -3.89 7.34 6.41
CA TRP A 46 -4.61 6.13 6.03
C TRP A 46 -4.10 4.92 6.82
N SER A 47 -4.95 3.91 6.99
CA SER A 47 -4.50 2.52 7.11
C SER A 47 -4.27 1.96 5.71
N VAL A 48 -3.35 1.00 5.54
CA VAL A 48 -3.14 0.28 4.27
C VAL A 48 -2.88 -1.21 4.50
N GLU A 49 -3.24 -2.03 3.53
CA GLU A 49 -3.09 -3.49 3.55
C GLU A 49 -1.83 -3.91 2.76
N TRP A 50 -0.82 -4.48 3.40
CA TRP A 50 0.42 -4.95 2.76
C TRP A 50 0.39 -6.46 2.58
N ILE A 51 0.79 -6.93 1.39
CA ILE A 51 1.00 -8.35 1.10
C ILE A 51 2.43 -8.53 0.56
N LEU A 52 3.25 -9.28 1.27
CA LEU A 52 4.56 -9.75 0.79
C LEU A 52 4.46 -11.13 0.12
N CYS A 53 5.04 -11.27 -1.08
CA CYS A 53 4.92 -12.49 -1.89
C CYS A 53 6.29 -13.19 -2.05
N PRO A 54 6.50 -14.39 -1.47
CA PRO A 54 7.80 -15.08 -1.47
C PRO A 54 8.20 -15.70 -2.82
N MET A 55 9.47 -16.09 -2.94
CA MET A 55 10.03 -16.62 -4.19
C MET A 55 9.63 -18.07 -4.44
N GLN A 56 8.73 -18.27 -5.40
CA GLN A 56 8.35 -19.59 -5.93
C GLN A 56 9.16 -20.04 -7.15
N GLU A 57 9.17 -21.36 -7.35
CA GLU A 57 9.77 -22.06 -8.50
C GLU A 57 8.73 -22.30 -9.61
N LYS A 58 9.11 -23.04 -10.66
CA LYS A 58 8.24 -23.37 -11.80
C LYS A 58 7.05 -24.29 -11.47
N GLY A 59 7.11 -25.04 -10.37
CA GLY A 59 6.00 -25.84 -9.84
C GLY A 59 5.61 -25.49 -8.40
N GLU A 60 6.60 -25.37 -7.51
CA GLU A 60 6.38 -25.12 -6.07
C GLU A 60 6.10 -23.64 -5.75
N LYS A 61 4.80 -23.31 -5.71
CA LYS A 61 4.26 -22.04 -5.18
C LYS A 61 4.25 -22.01 -3.65
N LYS A 62 4.38 -20.80 -3.09
CA LYS A 62 4.53 -20.52 -1.66
C LYS A 62 3.35 -19.70 -1.09
N GLU A 63 3.33 -19.49 0.23
CA GLU A 63 2.27 -18.78 0.96
C GLU A 63 2.65 -17.36 1.40
N LEU A 64 1.70 -16.42 1.30
CA LEU A 64 1.88 -14.99 1.52
C LEU A 64 2.02 -14.60 3.00
N PHE A 65 2.74 -13.52 3.26
CA PHE A 65 2.58 -12.74 4.50
C PHE A 65 1.66 -11.55 4.23
N LYS A 66 0.59 -11.41 5.02
CA LYS A 66 -0.31 -10.24 5.00
C LYS A 66 -0.23 -9.49 6.33
N HIS A 67 -0.18 -8.15 6.27
CA HIS A 67 -0.17 -7.29 7.45
C HIS A 67 -0.75 -5.91 7.13
N VAL A 68 -1.67 -5.41 7.95
CA VAL A 68 -2.22 -4.04 7.85
C VAL A 68 -1.42 -3.08 8.72
N SER A 69 -1.02 -1.93 8.19
CA SER A 69 -0.30 -0.89 8.95
C SER A 69 -1.02 0.47 8.92
N HIS A 70 -0.85 1.27 9.97
CA HIS A 70 -1.73 2.39 10.32
C HIS A 70 -1.03 3.77 10.31
N ARG A 71 -1.85 4.82 10.36
CA ARG A 71 -1.49 6.26 10.41
C ARG A 71 -0.41 6.69 9.41
N ILE A 72 -0.50 6.21 8.18
CA ILE A 72 0.44 6.45 7.09
C ILE A 72 0.06 7.77 6.42
N LYS A 73 0.98 8.74 6.37
CA LYS A 73 0.71 10.10 5.89
C LYS A 73 0.47 10.12 4.38
N GLU A 74 -0.35 11.05 3.90
CA GLU A 74 -0.41 11.38 2.47
C GLU A 74 0.94 11.84 1.89
N THR A 75 1.86 12.30 2.74
CA THR A 75 3.22 12.73 2.40
C THR A 75 4.24 11.60 2.46
N ASP A 76 3.89 10.45 3.07
CA ASP A 76 4.85 9.38 3.35
C ASP A 76 5.29 8.63 2.08
N PHE A 77 6.44 7.98 2.20
CA PHE A 77 6.88 6.96 1.28
C PHE A 77 6.58 5.59 1.87
N LEU A 78 6.35 4.61 1.00
CA LEU A 78 6.00 3.24 1.36
C LEU A 78 6.92 2.67 2.45
N VAL A 79 8.24 2.92 2.37
CA VAL A 79 9.19 2.45 3.40
C VAL A 79 8.89 2.96 4.82
N GLN A 80 8.25 4.13 4.95
CA GLN A 80 7.86 4.78 6.20
C GLN A 80 6.45 4.42 6.68
N GLY A 81 5.59 3.94 5.77
CA GLY A 81 4.25 3.44 6.09
C GLY A 81 4.24 1.97 6.48
N MET A 82 5.18 1.17 5.94
CA MET A 82 5.17 -0.29 6.03
C MET A 82 5.23 -0.80 7.46
N GLY A 83 5.94 -0.11 8.34
CA GLY A 83 6.17 -0.59 9.71
C GLY A 83 7.29 -1.62 9.82
N LYS A 84 7.94 -1.66 10.98
CA LYS A 84 9.10 -2.53 11.26
C LYS A 84 8.80 -4.01 11.02
N ASN A 85 7.60 -4.49 11.36
CA ASN A 85 7.23 -5.91 11.13
C ASN A 85 7.29 -6.26 9.63
N VAL A 86 6.82 -5.37 8.74
CA VAL A 86 6.77 -5.61 7.29
C VAL A 86 8.17 -5.52 6.69
N PHE A 87 9.00 -4.58 7.14
CA PHE A 87 10.40 -4.48 6.71
C PHE A 87 11.21 -5.72 7.10
N GLN A 88 11.06 -6.22 8.33
CA GLN A 88 11.82 -7.38 8.80
C GLN A 88 11.35 -8.68 8.11
N LYS A 89 10.09 -8.73 7.66
CA LYS A 89 9.59 -9.83 6.84
C LYS A 89 10.14 -9.83 5.41
N CYS A 90 10.41 -8.66 4.82
CA CYS A 90 11.15 -8.59 3.55
C CYS A 90 12.55 -9.22 3.68
N CYS A 91 13.23 -8.92 4.79
CA CYS A 91 14.56 -9.42 5.08
C CYS A 91 14.60 -10.93 5.29
N GLU A 92 13.52 -11.55 5.77
CA GLU A 92 13.44 -13.01 5.95
C GLU A 92 12.88 -13.75 4.72
N PHE A 93 12.08 -13.09 3.89
CA PHE A 93 11.44 -13.68 2.70
C PHE A 93 12.40 -13.76 1.53
N TYR A 94 13.26 -12.74 1.39
CA TYR A 94 14.18 -12.65 0.27
C TYR A 94 15.63 -12.67 0.74
N ARG A 95 15.85 -12.94 2.04
CA ARG A 95 17.19 -13.09 2.65
C ARG A 95 18.11 -11.92 2.31
N LEU A 96 17.58 -10.73 2.60
CA LEU A 96 18.20 -9.45 2.29
C LEU A 96 19.28 -9.03 3.31
N ALA A 97 20.22 -8.18 2.86
CA ALA A 97 21.28 -7.63 3.70
C ALA A 97 21.68 -6.20 3.27
N GLY A 98 22.05 -5.36 4.23
CA GLY A 98 22.65 -4.04 3.97
C GLY A 98 22.37 -2.99 5.04
N THR A 99 23.16 -1.92 5.00
CA THR A 99 23.05 -0.72 5.85
C THR A 99 23.49 0.54 5.10
N SER A 100 23.18 1.72 5.65
CA SER A 100 23.69 3.02 5.18
C SER A 100 25.10 3.31 5.72
N SER A 101 25.97 3.83 4.85
CA SER A 101 27.32 4.28 5.20
C SER A 101 27.68 5.55 4.43
N CYS A 102 28.46 6.43 5.07
CA CYS A 102 28.87 7.74 4.53
C CYS A 102 27.71 8.70 4.22
N ILE A 103 26.54 8.46 4.82
CA ILE A 103 25.31 9.28 4.78
C ILE A 103 25.25 10.21 6.02
N GLU A 104 26.43 10.57 6.52
CA GLU A 104 26.68 11.10 7.87
C GLU A 104 26.14 12.53 8.11
N GLY A 105 25.88 13.29 7.06
CA GLY A 105 25.31 14.65 7.09
C GLY A 105 23.80 14.76 7.30
N GLU A 106 23.18 13.66 7.75
CA GLU A 106 21.76 13.41 7.92
C GLU A 106 21.52 12.62 9.23
N ASP A 107 20.34 12.80 9.82
CA ASP A 107 19.81 12.04 10.98
C ASP A 107 18.30 11.76 10.86
N GLY A 108 17.84 11.51 9.63
CA GLY A 108 16.46 11.16 9.29
C GLY A 108 16.36 10.50 7.91
N SER A 109 17.05 11.06 6.92
CA SER A 109 17.14 10.50 5.57
C SER A 109 18.03 9.26 5.54
N GLU A 110 19.09 9.22 6.34
CA GLU A 110 20.05 8.11 6.42
C GLU A 110 19.41 6.74 6.71
N THR A 111 18.33 6.74 7.51
CA THR A 111 17.55 5.56 7.88
C THR A 111 16.34 5.33 6.98
N LYS A 112 15.73 6.39 6.41
CA LYS A 112 14.72 6.25 5.34
C LYS A 112 15.36 5.54 4.15
N GLU A 113 16.53 6.01 3.74
CA GLU A 113 17.24 5.41 2.60
C GLU A 113 17.83 4.05 2.94
N GLU A 114 18.25 3.78 4.19
CA GLU A 114 18.69 2.44 4.61
C GLU A 114 17.67 1.36 4.27
N ARG A 115 16.37 1.61 4.49
CA ARG A 115 15.29 0.66 4.16
C ARG A 115 14.96 0.61 2.67
N THR A 116 14.99 1.78 2.01
CA THR A 116 14.81 1.92 0.56
C THR A 116 15.91 1.19 -0.22
N GLN A 117 17.13 1.16 0.30
CA GLN A 117 18.28 0.56 -0.35
C GLN A 117 18.14 -0.96 -0.46
N ILE A 118 17.56 -1.61 0.56
CA ILE A 118 17.34 -3.07 0.63
C ILE A 118 16.35 -3.52 -0.48
N LEU A 119 15.38 -2.64 -0.79
CA LEU A 119 14.33 -2.92 -1.78
C LEU A 119 14.82 -2.67 -3.20
N GLN A 120 15.55 -1.58 -3.41
CA GLN A 120 16.09 -1.29 -4.75
C GLN A 120 17.26 -2.21 -5.13
N LYS A 121 18.10 -2.58 -4.17
CA LYS A 121 19.22 -3.52 -4.44
C LYS A 121 18.73 -4.94 -4.74
N SER A 122 17.60 -5.34 -4.15
CA SER A 122 17.02 -6.67 -4.39
C SER A 122 16.20 -6.69 -5.68
N GLY A 123 15.69 -5.52 -6.09
CA GLY A 123 14.83 -5.34 -7.25
C GLY A 123 13.36 -5.60 -6.94
N LEU A 124 12.96 -5.50 -5.66
CA LEU A 124 11.56 -5.67 -5.26
C LEU A 124 10.68 -4.58 -5.88
N LYS A 125 9.54 -5.03 -6.42
CA LYS A 125 8.53 -4.23 -7.10
C LYS A 125 7.27 -4.14 -6.26
N PHE A 126 6.64 -2.98 -6.30
CA PHE A 126 5.45 -2.64 -5.54
C PHE A 126 4.28 -2.34 -6.48
N TYR A 127 3.11 -2.89 -6.17
CA TYR A 127 1.89 -2.82 -6.97
C TYR A 127 0.69 -2.46 -6.09
N THR A 128 -0.39 -1.91 -6.66
CA THR A 128 -1.62 -1.56 -5.92
C THR A 128 -2.88 -1.83 -6.74
N LYS A 129 -4.05 -1.91 -6.10
CA LYS A 129 -5.34 -2.01 -6.79
C LYS A 129 -5.68 -0.74 -7.58
N THR A 130 -6.30 -0.91 -8.74
CA THR A 130 -6.93 0.19 -9.52
C THR A 130 -8.38 -0.17 -9.84
N PHE A 131 -9.25 0.83 -9.75
CA PHE A 131 -10.67 0.77 -10.12
C PHE A 131 -11.07 1.98 -11.00
N PRO A 132 -12.16 1.89 -11.80
CA PRO A 132 -12.51 2.93 -12.78
C PRO A 132 -12.86 4.29 -12.16
N TYR A 133 -12.62 5.37 -12.91
CA TYR A 133 -12.82 6.75 -12.47
C TYR A 133 -14.28 7.14 -12.17
N ASN A 134 -15.23 6.67 -12.97
CA ASN A 134 -16.67 7.01 -12.84
C ASN A 134 -17.43 6.06 -11.90
N THR A 135 -16.72 5.21 -11.13
CA THR A 135 -17.32 4.28 -10.17
C THR A 135 -17.94 5.02 -8.99
N THR A 136 -19.20 4.69 -8.66
CA THR A 136 -19.96 5.23 -7.51
C THR A 136 -20.51 4.14 -6.59
N HIS A 137 -20.65 2.91 -7.09
CA HIS A 137 -21.16 1.74 -6.36
C HIS A 137 -20.08 0.64 -6.27
N ILE A 138 -20.02 -0.07 -5.14
CA ILE A 138 -18.90 -0.94 -4.73
C ILE A 138 -18.71 -2.15 -5.66
N MET A 139 -17.45 -2.42 -5.97
CA MET A 139 -16.96 -3.50 -6.84
C MET A 139 -16.14 -4.53 -6.05
N ASP A 140 -16.04 -5.75 -6.60
CA ASP A 140 -14.86 -6.59 -6.40
C ASP A 140 -14.32 -7.12 -7.74
N SER A 141 -13.04 -6.86 -7.99
CA SER A 141 -12.29 -7.25 -9.18
C SER A 141 -10.80 -7.43 -8.85
N LYS A 142 -10.05 -8.08 -9.74
CA LYS A 142 -8.59 -8.27 -9.66
C LYS A 142 -7.87 -7.47 -10.76
N LYS A 143 -7.36 -6.29 -10.38
CA LYS A 143 -6.62 -5.33 -11.23
C LYS A 143 -5.53 -4.58 -10.46
N LEU A 144 -4.29 -4.89 -10.76
CA LEU A 144 -3.08 -4.29 -10.18
C LEU A 144 -2.32 -3.38 -11.16
N VAL A 145 -1.54 -2.47 -10.60
CA VAL A 145 -0.65 -1.53 -11.33
C VAL A 145 0.67 -1.33 -10.59
N GLU A 146 1.79 -1.27 -11.31
CA GLU A 146 3.15 -1.09 -10.77
C GLU A 146 3.48 0.38 -10.54
N LEU A 147 4.12 0.68 -9.41
CA LEU A 147 4.42 2.06 -8.98
C LEU A 147 5.82 2.20 -8.38
N ALA A 148 6.27 3.45 -8.28
CA ALA A 148 7.66 3.84 -8.02
C ALA A 148 7.85 4.43 -6.62
N ILE A 149 8.07 3.56 -5.65
CA ILE A 149 8.07 3.90 -4.22
C ILE A 149 9.26 4.73 -3.75
N HIS A 150 10.33 4.79 -4.52
CA HIS A 150 11.52 5.59 -4.20
C HIS A 150 11.38 7.01 -4.79
N GLU A 151 10.53 7.19 -5.79
CA GLU A 151 10.39 8.41 -6.59
C GLU A 151 9.08 9.17 -6.38
N LYS A 152 7.98 8.46 -6.08
CA LYS A 152 6.63 9.02 -5.81
C LYS A 152 6.17 8.72 -4.39
N CYS A 153 5.49 9.69 -3.78
CA CYS A 153 4.90 9.53 -2.45
C CYS A 153 3.48 9.00 -2.56
N ILE A 154 3.02 8.36 -1.50
CA ILE A 154 1.76 7.61 -1.47
C ILE A 154 0.55 8.50 -1.82
N GLY A 155 0.59 9.81 -1.51
CA GLY A 155 -0.51 10.71 -1.79
C GLY A 155 -0.69 10.99 -3.28
N GLU A 156 0.40 11.05 -4.04
CA GLU A 156 0.37 11.31 -5.49
C GLU A 156 -0.01 10.05 -6.27
N LEU A 157 0.37 8.88 -5.73
CA LEU A 157 -0.02 7.58 -6.25
C LEU A 157 -1.54 7.39 -6.12
N LEU A 158 -2.11 7.67 -4.94
CA LEU A 158 -3.54 7.43 -4.71
C LEU A 158 -4.41 8.57 -5.26
N LYS A 159 -3.84 9.77 -5.51
CA LYS A 159 -4.50 10.91 -6.17
C LYS A 159 -4.91 10.60 -7.62
N ASN A 160 -4.29 9.56 -8.16
CA ASN A 160 -4.56 9.00 -9.48
C ASN A 160 -5.30 7.63 -9.41
N THR A 161 -6.07 7.36 -8.34
CA THR A 161 -6.85 6.12 -8.16
C THR A 161 -8.32 6.32 -7.73
N THR A 162 -9.04 5.19 -7.80
CA THR A 162 -10.28 4.89 -7.07
C THR A 162 -10.04 3.64 -6.21
N VAL A 163 -10.54 3.61 -4.97
CA VAL A 163 -10.40 2.50 -4.00
C VAL A 163 -11.65 2.37 -3.11
N ILE A 164 -11.86 1.20 -2.50
CA ILE A 164 -12.93 0.96 -1.51
C ILE A 164 -12.36 0.94 -0.08
N GLU A 165 -12.82 1.88 0.77
CA GLU A 165 -12.31 2.22 2.13
C GLU A 165 -10.81 2.53 2.18
N PHE A 166 -9.93 1.55 1.96
CA PHE A 166 -8.50 1.66 2.22
C PHE A 166 -7.63 0.88 1.21
N PRO A 167 -6.51 1.45 0.74
CA PRO A 167 -5.73 0.87 -0.35
C PRO A 167 -4.87 -0.33 0.09
N THR A 168 -4.48 -1.12 -0.91
CA THR A 168 -3.75 -2.39 -0.76
C THR A 168 -2.46 -2.32 -1.57
N ILE A 169 -1.34 -2.75 -0.99
CA ILE A 169 -0.01 -2.79 -1.61
C ILE A 169 0.45 -4.24 -1.68
N PHE A 170 0.72 -4.72 -2.90
CA PHE A 170 1.30 -6.03 -3.17
C PHE A 170 2.79 -5.87 -3.47
N VAL A 171 3.62 -6.65 -2.79
CA VAL A 171 5.09 -6.59 -2.87
C VAL A 171 5.65 -7.92 -3.39
N ALA A 172 6.39 -7.89 -4.50
CA ALA A 172 7.00 -9.09 -5.10
C ALA A 172 8.26 -8.80 -5.92
N MET A 173 9.13 -9.80 -6.11
CA MET A 173 10.26 -9.69 -7.05
C MET A 173 9.81 -9.75 -8.51
N THR A 174 8.79 -10.57 -8.82
CA THR A 174 8.21 -10.70 -10.16
C THR A 174 6.71 -10.94 -10.13
N GLU A 175 6.07 -10.72 -11.28
CA GLU A 175 4.68 -11.11 -11.52
C GLU A 175 4.43 -12.61 -11.33
N ALA A 176 5.45 -13.42 -11.57
CA ALA A 176 5.44 -14.86 -11.35
C ALA A 176 5.31 -15.22 -9.85
N ASP A 177 5.76 -14.35 -8.94
CA ASP A 177 5.65 -14.53 -7.49
C ASP A 177 4.34 -13.94 -6.94
N LEU A 178 3.67 -13.03 -7.69
CA LEU A 178 2.37 -12.48 -7.31
C LEU A 178 1.28 -13.57 -7.18
N PRO A 179 0.27 -13.37 -6.32
CA PRO A 179 -0.83 -14.32 -6.12
C PRO A 179 -1.65 -14.59 -7.40
N GLU A 180 -2.28 -15.76 -7.46
CA GLU A 180 -3.08 -16.15 -8.63
C GLU A 180 -4.45 -15.44 -8.67
N GLY A 181 -4.98 -15.26 -9.87
CA GLY A 181 -6.20 -14.52 -10.16
C GLY A 181 -6.01 -13.00 -10.26
N TYR A 182 -5.01 -12.44 -9.56
CA TYR A 182 -4.56 -11.06 -9.75
C TYR A 182 -3.80 -10.92 -11.07
N GLU A 183 -3.92 -9.76 -11.71
CA GLU A 183 -3.16 -9.40 -12.92
C GLU A 183 -2.73 -7.92 -12.89
N VAL A 184 -1.55 -7.65 -13.44
CA VAL A 184 -0.94 -6.32 -13.53
C VAL A 184 -1.16 -5.69 -14.91
N LEU A 185 -1.63 -4.44 -14.93
CA LEU A 185 -2.06 -3.71 -16.13
C LEU A 185 -0.93 -2.91 -16.79
N HIS A 186 -0.93 -2.94 -18.13
CA HIS A 186 -0.10 -2.09 -18.98
C HIS A 186 -0.96 -1.15 -19.84
N GLN A 187 -0.55 0.12 -19.92
CA GLN A 187 -1.10 1.12 -20.84
C GLN A 187 -0.57 0.91 -22.27
N GLU A 188 -1.29 1.38 -23.30
CA GLU A 188 -0.99 1.13 -24.72
C GLU A 188 -0.40 2.32 -25.48
N GLY A 1 -23.07 6.82 17.32
CA GLY A 1 -23.79 5.54 17.44
C GLY A 1 -25.13 5.55 16.70
N PRO A 2 -26.08 4.67 17.06
CA PRO A 2 -27.31 4.42 16.30
C PRO A 2 -28.18 5.64 15.95
N HIS A 3 -28.26 6.63 16.85
CA HIS A 3 -29.06 7.86 16.66
C HIS A 3 -28.26 9.03 16.05
N MET A 4 -27.20 8.72 15.29
CA MET A 4 -26.40 9.66 14.50
C MET A 4 -26.20 9.15 13.07
N ARG A 5 -26.21 10.05 12.07
CA ARG A 5 -25.93 9.74 10.65
C ARG A 5 -24.42 9.59 10.39
N ASP A 6 -24.07 8.65 9.53
CA ASP A 6 -22.72 8.38 9.03
C ASP A 6 -22.72 8.03 7.52
N SER A 7 -21.54 7.78 6.96
CA SER A 7 -21.30 7.34 5.58
C SER A 7 -21.83 5.91 5.31
N THR A 8 -23.15 5.75 5.24
CA THR A 8 -23.86 4.45 5.21
C THR A 8 -24.49 4.09 3.85
N GLU A 9 -24.08 4.77 2.79
CA GLU A 9 -24.56 4.60 1.42
C GLU A 9 -23.42 4.17 0.47
N CYS A 10 -23.78 3.47 -0.62
CA CYS A 10 -22.85 2.94 -1.65
C CYS A 10 -22.27 4.06 -2.57
N GLN A 11 -21.52 4.97 -1.98
CA GLN A 11 -21.06 6.24 -2.54
C GLN A 11 -19.56 6.45 -2.31
N ARG A 12 -18.96 7.41 -3.02
CA ARG A 12 -17.57 7.83 -2.80
C ARG A 12 -17.45 9.21 -2.16
N ILE A 13 -16.39 9.37 -1.36
CA ILE A 13 -15.81 10.66 -1.00
C ILE A 13 -14.38 10.77 -1.55
N ILE A 14 -13.95 11.98 -1.88
CA ILE A 14 -12.57 12.28 -2.28
C ILE A 14 -11.79 12.89 -1.10
N ARG A 15 -10.56 12.39 -0.88
CA ARG A 15 -9.53 13.04 -0.06
C ARG A 15 -8.25 13.17 -0.89
N ARG A 16 -7.69 14.37 -1.00
CA ARG A 16 -6.41 14.67 -1.70
C ARG A 16 -6.30 14.00 -3.09
N GLY A 17 -7.38 14.05 -3.85
CA GLY A 17 -7.50 13.48 -5.20
C GLY A 17 -7.72 11.97 -5.29
N VAL A 18 -7.77 11.23 -4.18
CA VAL A 18 -8.06 9.78 -4.14
C VAL A 18 -9.58 9.57 -4.14
N ASN A 19 -10.11 8.76 -5.07
CA ASN A 19 -11.53 8.37 -5.02
C ASN A 19 -11.71 7.23 -4.00
N CYS A 20 -12.45 7.44 -2.90
CA CYS A 20 -12.58 6.49 -1.78
C CYS A 20 -14.02 5.98 -1.65
N LEU A 21 -14.29 4.74 -2.07
CA LEU A 21 -15.64 4.15 -1.98
C LEU A 21 -15.91 3.72 -0.53
N MET A 22 -17.03 4.16 0.05
CA MET A 22 -17.33 4.02 1.47
C MET A 22 -17.94 2.65 1.80
N LEU A 23 -17.35 1.88 2.73
CA LEU A 23 -17.97 0.69 3.30
C LEU A 23 -18.73 1.00 4.60
N PRO A 24 -19.90 0.40 4.83
CA PRO A 24 -20.72 0.66 6.02
C PRO A 24 -20.10 0.05 7.29
N LYS A 25 -20.51 0.56 8.44
CA LYS A 25 -19.76 0.48 9.71
C LYS A 25 -19.44 -0.90 10.25
N GLY A 26 -20.26 -1.91 9.95
CA GLY A 26 -20.11 -3.29 10.42
C GLY A 26 -19.39 -4.23 9.46
N MET A 27 -18.96 -3.77 8.27
CA MET A 27 -17.95 -4.47 7.48
C MET A 27 -16.63 -4.42 8.24
N GLN A 28 -15.98 -5.56 8.52
CA GLN A 28 -14.73 -5.55 9.30
C GLN A 28 -13.61 -4.73 8.63
N ARG A 29 -13.57 -4.65 7.28
CA ARG A 29 -12.68 -3.73 6.55
C ARG A 29 -12.96 -2.25 6.84
N SER A 30 -14.21 -1.88 7.16
CA SER A 30 -14.58 -0.54 7.65
C SER A 30 -14.26 -0.36 9.14
N SER A 31 -14.48 -1.38 9.98
CA SER A 31 -14.22 -1.38 11.44
C SER A 31 -12.71 -1.30 11.75
N GLN A 32 -11.87 -2.00 11.01
CA GLN A 32 -10.41 -1.98 11.19
C GLN A 32 -9.74 -0.73 10.57
N ASN A 33 -10.42 -0.04 9.64
CA ASN A 33 -9.85 1.13 8.98
C ASN A 33 -9.75 2.31 9.96
N ARG A 34 -8.53 2.81 10.13
CA ARG A 34 -8.21 4.06 10.83
C ARG A 34 -7.72 5.05 9.77
N SER A 35 -8.58 5.94 9.30
CA SER A 35 -8.24 7.01 8.37
C SER A 35 -9.04 8.28 8.69
N LYS A 36 -8.31 9.37 8.92
CA LYS A 36 -8.83 10.65 9.39
C LYS A 36 -7.77 11.73 9.18
N TRP A 37 -8.11 12.97 9.52
CA TRP A 37 -7.16 14.07 9.62
C TRP A 37 -6.42 14.04 10.96
N ASP A 38 -5.13 14.36 10.97
CA ASP A 38 -4.29 14.56 12.17
C ASP A 38 -3.85 16.03 12.26
N LYS A 39 -4.47 16.79 13.17
CA LYS A 39 -4.27 18.25 13.40
C LYS A 39 -2.82 18.61 13.71
N THR A 40 -2.21 17.70 14.47
CA THR A 40 -0.80 17.73 14.88
C THR A 40 0.19 17.71 13.72
N MET A 41 -0.25 17.25 12.54
CA MET A 41 0.53 17.26 11.29
C MET A 41 -0.13 18.09 10.17
N ASP A 42 -1.38 18.52 10.36
CA ASP A 42 -2.17 19.32 9.40
C ASP A 42 -2.38 18.57 8.06
N LEU A 43 -2.57 17.23 8.13
CA LEU A 43 -2.68 16.34 6.98
C LEU A 43 -3.60 15.13 7.22
N PHE A 44 -3.99 14.42 6.15
CA PHE A 44 -4.69 13.15 6.21
C PHE A 44 -3.74 11.96 6.45
N VAL A 45 -4.19 10.99 7.25
CA VAL A 45 -3.56 9.68 7.41
C VAL A 45 -4.50 8.53 7.02
N TRP A 46 -3.89 7.42 6.60
CA TRP A 46 -4.53 6.19 6.12
C TRP A 46 -4.08 4.96 6.89
N SER A 47 -4.91 3.93 6.78
CA SER A 47 -4.50 2.53 6.91
C SER A 47 -4.10 1.97 5.53
N VAL A 48 -3.18 1.02 5.48
CA VAL A 48 -2.75 0.31 4.25
C VAL A 48 -2.67 -1.19 4.54
N GLU A 49 -3.20 -1.99 3.62
CA GLU A 49 -3.06 -3.45 3.62
C GLU A 49 -1.83 -3.85 2.77
N TRP A 50 -0.82 -4.49 3.36
CA TRP A 50 0.39 -4.96 2.67
C TRP A 50 0.37 -6.49 2.53
N ILE A 51 0.68 -7.01 1.34
CA ILE A 51 0.85 -8.43 1.09
C ILE A 51 2.26 -8.68 0.50
N LEU A 52 3.09 -9.42 1.24
CA LEU A 52 4.40 -9.89 0.79
C LEU A 52 4.28 -11.26 0.11
N CYS A 53 4.78 -11.37 -1.13
CA CYS A 53 4.57 -12.54 -1.97
C CYS A 53 5.93 -13.24 -2.23
N PRO A 54 6.18 -14.44 -1.71
CA PRO A 54 7.48 -15.12 -1.77
C PRO A 54 7.86 -15.65 -3.16
N MET A 55 9.16 -15.94 -3.33
CA MET A 55 9.71 -16.53 -4.56
C MET A 55 9.37 -18.01 -4.69
N GLN A 56 8.44 -18.28 -5.59
CA GLN A 56 8.14 -19.62 -6.07
C GLN A 56 9.25 -20.18 -6.95
N GLU A 57 9.20 -21.50 -7.08
CA GLU A 57 10.13 -22.26 -7.93
C GLU A 57 9.73 -22.15 -9.41
N LYS A 58 10.30 -22.99 -10.29
CA LYS A 58 9.96 -22.96 -11.73
C LYS A 58 8.55 -23.47 -12.06
N GLY A 59 7.89 -24.14 -11.11
CA GLY A 59 6.48 -24.53 -11.18
C GLY A 59 5.70 -24.44 -9.86
N GLU A 60 6.33 -24.72 -8.71
CA GLU A 60 5.65 -24.84 -7.41
C GLU A 60 5.47 -23.49 -6.71
N LYS A 61 4.19 -23.18 -6.43
CA LYS A 61 3.67 -21.90 -5.90
C LYS A 61 3.66 -21.88 -4.36
N LYS A 62 3.90 -20.71 -3.77
CA LYS A 62 4.09 -20.50 -2.30
C LYS A 62 3.03 -19.60 -1.66
N GLU A 63 3.07 -19.50 -0.33
CA GLU A 63 2.03 -18.86 0.50
C GLU A 63 2.39 -17.42 0.93
N LEU A 64 1.41 -16.52 0.84
CA LEU A 64 1.57 -15.07 1.08
C LEU A 64 1.63 -14.73 2.58
N PHE A 65 2.32 -13.64 2.93
CA PHE A 65 2.21 -12.98 4.24
C PHE A 65 1.40 -11.70 4.10
N LYS A 66 0.49 -11.43 5.05
CA LYS A 66 -0.34 -10.21 5.12
C LYS A 66 -0.13 -9.44 6.43
N HIS A 67 -0.07 -8.11 6.35
CA HIS A 67 -0.13 -7.21 7.51
C HIS A 67 -0.77 -5.86 7.14
N VAL A 68 -1.61 -5.33 8.02
CA VAL A 68 -2.16 -3.96 7.91
C VAL A 68 -1.36 -3.00 8.79
N SER A 69 -0.97 -1.84 8.24
CA SER A 69 -0.30 -0.75 8.95
C SER A 69 -1.11 0.55 8.93
N HIS A 70 -1.00 1.35 9.99
CA HIS A 70 -1.84 2.53 10.25
C HIS A 70 -0.98 3.80 10.40
N ARG A 71 -1.64 4.97 10.44
CA ARG A 71 -1.04 6.30 10.64
C ARG A 71 -0.12 6.73 9.50
N ILE A 72 -0.46 6.39 8.26
CA ILE A 72 0.41 6.62 7.10
C ILE A 72 -0.03 7.92 6.43
N LYS A 73 0.86 8.91 6.36
CA LYS A 73 0.54 10.29 5.96
C LYS A 73 0.37 10.42 4.45
N GLU A 74 -0.47 11.36 3.99
CA GLU A 74 -0.54 11.73 2.56
C GLU A 74 0.82 12.17 1.97
N THR A 75 1.79 12.53 2.80
CA THR A 75 3.14 12.95 2.45
C THR A 75 4.18 11.83 2.60
N ASP A 76 3.82 10.72 3.27
CA ASP A 76 4.72 9.58 3.52
C ASP A 76 5.08 8.84 2.21
N PHE A 77 6.24 8.20 2.24
CA PHE A 77 6.60 7.19 1.26
C PHE A 77 6.31 5.81 1.82
N LEU A 78 5.99 4.86 0.94
CA LEU A 78 5.57 3.50 1.28
C LEU A 78 6.51 2.85 2.32
N VAL A 79 7.83 3.01 2.17
CA VAL A 79 8.82 2.44 3.09
C VAL A 79 8.71 2.98 4.51
N GLN A 80 8.16 4.18 4.66
CA GLN A 80 7.96 4.86 5.94
C GLN A 80 6.63 4.51 6.61
N GLY A 81 5.64 4.09 5.80
CA GLY A 81 4.33 3.64 6.29
C GLY A 81 4.25 2.14 6.56
N MET A 82 5.10 1.35 5.88
CA MET A 82 5.07 -0.11 5.93
C MET A 82 5.21 -0.68 7.34
N GLY A 83 5.96 -0.02 8.21
CA GLY A 83 6.29 -0.53 9.53
C GLY A 83 7.54 -1.42 9.52
N LYS A 84 8.36 -1.33 10.57
CA LYS A 84 9.58 -2.11 10.75
C LYS A 84 9.29 -3.62 10.78
N ASN A 85 8.10 -4.04 11.19
CA ASN A 85 7.65 -5.43 11.07
C ASN A 85 7.59 -5.89 9.61
N VAL A 86 7.00 -5.09 8.71
CA VAL A 86 6.85 -5.46 7.29
C VAL A 86 8.20 -5.41 6.58
N PHE A 87 9.05 -4.43 6.92
CA PHE A 87 10.43 -4.38 6.46
C PHE A 87 11.26 -5.61 6.88
N GLN A 88 11.13 -6.08 8.13
CA GLN A 88 11.87 -7.26 8.59
C GLN A 88 11.31 -8.55 7.98
N LYS A 89 10.03 -8.58 7.64
CA LYS A 89 9.44 -9.67 6.85
C LYS A 89 9.90 -9.67 5.39
N CYS A 90 10.19 -8.52 4.78
CA CYS A 90 10.87 -8.47 3.48
C CYS A 90 12.27 -9.10 3.55
N CYS A 91 13.04 -8.81 4.60
CA CYS A 91 14.42 -9.27 4.67
C CYS A 91 14.53 -10.78 4.91
N GLU A 92 13.53 -11.40 5.53
CA GLU A 92 13.45 -12.86 5.70
C GLU A 92 12.77 -13.60 4.55
N PHE A 93 11.82 -12.98 3.84
CA PHE A 93 11.09 -13.60 2.72
C PHE A 93 11.96 -13.68 1.48
N TYR A 94 12.77 -12.66 1.24
CA TYR A 94 13.64 -12.60 0.07
C TYR A 94 15.09 -12.79 0.47
N ARG A 95 15.37 -13.03 1.76
CA ARG A 95 16.74 -13.24 2.29
C ARG A 95 17.69 -12.11 1.89
N LEU A 96 17.22 -10.88 2.13
CA LEU A 96 17.94 -9.66 1.81
C LEU A 96 19.06 -9.34 2.82
N ALA A 97 20.05 -8.58 2.37
CA ALA A 97 21.26 -8.23 3.13
C ALA A 97 21.51 -6.70 3.18
N GLY A 98 22.14 -6.27 4.27
CA GLY A 98 22.31 -4.91 4.73
C GLY A 98 23.57 -4.22 4.21
N THR A 99 23.81 -3.05 4.77
CA THR A 99 24.47 -1.92 4.10
C THR A 99 25.20 -1.04 5.12
N SER A 100 25.86 0.04 4.69
CA SER A 100 26.40 1.03 5.63
C SER A 100 25.26 1.79 6.34
N SER A 101 25.45 2.08 7.63
CA SER A 101 24.45 2.62 8.57
C SER A 101 25.01 3.72 9.48
N CYS A 102 26.33 3.81 9.66
CA CYS A 102 27.06 4.91 10.30
C CYS A 102 27.06 6.23 9.47
N ILE A 103 25.84 6.68 9.11
CA ILE A 103 25.52 7.76 8.17
C ILE A 103 24.77 8.91 8.92
N GLU A 104 24.92 8.93 10.25
CA GLU A 104 24.11 9.64 11.27
C GLU A 104 24.00 11.16 11.12
N GLY A 105 24.85 11.77 10.29
CA GLY A 105 24.83 13.18 9.88
C GLY A 105 23.63 13.64 9.04
N GLU A 106 22.46 13.01 9.21
CA GLU A 106 21.15 13.45 8.73
C GLU A 106 20.20 13.66 9.92
N ASP A 107 18.95 14.03 9.65
CA ASP A 107 17.93 14.40 10.65
C ASP A 107 16.85 13.33 10.86
N GLY A 108 17.13 12.09 10.48
CA GLY A 108 16.13 11.02 10.33
C GLY A 108 15.67 10.90 8.88
N SER A 109 16.65 10.68 7.99
CA SER A 109 16.47 10.49 6.54
C SER A 109 17.50 9.54 5.93
N GLU A 110 18.65 9.36 6.57
CA GLU A 110 19.55 8.22 6.38
C GLU A 110 18.84 6.89 6.70
N THR A 111 18.05 6.88 7.79
CA THR A 111 17.22 5.74 8.23
C THR A 111 16.11 5.40 7.22
N LYS A 112 15.44 6.41 6.66
CA LYS A 112 14.35 6.25 5.67
C LYS A 112 14.90 5.58 4.40
N GLU A 113 16.01 6.09 3.87
CA GLU A 113 16.62 5.49 2.69
C GLU A 113 17.33 4.16 2.96
N GLU A 114 17.81 3.90 4.18
CA GLU A 114 18.41 2.60 4.54
C GLU A 114 17.47 1.44 4.22
N ARG A 115 16.18 1.56 4.55
CA ARG A 115 15.16 0.52 4.31
C ARG A 115 14.87 0.37 2.81
N THR A 116 14.85 1.50 2.12
CA THR A 116 14.72 1.62 0.66
C THR A 116 15.89 0.95 -0.05
N GLN A 117 17.12 1.04 0.48
CA GLN A 117 18.29 0.50 -0.21
C GLN A 117 18.18 -1.03 -0.29
N ILE A 118 17.66 -1.68 0.75
CA ILE A 118 17.43 -3.14 0.82
C ILE A 118 16.43 -3.60 -0.23
N LEU A 119 15.44 -2.75 -0.54
CA LEU A 119 14.39 -3.06 -1.52
C LEU A 119 14.91 -2.89 -2.94
N GLN A 120 15.61 -1.80 -3.22
CA GLN A 120 16.11 -1.54 -4.57
C GLN A 120 17.32 -2.44 -4.92
N LYS A 121 18.16 -2.81 -3.93
CA LYS A 121 19.28 -3.76 -4.13
C LYS A 121 18.81 -5.21 -4.33
N SER A 122 17.60 -5.52 -3.89
CA SER A 122 16.94 -6.79 -4.21
C SER A 122 16.31 -6.76 -5.60
N GLY A 123 15.85 -5.58 -6.04
CA GLY A 123 15.07 -5.45 -7.28
C GLY A 123 13.60 -5.85 -7.07
N LEU A 124 13.09 -5.73 -5.84
CA LEU A 124 11.66 -5.92 -5.55
C LEU A 124 10.81 -4.88 -6.28
N LYS A 125 9.59 -5.27 -6.64
CA LYS A 125 8.56 -4.42 -7.23
C LYS A 125 7.38 -4.30 -6.27
N PHE A 126 6.79 -3.10 -6.27
CA PHE A 126 5.56 -2.81 -5.53
C PHE A 126 4.41 -2.47 -6.51
N TYR A 127 3.21 -2.92 -6.17
CA TYR A 127 2.00 -2.80 -6.97
C TYR A 127 0.81 -2.41 -6.09
N THR A 128 -0.24 -1.84 -6.68
CA THR A 128 -1.49 -1.55 -5.97
C THR A 128 -2.71 -1.94 -6.82
N LYS A 129 -3.87 -2.16 -6.17
CA LYS A 129 -5.16 -2.35 -6.85
C LYS A 129 -5.61 -1.04 -7.49
N THR A 130 -5.98 -1.08 -8.76
CA THR A 130 -6.63 0.04 -9.45
C THR A 130 -8.09 -0.31 -9.73
N PHE A 131 -8.94 0.71 -9.74
CA PHE A 131 -10.34 0.68 -10.14
C PHE A 131 -10.62 1.90 -11.05
N PRO A 132 -11.58 1.85 -11.98
CA PRO A 132 -11.80 2.94 -12.94
C PRO A 132 -12.16 4.28 -12.30
N TYR A 133 -11.78 5.38 -12.95
CA TYR A 133 -11.88 6.73 -12.37
C TYR A 133 -13.31 7.24 -12.15
N ASN A 134 -14.29 6.82 -12.96
CA ASN A 134 -15.70 7.21 -12.81
C ASN A 134 -16.51 6.30 -11.87
N THR A 135 -15.88 5.31 -11.22
CA THR A 135 -16.55 4.40 -10.26
C THR A 135 -16.97 5.13 -8.99
N THR A 136 -18.19 4.91 -8.51
CA THR A 136 -18.71 5.41 -7.21
C THR A 136 -19.29 4.31 -6.33
N HIS A 137 -19.79 3.22 -6.93
CA HIS A 137 -20.39 2.08 -6.25
C HIS A 137 -19.39 0.92 -6.13
N ILE A 138 -19.49 0.20 -5.01
CA ILE A 138 -18.53 -0.81 -4.56
C ILE A 138 -18.53 -2.02 -5.50
N MET A 139 -17.34 -2.45 -5.90
CA MET A 139 -17.05 -3.64 -6.73
C MET A 139 -15.69 -4.25 -6.35
N ASP A 140 -15.39 -5.46 -6.84
CA ASP A 140 -14.02 -6.03 -6.87
C ASP A 140 -13.68 -6.53 -8.28
N SER A 141 -12.47 -6.26 -8.76
CA SER A 141 -11.97 -6.66 -10.08
C SER A 141 -10.44 -6.73 -10.05
N LYS A 142 -9.85 -7.84 -10.51
CA LYS A 142 -8.39 -8.02 -10.47
C LYS A 142 -7.68 -7.17 -11.53
N LYS A 143 -7.12 -6.03 -11.09
CA LYS A 143 -6.29 -5.08 -11.84
C LYS A 143 -5.20 -4.48 -10.95
N LEU A 144 -3.94 -4.83 -11.19
CA LEU A 144 -2.77 -4.26 -10.53
C LEU A 144 -2.01 -3.31 -11.44
N VAL A 145 -1.30 -2.38 -10.80
CA VAL A 145 -0.40 -1.41 -11.44
C VAL A 145 0.90 -1.30 -10.65
N GLU A 146 2.03 -1.33 -11.35
CA GLU A 146 3.39 -1.22 -10.79
C GLU A 146 3.79 0.25 -10.60
N LEU A 147 4.45 0.59 -9.50
CA LEU A 147 4.87 1.97 -9.21
C LEU A 147 6.26 2.09 -8.55
N ALA A 148 6.85 3.27 -8.65
CA ALA A 148 8.15 3.60 -8.08
C ALA A 148 8.03 4.23 -6.68
N ILE A 149 8.09 3.40 -5.63
CA ILE A 149 7.85 3.84 -4.25
C ILE A 149 8.99 4.69 -3.67
N HIS A 150 10.14 4.74 -4.35
CA HIS A 150 11.30 5.55 -3.99
C HIS A 150 11.33 6.91 -4.72
N GLU A 151 10.54 7.08 -5.78
CA GLU A 151 10.42 8.31 -6.56
C GLU A 151 9.09 9.03 -6.28
N LYS A 152 7.99 8.28 -6.09
CA LYS A 152 6.62 8.78 -5.81
C LYS A 152 6.16 8.45 -4.39
N CYS A 153 5.41 9.38 -3.78
CA CYS A 153 4.84 9.23 -2.44
C CYS A 153 3.42 8.65 -2.49
N ILE A 154 2.91 8.21 -1.34
CA ILE A 154 1.62 7.51 -1.27
C ILE A 154 0.45 8.40 -1.73
N GLY A 155 0.53 9.71 -1.50
CA GLY A 155 -0.52 10.64 -1.88
C GLY A 155 -0.65 10.75 -3.39
N GLU A 156 0.45 10.89 -4.12
CA GLU A 156 0.41 11.08 -5.57
C GLU A 156 0.12 9.76 -6.30
N LEU A 157 0.47 8.61 -5.68
CA LEU A 157 0.08 7.29 -6.17
C LEU A 157 -1.45 7.19 -6.20
N LEU A 158 -2.10 7.41 -5.06
CA LEU A 158 -3.52 7.09 -4.94
C LEU A 158 -4.41 8.20 -5.51
N LYS A 159 -3.82 9.39 -5.72
CA LYS A 159 -4.40 10.54 -6.44
C LYS A 159 -4.68 10.28 -7.92
N ASN A 160 -4.07 9.23 -8.44
CA ASN A 160 -4.26 8.67 -9.78
C ASN A 160 -5.09 7.36 -9.78
N THR A 161 -5.90 7.12 -8.72
CA THR A 161 -6.66 5.87 -8.53
C THR A 161 -8.07 6.06 -7.96
N THR A 162 -8.82 4.96 -8.01
CA THR A 162 -9.99 4.68 -7.17
C THR A 162 -9.69 3.47 -6.28
N VAL A 163 -10.10 3.52 -5.01
CA VAL A 163 -9.96 2.45 -4.02
C VAL A 163 -11.20 2.36 -3.13
N ILE A 164 -11.46 1.19 -2.55
CA ILE A 164 -12.55 0.97 -1.60
C ILE A 164 -12.02 0.99 -0.16
N GLU A 165 -12.63 1.81 0.70
CA GLU A 165 -12.40 1.97 2.14
C GLU A 165 -10.95 2.36 2.55
N PHE A 166 -9.97 1.46 2.34
CA PHE A 166 -8.54 1.68 2.54
C PHE A 166 -7.68 0.88 1.52
N PRO A 167 -6.59 1.48 0.97
CA PRO A 167 -5.79 0.92 -0.13
C PRO A 167 -5.00 -0.35 0.20
N THR A 168 -4.76 -1.18 -0.82
CA THR A 168 -3.99 -2.42 -0.76
C THR A 168 -2.73 -2.37 -1.64
N ILE A 169 -1.61 -2.84 -1.10
CA ILE A 169 -0.29 -2.89 -1.75
C ILE A 169 0.20 -4.35 -1.81
N PHE A 170 0.54 -4.82 -3.01
CA PHE A 170 1.14 -6.13 -3.24
C PHE A 170 2.64 -5.97 -3.52
N VAL A 171 3.45 -6.81 -2.88
CA VAL A 171 4.93 -6.77 -2.96
C VAL A 171 5.48 -8.09 -3.50
N ALA A 172 6.20 -8.04 -4.64
CA ALA A 172 6.77 -9.24 -5.27
C ALA A 172 8.00 -8.93 -6.16
N MET A 173 8.87 -9.92 -6.38
CA MET A 173 10.01 -9.78 -7.31
C MET A 173 9.60 -9.60 -8.78
N THR A 174 8.62 -10.38 -9.25
CA THR A 174 8.05 -10.35 -10.60
C THR A 174 6.57 -10.68 -10.61
N GLU A 175 5.92 -10.48 -11.75
CA GLU A 175 4.53 -10.91 -12.00
C GLU A 175 4.34 -12.43 -11.80
N ALA A 176 5.39 -13.19 -12.13
CA ALA A 176 5.45 -14.64 -11.94
C ALA A 176 5.50 -15.05 -10.46
N ASP A 177 5.80 -14.11 -9.56
CA ASP A 177 5.78 -14.32 -8.11
C ASP A 177 4.50 -13.73 -7.46
N LEU A 178 3.71 -12.92 -8.19
CA LEU A 178 2.39 -12.44 -7.74
C LEU A 178 1.36 -13.58 -7.57
N PRO A 179 0.26 -13.36 -6.83
CA PRO A 179 -0.85 -14.32 -6.73
C PRO A 179 -1.59 -14.56 -8.06
N GLU A 180 -2.28 -15.70 -8.15
CA GLU A 180 -3.10 -16.08 -9.32
C GLU A 180 -4.41 -15.27 -9.40
N GLY A 181 -4.92 -15.09 -10.61
CA GLY A 181 -6.09 -14.28 -10.94
C GLY A 181 -5.82 -12.78 -11.00
N TYR A 182 -4.86 -12.28 -10.20
CA TYR A 182 -4.35 -10.92 -10.33
C TYR A 182 -3.47 -10.77 -11.57
N GLU A 183 -3.60 -9.63 -12.26
CA GLU A 183 -2.77 -9.27 -13.41
C GLU A 183 -2.41 -7.79 -13.40
N VAL A 184 -1.21 -7.50 -13.91
CA VAL A 184 -0.63 -6.16 -13.99
C VAL A 184 -0.93 -5.55 -15.37
N LEU A 185 -1.43 -4.31 -15.41
CA LEU A 185 -2.01 -3.74 -16.62
C LEU A 185 -0.98 -3.42 -17.71
N HIS A 186 -1.38 -3.67 -18.96
CA HIS A 186 -0.55 -3.56 -20.15
C HIS A 186 -0.44 -2.11 -20.67
N GLN A 187 0.59 -1.87 -21.48
CA GLN A 187 0.89 -0.62 -22.19
C GLN A 187 -0.23 -0.16 -23.16
N GLU A 188 -0.27 1.15 -23.44
CA GLU A 188 -1.27 1.81 -24.28
C GLU A 188 -0.65 2.77 -25.31
N GLY A 1 -30.25 0.33 -3.25
CA GLY A 1 -30.67 -1.04 -3.56
C GLY A 1 -32.18 -1.18 -3.46
N PRO A 2 -32.70 -2.13 -2.65
CA PRO A 2 -34.13 -2.39 -2.48
C PRO A 2 -34.83 -1.30 -1.64
N HIS A 3 -36.17 -1.34 -1.58
CA HIS A 3 -36.97 -0.41 -0.77
C HIS A 3 -37.08 -0.84 0.71
N MET A 4 -36.69 -2.06 1.08
CA MET A 4 -36.46 -2.44 2.49
C MET A 4 -35.20 -1.76 3.06
N ARG A 5 -35.18 -1.53 4.38
CA ARG A 5 -34.19 -0.68 5.06
C ARG A 5 -33.03 -1.46 5.66
N ASP A 6 -31.80 -1.00 5.41
CA ASP A 6 -30.54 -1.60 5.90
C ASP A 6 -29.39 -0.58 5.80
N SER A 7 -28.22 -0.89 6.35
CA SER A 7 -26.97 -0.22 5.93
C SER A 7 -26.64 -0.68 4.51
N THR A 8 -26.60 0.26 3.57
CA THR A 8 -26.50 0.05 2.11
C THR A 8 -25.57 1.08 1.45
N GLU A 9 -24.59 1.59 2.21
CA GLU A 9 -23.68 2.64 1.76
C GLU A 9 -22.79 2.19 0.59
N CYS A 10 -22.49 3.16 -0.27
CA CYS A 10 -21.66 3.03 -1.47
C CYS A 10 -20.99 4.34 -1.94
N GLN A 11 -21.20 5.49 -1.25
CA GLN A 11 -20.75 6.80 -1.75
C GLN A 11 -19.22 6.94 -1.75
N ARG A 12 -18.65 7.80 -2.59
CA ARG A 12 -17.22 8.14 -2.55
C ARG A 12 -16.93 9.44 -1.82
N ILE A 13 -15.85 9.44 -1.05
CA ILE A 13 -15.19 10.64 -0.51
C ILE A 13 -13.83 10.82 -1.18
N ILE A 14 -13.49 12.07 -1.51
CA ILE A 14 -12.24 12.44 -2.19
C ILE A 14 -11.30 13.17 -1.24
N ARG A 15 -10.04 12.73 -1.15
CA ARG A 15 -8.91 13.41 -0.48
C ARG A 15 -7.82 13.74 -1.52
N ARG A 16 -7.77 14.98 -2.01
CA ARG A 16 -6.86 15.50 -3.07
C ARG A 16 -6.61 14.47 -4.20
N GLY A 17 -7.69 14.05 -4.85
CA GLY A 17 -7.72 13.12 -5.97
C GLY A 17 -7.69 11.63 -5.62
N VAL A 18 -7.57 11.27 -4.34
CA VAL A 18 -7.75 9.89 -3.89
C VAL A 18 -9.24 9.67 -3.66
N ASN A 19 -9.91 8.89 -4.52
CA ASN A 19 -11.32 8.55 -4.34
C ASN A 19 -11.43 7.28 -3.48
N CYS A 20 -12.17 7.36 -2.37
CA CYS A 20 -12.36 6.27 -1.41
C CYS A 20 -13.83 5.84 -1.35
N LEU A 21 -14.16 4.63 -1.83
CA LEU A 21 -15.53 4.12 -1.84
C LEU A 21 -15.92 3.64 -0.44
N MET A 22 -17.00 4.18 0.11
CA MET A 22 -17.51 3.91 1.45
C MET A 22 -18.35 2.63 1.48
N LEU A 23 -18.03 1.73 2.41
CA LEU A 23 -18.76 0.46 2.59
C LEU A 23 -19.84 0.57 3.70
N PRO A 24 -20.84 -0.35 3.73
CA PRO A 24 -21.81 -0.45 4.82
C PRO A 24 -21.18 -0.96 6.13
N LYS A 25 -21.84 -0.68 7.26
CA LYS A 25 -21.23 -0.73 8.61
C LYS A 25 -20.67 -2.08 9.03
N GLY A 26 -21.27 -3.19 8.60
CA GLY A 26 -20.87 -4.55 8.93
C GLY A 26 -19.66 -5.08 8.15
N MET A 27 -19.18 -4.35 7.14
CA MET A 27 -17.92 -4.66 6.46
C MET A 27 -16.73 -4.32 7.36
N GLN A 28 -15.98 -5.34 7.79
CA GLN A 28 -14.82 -5.12 8.66
C GLN A 28 -13.72 -4.28 7.97
N ARG A 29 -13.65 -4.26 6.63
CA ARG A 29 -12.76 -3.33 5.89
C ARG A 29 -13.11 -1.85 6.12
N SER A 30 -14.36 -1.51 6.46
CA SER A 30 -14.75 -0.18 6.91
C SER A 30 -14.37 0.09 8.37
N SER A 31 -14.53 -0.91 9.24
CA SER A 31 -14.20 -0.81 10.68
C SER A 31 -12.69 -0.69 10.92
N GLN A 32 -11.89 -1.52 10.24
CA GLN A 32 -10.44 -1.59 10.40
C GLN A 32 -9.69 -0.48 9.66
N ASN A 33 -10.37 0.25 8.76
CA ASN A 33 -9.86 1.51 8.20
C ASN A 33 -9.70 2.53 9.34
N ARG A 34 -8.46 2.95 9.64
CA ARG A 34 -8.15 4.04 10.58
C ARG A 34 -7.68 5.26 9.77
N SER A 35 -8.61 6.11 9.36
CA SER A 35 -8.36 7.28 8.52
C SER A 35 -9.09 8.52 9.04
N LYS A 36 -8.37 9.64 9.15
CA LYS A 36 -8.83 10.99 9.53
C LYS A 36 -7.76 12.03 9.16
N TRP A 37 -8.06 13.31 9.35
CA TRP A 37 -7.05 14.37 9.51
C TRP A 37 -6.38 14.28 10.90
N ASP A 38 -5.10 14.62 11.00
CA ASP A 38 -4.38 14.83 12.26
C ASP A 38 -3.79 16.25 12.32
N LYS A 39 -4.38 17.10 13.18
CA LYS A 39 -3.99 18.50 13.45
C LYS A 39 -2.50 18.62 13.79
N THR A 40 -2.03 17.65 14.57
CA THR A 40 -0.64 17.54 15.05
C THR A 40 0.39 17.46 13.93
N MET A 41 -0.03 17.04 12.73
CA MET A 41 0.79 17.00 11.52
C MET A 41 0.28 17.94 10.41
N ASP A 42 -0.97 18.43 10.51
CA ASP A 42 -1.69 19.25 9.50
C ASP A 42 -1.95 18.49 8.18
N LEU A 43 -2.26 17.19 8.27
CA LEU A 43 -2.43 16.27 7.13
C LEU A 43 -3.39 15.09 7.38
N PHE A 44 -3.78 14.42 6.30
CA PHE A 44 -4.57 13.18 6.32
C PHE A 44 -3.72 11.92 6.57
N VAL A 45 -4.30 10.94 7.28
CA VAL A 45 -3.79 9.57 7.40
C VAL A 45 -4.81 8.50 6.99
N TRP A 46 -4.31 7.29 6.71
CA TRP A 46 -5.07 6.07 6.38
C TRP A 46 -4.32 4.80 6.80
N SER A 47 -5.02 3.66 6.85
CA SER A 47 -4.40 2.32 6.89
C SER A 47 -3.96 1.86 5.49
N VAL A 48 -3.05 0.88 5.43
CA VAL A 48 -2.63 0.17 4.22
C VAL A 48 -2.57 -1.34 4.50
N GLU A 49 -3.11 -2.15 3.59
CA GLU A 49 -2.96 -3.61 3.60
C GLU A 49 -1.71 -3.99 2.78
N TRP A 50 -0.78 -4.73 3.36
CA TRP A 50 0.46 -5.20 2.71
C TRP A 50 0.43 -6.72 2.55
N ILE A 51 0.82 -7.22 1.39
CA ILE A 51 1.01 -8.65 1.12
C ILE A 51 2.42 -8.88 0.57
N LEU A 52 3.22 -9.66 1.28
CA LEU A 52 4.57 -10.10 0.90
C LEU A 52 4.57 -11.50 0.26
N CYS A 53 5.12 -11.60 -0.95
CA CYS A 53 5.11 -12.83 -1.75
C CYS A 53 6.53 -13.43 -1.82
N PRO A 54 6.81 -14.60 -1.21
CA PRO A 54 8.14 -15.21 -1.19
C PRO A 54 8.61 -15.74 -2.55
N MET A 55 9.89 -16.11 -2.68
CA MET A 55 10.43 -16.64 -3.94
C MET A 55 9.94 -18.07 -4.21
N GLN A 56 9.01 -18.17 -5.15
CA GLN A 56 8.56 -19.40 -5.78
C GLN A 56 9.45 -19.90 -6.91
N GLU A 57 9.25 -21.18 -7.22
CA GLU A 57 9.95 -21.94 -8.26
C GLU A 57 9.36 -21.64 -9.65
N LYS A 58 9.90 -22.32 -10.66
CA LYS A 58 9.49 -22.17 -12.07
C LYS A 58 8.00 -22.42 -12.33
N GLY A 59 7.31 -23.15 -11.45
CA GLY A 59 5.85 -23.33 -11.46
C GLY A 59 5.22 -23.46 -10.07
N GLU A 60 5.91 -24.06 -9.10
CA GLU A 60 5.42 -24.25 -7.72
C GLU A 60 5.43 -22.93 -6.91
N LYS A 61 4.23 -22.36 -6.71
CA LYS A 61 3.93 -21.16 -5.91
C LYS A 61 3.98 -21.46 -4.40
N LYS A 62 4.35 -20.49 -3.56
CA LYS A 62 4.46 -20.59 -2.07
C LYS A 62 3.54 -19.62 -1.32
N GLU A 63 3.31 -19.91 -0.04
CA GLU A 63 2.38 -19.21 0.87
C GLU A 63 2.84 -17.79 1.29
N LEU A 64 1.87 -16.87 1.34
CA LEU A 64 2.06 -15.42 1.55
C LEU A 64 2.11 -15.02 3.04
N PHE A 65 2.79 -13.91 3.35
CA PHE A 65 2.55 -13.15 4.59
C PHE A 65 1.73 -11.89 4.31
N LYS A 66 0.67 -11.66 5.10
CA LYS A 66 -0.14 -10.42 5.09
C LYS A 66 0.02 -9.63 6.39
N HIS A 67 0.04 -8.30 6.30
CA HIS A 67 0.05 -7.40 7.46
C HIS A 67 -0.62 -6.06 7.12
N VAL A 68 -1.47 -5.55 8.00
CA VAL A 68 -2.08 -4.21 7.86
C VAL A 68 -1.33 -3.21 8.75
N SER A 69 -0.95 -2.06 8.20
CA SER A 69 -0.29 -0.97 8.95
C SER A 69 -1.11 0.32 8.94
N HIS A 70 -1.04 1.06 10.03
CA HIS A 70 -1.99 2.10 10.42
C HIS A 70 -1.40 3.51 10.45
N ARG A 71 -2.28 4.53 10.46
CA ARG A 71 -1.95 5.97 10.60
C ARG A 71 -0.81 6.46 9.69
N ILE A 72 -0.86 6.05 8.44
CA ILE A 72 0.13 6.35 7.38
C ILE A 72 -0.30 7.64 6.68
N LYS A 73 0.61 8.60 6.53
CA LYS A 73 0.33 9.97 6.07
C LYS A 73 0.13 10.03 4.55
N GLU A 74 -0.68 10.98 4.09
CA GLU A 74 -0.80 11.33 2.67
C GLU A 74 0.54 11.83 2.05
N THR A 75 1.52 12.18 2.88
CA THR A 75 2.86 12.61 2.52
C THR A 75 3.90 11.48 2.59
N ASP A 76 3.55 10.33 3.17
CA ASP A 76 4.50 9.24 3.41
C ASP A 76 4.92 8.52 2.12
N PHE A 77 6.09 7.90 2.18
CA PHE A 77 6.50 6.88 1.22
C PHE A 77 6.20 5.50 1.78
N LEU A 78 5.91 4.56 0.88
CA LEU A 78 5.53 3.19 1.20
C LEU A 78 6.49 2.53 2.22
N VAL A 79 7.80 2.75 2.09
CA VAL A 79 8.80 2.17 3.01
C VAL A 79 8.66 2.68 4.46
N GLN A 80 8.06 3.86 4.65
CA GLN A 80 7.79 4.46 5.96
C GLN A 80 6.46 3.98 6.55
N GLY A 81 5.48 3.69 5.69
CA GLY A 81 4.15 3.21 6.09
C GLY A 81 4.08 1.69 6.30
N MET A 82 5.03 0.94 5.74
CA MET A 82 5.06 -0.52 5.85
C MET A 82 5.09 -1.02 7.29
N GLY A 83 5.72 -0.27 8.19
CA GLY A 83 5.92 -0.70 9.57
C GLY A 83 7.16 -1.61 9.73
N LYS A 84 7.82 -1.50 10.88
CA LYS A 84 9.08 -2.23 11.15
C LYS A 84 8.99 -3.75 10.93
N ASN A 85 7.88 -4.41 11.25
CA ASN A 85 7.74 -5.86 11.05
C ASN A 85 7.58 -6.23 9.57
N VAL A 86 6.93 -5.41 8.72
CA VAL A 86 6.85 -5.71 7.27
C VAL A 86 8.22 -5.57 6.62
N PHE A 87 9.01 -4.58 7.03
CA PHE A 87 10.39 -4.43 6.58
C PHE A 87 11.28 -5.62 7.00
N GLN A 88 11.19 -6.07 8.27
CA GLN A 88 12.02 -7.17 8.79
C GLN A 88 11.63 -8.51 8.18
N LYS A 89 10.35 -8.69 7.83
CA LYS A 89 9.84 -9.84 7.05
C LYS A 89 10.46 -9.89 5.66
N CYS A 90 10.68 -8.76 4.99
CA CYS A 90 11.38 -8.74 3.70
C CYS A 90 12.81 -9.29 3.83
N CYS A 91 13.50 -8.96 4.92
CA CYS A 91 14.90 -9.36 5.10
C CYS A 91 15.01 -10.87 5.36
N GLU A 92 13.98 -11.53 5.90
CA GLU A 92 13.94 -12.99 6.09
C GLU A 92 13.30 -13.77 4.92
N PHE A 93 12.48 -13.10 4.10
CA PHE A 93 11.80 -13.71 2.94
C PHE A 93 12.73 -13.74 1.72
N TYR A 94 13.53 -12.68 1.53
CA TYR A 94 14.41 -12.54 0.36
C TYR A 94 15.88 -12.45 0.75
N ARG A 95 16.19 -12.70 2.04
CA ARG A 95 17.58 -12.78 2.54
C ARG A 95 18.37 -11.48 2.33
N LEU A 96 17.74 -10.36 2.68
CA LEU A 96 18.28 -8.99 2.53
C LEU A 96 18.96 -8.48 3.82
N ALA A 97 19.87 -7.50 3.73
CA ALA A 97 20.58 -6.94 4.88
C ALA A 97 20.63 -5.40 4.91
N GLY A 98 20.42 -4.81 6.10
CA GLY A 98 20.15 -3.39 6.27
C GLY A 98 21.38 -2.53 6.54
N THR A 99 21.45 -1.36 5.88
CA THR A 99 22.56 -0.38 5.97
C THR A 99 22.04 1.05 5.75
N SER A 100 22.46 2.02 6.58
CA SER A 100 22.02 3.43 6.53
C SER A 100 23.05 4.32 5.85
N SER A 101 22.59 5.28 5.04
CA SER A 101 23.39 6.00 4.03
C SER A 101 22.98 7.47 3.94
N CYS A 102 23.82 8.30 3.32
CA CYS A 102 23.70 9.77 3.26
C CYS A 102 23.60 10.49 4.62
N ILE A 103 24.18 9.89 5.67
CA ILE A 103 24.31 10.48 7.01
C ILE A 103 25.12 11.79 6.98
N GLU A 104 25.99 11.97 5.97
CA GLU A 104 26.68 13.22 5.66
C GLU A 104 25.73 14.42 5.41
N GLY A 105 24.51 14.18 4.90
CA GLY A 105 23.58 15.19 4.38
C GLY A 105 22.18 15.24 5.02
N GLU A 106 21.72 14.14 5.62
CA GLU A 106 20.39 13.97 6.18
C GLU A 106 20.35 14.14 7.71
N ASP A 107 19.15 14.49 8.14
CA ASP A 107 18.70 14.72 9.53
C ASP A 107 17.28 14.15 9.71
N GLY A 108 17.12 12.87 9.41
CA GLY A 108 15.85 12.14 9.48
C GLY A 108 15.36 11.62 8.12
N SER A 109 16.30 11.18 7.27
CA SER A 109 16.02 10.58 5.95
C SER A 109 17.03 9.49 5.56
N GLU A 110 18.21 9.46 6.19
CA GLU A 110 19.09 8.27 6.26
C GLU A 110 18.35 7.00 6.77
N THR A 111 17.31 7.19 7.60
CA THR A 111 16.37 6.16 8.09
C THR A 111 15.38 5.66 7.03
N LYS A 112 14.96 6.54 6.11
CA LYS A 112 14.05 6.25 4.99
C LYS A 112 14.80 5.53 3.89
N GLU A 113 15.94 6.08 3.47
CA GLU A 113 16.74 5.43 2.45
C GLU A 113 17.39 4.14 2.93
N GLU A 114 17.67 3.98 4.23
CA GLU A 114 18.06 2.68 4.83
C GLU A 114 17.12 1.54 4.43
N ARG A 115 15.81 1.81 4.31
CA ARG A 115 14.80 0.83 3.91
C ARG A 115 14.66 0.73 2.40
N THR A 116 14.53 1.88 1.75
CA THR A 116 14.31 1.95 0.29
C THR A 116 15.46 1.34 -0.51
N GLN A 117 16.68 1.42 0.01
CA GLN A 117 17.86 0.82 -0.62
C GLN A 117 17.72 -0.71 -0.71
N ILE A 118 17.19 -1.36 0.33
CA ILE A 118 17.02 -2.83 0.43
C ILE A 118 16.02 -3.33 -0.63
N LEU A 119 15.02 -2.52 -0.96
CA LEU A 119 14.01 -2.85 -1.96
C LEU A 119 14.52 -2.62 -3.38
N GLN A 120 15.25 -1.53 -3.64
CA GLN A 120 15.79 -1.31 -4.98
C GLN A 120 17.00 -2.22 -5.29
N LYS A 121 17.80 -2.61 -4.28
CA LYS A 121 18.98 -3.49 -4.48
C LYS A 121 18.64 -4.97 -4.55
N SER A 122 17.49 -5.36 -3.97
CA SER A 122 16.88 -6.66 -4.23
C SER A 122 16.17 -6.68 -5.59
N GLY A 123 15.67 -5.53 -6.06
CA GLY A 123 14.84 -5.44 -7.26
C GLY A 123 13.38 -5.82 -7.00
N LEU A 124 12.94 -5.72 -5.73
CA LEU A 124 11.53 -5.87 -5.37
C LEU A 124 10.67 -4.79 -6.03
N LYS A 125 9.52 -5.22 -6.55
CA LYS A 125 8.51 -4.40 -7.20
C LYS A 125 7.26 -4.32 -6.33
N PHE A 126 6.65 -3.15 -6.33
CA PHE A 126 5.43 -2.85 -5.57
C PHE A 126 4.28 -2.56 -6.53
N TYR A 127 3.11 -3.09 -6.19
CA TYR A 127 1.88 -2.99 -6.97
C TYR A 127 0.71 -2.58 -6.07
N THR A 128 -0.28 -1.86 -6.59
CA THR A 128 -1.52 -1.53 -5.87
C THR A 128 -2.76 -1.82 -6.72
N LYS A 129 -3.94 -1.88 -6.10
CA LYS A 129 -5.22 -2.04 -6.82
C LYS A 129 -5.58 -0.80 -7.63
N THR A 130 -6.24 -0.98 -8.76
CA THR A 130 -6.90 0.10 -9.52
C THR A 130 -8.39 -0.19 -9.67
N PHE A 131 -9.16 0.89 -9.62
CA PHE A 131 -10.55 0.99 -10.04
C PHE A 131 -10.71 2.32 -10.80
N PRO A 132 -11.57 2.46 -11.82
CA PRO A 132 -11.60 3.66 -12.65
C PRO A 132 -11.91 4.94 -11.86
N TYR A 133 -11.25 6.04 -12.21
CA TYR A 133 -11.37 7.34 -11.52
C TYR A 133 -12.79 7.95 -11.52
N ASN A 134 -13.65 7.54 -12.45
CA ASN A 134 -15.05 7.98 -12.52
C ASN A 134 -16.04 7.09 -11.74
N THR A 135 -15.58 5.99 -11.13
CA THR A 135 -16.44 4.99 -10.45
C THR A 135 -17.02 5.55 -9.15
N THR A 136 -18.35 5.60 -9.02
CA THR A 136 -19.02 6.22 -7.87
C THR A 136 -19.47 5.25 -6.78
N HIS A 137 -19.69 3.98 -7.11
CA HIS A 137 -20.17 2.90 -6.23
C HIS A 137 -19.38 1.59 -6.44
N ILE A 138 -19.35 0.71 -5.43
CA ILE A 138 -18.44 -0.44 -5.37
C ILE A 138 -18.75 -1.50 -6.46
N MET A 139 -17.73 -1.80 -7.27
CA MET A 139 -17.66 -2.88 -8.25
C MET A 139 -16.32 -3.62 -8.10
N ASP A 140 -16.31 -4.95 -8.21
CA ASP A 140 -15.08 -5.76 -8.12
C ASP A 140 -14.45 -6.06 -9.50
N SER A 141 -13.12 -5.97 -9.57
CA SER A 141 -12.28 -6.62 -10.59
C SER A 141 -10.85 -6.75 -10.07
N LYS A 142 -10.21 -7.92 -10.21
CA LYS A 142 -8.81 -8.13 -9.82
C LYS A 142 -7.87 -7.44 -10.81
N LYS A 143 -7.36 -6.26 -10.43
CA LYS A 143 -6.62 -5.34 -11.30
C LYS A 143 -5.52 -4.63 -10.51
N LEU A 144 -4.28 -4.95 -10.82
CA LEU A 144 -3.09 -4.35 -10.22
C LEU A 144 -2.32 -3.46 -11.20
N VAL A 145 -1.59 -2.53 -10.60
CA VAL A 145 -0.72 -1.55 -11.27
C VAL A 145 0.59 -1.36 -10.51
N GLU A 146 1.69 -1.30 -11.23
CA GLU A 146 3.05 -1.10 -10.70
C GLU A 146 3.32 0.37 -10.35
N LEU A 147 4.04 0.63 -9.25
CA LEU A 147 4.40 1.99 -8.85
C LEU A 147 5.79 2.14 -8.22
N ALA A 148 6.37 3.32 -8.38
CA ALA A 148 7.74 3.65 -7.98
C ALA A 148 7.86 4.26 -6.58
N ILE A 149 7.99 3.40 -5.58
CA ILE A 149 8.01 3.83 -4.16
C ILE A 149 9.26 4.60 -3.73
N HIS A 150 10.30 4.55 -4.55
CA HIS A 150 11.55 5.31 -4.38
C HIS A 150 11.40 6.75 -4.88
N GLU A 151 10.48 7.00 -5.81
CA GLU A 151 10.34 8.23 -6.59
C GLU A 151 9.03 9.00 -6.29
N LYS A 152 7.96 8.28 -5.96
CA LYS A 152 6.60 8.83 -5.70
C LYS A 152 6.03 8.43 -4.34
N CYS A 153 5.33 9.38 -3.71
CA CYS A 153 4.72 9.22 -2.40
C CYS A 153 3.29 8.65 -2.53
N ILE A 154 2.75 8.16 -1.42
CA ILE A 154 1.43 7.50 -1.40
C ILE A 154 0.30 8.44 -1.86
N GLY A 155 0.42 9.75 -1.60
CA GLY A 155 -0.61 10.72 -1.99
C GLY A 155 -0.68 10.93 -3.50
N GLU A 156 0.46 11.03 -4.17
CA GLU A 156 0.51 11.27 -5.62
C GLU A 156 0.36 9.96 -6.42
N LEU A 157 0.66 8.81 -5.80
CA LEU A 157 0.27 7.51 -6.33
C LEU A 157 -1.24 7.45 -6.48
N LEU A 158 -1.94 7.69 -5.38
CA LEU A 158 -3.38 7.46 -5.30
C LEU A 158 -4.19 8.63 -5.88
N LYS A 159 -3.56 9.79 -6.14
CA LYS A 159 -4.16 11.01 -6.71
C LYS A 159 -4.83 10.77 -8.06
N ASN A 160 -4.33 9.78 -8.79
CA ASN A 160 -4.88 9.35 -10.08
C ASN A 160 -5.79 8.09 -10.02
N THR A 161 -6.29 7.70 -8.83
CA THR A 161 -6.92 6.38 -8.62
C THR A 161 -8.28 6.40 -7.91
N THR A 162 -8.90 5.21 -7.87
CA THR A 162 -10.03 4.91 -6.97
C THR A 162 -9.68 3.66 -6.17
N VAL A 163 -10.06 3.61 -4.89
CA VAL A 163 -9.93 2.45 -3.99
C VAL A 163 -11.16 2.32 -3.10
N ILE A 164 -11.41 1.14 -2.53
CA ILE A 164 -12.53 0.88 -1.62
C ILE A 164 -12.04 0.95 -0.16
N GLU A 165 -12.61 1.82 0.66
CA GLU A 165 -12.21 2.15 2.05
C GLU A 165 -10.71 2.52 2.26
N PHE A 166 -9.80 1.55 2.20
CA PHE A 166 -8.36 1.73 2.39
C PHE A 166 -7.53 0.89 1.40
N PRO A 167 -6.42 1.41 0.84
CA PRO A 167 -5.66 0.80 -0.24
C PRO A 167 -4.88 -0.47 0.15
N THR A 168 -4.59 -1.30 -0.86
CA THR A 168 -3.82 -2.55 -0.76
C THR A 168 -2.54 -2.45 -1.58
N ILE A 169 -1.44 -3.01 -1.07
CA ILE A 169 -0.11 -3.08 -1.69
C ILE A 169 0.35 -4.55 -1.74
N PHE A 170 0.71 -5.01 -2.94
CA PHE A 170 1.33 -6.32 -3.17
C PHE A 170 2.82 -6.14 -3.45
N VAL A 171 3.65 -6.93 -2.76
CA VAL A 171 5.11 -6.86 -2.79
C VAL A 171 5.69 -8.17 -3.32
N ALA A 172 6.40 -8.11 -4.45
CA ALA A 172 6.98 -9.29 -5.10
C ALA A 172 8.22 -8.96 -5.95
N MET A 173 9.10 -9.95 -6.18
CA MET A 173 10.21 -9.81 -7.14
C MET A 173 9.74 -9.82 -8.59
N THR A 174 8.67 -10.56 -8.92
CA THR A 174 8.04 -10.59 -10.23
C THR A 174 6.53 -10.77 -10.12
N GLU A 175 5.84 -10.47 -11.21
CA GLU A 175 4.44 -10.82 -11.44
C GLU A 175 4.23 -12.35 -11.38
N ALA A 176 5.26 -13.09 -11.77
CA ALA A 176 5.36 -14.54 -11.65
C ALA A 176 5.55 -15.04 -10.21
N ASP A 177 5.79 -14.15 -9.25
CA ASP A 177 5.72 -14.48 -7.82
C ASP A 177 4.38 -14.05 -7.18
N LEU A 178 3.57 -13.21 -7.85
CA LEU A 178 2.28 -12.73 -7.35
C LEU A 178 1.21 -13.85 -7.25
N PRO A 179 0.19 -13.69 -6.38
CA PRO A 179 -0.94 -14.62 -6.25
C PRO A 179 -1.79 -14.73 -7.53
N GLU A 180 -2.53 -15.83 -7.64
CA GLU A 180 -3.36 -16.14 -8.82
C GLU A 180 -4.71 -15.41 -8.80
N GLY A 181 -5.26 -15.16 -9.98
CA GLY A 181 -6.47 -14.36 -10.20
C GLY A 181 -6.21 -12.84 -10.21
N TYR A 182 -5.22 -12.36 -9.46
CA TYR A 182 -4.66 -11.02 -9.59
C TYR A 182 -3.86 -10.91 -10.89
N GLU A 183 -3.96 -9.78 -11.57
CA GLU A 183 -3.19 -9.48 -12.79
C GLU A 183 -2.69 -8.03 -12.78
N VAL A 184 -1.46 -7.83 -13.29
CA VAL A 184 -0.79 -6.54 -13.41
C VAL A 184 -0.99 -5.99 -14.82
N LEU A 185 -1.43 -4.73 -14.94
CA LEU A 185 -1.75 -4.14 -16.24
C LEU A 185 -0.49 -3.79 -17.06
N HIS A 186 -0.52 -4.15 -18.35
CA HIS A 186 0.49 -3.83 -19.36
C HIS A 186 -0.02 -2.74 -20.34
N GLN A 187 0.85 -1.79 -20.67
CA GLN A 187 0.57 -0.68 -21.60
C GLN A 187 0.44 -1.16 -23.05
N GLU A 188 -0.35 -0.44 -23.84
CA GLU A 188 -0.77 -0.78 -25.21
C GLU A 188 -0.61 0.34 -26.25
N GLY A 1 -29.42 -8.91 8.82
CA GLY A 1 -30.60 -9.01 9.68
C GLY A 1 -31.74 -8.19 9.10
N PRO A 2 -32.98 -8.72 9.00
CA PRO A 2 -34.09 -8.07 8.30
C PRO A 2 -34.46 -6.68 8.81
N HIS A 3 -34.21 -6.36 10.09
CA HIS A 3 -34.52 -5.03 10.64
C HIS A 3 -33.63 -3.90 10.08
N MET A 4 -32.58 -4.24 9.32
CA MET A 4 -31.62 -3.29 8.74
C MET A 4 -31.40 -3.48 7.22
N ARG A 5 -32.38 -4.10 6.53
CA ARG A 5 -32.32 -4.49 5.10
C ARG A 5 -32.50 -3.36 4.06
N ASP A 6 -32.36 -2.14 4.54
CA ASP A 6 -32.37 -0.88 3.79
C ASP A 6 -30.99 -0.18 3.79
N SER A 7 -30.04 -0.66 4.59
CA SER A 7 -28.62 -0.30 4.53
C SER A 7 -27.91 -0.92 3.29
N THR A 8 -28.47 -0.69 2.10
CA THR A 8 -28.10 -1.29 0.81
C THR A 8 -27.63 -0.25 -0.23
N GLU A 9 -27.20 0.93 0.26
CA GLU A 9 -26.74 2.07 -0.52
C GLU A 9 -25.27 1.91 -0.99
N CYS A 10 -24.90 2.65 -2.03
CA CYS A 10 -23.63 2.55 -2.76
C CYS A 10 -23.26 3.89 -3.46
N GLN A 11 -22.52 4.74 -2.74
CA GLN A 11 -22.00 6.03 -3.22
C GLN A 11 -20.46 6.11 -3.16
N ARG A 12 -19.87 7.11 -3.86
CA ARG A 12 -18.45 7.47 -3.78
C ARG A 12 -18.22 8.92 -3.33
N ILE A 13 -17.12 9.17 -2.64
CA ILE A 13 -16.59 10.52 -2.36
C ILE A 13 -15.10 10.63 -2.72
N ILE A 14 -14.66 11.81 -3.14
CA ILE A 14 -13.25 12.11 -3.45
C ILE A 14 -12.63 12.86 -2.28
N ARG A 15 -11.45 12.40 -1.85
CA ARG A 15 -10.62 13.01 -0.79
C ARG A 15 -9.19 13.16 -1.29
N ARG A 16 -8.68 14.39 -1.43
CA ARG A 16 -7.34 14.73 -1.96
C ARG A 16 -6.94 13.97 -3.25
N GLY A 17 -7.91 13.75 -4.14
CA GLY A 17 -7.79 13.04 -5.41
C GLY A 17 -7.95 11.51 -5.35
N VAL A 18 -8.09 10.94 -4.15
CA VAL A 18 -8.36 9.51 -3.95
C VAL A 18 -9.87 9.31 -4.02
N ASN A 19 -10.34 8.36 -4.85
CA ASN A 19 -11.79 8.10 -4.99
C ASN A 19 -12.19 6.93 -4.07
N CYS A 20 -13.07 7.17 -3.10
CA CYS A 20 -13.37 6.21 -2.03
C CYS A 20 -14.82 5.69 -2.09
N LEU A 21 -14.97 4.37 -2.28
CA LEU A 21 -16.29 3.73 -2.35
C LEU A 21 -16.82 3.43 -0.95
N MET A 22 -17.97 4.00 -0.63
CA MET A 22 -18.56 4.02 0.72
C MET A 22 -19.28 2.69 1.04
N LEU A 23 -18.58 1.82 1.76
CA LEU A 23 -18.98 0.48 2.18
C LEU A 23 -19.79 0.52 3.50
N PRO A 24 -20.81 -0.35 3.73
CA PRO A 24 -21.65 -0.31 4.93
C PRO A 24 -20.88 -0.69 6.20
N LYS A 25 -21.42 -0.34 7.37
CA LYS A 25 -20.67 -0.31 8.63
C LYS A 25 -20.15 -1.67 9.09
N GLY A 26 -20.87 -2.76 8.81
CA GLY A 26 -20.53 -4.11 9.29
C GLY A 26 -19.39 -4.80 8.52
N MET A 27 -19.00 -4.32 7.33
CA MET A 27 -17.86 -4.90 6.60
C MET A 27 -16.54 -4.65 7.36
N GLN A 28 -15.65 -5.65 7.42
CA GLN A 28 -14.40 -5.53 8.17
C GLN A 28 -13.44 -4.50 7.56
N ARG A 29 -13.49 -4.27 6.24
CA ARG A 29 -12.79 -3.12 5.61
C ARG A 29 -13.26 -1.75 6.15
N SER A 30 -14.51 -1.63 6.61
CA SER A 30 -15.06 -0.44 7.28
C SER A 30 -14.58 -0.33 8.73
N SER A 31 -14.29 -1.46 9.38
CA SER A 31 -13.78 -1.53 10.75
C SER A 31 -12.29 -1.17 10.84
N GLN A 32 -11.49 -1.69 9.91
CA GLN A 32 -10.03 -1.53 9.93
C GLN A 32 -9.52 -0.28 9.20
N ASN A 33 -10.41 0.43 8.48
CA ASN A 33 -10.13 1.75 7.90
C ASN A 33 -9.97 2.81 9.01
N ARG A 34 -8.74 3.22 9.32
CA ARG A 34 -8.41 4.30 10.28
C ARG A 34 -7.72 5.46 9.60
N SER A 35 -8.54 6.24 8.92
CA SER A 35 -8.17 7.45 8.19
C SER A 35 -8.80 8.70 8.83
N LYS A 36 -7.96 9.70 9.11
CA LYS A 36 -8.29 10.98 9.77
C LYS A 36 -7.21 12.02 9.47
N TRP A 37 -7.46 13.27 9.85
CA TRP A 37 -6.44 14.31 10.03
C TRP A 37 -5.71 14.16 11.37
N ASP A 38 -4.45 14.58 11.47
CA ASP A 38 -3.73 14.76 12.75
C ASP A 38 -3.11 16.17 12.84
N LYS A 39 -3.66 17.04 13.71
CA LYS A 39 -3.19 18.43 13.97
C LYS A 39 -1.69 18.53 14.24
N THR A 40 -1.19 17.54 14.98
CA THR A 40 0.23 17.37 15.37
C THR A 40 1.19 17.24 14.19
N MET A 41 0.69 16.83 13.01
CA MET A 41 1.44 16.77 11.76
C MET A 41 0.87 17.73 10.69
N ASP A 42 -0.36 18.22 10.91
CA ASP A 42 -1.13 19.09 10.01
C ASP A 42 -1.29 18.48 8.61
N LEU A 43 -1.67 17.19 8.59
CA LEU A 43 -1.87 16.35 7.39
C LEU A 43 -2.90 15.22 7.59
N PHE A 44 -3.33 14.60 6.48
CA PHE A 44 -4.11 13.35 6.49
C PHE A 44 -3.27 12.08 6.67
N VAL A 45 -3.81 11.10 7.40
CA VAL A 45 -3.28 9.74 7.53
C VAL A 45 -4.27 8.66 7.10
N TRP A 46 -3.75 7.44 6.89
CA TRP A 46 -4.48 6.21 6.57
C TRP A 46 -3.99 5.01 7.39
N SER A 47 -4.82 3.97 7.44
CA SER A 47 -4.37 2.57 7.47
C SER A 47 -4.38 1.97 6.05
N VAL A 48 -3.51 0.99 5.77
CA VAL A 48 -3.35 0.34 4.46
C VAL A 48 -3.03 -1.16 4.62
N GLU A 49 -3.41 -1.98 3.64
CA GLU A 49 -3.24 -3.45 3.62
C GLU A 49 -1.99 -3.83 2.81
N TRP A 50 -0.98 -4.48 3.41
CA TRP A 50 0.24 -4.93 2.72
C TRP A 50 0.23 -6.45 2.56
N ILE A 51 0.60 -6.94 1.37
CA ILE A 51 0.80 -8.36 1.07
C ILE A 51 2.22 -8.57 0.53
N LEU A 52 3.04 -9.33 1.25
CA LEU A 52 4.34 -9.83 0.81
C LEU A 52 4.21 -11.20 0.13
N CYS A 53 4.72 -11.33 -1.11
CA CYS A 53 4.55 -12.55 -1.90
C CYS A 53 5.88 -13.33 -1.95
N PRO A 54 5.98 -14.52 -1.33
CA PRO A 54 7.24 -15.27 -1.23
C PRO A 54 7.67 -15.94 -2.54
N MET A 55 8.94 -16.35 -2.61
CA MET A 55 9.53 -16.96 -3.79
C MET A 55 9.01 -18.39 -4.00
N GLN A 56 8.15 -18.53 -5.01
CA GLN A 56 7.73 -19.79 -5.62
C GLN A 56 8.63 -20.22 -6.78
N GLU A 57 8.59 -21.51 -7.07
CA GLU A 57 9.26 -22.14 -8.22
C GLU A 57 8.52 -21.86 -9.54
N LYS A 58 8.82 -22.60 -10.62
CA LYS A 58 8.22 -22.39 -11.95
C LYS A 58 6.71 -22.71 -12.03
N GLY A 59 6.14 -23.38 -11.03
CA GLY A 59 4.69 -23.61 -10.88
C GLY A 59 4.18 -23.85 -9.46
N GLU A 60 5.04 -24.33 -8.56
CA GLU A 60 4.68 -24.63 -7.15
C GLU A 60 4.58 -23.36 -6.28
N LYS A 61 3.35 -22.93 -6.02
CA LYS A 61 2.99 -21.67 -5.33
C LYS A 61 3.10 -21.78 -3.80
N LYS A 62 3.43 -20.67 -3.14
CA LYS A 62 3.55 -20.54 -1.67
C LYS A 62 2.55 -19.53 -1.10
N GLU A 63 2.33 -19.59 0.20
CA GLU A 63 1.32 -18.81 0.94
C GLU A 63 1.81 -17.40 1.30
N LEU A 64 0.98 -16.38 1.07
CA LEU A 64 1.37 -14.95 1.18
C LEU A 64 1.37 -14.50 2.65
N PHE A 65 2.26 -13.57 3.03
CA PHE A 65 2.18 -12.88 4.32
C PHE A 65 1.37 -11.58 4.16
N LYS A 66 0.39 -11.37 5.02
CA LYS A 66 -0.48 -10.17 5.04
C LYS A 66 -0.39 -9.44 6.37
N HIS A 67 -0.26 -8.11 6.32
CA HIS A 67 -0.27 -7.25 7.51
C HIS A 67 -0.84 -5.86 7.16
N VAL A 68 -1.68 -5.32 8.03
CA VAL A 68 -2.26 -3.96 7.90
C VAL A 68 -1.46 -2.97 8.76
N SER A 69 -1.00 -1.87 8.19
CA SER A 69 -0.21 -0.85 8.89
C SER A 69 -0.91 0.51 8.93
N HIS A 70 -0.72 1.25 10.02
CA HIS A 70 -1.53 2.40 10.44
C HIS A 70 -0.76 3.74 10.52
N ARG A 71 -1.49 4.85 10.70
CA ARG A 71 -1.00 6.24 10.81
C ARG A 71 -0.02 6.67 9.70
N ILE A 72 -0.29 6.25 8.46
CA ILE A 72 0.59 6.46 7.29
C ILE A 72 0.23 7.82 6.67
N LYS A 73 1.19 8.74 6.62
CA LYS A 73 0.99 10.15 6.26
C LYS A 73 0.89 10.33 4.74
N GLU A 74 0.04 11.24 4.28
CA GLU A 74 -0.06 11.59 2.84
C GLU A 74 1.23 12.22 2.26
N THR A 75 2.16 12.65 3.12
CA THR A 75 3.51 13.12 2.79
C THR A 75 4.56 12.01 2.80
N ASP A 76 4.18 10.78 3.16
CA ASP A 76 5.11 9.68 3.38
C ASP A 76 5.29 8.75 2.18
N PHE A 77 6.39 8.00 2.20
CA PHE A 77 6.72 7.01 1.19
C PHE A 77 6.44 5.61 1.73
N LEU A 78 6.17 4.66 0.84
CA LEU A 78 5.79 3.29 1.17
C LEU A 78 6.74 2.68 2.20
N VAL A 79 8.05 2.92 2.09
CA VAL A 79 9.03 2.37 3.03
C VAL A 79 8.89 2.91 4.48
N GLN A 80 8.21 4.05 4.66
CA GLN A 80 7.82 4.69 5.91
C GLN A 80 6.42 4.31 6.41
N GLY A 81 5.56 3.84 5.52
CA GLY A 81 4.21 3.40 5.86
C GLY A 81 4.15 1.91 6.21
N MET A 82 5.06 1.12 5.64
CA MET A 82 5.06 -0.35 5.73
C MET A 82 5.11 -0.86 7.16
N GLY A 83 5.78 -0.16 8.05
CA GLY A 83 6.07 -0.68 9.39
C GLY A 83 7.39 -1.43 9.41
N LYS A 84 8.22 -1.18 10.43
CA LYS A 84 9.50 -1.88 10.64
C LYS A 84 9.34 -3.40 10.67
N ASN A 85 8.20 -3.94 11.12
CA ASN A 85 7.90 -5.37 11.02
C ASN A 85 7.75 -5.85 9.56
N VAL A 86 7.03 -5.13 8.69
CA VAL A 86 6.85 -5.54 7.29
C VAL A 86 8.17 -5.45 6.53
N PHE A 87 9.00 -4.44 6.85
CA PHE A 87 10.37 -4.34 6.37
C PHE A 87 11.26 -5.52 6.82
N GLN A 88 11.22 -5.90 8.10
CA GLN A 88 12.04 -7.02 8.63
C GLN A 88 11.55 -8.38 8.08
N LYS A 89 10.27 -8.48 7.72
CA LYS A 89 9.70 -9.63 7.00
C LYS A 89 10.22 -9.74 5.57
N CYS A 90 10.46 -8.62 4.86
CA CYS A 90 11.13 -8.66 3.55
C CYS A 90 12.52 -9.31 3.64
N CYS A 91 13.25 -9.01 4.70
CA CYS A 91 14.60 -9.54 4.92
C CYS A 91 14.58 -11.04 5.26
N GLU A 92 13.49 -11.57 5.82
CA GLU A 92 13.34 -13.02 6.09
C GLU A 92 12.69 -13.80 4.94
N PHE A 93 11.93 -13.12 4.06
CA PHE A 93 11.28 -13.72 2.89
C PHE A 93 12.25 -13.87 1.74
N TYR A 94 13.03 -12.82 1.47
CA TYR A 94 13.89 -12.77 0.29
C TYR A 94 15.37 -12.78 0.70
N ARG A 95 15.64 -13.00 2.00
CA ARG A 95 17.00 -13.15 2.57
C ARG A 95 17.89 -11.95 2.25
N LEU A 96 17.36 -10.76 2.54
CA LEU A 96 18.00 -9.48 2.24
C LEU A 96 18.89 -8.93 3.36
N ALA A 97 19.90 -8.15 2.96
CA ALA A 97 20.87 -7.51 3.85
C ALA A 97 21.31 -6.12 3.33
N GLY A 98 21.76 -5.28 4.27
CA GLY A 98 22.33 -3.95 4.03
C GLY A 98 22.93 -3.40 5.33
N THR A 99 23.43 -2.17 5.32
CA THR A 99 24.02 -1.54 6.52
C THR A 99 23.92 -0.01 6.54
N SER A 100 23.91 0.58 7.73
CA SER A 100 23.86 2.04 7.93
C SER A 100 25.08 2.73 7.30
N SER A 101 24.85 3.58 6.29
CA SER A 101 25.93 4.08 5.41
C SER A 101 25.79 5.54 4.97
N CYS A 102 24.56 6.05 4.74
CA CYS A 102 24.28 7.42 4.28
C CYS A 102 24.40 8.51 5.37
N ILE A 103 25.21 8.28 6.40
CA ILE A 103 25.16 8.95 7.72
C ILE A 103 25.75 10.38 7.70
N GLU A 104 26.64 10.69 6.75
CA GLU A 104 27.62 11.79 6.90
C GLU A 104 27.06 13.22 6.88
N GLY A 105 25.85 13.42 6.34
CA GLY A 105 25.21 14.74 6.24
C GLY A 105 23.68 14.77 6.26
N GLU A 106 23.04 13.73 6.80
CA GLU A 106 21.58 13.62 6.94
C GLU A 106 21.21 13.29 8.39
N ASP A 107 20.13 13.91 8.88
CA ASP A 107 19.65 13.85 10.27
C ASP A 107 18.51 12.84 10.52
N GLY A 108 18.14 12.12 9.47
CA GLY A 108 17.07 11.11 9.44
C GLY A 108 16.84 10.45 8.07
N SER A 109 17.22 11.12 6.97
CA SER A 109 17.05 10.54 5.63
C SER A 109 17.98 9.34 5.41
N GLU A 110 19.10 9.30 6.15
CA GLU A 110 20.03 8.18 6.19
C GLU A 110 19.38 6.84 6.57
N THR A 111 18.45 6.85 7.53
CA THR A 111 17.77 5.66 8.07
C THR A 111 16.43 5.39 7.37
N LYS A 112 15.77 6.44 6.90
CA LYS A 112 14.61 6.37 5.99
C LYS A 112 15.00 5.64 4.70
N GLU A 113 16.15 6.00 4.13
CA GLU A 113 16.63 5.40 2.89
C GLU A 113 17.44 4.12 3.09
N GLU A 114 18.01 3.89 4.27
CA GLU A 114 18.62 2.59 4.65
C GLU A 114 17.67 1.42 4.37
N ARG A 115 16.36 1.61 4.56
CA ARG A 115 15.33 0.60 4.27
C ARG A 115 15.01 0.48 2.79
N THR A 116 14.88 1.63 2.12
CA THR A 116 14.67 1.73 0.66
C THR A 116 15.81 1.12 -0.14
N GLN A 117 17.05 1.15 0.38
CA GLN A 117 18.21 0.56 -0.28
C GLN A 117 18.03 -0.95 -0.41
N ILE A 118 17.45 -1.62 0.59
CA ILE A 118 17.22 -3.08 0.64
C ILE A 118 16.24 -3.52 -0.47
N LEU A 119 15.28 -2.67 -0.80
CA LEU A 119 14.27 -2.95 -1.83
C LEU A 119 14.82 -2.72 -3.23
N GLN A 120 15.59 -1.66 -3.44
CA GLN A 120 16.22 -1.43 -4.76
C GLN A 120 17.44 -2.33 -5.04
N LYS A 121 18.18 -2.76 -4.00
CA LYS A 121 19.34 -3.68 -4.15
C LYS A 121 18.91 -5.14 -4.34
N SER A 122 17.72 -5.50 -3.86
CA SER A 122 17.11 -6.80 -4.16
C SER A 122 16.45 -6.84 -5.54
N GLY A 123 15.97 -5.69 -6.03
CA GLY A 123 15.23 -5.60 -7.28
C GLY A 123 13.72 -5.85 -7.08
N LEU A 124 13.21 -5.70 -5.85
CA LEU A 124 11.78 -5.83 -5.58
C LEU A 124 10.95 -4.73 -6.26
N LYS A 125 9.70 -5.06 -6.59
CA LYS A 125 8.68 -4.15 -7.12
C LYS A 125 7.41 -4.16 -6.26
N PHE A 126 6.71 -3.04 -6.34
CA PHE A 126 5.48 -2.77 -5.58
C PHE A 126 4.34 -2.44 -6.55
N TYR A 127 3.13 -2.89 -6.19
CA TYR A 127 1.90 -2.78 -6.97
C TYR A 127 0.72 -2.43 -6.04
N THR A 128 -0.38 -1.90 -6.58
CA THR A 128 -1.61 -1.64 -5.80
C THR A 128 -2.85 -2.10 -6.54
N LYS A 129 -3.89 -2.49 -5.81
CA LYS A 129 -5.23 -2.76 -6.35
C LYS A 129 -5.85 -1.46 -6.91
N THR A 130 -6.26 -1.46 -8.16
CA THR A 130 -6.95 -0.33 -8.80
C THR A 130 -8.41 -0.67 -9.10
N PHE A 131 -9.25 0.37 -9.20
CA PHE A 131 -10.54 0.35 -9.88
C PHE A 131 -10.62 1.57 -10.83
N PRO A 132 -11.51 1.58 -11.84
CA PRO A 132 -11.66 2.70 -12.77
C PRO A 132 -12.02 4.02 -12.09
N TYR A 133 -11.62 5.15 -12.68
CA TYR A 133 -11.89 6.50 -12.19
C TYR A 133 -13.40 6.79 -12.10
N ASN A 134 -14.19 6.27 -13.03
CA ASN A 134 -15.66 6.48 -13.11
C ASN A 134 -16.48 5.42 -12.36
N THR A 135 -15.88 4.63 -11.46
CA THR A 135 -16.60 3.74 -10.56
C THR A 135 -17.34 4.55 -9.50
N THR A 136 -18.64 4.28 -9.33
CA THR A 136 -19.53 4.92 -8.34
C THR A 136 -20.15 3.92 -7.35
N HIS A 137 -20.05 2.62 -7.64
CA HIS A 137 -20.71 1.54 -6.89
C HIS A 137 -19.74 0.38 -6.61
N ILE A 138 -19.97 -0.37 -5.53
CA ILE A 138 -19.06 -1.40 -5.03
C ILE A 138 -19.01 -2.59 -6.00
N MET A 139 -17.79 -3.03 -6.31
CA MET A 139 -17.45 -4.12 -7.22
C MET A 139 -16.17 -4.83 -6.75
N ASP A 140 -15.88 -6.02 -7.29
CA ASP A 140 -14.67 -6.79 -7.03
C ASP A 140 -14.01 -7.20 -8.36
N SER A 141 -12.77 -6.76 -8.59
CA SER A 141 -12.01 -7.02 -9.82
C SER A 141 -10.51 -7.18 -9.56
N LYS A 142 -9.91 -8.30 -10.01
CA LYS A 142 -8.48 -8.53 -9.86
C LYS A 142 -7.70 -7.71 -10.91
N LYS A 143 -7.23 -6.53 -10.48
CA LYS A 143 -6.54 -5.50 -11.28
C LYS A 143 -5.49 -4.76 -10.46
N LEU A 144 -4.22 -4.98 -10.78
CA LEU A 144 -3.04 -4.36 -10.19
C LEU A 144 -2.38 -3.35 -11.14
N VAL A 145 -1.59 -2.45 -10.54
CA VAL A 145 -0.75 -1.45 -11.23
C VAL A 145 0.57 -1.30 -10.50
N GLU A 146 1.69 -1.33 -11.23
CA GLU A 146 3.05 -1.16 -10.72
C GLU A 146 3.36 0.34 -10.50
N LEU A 147 4.02 0.69 -9.39
CA LEU A 147 4.34 2.08 -9.05
C LEU A 147 5.73 2.27 -8.44
N ALA A 148 6.27 3.48 -8.57
CA ALA A 148 7.64 3.84 -8.18
C ALA A 148 7.74 4.39 -6.76
N ILE A 149 7.96 3.50 -5.80
CA ILE A 149 7.94 3.85 -4.38
C ILE A 149 9.16 4.66 -3.90
N HIS A 150 10.24 4.66 -4.67
CA HIS A 150 11.44 5.43 -4.38
C HIS A 150 11.31 6.87 -4.91
N GLU A 151 10.40 7.09 -5.88
CA GLU A 151 10.20 8.37 -6.57
C GLU A 151 8.89 9.09 -6.19
N LYS A 152 7.79 8.36 -6.00
CA LYS A 152 6.44 8.91 -5.72
C LYS A 152 6.00 8.60 -4.28
N CYS A 153 5.37 9.59 -3.65
CA CYS A 153 4.86 9.46 -2.28
C CYS A 153 3.43 8.93 -2.32
N ILE A 154 2.96 8.38 -1.20
CA ILE A 154 1.67 7.69 -1.13
C ILE A 154 0.49 8.62 -1.45
N GLY A 155 0.61 9.93 -1.20
CA GLY A 155 -0.43 10.91 -1.54
C GLY A 155 -0.65 11.06 -3.04
N GLU A 156 0.41 11.07 -3.85
CA GLU A 156 0.30 11.17 -5.31
C GLU A 156 -0.01 9.81 -5.97
N LEU A 157 0.31 8.70 -5.29
CA LEU A 157 -0.13 7.37 -5.69
C LEU A 157 -1.65 7.26 -5.59
N LEU A 158 -2.23 7.56 -4.43
CA LEU A 158 -3.65 7.26 -4.20
C LEU A 158 -4.54 8.30 -4.89
N LYS A 159 -3.97 9.47 -5.23
CA LYS A 159 -4.53 10.49 -6.14
C LYS A 159 -4.81 9.97 -7.55
N ASN A 160 -4.09 8.92 -7.96
CA ASN A 160 -4.26 8.22 -9.23
C ASN A 160 -5.09 6.91 -9.11
N THR A 161 -5.86 6.73 -8.03
CA THR A 161 -6.65 5.50 -7.77
C THR A 161 -8.11 5.74 -7.35
N THR A 162 -8.88 4.67 -7.52
CA THR A 162 -10.17 4.41 -6.87
C THR A 162 -10.02 3.18 -5.99
N VAL A 163 -10.55 3.22 -4.76
CA VAL A 163 -10.45 2.15 -3.74
C VAL A 163 -11.71 2.10 -2.87
N ILE A 164 -11.95 0.97 -2.21
CA ILE A 164 -13.07 0.77 -1.27
C ILE A 164 -12.56 0.92 0.18
N GLU A 165 -13.04 1.92 0.93
CA GLU A 165 -12.62 2.29 2.30
C GLU A 165 -11.14 2.64 2.49
N PHE A 166 -10.23 1.67 2.32
CA PHE A 166 -8.79 1.80 2.58
C PHE A 166 -7.94 0.97 1.58
N PRO A 167 -6.79 1.48 1.09
CA PRO A 167 -6.03 0.91 -0.03
C PRO A 167 -5.12 -0.27 0.33
N THR A 168 -4.71 -1.02 -0.71
CA THR A 168 -3.95 -2.27 -0.63
C THR A 168 -2.69 -2.25 -1.50
N ILE A 169 -1.56 -2.71 -0.96
CA ILE A 169 -0.25 -2.80 -1.62
C ILE A 169 0.19 -4.26 -1.71
N PHE A 170 0.59 -4.69 -2.90
CA PHE A 170 1.17 -6.01 -3.17
C PHE A 170 2.67 -5.87 -3.48
N VAL A 171 3.49 -6.68 -2.80
CA VAL A 171 4.96 -6.67 -2.90
C VAL A 171 5.47 -7.98 -3.52
N ALA A 172 6.15 -7.91 -4.67
CA ALA A 172 6.75 -9.07 -5.34
C ALA A 172 7.90 -8.67 -6.28
N MET A 173 8.76 -9.63 -6.64
CA MET A 173 9.84 -9.39 -7.62
C MET A 173 9.29 -9.05 -9.02
N THR A 174 8.26 -9.78 -9.45
CA THR A 174 7.63 -9.76 -10.78
C THR A 174 6.22 -10.37 -10.72
N GLU A 175 5.46 -10.29 -11.82
CA GLU A 175 4.18 -11.00 -11.99
C GLU A 175 4.28 -12.51 -11.77
N ALA A 176 5.43 -13.07 -12.10
CA ALA A 176 5.76 -14.47 -11.87
C ALA A 176 5.68 -14.86 -10.38
N ASP A 177 5.96 -13.93 -9.45
CA ASP A 177 5.88 -14.15 -8.00
C ASP A 177 4.61 -13.55 -7.38
N LEU A 178 3.83 -12.75 -8.12
CA LEU A 178 2.47 -12.37 -7.73
C LEU A 178 1.51 -13.58 -7.62
N PRO A 179 0.42 -13.47 -6.84
CA PRO A 179 -0.65 -14.46 -6.75
C PRO A 179 -1.43 -14.66 -8.07
N GLU A 180 -2.15 -15.78 -8.15
CA GLU A 180 -2.96 -16.17 -9.31
C GLU A 180 -4.29 -15.40 -9.39
N GLY A 181 -4.78 -15.21 -10.62
CA GLY A 181 -5.98 -14.42 -10.93
C GLY A 181 -5.74 -12.90 -10.96
N TYR A 182 -4.80 -12.41 -10.15
CA TYR A 182 -4.35 -11.01 -10.19
C TYR A 182 -3.55 -10.74 -11.48
N GLU A 183 -3.76 -9.56 -12.07
CA GLU A 183 -3.15 -9.15 -13.33
C GLU A 183 -2.72 -7.67 -13.27
N VAL A 184 -1.55 -7.36 -13.82
CA VAL A 184 -0.96 -6.01 -13.82
C VAL A 184 -1.26 -5.26 -15.13
N LEU A 185 -1.77 -4.04 -15.02
CA LEU A 185 -2.11 -3.16 -16.15
C LEU A 185 -0.95 -2.22 -16.48
N HIS A 186 -0.66 -2.06 -17.77
CA HIS A 186 0.28 -1.08 -18.30
C HIS A 186 -0.37 -0.17 -19.36
N GLN A 187 0.30 0.91 -19.75
CA GLN A 187 -0.20 1.79 -20.82
C GLN A 187 -0.11 1.12 -22.20
N GLU A 188 -1.10 1.39 -23.05
CA GLU A 188 -1.23 0.86 -24.41
C GLU A 188 -0.28 1.50 -25.42
N GLY A 1 -20.09 4.11 19.02
CA GLY A 1 -21.50 4.29 18.61
C GLY A 1 -21.84 3.42 17.40
N PRO A 2 -22.94 2.64 17.44
CA PRO A 2 -23.36 1.80 16.30
C PRO A 2 -23.80 2.60 15.06
N HIS A 3 -24.36 3.80 15.26
CA HIS A 3 -24.99 4.64 14.23
C HIS A 3 -24.26 5.98 14.03
N MET A 4 -24.57 6.63 12.90
CA MET A 4 -24.09 7.94 12.45
C MET A 4 -22.56 8.16 12.52
N ARG A 5 -21.77 7.10 12.34
CA ARG A 5 -20.33 7.22 12.03
C ARG A 5 -20.11 7.62 10.56
N ASP A 6 -18.87 7.59 10.08
CA ASP A 6 -18.57 7.83 8.67
C ASP A 6 -19.01 6.67 7.75
N SER A 7 -19.18 5.45 8.29
CA SER A 7 -19.62 4.24 7.56
C SER A 7 -21.15 4.12 7.37
N THR A 8 -21.90 5.22 7.45
CA THR A 8 -23.36 5.27 7.17
C THR A 8 -23.71 5.36 5.67
N GLU A 9 -22.69 5.24 4.83
CA GLU A 9 -22.72 5.50 3.39
C GLU A 9 -22.12 4.33 2.59
N CYS A 10 -22.50 4.21 1.32
CA CYS A 10 -22.07 3.18 0.37
C CYS A 10 -21.77 3.79 -1.02
N GLN A 11 -21.20 5.00 -1.00
CA GLN A 11 -20.86 5.88 -2.13
C GLN A 11 -19.47 6.47 -1.87
N ARG A 12 -18.86 7.12 -2.88
CA ARG A 12 -17.50 7.67 -2.71
C ARG A 12 -17.44 9.07 -2.10
N ILE A 13 -16.33 9.29 -1.39
CA ILE A 13 -15.78 10.60 -1.05
C ILE A 13 -14.43 10.77 -1.75
N ILE A 14 -14.09 11.97 -2.20
CA ILE A 14 -12.76 12.30 -2.72
C ILE A 14 -11.97 13.04 -1.63
N ARG A 15 -10.74 12.59 -1.35
CA ARG A 15 -9.87 13.09 -0.28
C ARG A 15 -8.47 13.32 -0.85
N ARG A 16 -8.01 14.58 -0.93
CA ARG A 16 -6.75 14.99 -1.60
C ARG A 16 -6.62 14.57 -3.08
N GLY A 17 -7.73 14.28 -3.76
CA GLY A 17 -7.76 13.70 -5.10
C GLY A 17 -7.83 12.18 -5.14
N VAL A 18 -7.81 11.47 -4.00
CA VAL A 18 -7.98 10.01 -3.92
C VAL A 18 -9.46 9.68 -3.89
N ASN A 19 -9.97 8.87 -4.83
CA ASN A 19 -11.38 8.48 -4.89
C ASN A 19 -11.66 7.27 -3.97
N CYS A 20 -12.38 7.48 -2.85
CA CYS A 20 -12.54 6.52 -1.75
C CYS A 20 -13.99 6.06 -1.58
N LEU A 21 -14.29 4.84 -2.01
CA LEU A 21 -15.64 4.24 -1.92
C LEU A 21 -15.86 3.70 -0.49
N MET A 22 -16.86 4.20 0.23
CA MET A 22 -17.09 3.86 1.64
C MET A 22 -17.80 2.51 1.78
N LEU A 23 -17.34 1.67 2.70
CA LEU A 23 -18.01 0.42 3.07
C LEU A 23 -18.99 0.62 4.24
N PRO A 24 -20.04 -0.21 4.34
CA PRO A 24 -21.07 -0.08 5.38
C PRO A 24 -20.57 -0.45 6.78
N LYS A 25 -21.40 -0.13 7.78
CA LYS A 25 -21.10 -0.17 9.21
C LYS A 25 -20.59 -1.50 9.77
N GLY A 26 -21.10 -2.64 9.31
CA GLY A 26 -20.77 -3.96 9.86
C GLY A 26 -19.55 -4.62 9.23
N MET A 27 -19.05 -4.10 8.10
CA MET A 27 -17.91 -4.71 7.39
C MET A 27 -16.62 -4.69 8.22
N GLN A 28 -15.93 -5.83 8.33
CA GLN A 28 -14.62 -5.92 9.00
C GLN A 28 -13.59 -4.94 8.40
N ARG A 29 -13.58 -4.77 7.07
CA ARG A 29 -12.72 -3.79 6.39
C ARG A 29 -13.04 -2.33 6.76
N SER A 30 -14.29 -1.99 7.08
CA SER A 30 -14.64 -0.67 7.64
C SER A 30 -14.43 -0.56 9.17
N SER A 31 -14.44 -1.69 9.89
CA SER A 31 -14.10 -1.79 11.31
C SER A 31 -12.61 -1.51 11.55
N GLN A 32 -11.74 -2.10 10.73
CA GLN A 32 -10.28 -2.02 10.86
C GLN A 32 -9.64 -0.81 10.14
N ASN A 33 -10.36 -0.14 9.24
CA ASN A 33 -9.85 1.11 8.63
C ASN A 33 -9.85 2.28 9.62
N ARG A 34 -8.67 2.84 9.86
CA ARG A 34 -8.46 4.13 10.54
C ARG A 34 -7.88 5.11 9.52
N SER A 35 -8.70 6.00 8.97
CA SER A 35 -8.28 7.06 8.05
C SER A 35 -8.94 8.39 8.42
N LYS A 36 -8.14 9.45 8.55
CA LYS A 36 -8.51 10.73 9.19
C LYS A 36 -7.55 11.85 8.79
N TRP A 37 -7.93 13.08 9.13
CA TRP A 37 -6.98 14.16 9.38
C TRP A 37 -6.39 14.06 10.80
N ASP A 38 -5.13 14.46 10.98
CA ASP A 38 -4.49 14.54 12.31
C ASP A 38 -4.04 15.97 12.61
N LYS A 39 -4.76 16.67 13.50
CA LYS A 39 -4.46 18.03 13.99
C LYS A 39 -3.03 18.14 14.51
N THR A 40 -2.60 17.08 15.18
CA THR A 40 -1.27 16.92 15.79
C THR A 40 -0.12 17.00 14.77
N MET A 41 -0.39 16.70 13.50
CA MET A 41 0.56 16.75 12.37
C MET A 41 0.14 17.74 11.27
N ASP A 42 -1.11 18.22 11.32
CA ASP A 42 -1.80 19.01 10.29
C ASP A 42 -1.72 18.43 8.86
N LEU A 43 -2.00 17.12 8.77
CA LEU A 43 -1.99 16.32 7.54
C LEU A 43 -2.99 15.15 7.56
N PHE A 44 -3.28 14.57 6.40
CA PHE A 44 -4.09 13.34 6.27
C PHE A 44 -3.30 12.05 6.51
N VAL A 45 -3.94 11.05 7.14
CA VAL A 45 -3.42 9.69 7.31
C VAL A 45 -4.37 8.59 6.81
N TRP A 46 -3.79 7.43 6.52
CA TRP A 46 -4.45 6.23 6.01
C TRP A 46 -4.05 4.98 6.81
N SER A 47 -4.87 3.93 6.68
CA SER A 47 -4.47 2.53 6.86
C SER A 47 -4.20 1.88 5.50
N VAL A 48 -3.28 0.90 5.44
CA VAL A 48 -2.85 0.22 4.19
C VAL A 48 -2.72 -1.29 4.45
N GLU A 49 -3.28 -2.10 3.54
CA GLU A 49 -3.13 -3.55 3.50
C GLU A 49 -1.87 -3.91 2.69
N TRP A 50 -0.88 -4.57 3.31
CA TRP A 50 0.36 -5.03 2.67
C TRP A 50 0.33 -6.55 2.50
N ILE A 51 0.75 -7.04 1.33
CA ILE A 51 0.95 -8.46 1.06
C ILE A 51 2.37 -8.66 0.55
N LEU A 52 3.17 -9.41 1.31
CA LEU A 52 4.49 -9.92 0.91
C LEU A 52 4.33 -11.26 0.20
N CYS A 53 4.78 -11.32 -1.06
CA CYS A 53 4.61 -12.51 -1.91
C CYS A 53 5.93 -13.30 -1.95
N PRO A 54 6.01 -14.51 -1.38
CA PRO A 54 7.25 -15.28 -1.26
C PRO A 54 7.79 -15.79 -2.61
N MET A 55 9.08 -16.14 -2.66
CA MET A 55 9.69 -16.72 -3.85
C MET A 55 9.28 -18.19 -4.02
N GLN A 56 8.37 -18.42 -4.96
CA GLN A 56 7.92 -19.74 -5.41
C GLN A 56 8.81 -20.36 -6.48
N GLU A 57 8.67 -21.67 -6.64
CA GLU A 57 9.49 -22.52 -7.50
C GLU A 57 8.84 -22.75 -8.88
N LYS A 58 9.40 -23.69 -9.65
CA LYS A 58 8.96 -24.12 -10.99
C LYS A 58 7.55 -24.75 -11.03
N GLY A 59 6.98 -25.12 -9.87
CA GLY A 59 5.61 -25.63 -9.77
C GLY A 59 4.93 -25.35 -8.43
N GLU A 60 5.66 -25.38 -7.31
CA GLU A 60 5.10 -25.18 -5.97
C GLU A 60 5.02 -23.70 -5.57
N LYS A 61 3.78 -23.23 -5.38
CA LYS A 61 3.44 -21.94 -4.77
C LYS A 61 3.53 -21.99 -3.23
N LYS A 62 3.94 -20.88 -2.62
CA LYS A 62 4.18 -20.73 -1.17
C LYS A 62 3.14 -19.84 -0.50
N GLU A 63 3.13 -19.78 0.83
CA GLU A 63 2.13 -19.02 1.61
C GLU A 63 2.43 -17.50 1.66
N LEU A 64 1.45 -16.66 1.28
CA LEU A 64 1.56 -15.19 1.40
C LEU A 64 1.66 -14.77 2.88
N PHE A 65 2.36 -13.68 3.17
CA PHE A 65 2.21 -12.96 4.44
C PHE A 65 1.40 -11.68 4.21
N LYS A 66 0.33 -11.50 4.99
CA LYS A 66 -0.55 -10.31 4.95
C LYS A 66 -0.50 -9.56 6.28
N HIS A 67 -0.38 -8.23 6.20
CA HIS A 67 -0.50 -7.35 7.37
C HIS A 67 -1.04 -5.98 6.98
N VAL A 68 -2.00 -5.44 7.74
CA VAL A 68 -2.45 -4.04 7.63
C VAL A 68 -1.77 -3.15 8.67
N SER A 69 -1.26 -2.00 8.22
CA SER A 69 -0.56 -0.98 9.02
C SER A 69 -1.30 0.37 8.96
N HIS A 70 -1.14 1.19 10.00
CA HIS A 70 -1.95 2.38 10.27
C HIS A 70 -1.13 3.68 10.34
N ARG A 71 -1.81 4.83 10.35
CA ARG A 71 -1.24 6.18 10.58
C ARG A 71 -0.22 6.62 9.52
N ILE A 72 -0.47 6.24 8.27
CA ILE A 72 0.47 6.45 7.16
C ILE A 72 0.11 7.77 6.47
N LYS A 73 1.06 8.69 6.38
CA LYS A 73 0.83 10.13 6.18
C LYS A 73 0.87 10.52 4.70
N GLU A 74 0.07 11.51 4.29
CA GLU A 74 -0.04 11.96 2.88
C GLU A 74 1.29 12.48 2.28
N THR A 75 2.23 12.84 3.15
CA THR A 75 3.58 13.32 2.82
C THR A 75 4.60 12.19 2.75
N ASP A 76 4.24 10.96 3.15
CA ASP A 76 5.20 9.90 3.44
C ASP A 76 5.46 8.93 2.27
N PHE A 77 6.51 8.11 2.40
CA PHE A 77 6.82 7.05 1.45
C PHE A 77 6.44 5.70 2.04
N LEU A 78 6.09 4.77 1.17
CA LEU A 78 5.67 3.40 1.48
C LEU A 78 6.61 2.72 2.49
N VAL A 79 7.92 2.92 2.37
CA VAL A 79 8.92 2.36 3.30
C VAL A 79 8.77 2.86 4.74
N GLN A 80 8.21 4.06 4.94
CA GLN A 80 7.93 4.67 6.24
C GLN A 80 6.54 4.34 6.79
N GLY A 81 5.64 3.84 5.92
CA GLY A 81 4.27 3.45 6.25
C GLY A 81 4.12 1.96 6.55
N MET A 82 5.01 1.14 5.99
CA MET A 82 4.95 -0.33 6.07
C MET A 82 4.96 -0.87 7.49
N GLY A 83 5.63 -0.20 8.41
CA GLY A 83 5.85 -0.71 9.76
C GLY A 83 7.08 -1.61 9.85
N LYS A 84 7.81 -1.53 10.96
CA LYS A 84 9.11 -2.24 11.09
C LYS A 84 8.95 -3.76 11.02
N ASN A 85 7.78 -4.30 11.38
CA ASN A 85 7.48 -5.72 11.22
C ASN A 85 7.35 -6.15 9.74
N VAL A 86 6.70 -5.37 8.86
CA VAL A 86 6.60 -5.68 7.42
C VAL A 86 7.97 -5.55 6.76
N PHE A 87 8.77 -4.58 7.21
CA PHE A 87 10.18 -4.46 6.82
C PHE A 87 11.02 -5.68 7.25
N GLN A 88 10.86 -6.16 8.49
CA GLN A 88 11.62 -7.31 8.98
C GLN A 88 11.19 -8.59 8.28
N LYS A 89 9.90 -8.74 7.98
CA LYS A 89 9.38 -9.89 7.22
C LYS A 89 9.83 -9.89 5.77
N CYS A 90 9.98 -8.73 5.12
CA CYS A 90 10.57 -8.70 3.77
C CYS A 90 12.06 -9.11 3.80
N CYS A 91 12.78 -8.71 4.85
CA CYS A 91 14.16 -9.09 5.09
C CYS A 91 14.32 -10.58 5.41
N GLU A 92 13.31 -11.29 5.92
CA GLU A 92 13.35 -12.75 6.10
C GLU A 92 12.82 -13.54 4.89
N PHE A 93 11.90 -12.95 4.10
CA PHE A 93 11.26 -13.61 2.95
C PHE A 93 12.22 -13.66 1.77
N TYR A 94 12.99 -12.60 1.58
CA TYR A 94 13.89 -12.47 0.43
C TYR A 94 15.36 -12.45 0.90
N ARG A 95 15.59 -12.63 2.21
CA ARG A 95 16.92 -12.70 2.86
C ARG A 95 17.77 -11.47 2.55
N LEU A 96 17.19 -10.31 2.82
CA LEU A 96 17.74 -8.99 2.52
C LEU A 96 18.66 -8.40 3.61
N ALA A 97 19.62 -7.57 3.20
CA ALA A 97 20.56 -6.84 4.07
C ALA A 97 21.13 -5.56 3.42
N GLY A 98 21.36 -4.49 4.21
CA GLY A 98 22.04 -3.27 3.72
C GLY A 98 22.17 -2.09 4.71
N THR A 99 22.93 -1.08 4.28
CA THR A 99 23.32 0.12 5.04
C THR A 99 23.18 1.41 4.23
N SER A 100 22.84 2.51 4.89
CA SER A 100 22.78 3.85 4.28
C SER A 100 24.17 4.41 3.93
N SER A 101 24.19 5.42 3.06
CA SER A 101 25.40 6.13 2.60
C SER A 101 25.27 7.65 2.70
N CYS A 102 24.07 8.18 2.44
CA CYS A 102 23.71 9.61 2.53
C CYS A 102 23.45 10.07 3.98
N ILE A 103 24.27 9.59 4.92
CA ILE A 103 24.16 9.83 6.38
C ILE A 103 24.77 11.17 6.80
N GLU A 104 25.67 11.72 5.97
CA GLU A 104 26.72 12.70 6.30
C GLU A 104 26.21 13.97 7.01
N GLY A 105 24.96 14.36 6.75
CA GLY A 105 24.28 15.48 7.38
C GLY A 105 22.77 15.28 7.58
N GLU A 106 22.34 14.04 7.87
CA GLU A 106 20.94 13.64 8.02
C GLU A 106 20.61 13.02 9.38
N ASP A 107 19.39 13.32 9.81
CA ASP A 107 18.74 12.86 11.05
C ASP A 107 17.41 12.09 10.80
N GLY A 108 17.12 11.83 9.52
CA GLY A 108 15.89 11.19 9.06
C GLY A 108 15.94 10.60 7.64
N SER A 109 16.42 11.33 6.63
CA SER A 109 16.37 10.78 5.26
C SER A 109 17.40 9.68 5.02
N GLU A 110 18.42 9.60 5.86
CA GLU A 110 19.37 8.49 5.90
C GLU A 110 18.71 7.14 6.17
N THR A 111 17.71 7.08 7.06
CA THR A 111 16.97 5.85 7.37
C THR A 111 15.83 5.59 6.38
N LYS A 112 15.13 6.66 5.95
CA LYS A 112 14.14 6.61 4.86
C LYS A 112 14.72 5.89 3.65
N GLU A 113 15.93 6.31 3.26
CA GLU A 113 16.62 5.68 2.15
C GLU A 113 17.32 4.37 2.52
N GLU A 114 17.75 4.18 3.78
CA GLU A 114 18.29 2.87 4.23
C GLU A 114 17.30 1.73 4.01
N ARG A 115 15.99 1.98 4.17
CA ARG A 115 14.93 1.00 3.91
C ARG A 115 14.68 0.80 2.42
N THR A 116 14.68 1.90 1.67
CA THR A 116 14.48 1.89 0.20
C THR A 116 15.65 1.26 -0.55
N GLN A 117 16.87 1.33 0.00
CA GLN A 117 18.08 0.75 -0.59
C GLN A 117 18.02 -0.78 -0.61
N ILE A 118 17.41 -1.40 0.42
CA ILE A 118 17.21 -2.86 0.55
C ILE A 118 16.35 -3.38 -0.61
N LEU A 119 15.35 -2.60 -0.98
CA LEU A 119 14.31 -2.97 -1.93
C LEU A 119 14.77 -2.76 -3.37
N GLN A 120 15.46 -1.65 -3.65
CA GLN A 120 16.04 -1.42 -4.99
C GLN A 120 17.31 -2.26 -5.26
N LYS A 121 18.06 -2.64 -4.22
CA LYS A 121 19.23 -3.52 -4.40
C LYS A 121 18.85 -4.98 -4.53
N SER A 122 17.71 -5.40 -3.96
CA SER A 122 17.18 -6.76 -4.14
C SER A 122 16.44 -6.92 -5.46
N GLY A 123 15.94 -5.82 -6.02
CA GLY A 123 15.18 -5.82 -7.27
C GLY A 123 13.69 -6.13 -7.06
N LEU A 124 13.17 -5.89 -5.84
CA LEU A 124 11.73 -6.00 -5.58
C LEU A 124 10.95 -4.94 -6.36
N LYS A 125 9.70 -5.26 -6.70
CA LYS A 125 8.72 -4.31 -7.25
C LYS A 125 7.47 -4.23 -6.38
N PHE A 126 6.88 -3.04 -6.33
CA PHE A 126 5.67 -2.75 -5.58
C PHE A 126 4.51 -2.42 -6.52
N TYR A 127 3.31 -2.88 -6.17
CA TYR A 127 2.09 -2.75 -6.97
C TYR A 127 0.89 -2.39 -6.08
N THR A 128 -0.15 -1.80 -6.64
CA THR A 128 -1.40 -1.52 -5.91
C THR A 128 -2.65 -1.87 -6.74
N LYS A 129 -3.78 -2.13 -6.07
CA LYS A 129 -5.09 -2.30 -6.72
C LYS A 129 -5.55 -0.96 -7.33
N THR A 130 -5.90 -0.98 -8.62
CA THR A 130 -6.51 0.17 -9.31
C THR A 130 -7.97 -0.12 -9.68
N PHE A 131 -8.78 0.93 -9.70
CA PHE A 131 -10.17 0.94 -10.21
C PHE A 131 -10.41 2.18 -11.09
N PRO A 132 -11.38 2.15 -12.03
CA PRO A 132 -11.63 3.24 -12.98
C PRO A 132 -11.98 4.60 -12.35
N TYR A 133 -11.75 5.69 -13.08
CA TYR A 133 -11.95 7.07 -12.60
C TYR A 133 -13.43 7.42 -12.33
N ASN A 134 -14.38 6.86 -13.07
CA ASN A 134 -15.80 7.20 -12.98
C ASN A 134 -16.59 6.25 -12.03
N THR A 135 -15.93 5.28 -11.38
CA THR A 135 -16.57 4.33 -10.43
C THR A 135 -16.95 5.04 -9.13
N THR A 136 -18.21 4.91 -8.72
CA THR A 136 -18.83 5.56 -7.55
C THR A 136 -19.40 4.55 -6.55
N HIS A 137 -19.74 3.35 -6.99
CA HIS A 137 -20.32 2.27 -6.19
C HIS A 137 -19.39 1.06 -6.05
N ILE A 138 -19.54 0.30 -4.96
CA ILE A 138 -18.60 -0.74 -4.55
C ILE A 138 -18.49 -1.86 -5.60
N MET A 139 -17.24 -2.20 -5.95
CA MET A 139 -16.84 -3.27 -6.85
C MET A 139 -15.56 -3.97 -6.35
N ASP A 140 -15.25 -5.12 -6.91
CA ASP A 140 -13.92 -5.75 -6.86
C ASP A 140 -13.61 -6.45 -8.20
N SER A 141 -12.41 -6.24 -8.72
CA SER A 141 -11.91 -6.82 -9.98
C SER A 141 -10.38 -6.84 -9.97
N LYS A 142 -9.76 -7.93 -10.46
CA LYS A 142 -8.30 -8.14 -10.36
C LYS A 142 -7.53 -7.28 -11.36
N LYS A 143 -7.04 -6.12 -10.87
CA LYS A 143 -6.26 -5.11 -11.61
C LYS A 143 -5.22 -4.42 -10.73
N LEU A 144 -3.95 -4.71 -11.01
CA LEU A 144 -2.77 -4.12 -10.38
C LEU A 144 -2.03 -3.14 -11.31
N VAL A 145 -1.20 -2.30 -10.71
CA VAL A 145 -0.28 -1.38 -11.40
C VAL A 145 1.04 -1.25 -10.63
N GLU A 146 2.17 -1.29 -11.32
CA GLU A 146 3.52 -1.07 -10.78
C GLU A 146 3.78 0.42 -10.49
N LEU A 147 4.49 0.73 -9.40
CA LEU A 147 4.91 2.10 -9.08
C LEU A 147 6.28 2.18 -8.37
N ALA A 148 6.89 3.36 -8.41
CA ALA A 148 8.23 3.65 -7.90
C ALA A 148 8.23 4.26 -6.49
N ILE A 149 8.28 3.43 -5.45
CA ILE A 149 8.19 3.89 -4.05
C ILE A 149 9.43 4.67 -3.56
N HIS A 150 10.53 4.56 -4.31
CA HIS A 150 11.79 5.28 -4.09
C HIS A 150 11.69 6.75 -4.54
N GLU A 151 10.83 7.00 -5.53
CA GLU A 151 10.72 8.29 -6.24
C GLU A 151 9.38 9.01 -5.99
N LYS A 152 8.28 8.26 -5.85
CA LYS A 152 6.92 8.77 -5.59
C LYS A 152 6.42 8.46 -4.18
N CYS A 153 5.72 9.42 -3.58
CA CYS A 153 5.13 9.33 -2.24
C CYS A 153 3.68 8.81 -2.30
N ILE A 154 3.14 8.41 -1.16
CA ILE A 154 1.80 7.78 -1.10
C ILE A 154 0.70 8.73 -1.60
N GLY A 155 0.84 10.05 -1.36
CA GLY A 155 -0.21 11.01 -1.72
C GLY A 155 -0.35 11.21 -3.23
N GLU A 156 0.75 11.07 -3.98
CA GLU A 156 0.77 11.16 -5.45
C GLU A 156 0.47 9.82 -6.12
N LEU A 157 0.70 8.71 -5.41
CA LEU A 157 0.34 7.37 -5.85
C LEU A 157 -1.19 7.27 -5.90
N LEU A 158 -1.84 7.55 -4.77
CA LEU A 158 -3.26 7.25 -4.61
C LEU A 158 -4.16 8.34 -5.21
N LYS A 159 -3.63 9.53 -5.47
CA LYS A 159 -4.34 10.61 -6.19
C LYS A 159 -4.76 10.21 -7.61
N ASN A 160 -3.98 9.32 -8.19
CA ASN A 160 -4.22 8.74 -9.50
C ASN A 160 -4.93 7.37 -9.43
N THR A 161 -5.69 7.11 -8.34
CA THR A 161 -6.46 5.87 -8.13
C THR A 161 -7.91 6.09 -7.72
N THR A 162 -8.66 5.00 -7.84
CA THR A 162 -9.93 4.77 -7.17
C THR A 162 -9.77 3.51 -6.33
N VAL A 163 -10.25 3.51 -5.09
CA VAL A 163 -10.09 2.42 -4.10
C VAL A 163 -11.32 2.31 -3.19
N ILE A 164 -11.56 1.11 -2.66
CA ILE A 164 -12.65 0.84 -1.72
C ILE A 164 -12.12 0.80 -0.27
N GLU A 165 -12.69 1.66 0.58
CA GLU A 165 -12.41 1.85 2.02
C GLU A 165 -10.95 2.18 2.35
N PHE A 166 -10.02 1.23 2.15
CA PHE A 166 -8.57 1.43 2.31
C PHE A 166 -7.71 0.69 1.27
N PRO A 167 -6.65 1.33 0.74
CA PRO A 167 -5.81 0.79 -0.34
C PRO A 167 -5.00 -0.46 0.04
N THR A 168 -4.62 -1.23 -0.99
CA THR A 168 -3.89 -2.50 -0.89
C THR A 168 -2.60 -2.43 -1.71
N ILE A 169 -1.48 -2.87 -1.14
CA ILE A 169 -0.14 -2.91 -1.73
C ILE A 169 0.34 -4.37 -1.80
N PHE A 170 0.75 -4.80 -2.99
CA PHE A 170 1.36 -6.11 -3.23
C PHE A 170 2.87 -5.93 -3.45
N VAL A 171 3.67 -6.73 -2.77
CA VAL A 171 5.14 -6.71 -2.83
C VAL A 171 5.66 -8.03 -3.42
N ALA A 172 6.35 -7.99 -4.56
CA ALA A 172 6.86 -9.20 -5.23
C ALA A 172 8.08 -8.95 -6.12
N MET A 173 8.91 -9.99 -6.32
CA MET A 173 10.04 -9.96 -7.26
C MET A 173 9.59 -9.89 -8.74
N THR A 174 8.60 -10.71 -9.11
CA THR A 174 8.05 -10.82 -10.47
C THR A 174 6.54 -11.07 -10.49
N GLU A 175 5.91 -10.87 -11.65
CA GLU A 175 4.52 -11.25 -11.94
C GLU A 175 4.24 -12.74 -11.66
N ALA A 176 5.24 -13.57 -11.91
CA ALA A 176 5.21 -15.00 -11.63
C ALA A 176 5.16 -15.33 -10.13
N ASP A 177 5.50 -14.38 -9.26
CA ASP A 177 5.40 -14.54 -7.81
C ASP A 177 4.13 -13.87 -7.26
N LEU A 178 3.43 -13.03 -8.06
CA LEU A 178 2.16 -12.43 -7.65
C LEU A 178 1.06 -13.50 -7.38
N PRO A 179 0.02 -13.19 -6.57
CA PRO A 179 -1.13 -14.05 -6.34
C PRO A 179 -1.93 -14.44 -7.60
N GLU A 180 -2.79 -15.44 -7.47
CA GLU A 180 -3.57 -15.99 -8.59
C GLU A 180 -4.80 -15.13 -8.96
N GLY A 181 -5.07 -15.05 -10.25
CA GLY A 181 -6.13 -14.23 -10.84
C GLY A 181 -5.75 -12.75 -11.05
N TYR A 182 -4.75 -12.22 -10.35
CA TYR A 182 -4.27 -10.85 -10.49
C TYR A 182 -3.41 -10.66 -11.75
N GLU A 183 -3.55 -9.50 -12.39
CA GLU A 183 -2.73 -9.03 -13.51
C GLU A 183 -2.28 -7.59 -13.28
N VAL A 184 -1.13 -7.22 -13.82
CA VAL A 184 -0.69 -5.82 -13.91
C VAL A 184 -1.09 -5.17 -15.24
N LEU A 185 -1.42 -3.87 -15.18
CA LEU A 185 -1.72 -3.01 -16.33
C LEU A 185 -0.53 -2.11 -16.68
N HIS A 186 -0.16 -2.06 -17.96
CA HIS A 186 0.95 -1.28 -18.48
C HIS A 186 0.56 -0.31 -19.60
N GLN A 187 1.47 0.61 -19.92
CA GLN A 187 1.41 1.43 -21.13
C GLN A 187 1.60 0.57 -22.40
N GLU A 188 1.17 1.09 -23.55
CA GLU A 188 1.02 0.33 -24.80
C GLU A 188 2.28 0.28 -25.68
N GLY A 1 -33.15 -3.65 15.92
CA GLY A 1 -31.70 -3.73 15.81
C GLY A 1 -31.08 -2.37 16.06
N PRO A 2 -30.05 -1.97 15.28
CA PRO A 2 -29.35 -0.70 15.50
C PRO A 2 -30.17 0.52 15.06
N HIS A 3 -29.74 1.71 15.49
CA HIS A 3 -30.36 2.98 15.12
C HIS A 3 -29.98 3.39 13.68
N MET A 4 -30.87 4.09 12.97
CA MET A 4 -30.65 4.50 11.57
C MET A 4 -29.60 5.61 11.46
N ARG A 5 -28.47 5.30 10.80
CA ARG A 5 -27.26 6.15 10.71
C ARG A 5 -26.75 6.24 9.26
N ASP A 6 -26.16 7.39 8.90
CA ASP A 6 -25.73 7.71 7.53
C ASP A 6 -24.62 6.77 6.99
N SER A 7 -23.88 6.11 7.89
CA SER A 7 -22.77 5.17 7.61
C SER A 7 -23.17 3.82 6.98
N THR A 8 -24.38 3.73 6.43
CA THR A 8 -24.91 2.63 5.59
C THR A 8 -24.66 2.86 4.07
N GLU A 9 -23.75 3.77 3.75
CA GLU A 9 -23.45 4.28 2.40
C GLU A 9 -22.82 3.22 1.47
N CYS A 10 -22.92 3.45 0.15
CA CYS A 10 -22.38 2.58 -0.91
C CYS A 10 -21.66 3.31 -2.07
N GLN A 11 -21.34 4.59 -1.89
CA GLN A 11 -20.74 5.48 -2.91
C GLN A 11 -19.39 6.05 -2.45
N ARG A 12 -18.63 6.67 -3.37
CA ARG A 12 -17.37 7.34 -3.01
C ARG A 12 -17.50 8.77 -2.47
N ILE A 13 -16.56 9.11 -1.59
CA ILE A 13 -16.19 10.50 -1.24
C ILE A 13 -14.78 10.78 -1.74
N ILE A 14 -14.50 12.02 -2.12
CA ILE A 14 -13.15 12.46 -2.49
C ILE A 14 -12.46 13.09 -1.27
N ARG A 15 -11.26 12.59 -0.94
CA ARG A 15 -10.35 13.12 0.09
C ARG A 15 -8.98 13.32 -0.53
N ARG A 16 -8.48 14.55 -0.62
CA ARG A 16 -7.19 14.91 -1.27
C ARG A 16 -6.98 14.30 -2.67
N GLY A 17 -8.03 14.32 -3.50
CA GLY A 17 -8.02 13.74 -4.85
C GLY A 17 -8.11 12.21 -4.92
N VAL A 18 -8.17 11.51 -3.77
CA VAL A 18 -8.33 10.06 -3.70
C VAL A 18 -9.83 9.72 -3.80
N ASN A 19 -10.23 8.87 -4.73
CA ASN A 19 -11.63 8.44 -4.84
C ASN A 19 -11.88 7.29 -3.84
N CYS A 20 -12.59 7.56 -2.74
CA CYS A 20 -12.68 6.64 -1.60
C CYS A 20 -14.08 6.04 -1.46
N LEU A 21 -14.28 4.80 -1.92
CA LEU A 21 -15.59 4.14 -1.91
C LEU A 21 -15.92 3.68 -0.48
N MET A 22 -17.11 4.05 -0.02
CA MET A 22 -17.58 3.79 1.34
C MET A 22 -18.27 2.42 1.44
N LEU A 23 -17.62 1.48 2.13
CA LEU A 23 -18.17 0.18 2.51
C LEU A 23 -19.06 0.35 3.76
N PRO A 24 -20.17 -0.39 3.94
CA PRO A 24 -21.10 -0.17 5.05
C PRO A 24 -20.48 -0.53 6.41
N LYS A 25 -21.03 0.09 7.46
CA LYS A 25 -20.48 0.11 8.83
C LYS A 25 -20.14 -1.25 9.43
N GLY A 26 -20.96 -2.28 9.18
CA GLY A 26 -20.76 -3.61 9.76
C GLY A 26 -19.59 -4.41 9.17
N MET A 27 -19.09 -4.06 7.97
CA MET A 27 -18.00 -4.83 7.34
C MET A 27 -16.67 -4.71 8.11
N GLN A 28 -15.94 -5.82 8.27
CA GLN A 28 -14.63 -5.81 8.95
C GLN A 28 -13.63 -4.87 8.25
N ARG A 29 -13.66 -4.77 6.91
CA ARG A 29 -12.81 -3.82 6.15
C ARG A 29 -13.14 -2.35 6.43
N SER A 30 -14.35 -2.03 6.90
CA SER A 30 -14.72 -0.70 7.43
C SER A 30 -14.16 -0.45 8.83
N SER A 31 -14.18 -1.48 9.69
CA SER A 31 -13.69 -1.42 11.08
C SER A 31 -12.15 -1.39 11.20
N GLN A 32 -11.44 -2.19 10.40
CA GLN A 32 -9.97 -2.20 10.40
C GLN A 32 -9.37 -0.98 9.67
N ASN A 33 -10.15 -0.28 8.83
CA ASN A 33 -9.75 1.00 8.28
C ASN A 33 -9.71 2.09 9.38
N ARG A 34 -8.52 2.67 9.60
CA ARG A 34 -8.34 3.95 10.30
C ARG A 34 -7.77 4.98 9.32
N SER A 35 -8.62 5.88 8.84
CA SER A 35 -8.31 7.06 8.02
C SER A 35 -9.02 8.32 8.54
N LYS A 36 -8.30 9.44 8.64
CA LYS A 36 -8.74 10.76 9.16
C LYS A 36 -7.72 11.83 8.78
N TRP A 37 -8.05 13.08 9.05
CA TRP A 37 -7.09 14.17 9.21
C TRP A 37 -6.43 14.16 10.60
N ASP A 38 -5.15 14.49 10.69
CA ASP A 38 -4.42 14.70 11.96
C ASP A 38 -3.93 16.15 12.11
N LYS A 39 -4.56 16.93 12.99
CA LYS A 39 -4.27 18.36 13.28
C LYS A 39 -2.80 18.60 13.62
N THR A 40 -2.26 17.67 14.41
CA THR A 40 -0.86 17.66 14.89
C THR A 40 0.19 17.63 13.77
N MET A 41 -0.18 17.12 12.59
CA MET A 41 0.65 17.09 11.38
C MET A 41 0.10 18.02 10.28
N ASP A 42 -1.16 18.45 10.40
CA ASP A 42 -1.88 19.27 9.43
C ASP A 42 -1.98 18.56 8.05
N LEU A 43 -2.27 17.25 8.07
CA LEU A 43 -2.36 16.38 6.88
C LEU A 43 -3.35 15.20 7.05
N PHE A 44 -3.68 14.54 5.94
CA PHE A 44 -4.45 13.28 5.93
C PHE A 44 -3.59 12.04 6.22
N VAL A 45 -4.16 11.09 6.98
CA VAL A 45 -3.60 9.75 7.21
C VAL A 45 -4.55 8.63 6.77
N TRP A 46 -3.96 7.46 6.49
CA TRP A 46 -4.60 6.27 5.94
C TRP A 46 -4.19 5.01 6.70
N SER A 47 -4.94 3.94 6.45
CA SER A 47 -4.46 2.57 6.65
C SER A 47 -3.99 1.97 5.31
N VAL A 48 -3.07 1.02 5.35
CA VAL A 48 -2.56 0.29 4.18
C VAL A 48 -2.51 -1.20 4.49
N GLU A 49 -3.00 -2.01 3.56
CA GLU A 49 -2.85 -3.48 3.57
C GLU A 49 -1.60 -3.88 2.78
N TRP A 50 -0.62 -4.50 3.42
CA TRP A 50 0.63 -4.96 2.81
C TRP A 50 0.59 -6.48 2.63
N ILE A 51 0.85 -6.99 1.41
CA ILE A 51 1.03 -8.41 1.12
C ILE A 51 2.45 -8.65 0.60
N LEU A 52 3.22 -9.43 1.35
CA LEU A 52 4.53 -9.96 0.92
C LEU A 52 4.35 -11.30 0.20
N CYS A 53 4.81 -11.38 -1.06
CA CYS A 53 4.58 -12.56 -1.90
C CYS A 53 5.89 -13.35 -2.04
N PRO A 54 6.02 -14.56 -1.48
CA PRO A 54 7.29 -15.29 -1.39
C PRO A 54 7.76 -15.89 -2.72
N MET A 55 9.04 -16.26 -2.77
CA MET A 55 9.68 -16.96 -3.88
C MET A 55 9.39 -18.46 -3.82
N GLN A 56 8.61 -18.92 -4.80
CA GLN A 56 8.37 -20.35 -5.05
C GLN A 56 9.38 -20.95 -6.03
N GLU A 57 9.50 -22.28 -5.98
CA GLU A 57 10.49 -23.06 -6.72
C GLU A 57 9.82 -24.10 -7.63
N LYS A 58 10.64 -24.93 -8.28
CA LYS A 58 10.21 -26.08 -9.09
C LYS A 58 9.59 -27.21 -8.25
N GLY A 59 10.05 -27.39 -7.01
CA GLY A 59 9.60 -28.42 -6.09
C GLY A 59 8.32 -28.07 -5.33
N GLU A 60 8.19 -26.83 -4.85
CA GLU A 60 7.07 -26.33 -4.05
C GLU A 60 6.68 -24.86 -4.32
N LYS A 61 5.38 -24.59 -4.24
CA LYS A 61 4.78 -23.25 -4.08
C LYS A 61 4.69 -22.86 -2.61
N LYS A 62 4.80 -21.55 -2.35
CA LYS A 62 4.76 -20.93 -1.02
C LYS A 62 3.53 -20.02 -0.90
N GLU A 63 3.19 -19.67 0.32
CA GLU A 63 1.97 -18.95 0.70
C GLU A 63 2.23 -17.56 1.31
N LEU A 64 1.29 -16.65 1.08
CA LEU A 64 1.42 -15.20 1.35
C LEU A 64 1.54 -14.88 2.84
N PHE A 65 2.23 -13.78 3.16
CA PHE A 65 2.09 -13.05 4.43
C PHE A 65 1.38 -11.71 4.20
N LYS A 66 0.45 -11.36 5.08
CA LYS A 66 -0.30 -10.10 5.09
C LYS A 66 -0.16 -9.36 6.43
N HIS A 67 -0.07 -8.04 6.38
CA HIS A 67 -0.20 -7.18 7.57
C HIS A 67 -0.84 -5.84 7.20
N VAL A 68 -1.72 -5.33 8.07
CA VAL A 68 -2.33 -4.00 7.93
C VAL A 68 -1.68 -3.00 8.88
N SER A 69 -1.31 -1.83 8.36
CA SER A 69 -0.64 -0.75 9.10
C SER A 69 -1.41 0.57 8.97
N HIS A 70 -1.33 1.43 9.98
CA HIS A 70 -2.23 2.57 10.20
C HIS A 70 -1.47 3.90 10.34
N ARG A 71 -2.21 5.02 10.30
CA ARG A 71 -1.70 6.39 10.52
C ARG A 71 -0.59 6.79 9.55
N ILE A 72 -0.68 6.31 8.30
CA ILE A 72 0.33 6.51 7.26
C ILE A 72 -0.01 7.82 6.55
N LYS A 73 0.93 8.76 6.53
CA LYS A 73 0.67 10.13 6.07
C LYS A 73 0.55 10.20 4.56
N GLU A 74 -0.25 11.13 4.05
CA GLU A 74 -0.23 11.46 2.61
C GLU A 74 1.15 11.91 2.10
N THR A 75 2.05 12.30 3.01
CA THR A 75 3.43 12.72 2.75
C THR A 75 4.43 11.57 2.87
N ASP A 76 4.03 10.40 3.36
CA ASP A 76 4.92 9.28 3.59
C ASP A 76 5.32 8.56 2.28
N PHE A 77 6.54 8.03 2.27
CA PHE A 77 6.95 7.02 1.30
C PHE A 77 6.60 5.64 1.84
N LEU A 78 6.30 4.70 0.95
CA LEU A 78 5.86 3.35 1.36
C LEU A 78 6.84 2.67 2.33
N VAL A 79 8.15 2.90 2.16
CA VAL A 79 9.18 2.33 3.07
C VAL A 79 9.07 2.83 4.51
N GLN A 80 8.42 3.97 4.72
CA GLN A 80 8.13 4.61 6.01
C GLN A 80 6.79 4.20 6.60
N GLY A 81 5.82 3.87 5.75
CA GLY A 81 4.48 3.45 6.18
C GLY A 81 4.40 1.96 6.47
N MET A 82 5.31 1.15 5.88
CA MET A 82 5.29 -0.30 5.98
C MET A 82 5.45 -0.80 7.41
N GLY A 83 6.18 -0.07 8.25
CA GLY A 83 6.49 -0.49 9.62
C GLY A 83 7.55 -1.59 9.69
N LYS A 84 8.22 -1.67 10.85
CA LYS A 84 9.37 -2.54 11.07
C LYS A 84 9.00 -4.03 11.01
N ASN A 85 7.78 -4.42 11.38
CA ASN A 85 7.28 -5.78 11.22
C ASN A 85 7.25 -6.21 9.74
N VAL A 86 6.65 -5.41 8.85
CA VAL A 86 6.58 -5.72 7.41
C VAL A 86 7.96 -5.67 6.78
N PHE A 87 8.80 -4.71 7.18
CA PHE A 87 10.18 -4.61 6.72
C PHE A 87 11.01 -5.84 7.12
N GLN A 88 10.88 -6.34 8.35
CA GLN A 88 11.61 -7.51 8.83
C GLN A 88 11.08 -8.80 8.21
N LYS A 89 9.77 -8.89 7.98
CA LYS A 89 9.16 -9.98 7.18
C LYS A 89 9.68 -9.96 5.75
N CYS A 90 9.86 -8.79 5.14
CA CYS A 90 10.46 -8.65 3.81
C CYS A 90 11.93 -9.11 3.81
N CYS A 91 12.70 -8.76 4.84
CA CYS A 91 14.09 -9.15 4.97
C CYS A 91 14.27 -10.65 5.24
N GLU A 92 13.29 -11.34 5.83
CA GLU A 92 13.35 -12.80 5.99
C GLU A 92 12.71 -13.57 4.82
N PHE A 93 11.75 -12.99 4.12
CA PHE A 93 11.06 -13.59 2.96
C PHE A 93 11.99 -13.63 1.76
N TYR A 94 12.75 -12.57 1.54
CA TYR A 94 13.68 -12.48 0.41
C TYR A 94 15.14 -12.52 0.89
N ARG A 95 15.36 -12.85 2.17
CA ARG A 95 16.70 -13.06 2.76
C ARG A 95 17.61 -11.83 2.58
N LEU A 96 17.03 -10.63 2.70
CA LEU A 96 17.68 -9.36 2.37
C LEU A 96 18.74 -8.92 3.39
N ALA A 97 19.68 -8.09 2.93
CA ALA A 97 20.73 -7.47 3.75
C ALA A 97 20.98 -6.00 3.35
N GLY A 98 21.49 -5.18 4.28
CA GLY A 98 21.97 -3.82 3.97
C GLY A 98 22.03 -2.82 5.12
N THR A 99 22.77 -1.75 4.88
CA THR A 99 23.02 -0.60 5.77
C THR A 99 23.24 0.70 4.96
N SER A 100 22.91 1.84 5.55
CA SER A 100 23.24 3.17 5.01
C SER A 100 24.75 3.50 5.07
N SER A 101 25.15 4.54 4.33
CA SER A 101 26.52 5.08 4.28
C SER A 101 26.57 6.60 4.33
N CYS A 102 25.61 7.30 3.69
CA CYS A 102 25.59 8.76 3.58
C CYS A 102 24.95 9.41 4.82
N ILE A 103 25.65 9.28 5.96
CA ILE A 103 25.11 9.52 7.31
C ILE A 103 25.48 10.90 7.90
N GLU A 104 26.69 11.42 7.63
CA GLU A 104 27.29 12.49 8.45
C GLU A 104 26.45 13.79 8.53
N GLY A 105 25.78 14.12 7.43
CA GLY A 105 24.96 15.33 7.24
C GLY A 105 23.45 15.17 7.35
N GLU A 106 22.99 13.92 7.38
CA GLU A 106 21.60 13.55 7.16
C GLU A 106 20.92 12.96 8.42
N ASP A 107 20.25 13.82 9.19
CA ASP A 107 19.69 13.54 10.52
C ASP A 107 18.29 12.92 10.42
N GLY A 108 18.14 11.93 9.56
CA GLY A 108 16.88 11.22 9.31
C GLY A 108 16.79 10.58 7.92
N SER A 109 17.40 11.21 6.91
CA SER A 109 17.33 10.72 5.53
C SER A 109 18.15 9.44 5.32
N GLU A 110 19.17 9.22 6.15
CA GLU A 110 20.01 8.01 6.12
C GLU A 110 19.24 6.73 6.45
N THR A 111 18.25 6.80 7.36
CA THR A 111 17.39 5.65 7.70
C THR A 111 16.18 5.54 6.76
N LYS A 112 15.66 6.68 6.28
CA LYS A 112 14.61 6.70 5.24
C LYS A 112 15.09 6.02 3.97
N GLU A 113 16.34 6.27 3.57
CA GLU A 113 16.92 5.62 2.40
C GLU A 113 17.46 4.23 2.69
N GLU A 114 17.90 3.90 3.92
CA GLU A 114 18.39 2.55 4.23
C GLU A 114 17.36 1.50 3.86
N ARG A 115 16.09 1.73 4.19
CA ARG A 115 14.98 0.79 3.92
C ARG A 115 14.77 0.65 2.40
N THR A 116 14.86 1.78 1.70
CA THR A 116 14.80 1.90 0.23
C THR A 116 15.96 1.16 -0.44
N GLN A 117 17.16 1.18 0.15
CA GLN A 117 18.36 0.54 -0.43
C GLN A 117 18.22 -0.99 -0.45
N ILE A 118 17.56 -1.59 0.54
CA ILE A 118 17.29 -3.04 0.65
C ILE A 118 16.41 -3.51 -0.52
N LEU A 119 15.45 -2.65 -0.89
CA LEU A 119 14.42 -2.95 -1.87
C LEU A 119 14.91 -2.74 -3.29
N GLN A 120 15.65 -1.66 -3.55
CA GLN A 120 16.26 -1.48 -4.87
C GLN A 120 17.42 -2.46 -5.14
N LYS A 121 18.17 -2.88 -4.10
CA LYS A 121 19.28 -3.84 -4.30
C LYS A 121 18.80 -5.27 -4.52
N SER A 122 17.61 -5.59 -4.00
CA SER A 122 16.93 -6.85 -4.29
C SER A 122 16.16 -6.83 -5.60
N GLY A 123 15.74 -5.64 -6.04
CA GLY A 123 14.94 -5.49 -7.26
C GLY A 123 13.48 -5.85 -7.01
N LEU A 124 13.00 -5.72 -5.76
CA LEU A 124 11.59 -5.90 -5.43
C LEU A 124 10.72 -4.80 -6.07
N LYS A 125 9.61 -5.23 -6.66
CA LYS A 125 8.60 -4.37 -7.26
C LYS A 125 7.41 -4.22 -6.33
N PHE A 126 6.82 -3.02 -6.34
CA PHE A 126 5.64 -2.69 -5.56
C PHE A 126 4.48 -2.34 -6.48
N TYR A 127 3.36 -3.02 -6.27
CA TYR A 127 2.12 -2.85 -7.02
C TYR A 127 0.98 -2.51 -6.07
N THR A 128 -0.09 -1.89 -6.57
CA THR A 128 -1.27 -1.57 -5.77
C THR A 128 -2.57 -1.91 -6.50
N LYS A 129 -3.64 -2.22 -5.76
CA LYS A 129 -5.00 -2.38 -6.32
C LYS A 129 -5.48 -1.05 -6.89
N THR A 130 -5.83 -1.04 -8.18
CA THR A 130 -6.48 0.10 -8.85
C THR A 130 -7.94 -0.21 -9.13
N PHE A 131 -8.73 0.86 -9.25
CA PHE A 131 -10.08 0.87 -9.80
C PHE A 131 -10.24 2.11 -10.72
N PRO A 132 -11.19 2.11 -11.67
CA PRO A 132 -11.41 3.23 -12.59
C PRO A 132 -11.88 4.53 -11.92
N TYR A 133 -11.81 5.64 -12.66
CA TYR A 133 -12.31 6.95 -12.22
C TYR A 133 -13.84 7.06 -12.30
N ASN A 134 -14.46 6.50 -13.35
CA ASN A 134 -15.91 6.51 -13.52
C ASN A 134 -16.65 5.52 -12.61
N THR A 135 -15.94 4.64 -11.89
CA THR A 135 -16.52 3.79 -10.85
C THR A 135 -16.76 4.61 -9.58
N THR A 136 -18.01 4.67 -9.14
CA THR A 136 -18.46 5.41 -7.96
C THR A 136 -19.09 4.51 -6.89
N HIS A 137 -19.54 3.32 -7.28
CA HIS A 137 -20.17 2.30 -6.44
C HIS A 137 -19.38 0.97 -6.46
N ILE A 138 -19.41 0.23 -5.35
CA ILE A 138 -18.50 -0.90 -5.06
C ILE A 138 -18.57 -2.03 -6.10
N MET A 139 -17.38 -2.48 -6.49
CA MET A 139 -17.09 -3.67 -7.30
C MET A 139 -15.92 -4.45 -6.66
N ASP A 140 -15.68 -5.69 -7.10
CA ASP A 140 -14.41 -6.41 -6.86
C ASP A 140 -13.85 -6.98 -8.18
N SER A 141 -12.62 -6.61 -8.50
CA SER A 141 -11.91 -7.00 -9.73
C SER A 141 -10.39 -7.01 -9.51
N LYS A 142 -9.71 -8.07 -9.95
CA LYS A 142 -8.26 -8.22 -9.82
C LYS A 142 -7.52 -7.31 -10.81
N LYS A 143 -7.03 -6.16 -10.33
CA LYS A 143 -6.32 -5.15 -11.13
C LYS A 143 -5.22 -4.47 -10.33
N LEU A 144 -3.98 -4.74 -10.70
CA LEU A 144 -2.77 -4.14 -10.14
C LEU A 144 -2.12 -3.15 -11.11
N VAL A 145 -1.35 -2.23 -10.54
CA VAL A 145 -0.49 -1.26 -11.25
C VAL A 145 0.85 -1.11 -10.55
N GLU A 146 1.93 -1.01 -11.33
CA GLU A 146 3.30 -0.83 -10.83
C GLU A 146 3.61 0.64 -10.52
N LEU A 147 4.34 0.92 -9.44
CA LEU A 147 4.84 2.27 -9.13
C LEU A 147 6.25 2.31 -8.53
N ALA A 148 6.82 3.51 -8.57
CA ALA A 148 8.15 3.82 -8.04
C ALA A 148 8.07 4.41 -6.64
N ILE A 149 8.10 3.55 -5.64
CA ILE A 149 7.85 3.96 -4.25
C ILE A 149 8.98 4.79 -3.62
N HIS A 150 10.13 4.79 -4.28
CA HIS A 150 11.31 5.59 -3.94
C HIS A 150 11.24 7.01 -4.53
N GLU A 151 10.42 7.21 -5.57
CA GLU A 151 10.31 8.47 -6.33
C GLU A 151 8.93 9.15 -6.25
N LYS A 152 7.86 8.39 -5.98
CA LYS A 152 6.50 8.92 -5.67
C LYS A 152 6.08 8.56 -4.25
N CYS A 153 5.42 9.49 -3.57
CA CYS A 153 4.89 9.30 -2.22
C CYS A 153 3.44 8.80 -2.29
N ILE A 154 2.93 8.26 -1.18
CA ILE A 154 1.62 7.60 -1.17
C ILE A 154 0.47 8.58 -1.48
N GLY A 155 0.59 9.86 -1.14
CA GLY A 155 -0.49 10.82 -1.43
C GLY A 155 -0.67 11.05 -2.93
N GLU A 156 0.44 11.11 -3.68
CA GLU A 156 0.40 11.31 -5.13
C GLU A 156 -0.01 10.02 -5.86
N LEU A 157 0.29 8.85 -5.29
CA LEU A 157 -0.20 7.56 -5.79
C LEU A 157 -1.73 7.52 -5.72
N LEU A 158 -2.30 7.85 -4.56
CA LEU A 158 -3.72 7.70 -4.33
C LEU A 158 -4.53 8.85 -4.95
N LYS A 159 -3.88 9.97 -5.27
CA LYS A 159 -4.51 11.18 -5.86
C LYS A 159 -4.98 10.97 -7.30
N ASN A 160 -4.36 9.99 -7.96
CA ASN A 160 -4.60 9.63 -9.35
C ASN A 160 -5.35 8.28 -9.49
N THR A 161 -5.93 7.78 -8.39
CA THR A 161 -6.53 6.42 -8.32
C THR A 161 -7.81 6.35 -7.46
N THR A 162 -8.36 5.15 -7.35
CA THR A 162 -9.66 4.83 -6.72
C THR A 162 -9.52 3.57 -5.89
N VAL A 163 -10.08 3.55 -4.67
CA VAL A 163 -10.04 2.42 -3.73
C VAL A 163 -11.31 2.34 -2.88
N ILE A 164 -11.61 1.17 -2.32
CA ILE A 164 -12.64 0.96 -1.30
C ILE A 164 -12.00 0.98 0.10
N GLU A 165 -12.47 1.84 1.00
CA GLU A 165 -11.99 2.08 2.38
C GLU A 165 -10.50 2.40 2.54
N PHE A 166 -9.62 1.41 2.34
CA PHE A 166 -8.18 1.51 2.56
C PHE A 166 -7.37 0.77 1.46
N PRO A 167 -6.29 1.36 0.92
CA PRO A 167 -5.51 0.79 -0.18
C PRO A 167 -4.73 -0.49 0.19
N THR A 168 -4.42 -1.26 -0.85
CA THR A 168 -3.69 -2.53 -0.78
C THR A 168 -2.43 -2.48 -1.64
N ILE A 169 -1.30 -2.93 -1.09
CA ILE A 169 0.02 -3.04 -1.74
C ILE A 169 0.45 -4.51 -1.84
N PHE A 170 0.78 -4.97 -3.03
CA PHE A 170 1.39 -6.27 -3.31
C PHE A 170 2.88 -6.11 -3.60
N VAL A 171 3.70 -6.81 -2.81
CA VAL A 171 5.18 -6.81 -2.88
C VAL A 171 5.68 -8.11 -3.49
N ALA A 172 6.40 -8.06 -4.61
CA ALA A 172 6.94 -9.24 -5.29
C ALA A 172 8.17 -8.92 -6.16
N MET A 173 9.01 -9.92 -6.48
CA MET A 173 10.13 -9.72 -7.43
C MET A 173 9.68 -9.67 -8.90
N THR A 174 8.65 -10.44 -9.28
CA THR A 174 8.07 -10.48 -10.64
C THR A 174 6.56 -10.72 -10.63
N GLU A 175 5.91 -10.49 -11.77
CA GLU A 175 4.52 -10.92 -12.02
C GLU A 175 4.29 -12.43 -11.81
N ALA A 176 5.32 -13.22 -12.10
CA ALA A 176 5.33 -14.66 -11.87
C ALA A 176 5.38 -15.03 -10.38
N ASP A 177 5.82 -14.11 -9.51
CA ASP A 177 5.82 -14.30 -8.05
C ASP A 177 4.58 -13.66 -7.41
N LEU A 178 3.77 -12.87 -8.15
CA LEU A 178 2.48 -12.37 -7.68
C LEU A 178 1.45 -13.52 -7.50
N PRO A 179 0.50 -13.36 -6.55
CA PRO A 179 -0.61 -14.31 -6.35
C PRO A 179 -1.43 -14.54 -7.61
N GLU A 180 -2.06 -15.71 -7.72
CA GLU A 180 -2.78 -16.08 -8.93
C GLU A 180 -4.09 -15.32 -9.12
N GLY A 181 -4.46 -15.10 -10.39
CA GLY A 181 -5.64 -14.34 -10.79
C GLY A 181 -5.46 -12.82 -10.75
N TYR A 182 -4.51 -12.30 -9.95
CA TYR A 182 -4.08 -10.90 -10.06
C TYR A 182 -3.34 -10.67 -11.38
N GLU A 183 -3.54 -9.50 -11.96
CA GLU A 183 -2.87 -9.06 -13.19
C GLU A 183 -2.48 -7.59 -13.09
N VAL A 184 -1.32 -7.25 -13.65
CA VAL A 184 -0.72 -5.91 -13.64
C VAL A 184 -1.01 -5.25 -14.98
N LEU A 185 -1.54 -4.02 -14.95
CA LEU A 185 -2.02 -3.33 -16.14
C LEU A 185 -0.91 -2.48 -16.77
N HIS A 186 -0.64 -2.75 -18.05
CA HIS A 186 0.39 -2.11 -18.87
C HIS A 186 -0.22 -1.36 -20.07
N GLN A 187 0.45 -0.27 -20.47
CA GLN A 187 0.02 0.68 -21.49
C GLN A 187 -0.11 0.05 -22.89
N GLU A 188 -0.99 0.64 -23.71
CA GLU A 188 -1.57 0.05 -24.93
C GLU A 188 -1.16 0.75 -26.23
N GLY A 1 -16.05 -5.89 15.55
CA GLY A 1 -15.67 -4.56 15.03
C GLY A 1 -16.52 -3.45 15.62
N PRO A 2 -16.36 -2.19 15.14
CA PRO A 2 -17.04 -0.99 15.65
C PRO A 2 -18.58 -0.99 15.56
N HIS A 3 -19.18 -1.88 14.77
CA HIS A 3 -20.60 -2.24 14.71
C HIS A 3 -21.61 -1.15 14.26
N MET A 4 -21.33 0.14 14.43
CA MET A 4 -22.22 1.24 14.04
C MET A 4 -21.47 2.49 13.53
N ARG A 5 -21.70 2.83 12.25
CA ARG A 5 -21.16 4.00 11.53
C ARG A 5 -22.29 4.90 11.00
N ASP A 6 -22.02 6.17 10.78
CA ASP A 6 -22.94 7.17 10.24
C ASP A 6 -22.41 7.83 8.96
N SER A 7 -23.32 8.39 8.16
CA SER A 7 -23.07 8.96 6.82
C SER A 7 -22.26 8.00 5.93
N THR A 8 -22.66 6.72 5.93
CA THR A 8 -21.87 5.58 5.43
C THR A 8 -22.53 4.83 4.25
N GLU A 9 -23.46 5.48 3.53
CA GLU A 9 -24.11 4.98 2.31
C GLU A 9 -23.12 4.88 1.12
N CYS A 10 -23.49 4.09 0.10
CA CYS A 10 -22.69 3.64 -1.05
C CYS A 10 -22.35 4.73 -2.10
N GLN A 11 -21.89 5.87 -1.62
CA GLN A 11 -21.45 7.04 -2.39
C GLN A 11 -20.01 7.36 -2.03
N ARG A 12 -19.23 7.77 -3.04
CA ARG A 12 -17.79 8.04 -2.87
C ARG A 12 -17.54 9.41 -2.28
N ILE A 13 -16.46 9.52 -1.52
CA ILE A 13 -15.86 10.82 -1.20
C ILE A 13 -14.46 10.93 -1.82
N ILE A 14 -14.19 12.03 -2.51
CA ILE A 14 -12.84 12.39 -2.93
C ILE A 14 -12.18 13.11 -1.76
N ARG A 15 -11.19 12.46 -1.15
CA ARG A 15 -10.45 12.93 0.03
C ARG A 15 -8.98 13.09 -0.36
N ARG A 16 -8.52 14.34 -0.48
CA ARG A 16 -7.16 14.72 -0.97
C ARG A 16 -6.82 14.04 -2.31
N GLY A 17 -7.79 14.06 -3.23
CA GLY A 17 -7.70 13.51 -4.58
C GLY A 17 -7.94 12.00 -4.70
N VAL A 18 -8.01 11.26 -3.58
CA VAL A 18 -8.22 9.80 -3.57
C VAL A 18 -9.71 9.50 -3.66
N ASN A 19 -10.18 8.70 -4.63
CA ASN A 19 -11.61 8.34 -4.72
C ASN A 19 -11.88 7.17 -3.75
N CYS A 20 -12.58 7.45 -2.65
CA CYS A 20 -12.82 6.48 -1.57
C CYS A 20 -14.27 5.95 -1.60
N LEU A 21 -14.46 4.67 -1.90
CA LEU A 21 -15.79 4.06 -1.95
C LEU A 21 -16.21 3.60 -0.55
N MET A 22 -17.29 4.16 -0.03
CA MET A 22 -17.71 4.01 1.36
C MET A 22 -18.66 2.80 1.56
N LEU A 23 -18.32 1.93 2.50
CA LEU A 23 -19.07 0.69 2.81
C LEU A 23 -20.00 0.85 4.02
N PRO A 24 -21.03 -0.01 4.16
CA PRO A 24 -21.95 0.02 5.29
C PRO A 24 -21.31 -0.51 6.59
N LYS A 25 -22.04 -0.31 7.70
CA LYS A 25 -21.54 -0.45 9.08
C LYS A 25 -20.95 -1.82 9.44
N GLY A 26 -21.52 -2.92 8.93
CA GLY A 26 -21.16 -4.28 9.30
C GLY A 26 -20.04 -4.94 8.50
N MET A 27 -19.57 -4.30 7.41
CA MET A 27 -18.46 -4.87 6.60
C MET A 27 -17.13 -4.90 7.35
N GLN A 28 -16.22 -5.79 6.97
CA GLN A 28 -14.89 -5.88 7.60
C GLN A 28 -13.98 -4.71 7.19
N ARG A 29 -13.97 -4.32 5.90
CA ARG A 29 -13.14 -3.21 5.40
C ARG A 29 -13.54 -1.84 5.94
N SER A 30 -14.79 -1.63 6.34
CA SER A 30 -15.22 -0.43 7.07
C SER A 30 -14.85 -0.53 8.56
N SER A 31 -14.92 -1.73 9.14
CA SER A 31 -14.64 -1.98 10.56
C SER A 31 -13.16 -1.83 10.91
N GLN A 32 -12.26 -2.19 9.98
CA GLN A 32 -10.81 -2.11 10.16
C GLN A 32 -10.17 -0.80 9.63
N ASN A 33 -10.92 0.05 8.92
CA ASN A 33 -10.41 1.32 8.38
C ASN A 33 -10.02 2.30 9.50
N ARG A 34 -8.73 2.64 9.61
CA ARG A 34 -8.17 3.68 10.51
C ARG A 34 -7.53 4.79 9.70
N SER A 35 -8.36 5.75 9.27
CA SER A 35 -7.96 6.92 8.50
C SER A 35 -8.61 8.21 9.02
N LYS A 36 -7.80 9.27 9.14
CA LYS A 36 -8.15 10.56 9.77
C LYS A 36 -7.22 11.67 9.27
N TRP A 37 -7.58 12.90 9.62
CA TRP A 37 -6.68 14.06 9.59
C TRP A 37 -5.84 14.14 10.88
N ASP A 38 -4.63 14.67 10.81
CA ASP A 38 -3.78 14.99 11.97
C ASP A 38 -3.41 16.49 11.99
N LYS A 39 -4.05 17.26 12.89
CA LYS A 39 -3.80 18.70 13.14
C LYS A 39 -2.32 18.97 13.40
N THR A 40 -1.73 18.08 14.18
CA THR A 40 -0.32 18.10 14.62
C THR A 40 0.69 18.02 13.48
N MET A 41 0.27 17.56 12.29
CA MET A 41 1.07 17.50 11.06
C MET A 41 0.45 18.34 9.92
N ASP A 42 -0.81 18.75 10.08
CA ASP A 42 -1.67 19.36 9.05
C ASP A 42 -1.72 18.58 7.73
N LEU A 43 -1.95 17.27 7.84
CA LEU A 43 -2.09 16.33 6.72
C LEU A 43 -3.01 15.12 7.03
N PHE A 44 -3.39 14.38 5.99
CA PHE A 44 -4.13 13.11 6.10
C PHE A 44 -3.25 11.90 6.41
N VAL A 45 -3.76 10.96 7.21
CA VAL A 45 -3.21 9.60 7.38
C VAL A 45 -4.19 8.49 7.05
N TRP A 46 -3.65 7.31 6.77
CA TRP A 46 -4.39 6.11 6.36
C TRP A 46 -3.90 4.85 7.07
N SER A 47 -4.79 3.85 7.12
CA SER A 47 -4.45 2.43 7.21
C SER A 47 -4.15 1.90 5.81
N VAL A 48 -3.19 0.97 5.68
CA VAL A 48 -2.77 0.36 4.41
C VAL A 48 -2.59 -1.14 4.60
N GLU A 49 -3.12 -1.92 3.68
CA GLU A 49 -3.03 -3.39 3.67
C GLU A 49 -1.81 -3.82 2.83
N TRP A 50 -0.83 -4.48 3.43
CA TRP A 50 0.40 -4.96 2.76
C TRP A 50 0.36 -6.48 2.59
N ILE A 51 0.70 -6.96 1.38
CA ILE A 51 0.87 -8.38 1.07
C ILE A 51 2.27 -8.60 0.51
N LEU A 52 3.10 -9.38 1.21
CA LEU A 52 4.42 -9.84 0.75
C LEU A 52 4.33 -11.19 0.03
N CYS A 53 4.83 -11.26 -1.20
CA CYS A 53 4.74 -12.44 -2.07
C CYS A 53 6.14 -13.05 -2.29
N PRO A 54 6.43 -14.25 -1.78
CA PRO A 54 7.78 -14.85 -1.81
C PRO A 54 8.24 -15.39 -3.17
N MET A 55 9.54 -15.66 -3.28
CA MET A 55 10.17 -16.16 -4.51
C MET A 55 9.88 -17.65 -4.75
N GLN A 56 9.01 -17.91 -5.73
CA GLN A 56 8.69 -19.25 -6.25
C GLN A 56 9.63 -19.76 -7.35
N GLU A 57 9.61 -21.07 -7.52
CA GLU A 57 10.41 -21.83 -8.49
C GLU A 57 9.77 -21.87 -9.89
N LYS A 58 10.29 -22.75 -10.75
CA LYS A 58 9.82 -22.96 -12.14
C LYS A 58 8.45 -23.63 -12.22
N GLY A 59 8.00 -24.28 -11.13
CA GLY A 59 6.66 -24.85 -10.96
C GLY A 59 6.07 -24.70 -9.55
N GLU A 60 6.89 -24.72 -8.50
CA GLU A 60 6.41 -24.70 -7.11
C GLU A 60 6.16 -23.28 -6.57
N LYS A 61 4.86 -22.95 -6.38
CA LYS A 61 4.35 -21.69 -5.82
C LYS A 61 4.26 -21.70 -4.30
N LYS A 62 4.51 -20.54 -3.70
CA LYS A 62 4.60 -20.32 -2.25
C LYS A 62 3.44 -19.45 -1.71
N GLU A 63 3.36 -19.36 -0.40
CA GLU A 63 2.27 -18.73 0.36
C GLU A 63 2.59 -17.29 0.79
N LEU A 64 1.58 -16.45 0.96
CA LEU A 64 1.71 -15.01 1.21
C LEU A 64 1.87 -14.69 2.70
N PHE A 65 2.53 -13.58 3.03
CA PHE A 65 2.36 -12.90 4.33
C PHE A 65 1.53 -11.63 4.15
N LYS A 66 0.55 -11.39 5.03
CA LYS A 66 -0.38 -10.26 5.01
C LYS A 66 -0.39 -9.52 6.35
N HIS A 67 -0.24 -8.20 6.33
CA HIS A 67 -0.27 -7.35 7.52
C HIS A 67 -0.80 -5.96 7.18
N VAL A 68 -1.66 -5.41 8.03
CA VAL A 68 -2.18 -4.04 7.91
C VAL A 68 -1.40 -3.09 8.81
N SER A 69 -0.96 -1.95 8.26
CA SER A 69 -0.20 -0.91 8.97
C SER A 69 -0.95 0.42 8.99
N HIS A 70 -0.80 1.18 10.07
CA HIS A 70 -1.66 2.31 10.43
C HIS A 70 -0.93 3.67 10.42
N ARG A 71 -1.74 4.75 10.39
CA ARG A 71 -1.34 6.17 10.46
C ARG A 71 -0.21 6.60 9.51
N ILE A 72 -0.32 6.14 8.26
CA ILE A 72 0.64 6.39 7.19
C ILE A 72 0.22 7.67 6.46
N LYS A 73 1.13 8.63 6.35
CA LYS A 73 0.86 10.02 5.96
C LYS A 73 0.72 10.14 4.44
N GLU A 74 -0.12 11.05 3.95
CA GLU A 74 -0.21 11.35 2.50
C GLU A 74 1.13 11.81 1.89
N THR A 75 2.08 12.22 2.73
CA THR A 75 3.44 12.66 2.38
C THR A 75 4.47 11.55 2.52
N ASP A 76 4.13 10.42 3.16
CA ASP A 76 5.03 9.30 3.35
C ASP A 76 5.34 8.60 2.02
N PHE A 77 6.50 7.95 1.97
CA PHE A 77 6.80 6.93 0.97
C PHE A 77 6.50 5.55 1.54
N LEU A 78 6.21 4.59 0.66
CA LEU A 78 5.80 3.23 1.01
C LEU A 78 6.79 2.58 2.00
N VAL A 79 8.09 2.82 1.82
CA VAL A 79 9.14 2.26 2.70
C VAL A 79 9.02 2.76 4.15
N GLN A 80 8.47 3.95 4.32
CA GLN A 80 8.30 4.66 5.59
C GLN A 80 6.96 4.37 6.27
N GLY A 81 6.01 3.87 5.50
CA GLY A 81 4.66 3.50 5.93
C GLY A 81 4.51 2.01 6.24
N MET A 82 5.35 1.17 5.63
CA MET A 82 5.23 -0.30 5.72
C MET A 82 5.24 -0.83 7.14
N GLY A 83 5.96 -0.17 8.05
CA GLY A 83 6.15 -0.67 9.41
C GLY A 83 7.38 -1.55 9.54
N LYS A 84 8.11 -1.40 10.63
CA LYS A 84 9.29 -2.22 10.97
C LYS A 84 9.01 -3.73 10.92
N ASN A 85 7.77 -4.16 11.17
CA ASN A 85 7.40 -5.57 11.05
C ASN A 85 7.37 -6.02 9.57
N VAL A 86 6.72 -5.27 8.68
CA VAL A 86 6.63 -5.61 7.24
C VAL A 86 8.02 -5.52 6.59
N PHE A 87 8.81 -4.53 6.97
CA PHE A 87 10.20 -4.37 6.56
C PHE A 87 11.06 -5.60 6.96
N GLN A 88 10.96 -6.08 8.20
CA GLN A 88 11.76 -7.22 8.68
C GLN A 88 11.28 -8.53 8.07
N LYS A 89 9.98 -8.64 7.71
CA LYS A 89 9.44 -9.75 6.93
C LYS A 89 9.98 -9.80 5.50
N CYS A 90 10.26 -8.65 4.87
CA CYS A 90 10.96 -8.62 3.58
C CYS A 90 12.35 -9.24 3.70
N CYS A 91 13.06 -8.92 4.78
CA CYS A 91 14.41 -9.43 5.01
C CYS A 91 14.40 -10.94 5.26
N GLU A 92 13.33 -11.51 5.82
CA GLU A 92 13.21 -12.95 6.08
C GLU A 92 12.64 -13.75 4.89
N PHE A 93 11.93 -13.08 3.97
CA PHE A 93 11.35 -13.68 2.76
C PHE A 93 12.33 -13.73 1.60
N TYR A 94 13.14 -12.68 1.44
CA TYR A 94 14.05 -12.55 0.30
C TYR A 94 15.51 -12.52 0.75
N ARG A 95 15.77 -12.79 2.05
CA ARG A 95 17.12 -12.90 2.64
C ARG A 95 17.95 -11.62 2.46
N LEU A 96 17.34 -10.48 2.79
CA LEU A 96 17.94 -9.15 2.60
C LEU A 96 18.64 -8.60 3.84
N ALA A 97 19.68 -7.78 3.62
CA ALA A 97 20.42 -7.06 4.65
C ALA A 97 21.08 -5.80 4.08
N GLY A 98 21.25 -4.74 4.87
CA GLY A 98 21.93 -3.53 4.39
C GLY A 98 22.01 -2.38 5.40
N THR A 99 22.95 -1.49 5.13
CA THR A 99 23.41 -0.43 6.03
C THR A 99 23.43 0.92 5.33
N SER A 100 23.10 1.98 6.06
CA SER A 100 23.14 3.36 5.56
C SER A 100 24.55 3.85 5.18
N SER A 101 24.62 5.00 4.50
CA SER A 101 25.87 5.64 4.06
C SER A 101 25.66 7.16 3.90
N CYS A 102 26.74 7.90 3.69
CA CYS A 102 26.75 9.37 3.64
C CYS A 102 26.10 10.01 4.90
N ILE A 103 26.37 9.43 6.07
CA ILE A 103 25.84 9.85 7.39
C ILE A 103 26.37 11.25 7.74
N GLU A 104 27.64 11.50 7.41
CA GLU A 104 28.31 12.81 7.48
C GLU A 104 27.71 13.85 6.50
N GLY A 105 27.00 13.36 5.49
CA GLY A 105 26.17 14.13 4.57
C GLY A 105 24.79 14.47 5.17
N GLU A 106 24.00 13.46 5.56
CA GLU A 106 22.61 13.63 6.04
C GLU A 106 22.27 12.69 7.22
N ASP A 107 22.48 13.15 8.45
CA ASP A 107 22.37 12.34 9.70
C ASP A 107 20.93 12.05 10.16
N GLY A 108 19.97 12.49 9.35
CA GLY A 108 18.53 12.21 9.50
C GLY A 108 17.87 11.53 8.29
N SER A 109 18.45 11.69 7.09
CA SER A 109 17.98 11.00 5.88
C SER A 109 18.66 9.66 5.66
N GLU A 110 19.91 9.47 6.14
CA GLU A 110 20.69 8.23 6.02
C GLU A 110 19.89 6.98 6.45
N THR A 111 19.11 7.12 7.52
CA THR A 111 18.25 6.07 8.10
C THR A 111 16.93 5.89 7.33
N LYS A 112 16.37 6.95 6.73
CA LYS A 112 15.11 6.84 5.97
C LYS A 112 15.36 6.12 4.66
N GLU A 113 16.44 6.50 3.97
CA GLU A 113 16.84 5.85 2.73
C GLU A 113 17.38 4.43 2.95
N GLU A 114 17.90 4.10 4.14
CA GLU A 114 18.40 2.76 4.46
C GLU A 114 17.37 1.67 4.11
N ARG A 115 16.09 1.90 4.43
CA ARG A 115 15.01 0.94 4.16
C ARG A 115 14.66 0.85 2.67
N THR A 116 14.76 2.00 2.00
CA THR A 116 14.70 2.11 0.52
C THR A 116 15.84 1.36 -0.16
N GLN A 117 17.04 1.34 0.42
CA GLN A 117 18.20 0.69 -0.18
C GLN A 117 17.99 -0.83 -0.23
N ILE A 118 17.37 -1.43 0.79
CA ILE A 118 17.11 -2.88 0.88
C ILE A 118 16.17 -3.35 -0.25
N LEU A 119 15.25 -2.48 -0.64
CA LEU A 119 14.22 -2.77 -1.65
C LEU A 119 14.73 -2.57 -3.07
N GLN A 120 15.55 -1.54 -3.30
CA GLN A 120 16.19 -1.36 -4.61
C GLN A 120 17.39 -2.30 -4.85
N LYS A 121 18.13 -2.68 -3.79
CA LYS A 121 19.27 -3.63 -3.88
C LYS A 121 18.81 -5.08 -4.00
N SER A 122 17.57 -5.37 -3.62
CA SER A 122 16.93 -6.67 -3.85
C SER A 122 16.25 -6.75 -5.22
N GLY A 123 15.80 -5.60 -5.76
CA GLY A 123 15.07 -5.52 -7.03
C GLY A 123 13.56 -5.72 -6.85
N LEU A 124 13.05 -5.60 -5.61
CA LEU A 124 11.62 -5.75 -5.31
C LEU A 124 10.80 -4.64 -5.97
N LYS A 125 9.64 -5.04 -6.50
CA LYS A 125 8.65 -4.17 -7.13
C LYS A 125 7.35 -4.17 -6.34
N PHE A 126 6.67 -3.05 -6.42
CA PHE A 126 5.47 -2.76 -5.64
C PHE A 126 4.29 -2.43 -6.55
N TYR A 127 3.11 -2.88 -6.13
CA TYR A 127 1.87 -2.80 -6.89
C TYR A 127 0.73 -2.37 -5.95
N THR A 128 -0.29 -1.69 -6.46
CA THR A 128 -1.52 -1.40 -5.70
C THR A 128 -2.75 -1.89 -6.46
N LYS A 129 -3.86 -2.15 -5.75
CA LYS A 129 -5.13 -2.52 -6.40
C LYS A 129 -5.79 -1.28 -7.00
N THR A 130 -6.42 -1.42 -8.17
CA THR A 130 -7.07 -0.31 -8.89
C THR A 130 -8.50 -0.66 -9.31
N PHE A 131 -9.30 0.36 -9.62
CA PHE A 131 -10.48 0.25 -10.48
C PHE A 131 -10.45 1.36 -11.55
N PRO A 132 -11.01 1.15 -12.75
CA PRO A 132 -11.10 2.20 -13.77
C PRO A 132 -11.80 3.47 -13.27
N TYR A 133 -11.40 4.62 -13.82
CA TYR A 133 -11.87 5.93 -13.37
C TYR A 133 -13.40 6.08 -13.36
N ASN A 134 -14.10 5.44 -14.29
CA ASN A 134 -15.55 5.52 -14.42
C ASN A 134 -16.34 4.78 -13.32
N THR A 135 -15.68 3.99 -12.47
CA THR A 135 -16.33 3.00 -11.59
C THR A 135 -17.37 3.58 -10.63
N THR A 136 -17.04 4.62 -9.86
CA THR A 136 -17.91 5.42 -8.95
C THR A 136 -18.74 4.68 -7.87
N HIS A 137 -18.79 3.35 -7.87
CA HIS A 137 -19.59 2.51 -6.98
C HIS A 137 -18.92 1.14 -6.76
N ILE A 138 -19.24 0.49 -5.65
CA ILE A 138 -18.58 -0.73 -5.17
C ILE A 138 -18.75 -1.88 -6.17
N MET A 139 -17.64 -2.54 -6.47
CA MET A 139 -17.50 -3.83 -7.16
C MET A 139 -16.19 -4.50 -6.71
N ASP A 140 -16.01 -5.79 -6.97
CA ASP A 140 -14.74 -6.49 -6.71
C ASP A 140 -14.20 -7.12 -7.99
N SER A 141 -12.92 -6.84 -8.29
CA SER A 141 -12.22 -7.32 -9.48
C SER A 141 -10.72 -7.44 -9.24
N LYS A 142 -10.10 -8.55 -9.65
CA LYS A 142 -8.66 -8.78 -9.46
C LYS A 142 -7.87 -7.90 -10.44
N LYS A 143 -7.41 -6.74 -9.96
CA LYS A 143 -6.82 -5.65 -10.75
C LYS A 143 -5.74 -4.92 -9.97
N LEU A 144 -4.51 -5.07 -10.41
CA LEU A 144 -3.32 -4.39 -9.88
C LEU A 144 -2.67 -3.46 -10.91
N VAL A 145 -1.78 -2.62 -10.38
CA VAL A 145 -0.89 -1.70 -11.14
C VAL A 145 0.45 -1.52 -10.44
N GLU A 146 1.55 -1.54 -11.19
CA GLU A 146 2.92 -1.31 -10.69
C GLU A 146 3.18 0.19 -10.48
N LEU A 147 3.87 0.56 -9.40
CA LEU A 147 4.24 1.95 -9.11
C LEU A 147 5.66 2.11 -8.57
N ALA A 148 6.20 3.32 -8.69
CA ALA A 148 7.56 3.69 -8.32
C ALA A 148 7.63 4.30 -6.91
N ILE A 149 7.91 3.47 -5.92
CA ILE A 149 7.86 3.88 -4.51
C ILE A 149 9.06 4.71 -4.05
N HIS A 150 10.14 4.72 -4.83
CA HIS A 150 11.32 5.55 -4.59
C HIS A 150 11.13 6.95 -5.22
N GLU A 151 10.23 7.09 -6.20
CA GLU A 151 9.99 8.33 -6.95
C GLU A 151 8.69 9.04 -6.53
N LYS A 152 7.60 8.30 -6.27
CA LYS A 152 6.26 8.84 -5.92
C LYS A 152 5.81 8.45 -4.52
N CYS A 153 5.14 9.39 -3.84
CA CYS A 153 4.61 9.21 -2.49
C CYS A 153 3.23 8.55 -2.52
N ILE A 154 2.81 8.03 -1.37
CA ILE A 154 1.54 7.31 -1.27
C ILE A 154 0.33 8.20 -1.57
N GLY A 155 0.41 9.51 -1.30
CA GLY A 155 -0.70 10.43 -1.55
C GLY A 155 -0.95 10.65 -3.04
N GLU A 156 0.11 10.80 -3.83
CA GLU A 156 0.00 10.99 -5.29
C GLU A 156 -0.29 9.69 -6.04
N LEU A 157 0.13 8.55 -5.48
CA LEU A 157 -0.23 7.22 -5.99
C LEU A 157 -1.76 7.07 -6.00
N LEU A 158 -2.37 7.28 -4.84
CA LEU A 158 -3.78 6.92 -4.67
C LEU A 158 -4.73 8.02 -5.18
N LYS A 159 -4.19 9.22 -5.41
CA LYS A 159 -4.86 10.38 -6.02
C LYS A 159 -5.19 10.21 -7.51
N ASN A 160 -4.51 9.25 -8.14
CA ASN A 160 -4.73 8.82 -9.52
C ASN A 160 -5.48 7.48 -9.61
N THR A 161 -6.17 7.07 -8.54
CA THR A 161 -6.89 5.78 -8.42
C THR A 161 -8.23 5.89 -7.70
N THR A 162 -8.94 4.76 -7.67
CA THR A 162 -10.15 4.51 -6.88
C THR A 162 -9.92 3.27 -6.01
N VAL A 163 -10.34 3.33 -4.74
CA VAL A 163 -10.22 2.25 -3.74
C VAL A 163 -11.44 2.21 -2.82
N ILE A 164 -11.76 1.04 -2.26
CA ILE A 164 -12.89 0.86 -1.33
C ILE A 164 -12.37 0.92 0.12
N GLU A 165 -12.94 1.83 0.93
CA GLU A 165 -12.55 2.16 2.31
C GLU A 165 -11.06 2.54 2.52
N PHE A 166 -10.13 1.60 2.35
CA PHE A 166 -8.69 1.78 2.60
C PHE A 166 -7.81 0.96 1.63
N PRO A 167 -6.68 1.53 1.15
CA PRO A 167 -5.87 1.00 0.06
C PRO A 167 -5.09 -0.28 0.39
N THR A 168 -4.73 -1.02 -0.68
CA THR A 168 -4.00 -2.29 -0.64
C THR A 168 -2.75 -2.26 -1.51
N ILE A 169 -1.62 -2.76 -1.00
CA ILE A 169 -0.30 -2.84 -1.66
C ILE A 169 0.16 -4.30 -1.69
N PHE A 170 0.53 -4.77 -2.88
CA PHE A 170 1.17 -6.06 -3.10
C PHE A 170 2.65 -5.86 -3.41
N VAL A 171 3.50 -6.67 -2.80
CA VAL A 171 4.97 -6.59 -2.87
C VAL A 171 5.54 -7.90 -3.44
N ALA A 172 6.28 -7.85 -4.56
CA ALA A 172 6.82 -9.04 -5.21
C ALA A 172 8.08 -8.74 -6.05
N MET A 173 8.91 -9.76 -6.31
CA MET A 173 10.03 -9.65 -7.25
C MET A 173 9.58 -9.49 -8.71
N THR A 174 8.54 -10.22 -9.11
CA THR A 174 7.94 -10.21 -10.45
C THR A 174 6.45 -10.54 -10.44
N GLU A 175 5.78 -10.32 -11.58
CA GLU A 175 4.41 -10.79 -11.80
C GLU A 175 4.26 -12.32 -11.69
N ALA A 176 5.34 -13.05 -11.95
CA ALA A 176 5.41 -14.49 -11.77
C ALA A 176 5.43 -14.91 -10.29
N ASP A 177 5.84 -14.01 -9.38
CA ASP A 177 5.81 -14.26 -7.93
C ASP A 177 4.51 -13.73 -7.29
N LEU A 178 3.74 -12.88 -8.00
CA LEU A 178 2.41 -12.43 -7.56
C LEU A 178 1.40 -13.61 -7.42
N PRO A 179 0.41 -13.50 -6.50
CA PRO A 179 -0.65 -14.50 -6.29
C PRO A 179 -1.50 -14.78 -7.53
N GLU A 180 -2.22 -15.91 -7.52
CA GLU A 180 -3.05 -16.33 -8.66
C GLU A 180 -4.31 -15.47 -8.87
N GLY A 181 -4.72 -15.35 -10.13
CA GLY A 181 -5.87 -14.55 -10.57
C GLY A 181 -5.63 -13.04 -10.59
N TYR A 182 -4.71 -12.52 -9.76
CA TYR A 182 -4.32 -11.10 -9.80
C TYR A 182 -3.60 -10.78 -11.10
N GLU A 183 -3.99 -9.69 -11.76
CA GLU A 183 -3.35 -9.21 -12.99
C GLU A 183 -2.94 -7.75 -12.89
N VAL A 184 -1.77 -7.45 -13.44
CA VAL A 184 -1.19 -6.10 -13.47
C VAL A 184 -1.55 -5.44 -14.81
N LEU A 185 -2.18 -4.27 -14.77
CA LEU A 185 -2.70 -3.57 -15.95
C LEU A 185 -1.62 -2.69 -16.60
N HIS A 186 -1.53 -2.74 -17.93
CA HIS A 186 -0.52 -2.06 -18.74
C HIS A 186 -1.11 -0.96 -19.64
N GLN A 187 -0.24 -0.06 -20.10
CA GLN A 187 -0.58 1.03 -21.02
C GLN A 187 -0.49 0.60 -22.49
N GLU A 188 -0.98 1.46 -23.37
CA GLU A 188 -0.93 1.31 -24.84
C GLU A 188 0.34 1.91 -25.44
N GLY A 1 -28.50 4.78 13.58
CA GLY A 1 -29.22 4.08 14.66
C GLY A 1 -28.72 4.56 16.02
N PRO A 2 -29.49 4.36 17.11
CA PRO A 2 -29.17 4.85 18.47
C PRO A 2 -27.84 4.41 19.12
N HIS A 3 -27.02 3.58 18.45
CA HIS A 3 -25.68 3.19 18.90
C HIS A 3 -24.59 3.24 17.80
N MET A 4 -24.92 3.40 16.52
CA MET A 4 -23.96 3.45 15.39
C MET A 4 -24.60 4.06 14.13
N ARG A 5 -23.81 4.76 13.29
CA ARG A 5 -24.21 5.24 11.96
C ARG A 5 -24.60 4.08 11.03
N ASP A 6 -25.79 4.15 10.43
CA ASP A 6 -26.32 3.10 9.55
C ASP A 6 -25.69 3.15 8.15
N SER A 7 -25.81 2.08 7.37
CA SER A 7 -25.40 1.99 5.97
C SER A 7 -26.62 1.94 5.04
N THR A 8 -26.95 3.06 4.38
CA THR A 8 -28.10 3.17 3.46
C THR A 8 -27.76 3.89 2.14
N GLU A 9 -26.48 3.91 1.77
CA GLU A 9 -25.99 4.56 0.55
C GLU A 9 -24.78 3.83 -0.09
N CYS A 10 -24.57 4.08 -1.39
CA CYS A 10 -23.47 3.61 -2.21
C CYS A 10 -22.90 4.78 -3.04
N GLN A 11 -22.10 5.65 -2.39
CA GLN A 11 -21.48 6.84 -2.99
C GLN A 11 -20.01 6.97 -2.55
N ARG A 12 -19.18 7.62 -3.36
CA ARG A 12 -17.78 7.91 -3.02
C ARG A 12 -17.61 9.28 -2.38
N ILE A 13 -16.63 9.36 -1.48
CA ILE A 13 -16.03 10.63 -1.03
C ILE A 13 -14.65 10.82 -1.64
N ILE A 14 -14.30 12.05 -2.02
CA ILE A 14 -12.94 12.41 -2.43
C ILE A 14 -12.18 12.95 -1.23
N ARG A 15 -10.99 12.41 -0.99
CA ARG A 15 -10.02 12.84 0.02
C ARG A 15 -8.74 13.29 -0.69
N ARG A 16 -8.53 14.61 -0.77
CA ARG A 16 -7.41 15.30 -1.44
C ARG A 16 -6.93 14.66 -2.75
N GLY A 17 -7.90 14.34 -3.61
CA GLY A 17 -7.75 13.77 -4.95
C GLY A 17 -7.91 12.25 -5.06
N VAL A 18 -7.93 11.52 -3.94
CA VAL A 18 -8.14 10.07 -3.89
C VAL A 18 -9.65 9.78 -3.88
N ASN A 19 -10.16 8.95 -4.80
CA ASN A 19 -11.57 8.56 -4.84
C ASN A 19 -11.83 7.37 -3.89
N CYS A 20 -12.62 7.55 -2.82
CA CYS A 20 -12.81 6.54 -1.77
C CYS A 20 -14.29 6.08 -1.66
N LEU A 21 -14.55 4.83 -2.05
CA LEU A 21 -15.88 4.22 -2.06
C LEU A 21 -16.27 3.72 -0.66
N MET A 22 -17.49 4.05 -0.23
CA MET A 22 -18.02 3.74 1.12
C MET A 22 -18.71 2.38 1.20
N LEU A 23 -18.08 1.46 1.92
CA LEU A 23 -18.48 0.06 2.12
C LEU A 23 -19.35 -0.04 3.40
N PRO A 24 -20.36 -0.93 3.43
CA PRO A 24 -21.29 -1.02 4.55
C PRO A 24 -20.67 -1.62 5.81
N LYS A 25 -21.28 -1.29 6.94
CA LYS A 25 -20.76 -1.40 8.31
C LYS A 25 -20.24 -2.79 8.71
N GLY A 26 -20.86 -3.87 8.25
CA GLY A 26 -20.50 -5.24 8.64
C GLY A 26 -19.33 -5.85 7.88
N MET A 27 -18.89 -5.25 6.76
CA MET A 27 -17.70 -5.73 6.03
C MET A 27 -16.42 -5.50 6.87
N GLN A 28 -15.51 -6.48 6.92
CA GLN A 28 -14.27 -6.37 7.69
C GLN A 28 -13.44 -5.16 7.24
N ARG A 29 -13.39 -4.86 5.93
CA ARG A 29 -12.69 -3.68 5.40
C ARG A 29 -13.28 -2.34 5.86
N SER A 30 -14.58 -2.29 6.17
CA SER A 30 -15.22 -1.11 6.75
C SER A 30 -14.98 -1.04 8.26
N SER A 31 -14.99 -2.20 8.94
CA SER A 31 -14.78 -2.35 10.39
C SER A 31 -13.37 -1.92 10.82
N GLN A 32 -12.39 -2.33 10.02
CA GLN A 32 -10.96 -2.15 10.30
C GLN A 32 -10.36 -0.84 9.76
N ASN A 33 -11.11 -0.08 8.95
CA ASN A 33 -10.60 1.16 8.35
C ASN A 33 -10.42 2.26 9.42
N ARG A 34 -9.18 2.69 9.69
CA ARG A 34 -8.89 3.91 10.46
C ARG A 34 -8.09 4.90 9.60
N SER A 35 -8.80 5.80 8.93
CA SER A 35 -8.25 6.84 8.04
C SER A 35 -8.99 8.17 8.26
N LYS A 36 -8.23 9.25 8.48
CA LYS A 36 -8.71 10.56 8.93
C LYS A 36 -7.70 11.67 8.62
N TRP A 37 -8.15 12.92 8.77
CA TRP A 37 -7.27 14.08 8.84
C TRP A 37 -6.72 14.28 10.26
N ASP A 38 -5.49 14.79 10.38
CA ASP A 38 -4.93 15.26 11.66
C ASP A 38 -4.42 16.71 11.59
N LYS A 39 -4.99 17.58 12.43
CA LYS A 39 -4.57 18.99 12.63
C LYS A 39 -3.15 19.11 13.17
N THR A 40 -2.69 18.05 13.85
CA THR A 40 -1.31 17.96 14.37
C THR A 40 -0.28 17.95 13.24
N MET A 41 -0.61 17.49 12.03
CA MET A 41 0.28 17.52 10.86
C MET A 41 -0.28 18.36 9.69
N ASP A 42 -1.56 18.72 9.72
CA ASP A 42 -2.30 19.36 8.62
C ASP A 42 -2.31 18.48 7.35
N LEU A 43 -2.54 17.17 7.54
CA LEU A 43 -2.61 16.17 6.45
C LEU A 43 -3.51 14.95 6.76
N PHE A 44 -3.82 14.17 5.71
CA PHE A 44 -4.49 12.86 5.81
C PHE A 44 -3.53 11.74 6.26
N VAL A 45 -3.99 10.89 7.16
CA VAL A 45 -3.41 9.57 7.46
C VAL A 45 -4.35 8.42 7.13
N TRP A 46 -3.76 7.26 6.83
CA TRP A 46 -4.45 6.04 6.43
C TRP A 46 -3.97 4.83 7.23
N SER A 47 -4.87 3.89 7.45
CA SER A 47 -4.54 2.47 7.50
C SER A 47 -4.31 1.94 6.08
N VAL A 48 -3.34 1.05 5.86
CA VAL A 48 -3.10 0.40 4.56
C VAL A 48 -2.79 -1.10 4.77
N GLU A 49 -3.22 -1.93 3.82
CA GLU A 49 -2.98 -3.37 3.82
C GLU A 49 -1.69 -3.69 3.06
N TRP A 50 -0.73 -4.38 3.66
CA TRP A 50 0.50 -4.84 3.01
C TRP A 50 0.43 -6.35 2.79
N ILE A 51 0.80 -6.80 1.60
CA ILE A 51 1.00 -8.22 1.28
C ILE A 51 2.43 -8.40 0.79
N LEU A 52 3.22 -9.18 1.54
CA LEU A 52 4.51 -9.72 1.09
C LEU A 52 4.29 -11.03 0.35
N CYS A 53 4.73 -11.10 -0.91
CA CYS A 53 4.45 -12.25 -1.79
C CYS A 53 5.77 -13.03 -2.03
N PRO A 54 5.93 -14.23 -1.46
CA PRO A 54 7.20 -14.96 -1.50
C PRO A 54 7.53 -15.54 -2.89
N MET A 55 8.79 -15.90 -3.09
CA MET A 55 9.32 -16.48 -4.32
C MET A 55 8.94 -17.95 -4.46
N GLN A 56 8.03 -18.20 -5.40
CA GLN A 56 7.66 -19.55 -5.87
C GLN A 56 8.61 -20.12 -6.92
N GLU A 57 8.55 -21.44 -7.05
CA GLU A 57 9.44 -22.26 -7.88
C GLU A 57 8.99 -22.28 -9.36
N LYS A 58 9.44 -23.27 -10.15
CA LYS A 58 8.99 -23.47 -11.55
C LYS A 58 7.50 -23.82 -11.67
N GLY A 59 6.82 -24.15 -10.57
CA GLY A 59 5.39 -24.44 -10.51
C GLY A 59 4.77 -24.51 -9.11
N GLU A 60 5.55 -24.84 -8.07
CA GLU A 60 5.10 -24.92 -6.67
C GLU A 60 4.99 -23.51 -6.06
N LYS A 61 3.74 -23.15 -5.75
CA LYS A 61 3.33 -21.88 -5.14
C LYS A 61 3.73 -21.82 -3.66
N LYS A 62 3.95 -20.61 -3.14
CA LYS A 62 4.19 -20.35 -1.71
C LYS A 62 3.14 -19.36 -1.18
N GLU A 63 3.00 -19.32 0.14
CA GLU A 63 1.88 -18.68 0.84
C GLU A 63 2.19 -17.25 1.34
N LEU A 64 1.26 -16.32 1.12
CA LEU A 64 1.41 -14.88 1.41
C LEU A 64 1.56 -14.57 2.90
N PHE A 65 2.26 -13.50 3.23
CA PHE A 65 2.14 -12.81 4.52
C PHE A 65 1.37 -11.50 4.34
N LYS A 66 0.35 -11.26 5.19
CA LYS A 66 -0.51 -10.08 5.14
C LYS A 66 -0.49 -9.36 6.50
N HIS A 67 -0.32 -8.04 6.50
CA HIS A 67 -0.41 -7.21 7.70
C HIS A 67 -0.93 -5.81 7.37
N VAL A 68 -1.83 -5.28 8.20
CA VAL A 68 -2.41 -3.94 8.05
C VAL A 68 -1.75 -2.95 9.01
N SER A 69 -1.09 -1.93 8.45
CA SER A 69 -0.31 -0.90 9.17
C SER A 69 -1.03 0.45 9.15
N HIS A 70 -0.82 1.26 10.19
CA HIS A 70 -1.64 2.42 10.55
C HIS A 70 -0.82 3.73 10.67
N ARG A 71 -1.50 4.88 10.80
CA ARG A 71 -0.94 6.24 10.90
C ARG A 71 0.05 6.61 9.78
N ILE A 72 -0.27 6.25 8.54
CA ILE A 72 0.58 6.44 7.35
C ILE A 72 0.16 7.73 6.66
N LYS A 73 1.06 8.71 6.49
CA LYS A 73 0.72 10.07 6.02
C LYS A 73 0.65 10.14 4.50
N GLU A 74 -0.24 10.96 3.94
CA GLU A 74 -0.28 11.18 2.48
C GLU A 74 1.02 11.77 1.91
N THR A 75 1.85 12.40 2.76
CA THR A 75 3.18 12.90 2.39
C THR A 75 4.28 11.84 2.51
N ASP A 76 3.99 10.66 3.05
CA ASP A 76 5.01 9.65 3.39
C ASP A 76 5.36 8.71 2.24
N PHE A 77 6.46 7.98 2.42
CA PHE A 77 6.92 6.94 1.52
C PHE A 77 6.66 5.57 2.13
N LEU A 78 6.46 4.59 1.25
CA LEU A 78 6.07 3.23 1.62
C LEU A 78 7.00 2.64 2.69
N VAL A 79 8.30 2.92 2.62
CA VAL A 79 9.28 2.46 3.62
C VAL A 79 9.04 2.99 5.05
N GLN A 80 8.35 4.13 5.19
CA GLN A 80 7.94 4.76 6.45
C GLN A 80 6.55 4.34 6.95
N GLY A 81 5.68 3.88 6.04
CA GLY A 81 4.34 3.38 6.39
C GLY A 81 4.32 1.88 6.71
N MET A 82 5.30 1.13 6.21
CA MET A 82 5.33 -0.33 6.34
C MET A 82 5.53 -0.83 7.77
N GLY A 83 6.25 -0.07 8.60
CA GLY A 83 6.68 -0.49 9.94
C GLY A 83 7.88 -1.46 9.93
N LYS A 84 8.65 -1.48 11.03
CA LYS A 84 9.82 -2.35 11.18
C LYS A 84 9.46 -3.83 10.96
N ASN A 85 8.28 -4.29 11.36
CA ASN A 85 7.92 -5.71 11.27
C ASN A 85 7.78 -6.18 9.81
N VAL A 86 7.09 -5.40 8.95
CA VAL A 86 6.95 -5.70 7.51
C VAL A 86 8.29 -5.57 6.80
N PHE A 87 9.14 -4.63 7.20
CA PHE A 87 10.50 -4.50 6.69
C PHE A 87 11.40 -5.71 7.05
N GLN A 88 11.31 -6.22 8.28
CA GLN A 88 12.07 -7.38 8.74
C GLN A 88 11.52 -8.68 8.12
N LYS A 89 10.20 -8.79 7.93
CA LYS A 89 9.59 -9.91 7.22
C LYS A 89 9.95 -9.93 5.73
N CYS A 90 10.06 -8.77 5.08
CA CYS A 90 10.63 -8.67 3.74
C CYS A 90 12.08 -9.18 3.67
N CYS A 91 12.90 -8.84 4.67
CA CYS A 91 14.29 -9.26 4.78
C CYS A 91 14.44 -10.77 4.98
N GLU A 92 13.50 -11.46 5.63
CA GLU A 92 13.55 -12.92 5.79
C GLU A 92 12.83 -13.70 4.68
N PHE A 93 11.85 -13.08 4.01
CA PHE A 93 11.12 -13.69 2.88
C PHE A 93 11.98 -13.77 1.64
N TYR A 94 12.76 -12.71 1.37
CA TYR A 94 13.61 -12.65 0.19
C TYR A 94 15.08 -12.78 0.58
N ARG A 95 15.37 -13.08 1.86
CA ARG A 95 16.71 -13.32 2.40
C ARG A 95 17.69 -12.16 2.12
N LEU A 96 17.19 -10.93 2.27
CA LEU A 96 17.91 -9.68 2.01
C LEU A 96 18.98 -9.39 3.09
N ALA A 97 19.98 -8.56 2.78
CA ALA A 97 20.94 -8.06 3.77
C ALA A 97 20.86 -6.53 3.96
N GLY A 98 20.84 -6.11 5.22
CA GLY A 98 20.95 -4.70 5.61
C GLY A 98 22.35 -4.13 5.36
N THR A 99 22.41 -2.91 4.81
CA THR A 99 23.66 -2.23 4.40
C THR A 99 23.50 -0.71 4.49
N SER A 100 24.54 0.03 4.88
CA SER A 100 24.51 1.49 5.12
C SER A 100 25.44 2.29 4.18
N SER A 101 24.99 3.46 3.72
CA SER A 101 25.78 4.47 3.00
C SER A 101 25.12 5.84 3.06
N CYS A 102 25.80 6.88 2.57
CA CYS A 102 25.33 8.28 2.54
C CYS A 102 25.00 8.89 3.91
N ILE A 103 25.54 8.34 5.02
CA ILE A 103 25.02 8.60 6.38
C ILE A 103 25.35 10.02 6.91
N GLU A 104 26.42 10.64 6.42
CA GLU A 104 27.11 11.79 7.05
C GLU A 104 26.20 12.98 7.40
N GLY A 105 25.20 13.23 6.55
CA GLY A 105 24.29 14.38 6.71
C GLY A 105 23.15 14.43 5.70
N GLU A 106 22.21 13.47 5.74
CA GLU A 106 20.89 13.62 5.10
C GLU A 106 19.73 13.93 6.04
N ASP A 107 20.09 14.37 7.24
CA ASP A 107 19.28 14.95 8.31
C ASP A 107 18.10 14.06 8.73
N GLY A 108 18.20 12.77 8.43
CA GLY A 108 17.20 11.74 8.71
C GLY A 108 16.60 11.05 7.48
N SER A 109 17.04 11.38 6.25
CA SER A 109 16.67 10.60 5.06
C SER A 109 17.59 9.41 4.79
N GLU A 110 18.84 9.45 5.26
CA GLU A 110 19.83 8.38 5.06
C GLU A 110 19.40 7.04 5.67
N THR A 111 18.71 7.09 6.82
CA THR A 111 18.19 5.93 7.56
C THR A 111 16.85 5.42 7.00
N LYS A 112 16.09 6.30 6.35
CA LYS A 112 14.86 5.96 5.63
C LYS A 112 15.18 5.30 4.28
N GLU A 113 16.16 5.85 3.56
CA GLU A 113 16.63 5.26 2.31
C GLU A 113 17.52 4.02 2.53
N GLU A 114 18.13 3.84 3.71
CA GLU A 114 18.70 2.55 4.12
C GLU A 114 17.70 1.39 3.93
N ARG A 115 16.41 1.62 4.17
CA ARG A 115 15.35 0.62 3.92
C ARG A 115 15.06 0.47 2.43
N THR A 116 14.93 1.60 1.74
CA THR A 116 14.62 1.64 0.30
C THR A 116 15.72 0.99 -0.54
N GLN A 117 16.97 1.05 -0.05
CA GLN A 117 18.12 0.42 -0.69
C GLN A 117 17.95 -1.11 -0.76
N ILE A 118 17.45 -1.75 0.30
CA ILE A 118 17.25 -3.21 0.41
C ILE A 118 16.25 -3.70 -0.66
N LEU A 119 15.29 -2.86 -0.98
CA LEU A 119 14.25 -3.14 -1.98
C LEU A 119 14.77 -2.91 -3.40
N GLN A 120 15.42 -1.77 -3.66
CA GLN A 120 15.89 -1.47 -5.01
C GLN A 120 17.11 -2.31 -5.42
N LYS A 121 17.96 -2.70 -4.45
CA LYS A 121 19.17 -3.52 -4.70
C LYS A 121 18.87 -5.01 -4.86
N SER A 122 17.77 -5.48 -4.28
CA SER A 122 17.26 -6.84 -4.51
C SER A 122 16.45 -6.93 -5.81
N GLY A 123 15.85 -5.81 -6.24
CA GLY A 123 15.00 -5.74 -7.43
C GLY A 123 13.51 -5.91 -7.12
N LEU A 124 13.10 -5.78 -5.85
CA LEU A 124 11.70 -5.88 -5.45
C LEU A 124 10.85 -4.75 -6.04
N LYS A 125 9.61 -5.08 -6.42
CA LYS A 125 8.63 -4.15 -6.99
C LYS A 125 7.39 -4.06 -6.11
N PHE A 126 6.80 -2.87 -6.11
CA PHE A 126 5.61 -2.54 -5.32
C PHE A 126 4.45 -2.18 -6.25
N TYR A 127 3.27 -2.66 -5.91
CA TYR A 127 2.03 -2.53 -6.67
C TYR A 127 0.87 -2.14 -5.74
N THR A 128 -0.21 -1.58 -6.28
CA THR A 128 -1.43 -1.30 -5.51
C THR A 128 -2.69 -1.70 -6.28
N LYS A 129 -3.80 -2.01 -5.60
CA LYS A 129 -5.10 -2.16 -6.27
C LYS A 129 -5.56 -0.82 -6.82
N THR A 130 -6.04 -0.83 -8.07
CA THR A 130 -6.74 0.27 -8.70
C THR A 130 -8.16 -0.17 -9.07
N PHE A 131 -9.01 0.84 -9.30
CA PHE A 131 -10.30 0.74 -9.99
C PHE A 131 -10.40 1.92 -11.00
N PRO A 132 -11.27 1.86 -12.01
CA PRO A 132 -11.42 2.94 -12.99
C PRO A 132 -11.73 4.29 -12.34
N TYR A 133 -11.16 5.36 -12.89
CA TYR A 133 -11.21 6.69 -12.29
C TYR A 133 -12.65 7.22 -12.12
N ASN A 134 -13.55 6.91 -13.06
CA ASN A 134 -14.94 7.38 -13.06
C ASN A 134 -15.88 6.61 -12.10
N THR A 135 -15.42 5.55 -11.44
CA THR A 135 -16.26 4.65 -10.61
C THR A 135 -16.79 5.35 -9.35
N THR A 136 -18.09 5.21 -9.07
CA THR A 136 -18.79 5.81 -7.91
C THR A 136 -19.53 4.81 -7.02
N HIS A 137 -19.97 3.67 -7.56
CA HIS A 137 -20.62 2.58 -6.83
C HIS A 137 -19.66 1.41 -6.58
N ILE A 138 -19.97 0.57 -5.60
CA ILE A 138 -19.14 -0.58 -5.21
C ILE A 138 -19.15 -1.64 -6.33
N MET A 139 -17.96 -2.15 -6.67
CA MET A 139 -17.69 -3.20 -7.64
C MET A 139 -16.47 -4.05 -7.21
N ASP A 140 -16.25 -5.19 -7.86
CA ASP A 140 -15.04 -6.03 -7.71
C ASP A 140 -14.39 -6.30 -9.07
N SER A 141 -13.10 -5.96 -9.21
CA SER A 141 -12.28 -6.29 -10.40
C SER A 141 -10.80 -6.35 -10.03
N LYS A 142 -10.11 -7.43 -10.40
CA LYS A 142 -8.71 -7.69 -10.01
C LYS A 142 -7.74 -6.90 -10.92
N LYS A 143 -7.23 -5.75 -10.44
CA LYS A 143 -6.43 -4.78 -11.21
C LYS A 143 -5.36 -4.12 -10.35
N LEU A 144 -4.11 -4.42 -10.67
CA LEU A 144 -2.90 -3.85 -10.05
C LEU A 144 -2.17 -2.87 -10.98
N VAL A 145 -1.40 -1.99 -10.35
CA VAL A 145 -0.51 -1.01 -11.00
C VAL A 145 0.79 -0.92 -10.23
N GLU A 146 1.91 -0.95 -10.94
CA GLU A 146 3.28 -0.84 -10.42
C GLU A 146 3.68 0.63 -10.23
N LEU A 147 4.34 0.94 -9.13
CA LEU A 147 4.80 2.28 -8.79
C LEU A 147 6.23 2.31 -8.24
N ALA A 148 6.79 3.51 -8.22
CA ALA A 148 8.14 3.79 -7.74
C ALA A 148 8.13 4.38 -6.32
N ILE A 149 8.31 3.55 -5.29
CA ILE A 149 8.39 4.01 -3.90
C ILE A 149 9.69 4.78 -3.60
N HIS A 150 10.65 4.67 -4.53
CA HIS A 150 11.92 5.37 -4.54
C HIS A 150 11.80 6.80 -5.12
N GLU A 151 10.77 7.07 -5.94
CA GLU A 151 10.53 8.38 -6.57
C GLU A 151 9.27 9.12 -6.09
N LYS A 152 8.23 8.39 -5.64
CA LYS A 152 6.87 8.94 -5.36
C LYS A 152 6.35 8.66 -3.94
N CYS A 153 5.62 9.63 -3.39
CA CYS A 153 4.96 9.52 -2.08
C CYS A 153 3.64 8.77 -2.22
N ILE A 154 3.19 8.12 -1.14
CA ILE A 154 1.94 7.34 -1.11
C ILE A 154 0.71 8.19 -1.48
N GLY A 155 0.72 9.50 -1.22
CA GLY A 155 -0.42 10.35 -1.55
C GLY A 155 -0.52 10.58 -3.05
N GLU A 156 0.61 10.81 -3.73
CA GLU A 156 0.60 11.08 -5.18
C GLU A 156 0.41 9.78 -5.98
N LEU A 157 0.70 8.64 -5.35
CA LEU A 157 0.31 7.31 -5.80
C LEU A 157 -1.22 7.18 -5.80
N LEU A 158 -1.89 7.55 -4.70
CA LEU A 158 -3.33 7.41 -4.56
C LEU A 158 -4.13 8.54 -5.26
N LYS A 159 -3.50 9.66 -5.59
CA LYS A 159 -4.11 10.87 -6.18
C LYS A 159 -4.70 10.65 -7.57
N ASN A 160 -4.17 9.64 -8.24
CA ASN A 160 -4.65 9.16 -9.55
C ASN A 160 -5.41 7.81 -9.46
N THR A 161 -5.97 7.47 -8.30
CA THR A 161 -6.68 6.19 -8.08
C THR A 161 -8.11 6.34 -7.57
N THR A 162 -8.83 5.22 -7.72
CA THR A 162 -10.09 4.91 -7.05
C THR A 162 -9.89 3.64 -6.23
N VAL A 163 -10.39 3.63 -4.99
CA VAL A 163 -10.23 2.57 -3.97
C VAL A 163 -11.48 2.47 -3.09
N ILE A 164 -11.72 1.31 -2.48
CA ILE A 164 -12.79 1.07 -1.52
C ILE A 164 -12.24 1.12 -0.08
N GLU A 165 -12.85 1.94 0.79
CA GLU A 165 -12.45 2.24 2.19
C GLU A 165 -11.00 2.71 2.38
N PHE A 166 -10.04 1.79 2.25
CA PHE A 166 -8.61 1.99 2.51
C PHE A 166 -7.74 1.09 1.58
N PRO A 167 -6.58 1.60 1.08
CA PRO A 167 -5.81 0.96 0.02
C PRO A 167 -4.95 -0.24 0.45
N THR A 168 -4.55 -1.02 -0.56
CA THR A 168 -3.74 -2.25 -0.46
C THR A 168 -2.46 -2.14 -1.29
N ILE A 169 -1.33 -2.58 -0.74
CA ILE A 169 -0.01 -2.64 -1.37
C ILE A 169 0.45 -4.10 -1.46
N PHE A 170 0.80 -4.55 -2.66
CA PHE A 170 1.42 -5.85 -2.92
C PHE A 170 2.92 -5.66 -3.17
N VAL A 171 3.74 -6.46 -2.49
CA VAL A 171 5.20 -6.49 -2.62
C VAL A 171 5.63 -7.82 -3.25
N ALA A 172 6.29 -7.77 -4.41
CA ALA A 172 6.77 -8.99 -5.09
C ALA A 172 7.97 -8.73 -6.01
N MET A 173 8.79 -9.76 -6.25
CA MET A 173 9.86 -9.70 -7.24
C MET A 173 9.33 -9.59 -8.68
N THR A 174 8.24 -10.30 -8.98
CA THR A 174 7.66 -10.41 -10.33
C THR A 174 6.15 -10.60 -10.31
N GLU A 175 5.53 -10.39 -11.47
CA GLU A 175 4.14 -10.78 -11.75
C GLU A 175 3.90 -12.29 -11.57
N ALA A 176 4.96 -13.06 -11.83
CA ALA A 176 5.00 -14.51 -11.62
C ALA A 176 5.01 -14.89 -10.13
N ASP A 177 5.33 -13.98 -9.23
CA ASP A 177 5.25 -14.18 -7.78
C ASP A 177 4.02 -13.48 -7.17
N LEU A 178 3.34 -12.57 -7.91
CA LEU A 178 2.05 -11.99 -7.49
C LEU A 178 0.94 -13.05 -7.36
N PRO A 179 -0.09 -12.81 -6.52
CA PRO A 179 -1.18 -13.76 -6.28
C PRO A 179 -2.02 -14.10 -7.53
N GLU A 180 -2.74 -15.22 -7.47
CA GLU A 180 -3.60 -15.68 -8.55
C GLU A 180 -4.83 -14.79 -8.75
N GLY A 181 -5.27 -14.71 -9.99
CA GLY A 181 -6.39 -13.87 -10.45
C GLY A 181 -6.01 -12.39 -10.65
N TYR A 182 -5.02 -11.87 -9.92
CA TYR A 182 -4.55 -10.50 -10.09
C TYR A 182 -3.69 -10.32 -11.37
N GLU A 183 -3.89 -9.18 -12.03
CA GLU A 183 -3.10 -8.74 -13.19
C GLU A 183 -2.57 -7.32 -12.97
N VAL A 184 -1.39 -7.02 -13.50
CA VAL A 184 -0.79 -5.68 -13.53
C VAL A 184 -1.04 -5.01 -14.88
N LEU A 185 -1.45 -3.73 -14.87
CA LEU A 185 -1.73 -2.94 -16.07
C LEU A 185 -0.49 -2.17 -16.56
N HIS A 186 -0.15 -2.31 -17.83
CA HIS A 186 0.91 -1.55 -18.53
C HIS A 186 0.36 -0.84 -19.77
N GLN A 187 1.00 0.26 -20.22
CA GLN A 187 0.53 1.02 -21.38
C GLN A 187 0.56 0.21 -22.69
N GLU A 188 -0.38 0.50 -23.60
CA GLU A 188 -0.67 -0.29 -24.80
C GLU A 188 0.15 0.16 -26.02
N GLY A 1 -15.44 18.94 2.81
CA GLY A 1 -15.72 17.50 2.67
C GLY A 1 -16.28 16.90 3.96
N PRO A 2 -16.47 15.56 4.01
CA PRO A 2 -17.12 14.88 5.14
C PRO A 2 -16.26 14.82 6.42
N HIS A 3 -16.92 14.93 7.56
CA HIS A 3 -16.32 14.72 8.89
C HIS A 3 -16.38 13.25 9.33
N MET A 4 -17.41 12.51 8.90
CA MET A 4 -17.68 11.14 9.34
C MET A 4 -17.85 10.18 8.15
N ARG A 5 -17.17 9.02 8.20
CA ARG A 5 -17.40 7.89 7.29
C ARG A 5 -18.83 7.37 7.41
N ASP A 6 -19.46 7.07 6.28
CA ASP A 6 -20.82 6.51 6.26
C ASP A 6 -20.86 5.06 6.78
N SER A 7 -22.06 4.52 6.98
CA SER A 7 -22.30 3.23 7.65
C SER A 7 -23.47 2.42 7.11
N THR A 8 -24.37 3.03 6.32
CA THR A 8 -25.54 2.37 5.71
C THR A 8 -25.80 2.81 4.25
N GLU A 9 -24.81 3.43 3.62
CA GLU A 9 -24.84 3.99 2.25
C GLU A 9 -23.77 3.32 1.36
N CYS A 10 -23.83 3.55 0.05
CA CYS A 10 -23.02 2.89 -0.98
C CYS A 10 -22.22 3.85 -1.89
N GLN A 11 -21.83 5.00 -1.33
CA GLN A 11 -21.24 6.13 -2.05
C GLN A 11 -19.80 6.41 -1.62
N ARG A 12 -19.03 7.09 -2.48
CA ARG A 12 -17.63 7.44 -2.20
C ARG A 12 -17.46 8.76 -1.46
N ILE A 13 -16.41 8.85 -0.66
CA ILE A 13 -15.88 10.11 -0.12
C ILE A 13 -14.50 10.39 -0.72
N ILE A 14 -14.21 11.66 -0.97
CA ILE A 14 -12.93 12.15 -1.48
C ILE A 14 -12.19 12.96 -0.41
N ARG A 15 -10.91 12.61 -0.24
CA ARG A 15 -9.90 13.34 0.56
C ARG A 15 -8.65 13.53 -0.32
N ARG A 16 -8.14 14.75 -0.49
CA ARG A 16 -6.96 15.08 -1.32
C ARG A 16 -6.98 14.52 -2.76
N GLY A 17 -8.16 14.36 -3.35
CA GLY A 17 -8.37 13.78 -4.69
C GLY A 17 -8.39 12.25 -4.73
N VAL A 18 -8.22 11.56 -3.60
CA VAL A 18 -8.23 10.10 -3.49
C VAL A 18 -9.68 9.62 -3.41
N ASN A 19 -10.09 8.64 -4.22
CA ASN A 19 -11.48 8.14 -4.22
C ASN A 19 -11.61 6.91 -3.30
N CYS A 20 -12.40 7.01 -2.22
CA CYS A 20 -12.64 5.91 -1.27
C CYS A 20 -14.13 5.49 -1.24
N LEU A 21 -14.42 4.25 -1.64
CA LEU A 21 -15.79 3.70 -1.54
C LEU A 21 -16.09 3.38 -0.08
N MET A 22 -17.23 3.84 0.44
CA MET A 22 -17.71 3.44 1.76
C MET A 22 -18.38 2.07 1.68
N LEU A 23 -18.11 1.20 2.66
CA LEU A 23 -18.83 -0.05 2.88
C LEU A 23 -19.71 0.06 4.14
N PRO A 24 -20.79 -0.75 4.25
CA PRO A 24 -21.67 -0.69 5.41
C PRO A 24 -20.98 -1.20 6.69
N LYS A 25 -21.61 -0.87 7.82
CA LYS A 25 -21.12 -1.03 9.20
C LYS A 25 -20.55 -2.40 9.55
N GLY A 26 -21.10 -3.48 9.01
CA GLY A 26 -20.75 -4.86 9.32
C GLY A 26 -19.62 -5.46 8.47
N MET A 27 -19.07 -4.75 7.49
CA MET A 27 -17.92 -5.26 6.71
C MET A 27 -16.59 -5.12 7.49
N GLN A 28 -15.60 -5.99 7.24
CA GLN A 28 -14.29 -5.84 7.86
C GLN A 28 -13.56 -4.61 7.32
N ARG A 29 -13.61 -4.33 6.01
CA ARG A 29 -12.85 -3.20 5.42
C ARG A 29 -13.31 -1.83 5.94
N SER A 30 -14.57 -1.68 6.29
CA SER A 30 -15.10 -0.47 6.94
C SER A 30 -14.72 -0.42 8.43
N SER A 31 -14.79 -1.57 9.11
CA SER A 31 -14.42 -1.73 10.53
C SER A 31 -12.94 -1.43 10.78
N GLN A 32 -12.07 -1.91 9.89
CA GLN A 32 -10.62 -1.78 10.01
C GLN A 32 -10.05 -0.51 9.34
N ASN A 33 -10.89 0.28 8.65
CA ASN A 33 -10.43 1.57 8.09
C ASN A 33 -10.11 2.55 9.22
N ARG A 34 -8.83 2.91 9.34
CA ARG A 34 -8.29 3.99 10.18
C ARG A 34 -7.69 5.04 9.24
N SER A 35 -8.45 6.09 8.93
CA SER A 35 -7.98 7.21 8.11
C SER A 35 -8.70 8.51 8.48
N LYS A 36 -7.95 9.60 8.65
CA LYS A 36 -8.46 10.94 8.97
C LYS A 36 -7.39 11.99 8.66
N TRP A 37 -7.73 13.25 8.80
CA TRP A 37 -6.79 14.34 8.97
C TRP A 37 -6.16 14.32 10.38
N ASP A 38 -4.88 14.69 10.49
CA ASP A 38 -4.19 14.90 11.76
C ASP A 38 -3.76 16.38 11.88
N LYS A 39 -4.51 17.16 12.67
CA LYS A 39 -4.28 18.58 13.01
C LYS A 39 -2.86 18.84 13.50
N THR A 40 -2.33 17.89 14.25
CA THR A 40 -0.98 17.93 14.82
C THR A 40 0.13 17.99 13.76
N MET A 41 -0.14 17.47 12.56
CA MET A 41 0.75 17.46 11.39
C MET A 41 0.26 18.39 10.26
N ASP A 42 -1.03 18.75 10.29
CA ASP A 42 -1.73 19.48 9.23
C ASP A 42 -1.69 18.73 7.87
N LEU A 43 -1.93 17.41 7.92
CA LEU A 43 -1.97 16.50 6.75
C LEU A 43 -2.94 15.31 6.94
N PHE A 44 -3.25 14.58 5.87
CA PHE A 44 -4.02 13.31 5.91
C PHE A 44 -3.17 12.08 6.27
N VAL A 45 -3.77 11.15 7.03
CA VAL A 45 -3.26 9.79 7.22
C VAL A 45 -4.23 8.69 6.82
N TRP A 46 -3.68 7.52 6.47
CA TRP A 46 -4.38 6.38 5.89
C TRP A 46 -3.99 5.06 6.57
N SER A 47 -4.83 4.06 6.35
CA SER A 47 -4.45 2.63 6.46
C SER A 47 -3.97 2.09 5.11
N VAL A 48 -3.09 1.09 5.14
CA VAL A 48 -2.64 0.29 3.98
C VAL A 48 -2.70 -1.19 4.34
N GLU A 49 -3.24 -2.00 3.42
CA GLU A 49 -3.11 -3.46 3.44
C GLU A 49 -1.86 -3.87 2.65
N TRP A 50 -0.86 -4.47 3.31
CA TRP A 50 0.36 -4.96 2.67
C TRP A 50 0.27 -6.48 2.47
N ILE A 51 0.72 -6.95 1.29
CA ILE A 51 0.93 -8.37 1.02
C ILE A 51 2.37 -8.57 0.56
N LEU A 52 3.16 -9.30 1.34
CA LEU A 52 4.48 -9.81 0.96
C LEU A 52 4.35 -11.18 0.28
N CYS A 53 4.79 -11.27 -0.97
CA CYS A 53 4.59 -12.44 -1.82
C CYS A 53 5.96 -13.14 -1.97
N PRO A 54 6.18 -14.33 -1.37
CA PRO A 54 7.48 -15.00 -1.35
C PRO A 54 7.96 -15.45 -2.74
N MET A 55 9.26 -15.73 -2.88
CA MET A 55 9.81 -16.27 -4.12
C MET A 55 9.58 -17.78 -4.21
N GLN A 56 8.81 -18.17 -5.20
CA GLN A 56 8.56 -19.55 -5.59
C GLN A 56 9.55 -20.08 -6.62
N GLU A 57 9.60 -21.41 -6.67
CA GLU A 57 10.43 -22.19 -7.60
C GLU A 57 9.75 -22.25 -8.99
N LYS A 58 10.18 -23.18 -9.86
CA LYS A 58 9.57 -23.40 -11.18
C LYS A 58 8.12 -23.90 -11.12
N GLY A 59 7.77 -24.65 -10.07
CA GLY A 59 6.43 -25.21 -9.83
C GLY A 59 5.96 -25.13 -8.37
N GLU A 60 6.88 -25.20 -7.40
CA GLU A 60 6.56 -25.06 -5.97
C GLU A 60 6.21 -23.60 -5.60
N LYS A 61 4.91 -23.31 -5.57
CA LYS A 61 4.32 -22.04 -5.14
C LYS A 61 4.29 -21.97 -3.61
N LYS A 62 4.63 -20.82 -3.06
CA LYS A 62 4.67 -20.56 -1.61
C LYS A 62 3.56 -19.59 -1.19
N GLU A 63 3.25 -19.56 0.09
CA GLU A 63 2.10 -18.83 0.65
C GLU A 63 2.43 -17.41 1.16
N LEU A 64 1.49 -16.49 0.95
CA LEU A 64 1.62 -15.04 1.23
C LEU A 64 1.70 -14.72 2.73
N PHE A 65 2.39 -13.63 3.08
CA PHE A 65 2.18 -12.91 4.34
C PHE A 65 1.35 -11.64 4.09
N LYS A 66 0.30 -11.43 4.88
CA LYS A 66 -0.53 -10.21 4.87
C LYS A 66 -0.41 -9.46 6.20
N HIS A 67 -0.41 -8.13 6.15
CA HIS A 67 -0.45 -7.28 7.34
C HIS A 67 -1.06 -5.90 7.01
N VAL A 68 -1.96 -5.40 7.85
CA VAL A 68 -2.51 -4.03 7.73
C VAL A 68 -1.75 -3.06 8.65
N SER A 69 -1.34 -1.92 8.13
CA SER A 69 -0.66 -0.85 8.87
C SER A 69 -1.44 0.47 8.78
N HIS A 70 -1.39 1.26 9.85
CA HIS A 70 -2.25 2.42 10.07
C HIS A 70 -1.44 3.72 10.18
N ARG A 71 -2.14 4.87 10.20
CA ARG A 71 -1.61 6.23 10.39
C ARG A 71 -0.39 6.58 9.52
N ILE A 72 -0.49 6.24 8.23
CA ILE A 72 0.52 6.44 7.19
C ILE A 72 0.24 7.79 6.52
N LYS A 73 1.21 8.69 6.46
CA LYS A 73 1.01 10.11 6.16
C LYS A 73 1.10 10.37 4.65
N GLU A 74 0.28 11.28 4.12
CA GLU A 74 0.25 11.56 2.67
C GLU A 74 1.58 12.10 2.10
N THR A 75 2.44 12.64 2.97
CA THR A 75 3.80 13.10 2.65
C THR A 75 4.84 11.98 2.75
N ASP A 76 4.47 10.81 3.25
CA ASP A 76 5.38 9.69 3.52
C ASP A 76 5.59 8.75 2.32
N PHE A 77 6.65 7.97 2.41
CA PHE A 77 6.97 6.95 1.42
C PHE A 77 6.64 5.57 1.99
N LEU A 78 6.34 4.62 1.10
CA LEU A 78 5.87 3.28 1.46
C LEU A 78 6.77 2.60 2.51
N VAL A 79 8.10 2.80 2.41
CA VAL A 79 9.08 2.29 3.38
C VAL A 79 8.92 2.83 4.81
N GLN A 80 8.33 4.02 4.97
CA GLN A 80 8.02 4.68 6.24
C GLN A 80 6.63 4.34 6.77
N GLY A 81 5.70 3.92 5.89
CA GLY A 81 4.35 3.54 6.27
C GLY A 81 4.23 2.06 6.66
N MET A 82 5.13 1.22 6.13
CA MET A 82 5.09 -0.23 6.29
C MET A 82 5.29 -0.71 7.71
N GLY A 83 6.03 0.05 8.53
CA GLY A 83 6.41 -0.37 9.88
C GLY A 83 7.60 -1.33 9.90
N LYS A 84 8.41 -1.25 10.96
CA LYS A 84 9.64 -2.03 11.10
C LYS A 84 9.39 -3.54 10.99
N ASN A 85 8.25 -4.03 11.47
CA ASN A 85 7.87 -5.44 11.37
C ASN A 85 7.68 -5.92 9.91
N VAL A 86 7.05 -5.12 9.04
CA VAL A 86 6.82 -5.50 7.63
C VAL A 86 8.14 -5.43 6.85
N PHE A 87 8.99 -4.45 7.16
CA PHE A 87 10.36 -4.37 6.67
C PHE A 87 11.21 -5.59 7.09
N GLN A 88 11.13 -6.02 8.36
CA GLN A 88 11.90 -7.17 8.86
C GLN A 88 11.36 -8.49 8.28
N LYS A 89 10.06 -8.59 8.01
CA LYS A 89 9.43 -9.71 7.29
C LYS A 89 9.91 -9.84 5.85
N CYS A 90 10.09 -8.74 5.12
CA CYS A 90 10.63 -8.82 3.75
C CYS A 90 12.10 -9.26 3.76
N CYS A 91 12.86 -8.83 4.77
CA CYS A 91 14.25 -9.21 4.98
C CYS A 91 14.39 -10.72 5.21
N GLU A 92 13.44 -11.36 5.91
CA GLU A 92 13.52 -12.81 6.19
C GLU A 92 12.89 -13.66 5.09
N PHE A 93 11.97 -13.08 4.31
CA PHE A 93 11.29 -13.74 3.18
C PHE A 93 12.25 -13.88 2.01
N TYR A 94 13.01 -12.82 1.73
CA TYR A 94 13.83 -12.70 0.53
C TYR A 94 15.32 -12.76 0.87
N ARG A 95 15.65 -12.94 2.16
CA ARG A 95 17.04 -13.06 2.66
C ARG A 95 17.88 -11.83 2.32
N LEU A 96 17.31 -10.66 2.60
CA LEU A 96 17.94 -9.37 2.30
C LEU A 96 19.03 -8.96 3.31
N ALA A 97 19.96 -8.09 2.88
CA ALA A 97 21.01 -7.53 3.73
C ALA A 97 21.32 -6.07 3.35
N GLY A 98 21.65 -5.21 4.32
CA GLY A 98 22.09 -3.84 4.06
C GLY A 98 21.88 -2.84 5.20
N THR A 99 22.65 -1.75 5.15
CA THR A 99 22.72 -0.65 6.13
C THR A 99 23.14 0.66 5.44
N SER A 100 22.65 1.81 5.91
CA SER A 100 23.14 3.13 5.48
C SER A 100 24.41 3.54 6.25
N SER A 101 25.14 4.53 5.73
CA SER A 101 26.39 5.06 6.30
C SER A 101 26.39 6.58 6.44
N CYS A 102 25.68 7.30 5.57
CA CYS A 102 25.54 8.75 5.59
C CYS A 102 24.53 9.20 6.68
N ILE A 103 24.85 8.93 7.95
CA ILE A 103 24.01 9.06 9.15
C ILE A 103 24.64 10.04 10.16
N GLU A 104 25.25 11.11 9.64
CA GLU A 104 25.51 12.33 10.40
C GLU A 104 24.19 12.97 10.87
N GLY A 105 23.19 13.02 9.99
CA GLY A 105 21.82 13.44 10.28
C GLY A 105 21.12 14.16 9.12
N GLU A 106 20.00 13.62 8.61
CA GLU A 106 19.27 14.17 7.45
C GLU A 106 17.76 14.38 7.67
N ASP A 107 17.43 14.65 8.92
CA ASP A 107 16.07 14.89 9.43
C ASP A 107 15.10 13.77 9.02
N GLY A 108 15.62 12.54 8.98
CA GLY A 108 14.88 11.32 8.76
C GLY A 108 14.97 10.74 7.35
N SER A 109 15.77 11.36 6.47
CA SER A 109 16.02 10.81 5.13
C SER A 109 17.05 9.68 5.15
N GLU A 110 17.98 9.69 6.12
CA GLU A 110 19.06 8.70 6.27
C GLU A 110 18.59 7.29 6.68
N THR A 111 17.41 7.23 7.32
CA THR A 111 16.71 6.00 7.69
C THR A 111 15.60 5.63 6.70
N LYS A 112 14.94 6.60 6.05
CA LYS A 112 14.04 6.35 4.91
C LYS A 112 14.80 5.62 3.80
N GLU A 113 16.00 6.10 3.48
CA GLU A 113 16.79 5.52 2.42
C GLU A 113 17.39 4.17 2.78
N GLU A 114 17.73 3.92 4.05
CA GLU A 114 18.26 2.62 4.49
C GLU A 114 17.31 1.48 4.09
N ARG A 115 15.99 1.69 4.24
CA ARG A 115 14.95 0.72 3.90
C ARG A 115 14.73 0.63 2.39
N THR A 116 14.80 1.78 1.75
CA THR A 116 14.70 1.92 0.28
C THR A 116 15.85 1.20 -0.43
N GLN A 117 17.06 1.17 0.16
CA GLN A 117 18.23 0.53 -0.43
C GLN A 117 18.03 -0.99 -0.54
N ILE A 118 17.49 -1.63 0.51
CA ILE A 118 17.28 -3.09 0.62
C ILE A 118 16.32 -3.60 -0.47
N LEU A 119 15.38 -2.74 -0.83
CA LEU A 119 14.31 -3.03 -1.78
C LEU A 119 14.75 -2.79 -3.23
N GLN A 120 15.51 -1.72 -3.48
CA GLN A 120 16.06 -1.48 -4.82
C GLN A 120 17.22 -2.41 -5.17
N LYS A 121 18.04 -2.83 -4.19
CA LYS A 121 19.15 -3.77 -4.44
C LYS A 121 18.66 -5.21 -4.69
N SER A 122 17.54 -5.58 -4.05
CA SER A 122 16.90 -6.88 -4.29
C SER A 122 16.08 -6.86 -5.58
N GLY A 123 15.62 -5.67 -5.98
CA GLY A 123 14.80 -5.46 -7.17
C GLY A 123 13.33 -5.78 -6.92
N LEU A 124 12.90 -5.76 -5.65
CA LEU A 124 11.49 -5.94 -5.31
C LEU A 124 10.63 -4.86 -5.98
N LYS A 125 9.54 -5.29 -6.61
CA LYS A 125 8.50 -4.43 -7.22
C LYS A 125 7.33 -4.27 -6.26
N PHE A 126 6.75 -3.08 -6.29
CA PHE A 126 5.53 -2.74 -5.54
C PHE A 126 4.38 -2.46 -6.51
N TYR A 127 3.17 -2.91 -6.18
CA TYR A 127 1.97 -2.81 -7.00
C TYR A 127 0.76 -2.42 -6.14
N THR A 128 -0.29 -1.87 -6.73
CA THR A 128 -1.56 -1.57 -6.04
C THR A 128 -2.78 -1.93 -6.88
N LYS A 129 -3.95 -2.11 -6.27
CA LYS A 129 -5.23 -2.25 -6.99
C LYS A 129 -5.59 -0.91 -7.67
N THR A 130 -6.14 -0.98 -8.88
CA THR A 130 -6.72 0.18 -9.58
C THR A 130 -8.17 -0.10 -10.00
N PHE A 131 -9.01 0.94 -9.99
CA PHE A 131 -10.35 0.94 -10.56
C PHE A 131 -10.59 2.19 -11.43
N PRO A 132 -11.58 2.17 -12.33
CA PRO A 132 -11.99 3.34 -13.11
C PRO A 132 -12.32 4.57 -12.25
N TYR A 133 -12.19 5.77 -12.83
CA TYR A 133 -12.68 7.00 -12.23
C TYR A 133 -14.22 7.01 -12.15
N ASN A 134 -14.91 6.34 -13.08
CA ASN A 134 -16.38 6.19 -13.04
C ASN A 134 -16.89 5.44 -11.79
N THR A 135 -16.05 4.70 -11.07
CA THR A 135 -16.48 3.86 -9.94
C THR A 135 -16.83 4.68 -8.70
N THR A 136 -18.13 4.93 -8.54
CA THR A 136 -18.79 5.51 -7.35
C THR A 136 -19.50 4.45 -6.50
N HIS A 137 -19.52 3.19 -6.94
CA HIS A 137 -20.19 2.04 -6.30
C HIS A 137 -19.21 0.93 -5.92
N ILE A 138 -19.65 -0.03 -5.11
CA ILE A 138 -18.83 -1.12 -4.58
C ILE A 138 -18.52 -2.16 -5.67
N MET A 139 -17.25 -2.50 -5.83
CA MET A 139 -16.71 -3.47 -6.80
C MET A 139 -15.67 -4.41 -6.15
N ASP A 140 -15.31 -5.50 -6.82
CA ASP A 140 -14.11 -6.31 -6.53
C ASP A 140 -13.61 -6.99 -7.82
N SER A 141 -12.52 -6.45 -8.36
CA SER A 141 -11.91 -6.84 -9.64
C SER A 141 -10.39 -6.95 -9.51
N LYS A 142 -9.80 -7.99 -10.10
CA LYS A 142 -8.34 -8.14 -10.16
C LYS A 142 -7.76 -7.30 -11.30
N LYS A 143 -7.26 -6.13 -10.91
CA LYS A 143 -6.46 -5.18 -11.72
C LYS A 143 -5.41 -4.49 -10.86
N LEU A 144 -4.14 -4.79 -11.13
CA LEU A 144 -2.94 -4.22 -10.49
C LEU A 144 -2.17 -3.29 -11.43
N VAL A 145 -1.37 -2.42 -10.81
CA VAL A 145 -0.43 -1.49 -11.48
C VAL A 145 0.86 -1.38 -10.68
N GLU A 146 2.02 -1.44 -11.35
CA GLU A 146 3.36 -1.32 -10.76
C GLU A 146 3.71 0.15 -10.46
N LEU A 147 4.37 0.41 -9.33
CA LEU A 147 4.63 1.76 -8.82
C LEU A 147 6.02 1.93 -8.21
N ALA A 148 6.46 3.17 -8.06
CA ALA A 148 7.86 3.55 -7.85
C ALA A 148 8.13 4.19 -6.48
N ILE A 149 8.23 3.37 -5.45
CA ILE A 149 8.33 3.84 -4.06
C ILE A 149 9.66 4.54 -3.70
N HIS A 150 10.64 4.42 -4.58
CA HIS A 150 11.92 5.13 -4.53
C HIS A 150 11.83 6.55 -5.12
N GLU A 151 10.80 6.85 -5.92
CA GLU A 151 10.59 8.16 -6.57
C GLU A 151 9.31 8.88 -6.13
N LYS A 152 8.22 8.13 -5.86
CA LYS A 152 6.87 8.64 -5.53
C LYS A 152 6.46 8.35 -4.09
N CYS A 153 5.76 9.31 -3.48
CA CYS A 153 5.21 9.24 -2.12
C CYS A 153 3.79 8.65 -2.15
N ILE A 154 3.31 8.18 -1.01
CA ILE A 154 1.98 7.54 -0.94
C ILE A 154 0.85 8.49 -1.36
N GLY A 155 0.97 9.80 -1.07
CA GLY A 155 -0.09 10.76 -1.39
C GLY A 155 -0.29 10.92 -2.89
N GLU A 156 0.78 10.91 -3.67
CA GLU A 156 0.71 10.99 -5.14
C GLU A 156 0.26 9.66 -5.76
N LEU A 157 0.55 8.53 -5.12
CA LEU A 157 0.12 7.21 -5.58
C LEU A 157 -1.42 7.06 -5.49
N LEU A 158 -2.00 7.58 -4.41
CA LEU A 158 -3.45 7.53 -4.14
C LEU A 158 -4.26 8.64 -4.82
N LYS A 159 -3.61 9.74 -5.23
CA LYS A 159 -4.29 10.97 -5.64
C LYS A 159 -5.04 10.85 -6.96
N ASN A 160 -4.51 10.01 -7.82
CA ASN A 160 -5.07 9.76 -9.15
C ASN A 160 -5.81 8.41 -9.28
N THR A 161 -6.16 7.78 -8.16
CA THR A 161 -6.71 6.41 -8.11
C THR A 161 -7.96 6.26 -7.23
N THR A 162 -8.51 5.05 -7.27
CA THR A 162 -9.78 4.64 -6.62
C THR A 162 -9.61 3.30 -5.91
N VAL A 163 -10.06 3.21 -4.65
CA VAL A 163 -9.96 2.01 -3.80
C VAL A 163 -11.18 1.87 -2.88
N ILE A 164 -11.50 0.65 -2.44
CA ILE A 164 -12.63 0.42 -1.52
C ILE A 164 -12.11 0.57 -0.08
N GLU A 165 -12.70 1.52 0.67
CA GLU A 165 -12.33 1.97 2.02
C GLU A 165 -10.87 2.46 2.18
N PHE A 166 -9.89 1.57 2.02
CA PHE A 166 -8.47 1.83 2.23
C PHE A 166 -7.59 0.98 1.28
N PRO A 167 -6.50 1.55 0.72
CA PRO A 167 -5.69 0.95 -0.34
C PRO A 167 -4.95 -0.34 0.06
N THR A 168 -4.63 -1.13 -0.97
CA THR A 168 -3.88 -2.39 -0.87
C THR A 168 -2.60 -2.33 -1.71
N ILE A 169 -1.47 -2.78 -1.15
CA ILE A 169 -0.15 -2.84 -1.78
C ILE A 169 0.34 -4.29 -1.82
N PHE A 170 0.67 -4.78 -3.00
CA PHE A 170 1.31 -6.08 -3.22
C PHE A 170 2.80 -5.90 -3.46
N VAL A 171 3.61 -6.71 -2.78
CA VAL A 171 5.08 -6.69 -2.84
C VAL A 171 5.60 -8.02 -3.39
N ALA A 172 6.25 -8.00 -4.55
CA ALA A 172 6.77 -9.20 -5.21
C ALA A 172 7.94 -8.87 -6.15
N MET A 173 8.82 -9.83 -6.44
CA MET A 173 9.91 -9.66 -7.41
C MET A 173 9.40 -9.41 -8.84
N THR A 174 8.32 -10.08 -9.22
CA THR A 174 7.82 -10.22 -10.60
C THR A 174 6.33 -10.56 -10.64
N GLU A 175 5.69 -10.37 -11.79
CA GLU A 175 4.32 -10.88 -12.06
C GLU A 175 4.20 -12.39 -11.89
N ALA A 176 5.31 -13.09 -12.11
CA ALA A 176 5.47 -14.52 -11.90
C ALA A 176 5.38 -14.93 -10.42
N ASP A 177 5.70 -14.03 -9.49
CA ASP A 177 5.61 -14.26 -8.05
C ASP A 177 4.33 -13.67 -7.45
N LEU A 178 3.56 -12.87 -8.20
CA LEU A 178 2.27 -12.36 -7.74
C LEU A 178 1.22 -13.48 -7.54
N PRO A 179 0.22 -13.26 -6.66
CA PRO A 179 -0.89 -14.19 -6.42
C PRO A 179 -1.73 -14.47 -7.68
N GLU A 180 -2.44 -15.59 -7.68
CA GLU A 180 -3.19 -16.07 -8.85
C GLU A 180 -4.48 -15.28 -9.11
N GLY A 181 -4.83 -15.12 -10.39
CA GLY A 181 -5.97 -14.32 -10.84
C GLY A 181 -5.70 -12.81 -10.87
N TYR A 182 -4.78 -12.30 -10.04
CA TYR A 182 -4.30 -10.93 -10.12
C TYR A 182 -3.49 -10.72 -11.40
N GLU A 183 -3.67 -9.56 -12.04
CA GLU A 183 -2.99 -9.20 -13.28
C GLU A 183 -2.55 -7.74 -13.29
N VAL A 184 -1.38 -7.47 -13.86
CA VAL A 184 -0.75 -6.14 -13.91
C VAL A 184 -0.96 -5.47 -15.27
N LEU A 185 -1.43 -4.22 -15.26
CA LEU A 185 -1.72 -3.42 -16.46
C LEU A 185 -0.49 -2.59 -16.89
N HIS A 186 -0.20 -2.57 -18.19
CA HIS A 186 0.86 -1.76 -18.78
C HIS A 186 0.38 -0.34 -19.10
N GLN A 187 1.30 0.61 -19.25
CA GLN A 187 1.01 1.90 -19.89
C GLN A 187 0.71 1.75 -21.39
N GLU A 188 0.02 2.72 -21.97
CA GLU A 188 -0.38 2.80 -23.39
C GLU A 188 0.54 3.71 -24.22
#